data_2EQ9
#
_entry.id   2EQ9
#
_cell.length_a   88.781
_cell.length_b   88.877
_cell.length_c   144.149
_cell.angle_alpha   89.26
_cell.angle_beta   87.01
_cell.angle_gamma   70.84
#
_symmetry.space_group_name_H-M   'P 1'
#
loop_
_entity.id
_entity.type
_entity.pdbx_description
1 polymer 'Pyruvate dehydrogenase complex, dihydrolipoamide dehydrogenase E3 component'
2 polymer 'Pyruvate dehydrogenase complex, dihydrolipoamide acetyltransferase E2 component'
3 non-polymer 'FLAVIN-ADENINE DINUCLEOTIDE'
4 water water
#
loop_
_entity_poly.entity_id
_entity_poly.type
_entity_poly.pdbx_seq_one_letter_code
_entity_poly.pdbx_strand_id
1 'polypeptide(L)'
;MTPMKTYDLIVIGTGPGGYHAAIRAAQLGLKVLAVEAGEVGGVCLNVGCIPTKALLHAAETLHHLKVAEGFGLKAKPELD
LKKLGGWRDQVVKKLTGGVGTLLKGNGVELLRGFARLVGPKEVEVGGERYGAKSLILATGSEPLELKGFPFGEDVWDSTR
ALKVEEGLPKRLLVIGGGAVGLELGQVYRRLGAEVTLIEYMPEILPQGDPETAALLRRALEKEGIRVRTKTKAVGYEKKK
DGLHVRLEPAEGGEGEEVVVDKVLVAVGRKPRTEGLGLEKAGVKVDERGFIRVNARMETSVPGVYAIGDAARPPLLAHKA
MREGLIAAENAAGKDSAFDYQVPSVVYTSPEWAGVGLTEEEAKRAGYKVKVGKFPLAASGRALTLGGAEGMVKVVGDEET
DLLLGVFIVGPQAGELIAEAALALEMGATLTDLALTVHPHPTLSESLMEAAEAFHKQAIHILNR
;
A,B,D,E,G,H,J,K
2 'polypeptide(L)' MLAVPAARKLARELGIPIEEVPGSGPLGRVRVEDVRAYAER C,F,I,L
#
loop_
_chem_comp.id
_chem_comp.type
_chem_comp.name
_chem_comp.formula
FAD non-polymer 'FLAVIN-ADENINE DINUCLEOTIDE' 'C27 H33 N9 O15 P2'
#
# COMPACT_ATOMS: atom_id res chain seq x y z
N MET A 4 -78.03 89.91 37.27
CA MET A 4 -77.48 89.58 35.93
C MET A 4 -76.12 88.88 36.05
N LYS A 5 -76.03 87.67 35.49
CA LYS A 5 -74.78 86.91 35.51
C LYS A 5 -73.82 87.54 34.51
N THR A 6 -72.56 87.72 34.92
CA THR A 6 -71.56 88.33 34.05
C THR A 6 -70.34 87.44 33.87
N TYR A 7 -69.67 87.62 32.74
CA TYR A 7 -68.47 86.84 32.43
C TYR A 7 -67.48 87.74 31.72
N ASP A 8 -66.29 87.21 31.45
CA ASP A 8 -65.26 87.97 30.75
C ASP A 8 -65.55 87.89 29.26
N LEU A 9 -66.22 86.81 28.85
CA LEU A 9 -66.54 86.58 27.44
C LEU A 9 -67.76 85.69 27.25
N ILE A 10 -68.58 86.04 26.25
CA ILE A 10 -69.76 85.25 25.95
C ILE A 10 -69.67 84.81 24.48
N VAL A 11 -69.67 83.51 24.25
CA VAL A 11 -69.61 83.00 22.88
C VAL A 11 -70.98 82.48 22.48
N ILE A 12 -71.44 82.91 21.30
CA ILE A 12 -72.73 82.49 20.78
C ILE A 12 -72.50 81.45 19.69
N GLY A 13 -72.80 80.19 20.02
CA GLY A 13 -72.62 79.09 19.09
C GLY A 13 -71.46 78.19 19.49
N THR A 14 -71.67 76.88 19.38
CA THR A 14 -70.62 75.93 19.73
C THR A 14 -70.20 75.04 18.55
N GLY A 15 -70.11 75.63 17.37
CA GLY A 15 -69.64 74.87 16.22
C GLY A 15 -68.13 74.99 16.27
N PRO A 16 -67.39 74.53 15.25
CA PRO A 16 -65.93 74.60 15.23
C PRO A 16 -65.36 75.95 15.67
N GLY A 17 -65.95 77.04 15.19
CA GLY A 17 -65.49 78.36 15.58
C GLY A 17 -65.79 78.68 17.04
N GLY A 18 -67.05 78.51 17.42
CA GLY A 18 -67.45 78.80 18.78
C GLY A 18 -66.70 78.06 19.87
N TYR A 19 -66.60 76.73 19.77
CA TYR A 19 -65.91 76.01 20.82
C TYR A 19 -64.40 76.22 20.82
N HIS A 20 -63.82 76.62 19.69
CA HIS A 20 -62.38 76.89 19.68
C HIS A 20 -62.15 78.21 20.41
N ALA A 21 -63.03 79.18 20.15
CA ALA A 21 -62.94 80.48 20.80
C ALA A 21 -63.15 80.32 22.30
N ALA A 22 -64.22 79.62 22.69
CA ALA A 22 -64.53 79.41 24.10
C ALA A 22 -63.37 78.74 24.84
N ILE A 23 -62.85 77.65 24.27
CA ILE A 23 -61.76 76.93 24.90
C ILE A 23 -60.45 77.74 24.93
N ARG A 24 -60.05 78.32 23.81
CA ARG A 24 -58.81 79.10 23.81
C ARG A 24 -58.93 80.24 24.81
N ALA A 25 -60.11 80.85 24.88
CA ALA A 25 -60.33 81.95 25.83
C ALA A 25 -60.17 81.46 27.26
N ALA A 26 -60.70 80.26 27.57
CA ALA A 26 -60.58 79.71 28.91
C ALA A 26 -59.12 79.42 29.24
N GLN A 27 -58.36 78.92 28.27
CA GLN A 27 -56.94 78.62 28.49
C GLN A 27 -56.21 79.90 28.84
N LEU A 28 -56.70 81.03 28.34
CA LEU A 28 -56.08 82.32 28.62
C LEU A 28 -56.58 82.94 29.92
N GLY A 29 -57.27 82.13 30.72
CA GLY A 29 -57.76 82.59 32.01
C GLY A 29 -59.07 83.35 32.05
N LEU A 30 -59.84 83.35 30.98
CA LEU A 30 -61.10 84.08 30.99
C LEU A 30 -62.24 83.24 31.53
N LYS A 31 -63.27 83.93 32.03
CA LYS A 31 -64.48 83.29 32.54
C LYS A 31 -65.38 83.31 31.33
N VAL A 32 -65.73 82.13 30.81
CA VAL A 32 -66.53 82.05 29.61
C VAL A 32 -67.89 81.38 29.67
N LEU A 33 -68.85 81.98 28.98
CA LEU A 33 -70.20 81.43 28.86
C LEU A 33 -70.42 81.12 27.38
N ALA A 34 -70.78 79.87 27.08
CA ALA A 34 -71.03 79.46 25.69
C ALA A 34 -72.52 79.18 25.56
N VAL A 35 -73.18 79.80 24.58
CA VAL A 35 -74.61 79.59 24.39
C VAL A 35 -74.86 78.85 23.09
N GLU A 36 -75.66 77.79 23.16
CA GLU A 36 -75.97 76.96 21.99
C GLU A 36 -77.47 76.69 21.90
N ALA A 37 -78.09 77.09 20.80
CA ALA A 37 -79.53 76.90 20.62
C ALA A 37 -79.95 75.49 20.17
N GLY A 38 -79.02 74.75 19.59
CA GLY A 38 -79.35 73.42 19.14
C GLY A 38 -78.38 72.37 19.65
N GLU A 39 -77.82 71.60 18.74
CA GLU A 39 -76.87 70.57 19.12
C GLU A 39 -75.47 71.14 19.23
N VAL A 40 -74.77 70.73 20.28
CA VAL A 40 -73.40 71.16 20.53
C VAL A 40 -72.52 70.61 19.42
N GLY A 41 -71.54 71.39 18.98
CA GLY A 41 -70.66 70.93 17.92
C GLY A 41 -70.99 71.56 16.57
N GLY A 42 -72.14 72.24 16.50
CA GLY A 42 -72.54 72.89 15.27
C GLY A 42 -72.76 72.01 14.04
N VAL A 43 -72.68 72.65 12.87
CA VAL A 43 -72.89 71.98 11.59
C VAL A 43 -71.88 70.90 11.26
N CYS A 44 -70.60 71.23 11.36
CA CYS A 44 -69.52 70.28 11.05
C CYS A 44 -69.68 68.93 11.75
N LEU A 45 -69.90 68.96 13.06
CA LEU A 45 -70.04 67.71 13.81
C LEU A 45 -71.39 67.01 13.70
N ASN A 46 -72.46 67.76 13.52
CA ASN A 46 -73.80 67.16 13.45
C ASN A 46 -74.37 66.85 12.08
N VAL A 47 -74.31 67.81 11.16
CA VAL A 47 -74.88 67.59 9.84
C VAL A 47 -73.96 68.02 8.69
N GLY A 48 -72.67 68.14 8.97
CA GLY A 48 -71.73 68.56 7.94
C GLY A 48 -70.55 67.65 7.72
N CYS A 49 -69.37 68.15 8.05
CA CYS A 49 -68.11 67.42 7.89
C CYS A 49 -68.15 65.96 8.27
N ILE A 50 -68.36 65.74 9.56
CA ILE A 50 -68.37 64.40 10.14
C ILE A 50 -69.33 63.36 9.58
N PRO A 51 -70.64 63.61 9.62
CA PRO A 51 -71.52 62.57 9.08
C PRO A 51 -71.25 62.27 7.59
N THR A 52 -70.97 63.31 6.82
CA THR A 52 -70.68 63.13 5.40
C THR A 52 -69.41 62.30 5.19
N LYS A 53 -68.38 62.56 6.00
CA LYS A 53 -67.13 61.82 5.88
C LYS A 53 -67.37 60.35 6.22
N ALA A 54 -68.16 60.10 7.25
CA ALA A 54 -68.47 58.73 7.67
C ALA A 54 -69.16 57.98 6.52
N LEU A 55 -70.12 58.63 5.88
CA LEU A 55 -70.82 57.99 4.77
C LEU A 55 -69.82 57.69 3.65
N LEU A 56 -68.99 58.68 3.32
CA LEU A 56 -67.98 58.51 2.27
C LEU A 56 -67.06 57.33 2.55
N HIS A 57 -66.66 57.16 3.81
CA HIS A 57 -65.79 56.07 4.17
C HIS A 57 -66.48 54.72 4.00
N ALA A 58 -67.75 54.65 4.37
CA ALA A 58 -68.49 53.40 4.23
C ALA A 58 -68.62 53.09 2.75
N ALA A 59 -68.93 54.11 1.96
CA ALA A 59 -69.09 53.95 0.51
C ALA A 59 -67.77 53.51 -0.14
N GLU A 60 -66.67 54.14 0.25
CA GLU A 60 -65.37 53.78 -0.30
C GLU A 60 -65.00 52.34 0.06
N THR A 61 -65.27 51.95 1.30
CA THR A 61 -64.96 50.59 1.74
C THR A 61 -65.73 49.61 0.85
N LEU A 62 -66.99 49.92 0.60
CA LEU A 62 -67.81 49.07 -0.24
C LEU A 62 -67.28 49.03 -1.68
N HIS A 63 -67.15 50.20 -2.27
CA HIS A 63 -66.68 50.35 -3.66
C HIS A 63 -65.35 49.69 -3.99
N HIS A 64 -64.42 49.73 -3.05
CA HIS A 64 -63.10 49.17 -3.27
C HIS A 64 -63.11 47.65 -3.41
N LEU A 65 -64.14 47.01 -2.86
CA LEU A 65 -64.25 45.57 -2.94
C LEU A 65 -64.28 45.08 -4.39
N LYS A 66 -64.78 45.93 -5.29
CA LYS A 66 -64.82 45.58 -6.70
C LYS A 66 -63.37 45.38 -7.16
N VAL A 67 -62.57 46.42 -6.96
CA VAL A 67 -61.15 46.38 -7.33
C VAL A 67 -60.44 45.24 -6.60
N ALA A 68 -60.78 45.07 -5.32
CA ALA A 68 -60.18 44.02 -4.49
C ALA A 68 -60.31 42.62 -5.10
N GLU A 69 -61.27 42.44 -6.00
CA GLU A 69 -61.46 41.15 -6.65
C GLU A 69 -60.22 40.85 -7.48
N GLY A 70 -59.54 41.89 -7.92
CA GLY A 70 -58.35 41.73 -8.73
C GLY A 70 -57.23 41.01 -8.00
N PHE A 71 -57.16 41.15 -6.68
CA PHE A 71 -56.11 40.45 -5.96
C PHE A 71 -56.61 39.27 -5.12
N GLY A 72 -57.69 38.65 -5.60
CA GLY A 72 -58.22 37.48 -4.94
C GLY A 72 -59.27 37.63 -3.86
N LEU A 73 -59.65 38.84 -3.51
CA LEU A 73 -60.66 39.01 -2.47
C LEU A 73 -62.06 38.86 -3.04
N LYS A 74 -62.69 37.74 -2.76
CA LYS A 74 -64.05 37.51 -3.22
C LYS A 74 -64.98 37.68 -2.05
N ALA A 75 -66.03 38.49 -2.24
CA ALA A 75 -66.99 38.72 -1.18
C ALA A 75 -68.33 39.07 -1.81
N LYS A 76 -69.40 38.86 -1.05
CA LYS A 76 -70.74 39.17 -1.50
C LYS A 76 -71.22 40.23 -0.53
N PRO A 77 -70.78 41.48 -0.75
CA PRO A 77 -71.14 42.63 0.09
C PRO A 77 -72.57 43.11 0.02
N GLU A 78 -73.16 43.29 1.20
CA GLU A 78 -74.53 43.78 1.34
C GLU A 78 -74.44 44.89 2.41
N LEU A 79 -74.83 46.10 2.04
CA LEU A 79 -74.76 47.23 2.97
C LEU A 79 -76.08 47.61 3.61
N ASP A 80 -76.26 47.22 4.87
CA ASP A 80 -77.46 47.52 5.64
C ASP A 80 -77.51 49.03 5.93
N LEU A 81 -78.41 49.74 5.25
CA LEU A 81 -78.51 51.18 5.42
C LEU A 81 -78.98 51.67 6.79
N LYS A 82 -79.70 50.83 7.52
CA LYS A 82 -80.17 51.24 8.84
C LYS A 82 -79.00 51.26 9.79
N LYS A 83 -78.18 50.22 9.70
CA LYS A 83 -76.99 50.07 10.54
C LYS A 83 -76.03 51.22 10.22
N LEU A 84 -75.83 51.49 8.93
CA LEU A 84 -74.94 52.57 8.49
C LEU A 84 -75.38 53.85 9.17
N GLY A 85 -76.66 54.16 9.05
CA GLY A 85 -77.19 55.36 9.66
C GLY A 85 -76.92 55.33 11.15
N GLY A 86 -76.95 54.14 11.74
CA GLY A 86 -76.71 54.00 13.17
C GLY A 86 -75.28 54.33 13.55
N TRP A 87 -74.34 53.80 12.79
CA TRP A 87 -72.92 54.04 13.03
C TRP A 87 -72.68 55.55 12.87
N ARG A 88 -73.25 56.11 11.81
CA ARG A 88 -73.10 57.54 11.55
C ARG A 88 -73.54 58.34 12.78
N ASP A 89 -74.71 58.02 13.32
CA ASP A 89 -75.21 58.72 14.49
C ASP A 89 -74.27 58.53 15.67
N GLN A 90 -73.72 57.34 15.80
CA GLN A 90 -72.80 57.02 16.90
C GLN A 90 -71.54 57.90 16.84
N VAL A 91 -71.01 58.05 15.63
CA VAL A 91 -69.81 58.87 15.44
C VAL A 91 -70.11 60.30 15.85
N VAL A 92 -71.23 60.83 15.36
CA VAL A 92 -71.65 62.20 15.68
C VAL A 92 -71.84 62.40 17.19
N LYS A 93 -72.56 61.46 17.82
CA LYS A 93 -72.80 61.55 19.26
C LYS A 93 -71.49 61.50 20.03
N LYS A 94 -70.59 60.62 19.61
CA LYS A 94 -69.31 60.49 20.29
C LYS A 94 -68.52 61.80 20.22
N LEU A 95 -68.52 62.45 19.05
CA LEU A 95 -67.78 63.70 18.90
C LEU A 95 -68.41 64.90 19.58
N THR A 96 -69.74 65.04 19.51
CA THR A 96 -70.40 66.17 20.15
C THR A 96 -70.33 66.02 21.67
N GLY A 97 -70.35 64.77 22.14
CA GLY A 97 -70.24 64.54 23.57
C GLY A 97 -68.83 64.97 23.95
N GLY A 98 -67.89 64.70 23.03
CA GLY A 98 -66.51 65.08 23.24
C GLY A 98 -66.37 66.58 23.41
N VAL A 99 -67.01 67.35 22.54
CA VAL A 99 -66.94 68.80 22.66
C VAL A 99 -67.50 69.25 24.00
N GLY A 100 -68.64 68.68 24.37
CA GLY A 100 -69.26 69.01 25.64
C GLY A 100 -68.33 68.75 26.80
N THR A 101 -67.68 67.58 26.81
CA THR A 101 -66.76 67.21 27.86
C THR A 101 -65.60 68.20 27.89
N LEU A 102 -65.15 68.60 26.70
CA LEU A 102 -64.04 69.56 26.58
C LEU A 102 -64.40 70.92 27.15
N LEU A 103 -65.59 71.42 26.83
CA LEU A 103 -66.03 72.72 27.33
C LEU A 103 -66.08 72.71 28.85
N LYS A 104 -66.66 71.65 29.40
CA LYS A 104 -66.77 71.53 30.84
C LYS A 104 -65.40 71.40 31.48
N GLY A 105 -64.55 70.54 30.91
CA GLY A 105 -63.22 70.36 31.43
C GLY A 105 -62.37 71.62 31.43
N ASN A 106 -62.75 72.59 30.62
CA ASN A 106 -62.01 73.85 30.53
C ASN A 106 -62.63 74.93 31.40
N GLY A 107 -63.72 74.58 32.09
CA GLY A 107 -64.37 75.54 32.97
C GLY A 107 -65.29 76.50 32.24
N VAL A 108 -65.71 76.12 31.03
CA VAL A 108 -66.61 76.96 30.25
C VAL A 108 -68.04 76.57 30.61
N GLU A 109 -68.88 77.57 30.85
CA GLU A 109 -70.27 77.27 31.19
C GLU A 109 -71.10 77.14 29.91
N LEU A 110 -71.82 76.03 29.80
CA LEU A 110 -72.65 75.80 28.64
C LEU A 110 -74.12 76.10 28.95
N LEU A 111 -74.71 77.02 28.18
CA LEU A 111 -76.12 77.39 28.34
C LEU A 111 -76.88 77.06 27.06
N ARG A 112 -77.90 76.23 27.16
CA ARG A 112 -78.70 75.85 26.01
C ARG A 112 -79.81 76.87 25.81
N GLY A 113 -79.89 77.41 24.60
CA GLY A 113 -80.90 78.40 24.30
C GLY A 113 -80.49 79.24 23.11
N PHE A 114 -81.37 80.15 22.70
CA PHE A 114 -81.11 81.02 21.57
C PHE A 114 -80.74 82.39 22.11
N ALA A 115 -79.49 82.81 21.88
CA ALA A 115 -79.02 84.10 22.35
C ALA A 115 -79.43 85.25 21.42
N ARG A 116 -79.58 86.43 22.01
CA ARG A 116 -79.95 87.65 21.28
C ARG A 116 -79.17 88.81 21.87
N LEU A 117 -78.55 89.60 21.01
CA LEU A 117 -77.79 90.75 21.47
C LEU A 117 -78.75 91.84 21.95
N VAL A 118 -78.43 92.44 23.09
CA VAL A 118 -79.25 93.52 23.63
C VAL A 118 -78.34 94.74 23.73
N GLY A 119 -77.04 94.48 23.68
CA GLY A 119 -76.06 95.55 23.76
C GLY A 119 -74.69 95.00 23.40
N PRO A 120 -73.71 95.87 23.17
CA PRO A 120 -72.36 95.41 22.81
C PRO A 120 -71.71 94.57 23.90
N LYS A 121 -72.36 94.49 25.07
CA LYS A 121 -71.79 93.74 26.19
C LYS A 121 -72.85 92.99 27.00
N GLU A 122 -73.99 92.71 26.38
CA GLU A 122 -75.07 92.00 27.05
C GLU A 122 -75.88 91.18 26.06
N VAL A 123 -76.38 90.04 26.52
CA VAL A 123 -77.18 89.14 25.68
C VAL A 123 -78.41 88.62 26.43
N GLU A 124 -79.45 88.28 25.66
CA GLU A 124 -80.70 87.76 26.23
C GLU A 124 -80.91 86.32 25.79
N VAL A 125 -81.18 85.44 26.76
CA VAL A 125 -81.41 84.03 26.48
C VAL A 125 -82.63 83.49 27.21
N GLY A 126 -83.69 83.19 26.47
CA GLY A 126 -84.91 82.68 27.07
C GLY A 126 -85.62 83.67 27.97
N GLY A 127 -85.00 84.81 28.21
CA GLY A 127 -85.59 85.82 29.07
C GLY A 127 -84.60 86.36 30.09
N GLU A 128 -83.54 85.59 30.33
CA GLU A 128 -82.49 85.98 31.27
C GLU A 128 -81.46 86.89 30.62
N ARG A 129 -80.80 87.71 31.43
CA ARG A 129 -79.78 88.62 30.92
C ARG A 129 -78.37 88.21 31.32
N TYR A 130 -77.48 88.16 30.32
CA TYR A 130 -76.09 87.79 30.55
C TYR A 130 -75.20 88.84 29.88
N GLY A 131 -74.22 89.34 30.61
CA GLY A 131 -73.34 90.35 30.05
C GLY A 131 -71.87 89.99 30.20
N ALA A 132 -71.03 90.65 29.41
CA ALA A 132 -69.60 90.42 29.43
C ALA A 132 -68.84 91.51 28.69
N LYS A 133 -67.56 91.65 28.96
CA LYS A 133 -66.75 92.67 28.29
C LYS A 133 -66.65 92.39 26.80
N SER A 134 -66.51 91.13 26.42
CA SER A 134 -66.38 90.76 25.00
C SER A 134 -67.39 89.70 24.58
N LEU A 135 -67.83 89.78 23.32
CA LEU A 135 -68.79 88.83 22.75
C LEU A 135 -68.27 88.30 21.41
N ILE A 136 -68.32 86.98 21.23
CA ILE A 136 -67.88 86.38 19.99
C ILE A 136 -69.09 85.75 19.31
N LEU A 137 -69.34 86.17 18.07
CA LEU A 137 -70.48 85.68 17.32
C LEU A 137 -70.06 84.54 16.37
N ALA A 138 -70.51 83.34 16.69
CA ALA A 138 -70.18 82.16 15.90
C ALA A 138 -71.46 81.40 15.57
N THR A 139 -72.42 82.09 14.98
CA THR A 139 -73.71 81.51 14.65
C THR A 139 -73.80 80.61 13.41
N GLY A 140 -72.75 80.57 12.60
CA GLY A 140 -72.75 79.70 11.43
C GLY A 140 -73.66 80.03 10.25
N SER A 141 -73.92 79.02 9.42
CA SER A 141 -74.75 79.22 8.25
C SER A 141 -75.80 78.12 8.07
N GLU A 142 -76.59 78.25 7.01
CA GLU A 142 -77.64 77.29 6.71
C GLU A 142 -77.77 77.12 5.20
N PRO A 143 -78.40 76.02 4.75
CA PRO A 143 -78.58 75.74 3.33
C PRO A 143 -79.22 76.90 2.57
N LEU A 144 -78.66 77.23 1.41
CA LEU A 144 -79.21 78.31 0.59
C LEU A 144 -80.31 77.73 -0.29
N GLU A 145 -81.46 78.40 -0.32
CA GLU A 145 -82.58 77.93 -1.12
C GLU A 145 -82.48 78.37 -2.57
N LEU A 146 -82.74 77.45 -3.49
CA LEU A 146 -82.69 77.75 -4.92
C LEU A 146 -84.06 78.05 -5.53
N LYS A 147 -84.15 79.17 -6.23
CA LYS A 147 -85.39 79.58 -6.89
C LYS A 147 -85.90 78.47 -7.80
N GLY A 148 -87.15 78.06 -7.59
CA GLY A 148 -87.73 77.01 -8.41
C GLY A 148 -87.58 75.63 -7.79
N PHE A 149 -86.79 75.54 -6.72
CA PHE A 149 -86.57 74.27 -6.04
C PHE A 149 -86.66 74.44 -4.52
N PRO A 150 -87.77 75.00 -4.02
CA PRO A 150 -87.91 75.19 -2.58
C PRO A 150 -87.84 73.85 -1.86
N PHE A 151 -87.13 73.83 -0.74
CA PHE A 151 -86.97 72.60 0.02
C PHE A 151 -88.31 71.99 0.38
N GLY A 152 -88.38 70.66 0.33
CA GLY A 152 -89.61 69.95 0.64
C GLY A 152 -89.37 68.45 0.70
N GLU A 153 -90.44 67.68 0.65
CA GLU A 153 -90.34 66.22 0.70
C GLU A 153 -89.53 65.63 -0.44
N ASP A 154 -89.52 66.30 -1.59
CA ASP A 154 -88.80 65.81 -2.75
C ASP A 154 -87.57 66.64 -3.11
N VAL A 155 -87.41 67.77 -2.43
CA VAL A 155 -86.27 68.65 -2.65
C VAL A 155 -85.53 68.70 -1.32
N TRP A 156 -84.37 68.05 -1.26
CA TRP A 156 -83.60 67.96 -0.03
C TRP A 156 -82.42 68.91 0.09
N ASP A 157 -82.06 69.24 1.33
CA ASP A 157 -80.88 70.05 1.59
C ASP A 157 -79.89 68.99 2.06
N SER A 158 -78.64 69.38 2.27
CA SER A 158 -77.62 68.43 2.68
C SER A 158 -78.01 67.62 3.91
N THR A 159 -78.64 68.28 4.88
CA THR A 159 -79.04 67.60 6.11
C THR A 159 -79.97 66.41 5.86
N ARG A 160 -80.96 66.57 5.00
CA ARG A 160 -81.87 65.47 4.71
C ARG A 160 -81.15 64.40 3.90
N ALA A 161 -80.25 64.83 3.03
CA ALA A 161 -79.52 63.88 2.19
C ALA A 161 -78.68 62.89 3.00
N LEU A 162 -78.24 63.32 4.19
CA LEU A 162 -77.44 62.47 5.04
C LEU A 162 -78.14 61.21 5.53
N LYS A 163 -79.47 61.30 5.67
CA LYS A 163 -80.25 60.19 6.18
C LYS A 163 -80.57 59.09 5.17
N VAL A 164 -79.54 58.35 4.76
CA VAL A 164 -79.71 57.28 3.80
C VAL A 164 -80.57 56.13 4.32
N GLU A 165 -80.75 56.04 5.64
CA GLU A 165 -81.56 54.98 6.22
C GLU A 165 -83.06 55.18 5.94
N GLU A 166 -83.44 56.39 5.57
CA GLU A 166 -84.83 56.68 5.27
C GLU A 166 -85.21 56.31 3.84
N GLY A 167 -84.39 55.49 3.21
CA GLY A 167 -84.68 55.07 1.84
C GLY A 167 -83.94 55.83 0.76
N LEU A 168 -83.30 55.08 -0.15
CA LEU A 168 -82.55 55.66 -1.25
C LEU A 168 -83.41 55.83 -2.50
N PRO A 169 -83.42 57.03 -3.10
CA PRO A 169 -84.22 57.20 -4.31
C PRO A 169 -83.52 56.40 -5.40
N LYS A 170 -84.27 55.98 -6.42
CA LYS A 170 -83.66 55.23 -7.51
C LYS A 170 -82.87 56.17 -8.41
N ARG A 171 -83.33 57.41 -8.50
CA ARG A 171 -82.68 58.41 -9.33
C ARG A 171 -82.58 59.74 -8.59
N LEU A 172 -81.38 60.30 -8.57
CA LEU A 172 -81.15 61.56 -7.88
C LEU A 172 -80.54 62.64 -8.76
N LEU A 173 -80.97 63.88 -8.53
CA LEU A 173 -80.43 65.02 -9.25
C LEU A 173 -79.76 65.89 -8.20
N VAL A 174 -78.48 66.20 -8.40
CA VAL A 174 -77.79 67.06 -7.46
C VAL A 174 -77.57 68.39 -8.16
N ILE A 175 -77.91 69.48 -7.49
CA ILE A 175 -77.73 70.79 -8.07
C ILE A 175 -76.59 71.48 -7.31
N GLY A 176 -75.45 71.67 -8.00
CA GLY A 176 -74.29 72.30 -7.40
C GLY A 176 -73.05 71.45 -7.51
N GLY A 177 -71.98 72.04 -8.03
CA GLY A 177 -70.73 71.30 -8.20
C GLY A 177 -69.67 71.59 -7.14
N GLY A 178 -70.08 72.14 -6.01
CA GLY A 178 -69.15 72.41 -4.93
C GLY A 178 -68.86 71.13 -4.17
N ALA A 179 -68.13 71.24 -3.06
CA ALA A 179 -67.78 70.06 -2.26
C ALA A 179 -68.98 69.26 -1.76
N VAL A 180 -70.03 69.93 -1.32
CA VAL A 180 -71.20 69.25 -0.80
C VAL A 180 -71.88 68.36 -1.85
N GLY A 181 -72.19 68.93 -3.00
CA GLY A 181 -72.84 68.17 -4.05
C GLY A 181 -72.03 67.00 -4.59
N LEU A 182 -70.74 67.21 -4.78
CA LEU A 182 -69.88 66.13 -5.29
C LEU A 182 -69.82 64.96 -4.32
N GLU A 183 -69.66 65.25 -3.03
CA GLU A 183 -69.56 64.21 -2.01
C GLU A 183 -70.85 63.40 -1.85
N LEU A 184 -71.95 64.10 -1.60
CA LEU A 184 -73.23 63.43 -1.41
C LEU A 184 -73.68 62.73 -2.69
N GLY A 185 -73.32 63.30 -3.84
CA GLY A 185 -73.67 62.67 -5.11
C GLY A 185 -72.91 61.36 -5.26
N GLN A 186 -71.64 61.32 -4.88
CA GLN A 186 -70.89 60.09 -5.02
C GLN A 186 -71.32 59.05 -3.99
N VAL A 187 -71.76 59.49 -2.82
CA VAL A 187 -72.23 58.57 -1.80
C VAL A 187 -73.48 57.86 -2.35
N TYR A 188 -74.44 58.63 -2.85
CA TYR A 188 -75.66 58.04 -3.39
C TYR A 188 -75.41 57.11 -4.56
N ARG A 189 -74.48 57.48 -5.44
CA ARG A 189 -74.15 56.65 -6.59
C ARG A 189 -73.60 55.31 -6.11
N ARG A 190 -72.69 55.37 -5.12
CA ARG A 190 -72.07 54.17 -4.58
C ARG A 190 -73.03 53.29 -3.80
N LEU A 191 -74.13 53.86 -3.35
CA LEU A 191 -75.13 53.09 -2.62
C LEU A 191 -76.16 52.53 -3.58
N GLY A 192 -75.95 52.73 -4.88
CA GLY A 192 -76.88 52.19 -5.85
C GLY A 192 -77.76 53.13 -6.67
N ALA A 193 -77.90 54.38 -6.25
CA ALA A 193 -78.73 55.33 -6.99
C ALA A 193 -78.10 55.85 -8.28
N GLU A 194 -78.95 56.20 -9.24
CA GLU A 194 -78.47 56.77 -10.50
C GLU A 194 -78.31 58.22 -10.12
N VAL A 195 -77.24 58.86 -10.59
CA VAL A 195 -77.03 60.25 -10.23
C VAL A 195 -76.65 61.17 -11.36
N THR A 196 -77.23 62.36 -11.33
CA THR A 196 -76.96 63.38 -12.32
C THR A 196 -76.68 64.64 -11.51
N LEU A 197 -75.53 65.26 -11.76
CA LEU A 197 -75.17 66.49 -11.06
C LEU A 197 -75.07 67.60 -12.09
N ILE A 198 -75.61 68.76 -11.75
CA ILE A 198 -75.57 69.89 -12.67
C ILE A 198 -74.83 71.08 -12.08
N GLU A 199 -73.91 71.63 -12.87
CA GLU A 199 -73.12 72.77 -12.45
C GLU A 199 -73.26 73.88 -13.50
N TYR A 200 -73.63 75.06 -13.04
CA TYR A 200 -73.82 76.21 -13.90
C TYR A 200 -72.53 76.67 -14.61
N MET A 201 -71.42 76.66 -13.88
CA MET A 201 -70.12 77.08 -14.40
C MET A 201 -69.52 76.06 -15.37
N PRO A 202 -68.51 76.48 -16.14
CA PRO A 202 -67.82 75.64 -17.12
C PRO A 202 -67.21 74.34 -16.58
N GLU A 203 -66.86 74.34 -15.30
CA GLU A 203 -66.26 73.17 -14.67
C GLU A 203 -66.65 73.09 -13.19
N ILE A 204 -66.63 71.89 -12.62
CA ILE A 204 -66.96 71.74 -11.20
C ILE A 204 -65.86 72.41 -10.39
N LEU A 205 -66.13 72.71 -9.12
CA LEU A 205 -65.17 73.37 -8.26
C LEU A 205 -64.59 74.59 -8.95
N PRO A 206 -65.47 75.50 -9.41
CA PRO A 206 -65.08 76.73 -10.10
C PRO A 206 -64.02 77.60 -9.43
N GLN A 207 -63.85 77.45 -8.12
CA GLN A 207 -62.85 78.23 -7.41
C GLN A 207 -61.48 77.58 -7.44
N GLY A 208 -61.44 76.32 -7.83
CA GLY A 208 -60.17 75.62 -7.85
C GLY A 208 -59.55 75.43 -9.21
N ASP A 209 -58.41 74.75 -9.21
CA ASP A 209 -57.68 74.46 -10.44
C ASP A 209 -58.56 73.65 -11.38
N PRO A 210 -58.88 74.21 -12.55
CA PRO A 210 -59.73 73.45 -13.48
C PRO A 210 -59.09 72.15 -14.00
N GLU A 211 -57.76 72.12 -14.08
CA GLU A 211 -57.11 70.91 -14.57
C GLU A 211 -57.36 69.69 -13.67
N THR A 212 -57.07 69.84 -12.37
CA THR A 212 -57.28 68.74 -11.43
C THR A 212 -58.78 68.53 -11.17
N ALA A 213 -59.56 69.60 -11.24
CA ALA A 213 -61.00 69.47 -11.04
C ALA A 213 -61.56 68.60 -12.16
N ALA A 214 -61.13 68.88 -13.39
CA ALA A 214 -61.59 68.10 -14.54
C ALA A 214 -61.26 66.63 -14.39
N LEU A 215 -60.15 66.32 -13.72
CA LEU A 215 -59.77 64.92 -13.51
C LEU A 215 -60.73 64.25 -12.55
N LEU A 216 -61.24 65.01 -11.58
CA LEU A 216 -62.19 64.45 -10.61
C LEU A 216 -63.52 64.22 -11.31
N ARG A 217 -63.96 65.21 -12.10
CA ARG A 217 -65.22 65.09 -12.82
C ARG A 217 -65.22 63.83 -13.67
N ARG A 218 -64.12 63.63 -14.39
CA ARG A 218 -63.96 62.47 -15.27
C ARG A 218 -63.99 61.16 -14.52
N ALA A 219 -63.38 61.14 -13.34
CA ALA A 219 -63.36 59.93 -12.53
C ALA A 219 -64.79 59.65 -12.05
N LEU A 220 -65.53 60.72 -11.76
CA LEU A 220 -66.92 60.60 -11.29
C LEU A 220 -67.82 60.09 -12.42
N GLU A 221 -67.56 60.55 -13.64
CA GLU A 221 -68.35 60.11 -14.79
C GLU A 221 -68.08 58.64 -15.07
N LYS A 222 -66.84 58.22 -14.82
CA LYS A 222 -66.46 56.83 -15.05
C LYS A 222 -67.21 55.89 -14.11
N GLU A 223 -67.71 56.42 -12.99
CA GLU A 223 -68.47 55.60 -12.05
C GLU A 223 -69.95 55.64 -12.40
N GLY A 224 -70.28 56.36 -13.47
CA GLY A 224 -71.67 56.45 -13.88
C GLY A 224 -72.39 57.72 -13.48
N ILE A 225 -71.68 58.65 -12.84
CA ILE A 225 -72.31 59.91 -12.45
C ILE A 225 -72.30 60.86 -13.65
N ARG A 226 -73.49 61.31 -14.05
CA ARG A 226 -73.60 62.22 -15.18
C ARG A 226 -73.38 63.63 -14.70
N VAL A 227 -72.27 64.24 -15.12
CA VAL A 227 -71.96 65.60 -14.71
C VAL A 227 -72.23 66.60 -15.84
N ARG A 228 -73.24 67.44 -15.65
CA ARG A 228 -73.62 68.43 -16.65
C ARG A 228 -73.13 69.82 -16.27
N THR A 229 -72.00 70.22 -16.85
CA THR A 229 -71.45 71.54 -16.58
C THR A 229 -72.10 72.55 -17.50
N LYS A 230 -71.90 73.83 -17.21
CA LYS A 230 -72.47 74.90 -18.02
C LYS A 230 -73.97 74.69 -18.16
N THR A 231 -74.60 74.11 -17.15
CA THR A 231 -76.03 73.85 -17.18
C THR A 231 -76.69 74.35 -15.91
N LYS A 232 -77.97 74.70 -16.01
CA LYS A 232 -78.68 75.16 -14.84
C LYS A 232 -80.09 74.58 -14.79
N ALA A 233 -80.56 74.29 -13.59
CA ALA A 233 -81.89 73.74 -13.42
C ALA A 233 -82.81 74.93 -13.23
N VAL A 234 -83.85 75.01 -14.06
CA VAL A 234 -84.77 76.13 -13.97
C VAL A 234 -85.96 75.82 -13.08
N GLY A 235 -86.37 74.56 -13.07
CA GLY A 235 -87.50 74.18 -12.25
C GLY A 235 -87.95 72.75 -12.50
N TYR A 236 -89.14 72.41 -12.02
CA TYR A 236 -89.66 71.08 -12.22
C TYR A 236 -91.14 71.01 -11.88
N GLU A 237 -91.74 69.85 -12.14
CA GLU A 237 -93.12 69.63 -11.79
C GLU A 237 -93.25 68.16 -11.42
N LYS A 238 -93.99 67.91 -10.35
CA LYS A 238 -94.18 66.55 -9.85
C LYS A 238 -95.21 65.77 -10.63
N LYS A 239 -94.78 64.66 -11.21
CA LYS A 239 -95.68 63.82 -11.97
C LYS A 239 -95.66 62.41 -11.41
N LYS A 240 -96.55 61.58 -11.93
CA LYS A 240 -96.67 60.19 -11.50
C LYS A 240 -95.36 59.39 -11.49
N ASP A 241 -94.55 59.53 -12.53
CA ASP A 241 -93.31 58.78 -12.62
C ASP A 241 -92.13 59.46 -11.94
N GLY A 242 -92.36 60.62 -11.34
CA GLY A 242 -91.29 61.31 -10.66
C GLY A 242 -91.27 62.81 -10.88
N LEU A 243 -90.09 63.39 -10.70
CA LEU A 243 -89.91 64.83 -10.85
C LEU A 243 -89.31 65.11 -12.23
N HIS A 244 -90.00 65.93 -13.01
CA HIS A 244 -89.51 66.30 -14.32
C HIS A 244 -88.87 67.66 -14.16
N VAL A 245 -87.54 67.68 -14.17
CA VAL A 245 -86.78 68.90 -13.99
C VAL A 245 -86.38 69.50 -15.33
N ARG A 246 -86.49 70.82 -15.45
CA ARG A 246 -86.12 71.50 -16.68
C ARG A 246 -84.67 71.99 -16.58
N LEU A 247 -83.87 71.67 -17.60
CA LEU A 247 -82.48 72.09 -17.65
C LEU A 247 -82.23 72.96 -18.89
N GLU A 248 -81.38 73.96 -18.75
CA GLU A 248 -81.05 74.85 -19.86
C GLU A 248 -79.56 75.18 -19.78
N PRO A 249 -78.97 75.63 -20.90
CA PRO A 249 -77.55 75.97 -20.85
C PRO A 249 -77.41 77.11 -19.84
N ALA A 250 -76.21 77.31 -19.31
CA ALA A 250 -75.98 78.35 -18.32
C ALA A 250 -76.54 79.72 -18.71
N GLU A 251 -76.33 80.11 -19.96
CA GLU A 251 -76.81 81.41 -20.42
C GLU A 251 -78.28 81.37 -20.88
N GLY A 252 -78.74 80.18 -21.26
CA GLY A 252 -80.10 80.03 -21.72
C GLY A 252 -80.16 79.40 -23.09
N GLY A 253 -81.35 78.96 -23.49
CA GLY A 253 -81.51 78.35 -24.80
C GLY A 253 -82.35 77.10 -24.78
N GLU A 254 -82.08 76.21 -25.74
CA GLU A 254 -82.80 74.95 -25.87
C GLU A 254 -83.03 74.28 -24.52
N GLY A 255 -84.29 74.25 -24.09
CA GLY A 255 -84.62 73.61 -22.83
C GLY A 255 -84.33 72.13 -22.89
N GLU A 256 -84.33 71.48 -21.73
CA GLU A 256 -84.07 70.06 -21.65
C GLU A 256 -84.79 69.50 -20.43
N GLU A 257 -85.04 68.20 -20.43
CA GLU A 257 -85.74 67.58 -19.31
C GLU A 257 -85.07 66.30 -18.83
N VAL A 258 -85.07 66.12 -17.52
CA VAL A 258 -84.51 64.94 -16.88
C VAL A 258 -85.49 64.53 -15.81
N VAL A 259 -85.72 63.23 -15.66
CA VAL A 259 -86.65 62.74 -14.65
C VAL A 259 -85.94 62.01 -13.54
N VAL A 260 -86.17 62.48 -12.31
CA VAL A 260 -85.55 61.88 -11.12
C VAL A 260 -86.58 61.75 -10.01
N ASP A 261 -86.23 60.98 -8.99
CA ASP A 261 -87.13 60.77 -7.86
C ASP A 261 -86.93 61.81 -6.77
N LYS A 262 -85.72 62.33 -6.65
CA LYS A 262 -85.42 63.33 -5.63
C LYS A 262 -84.39 64.34 -6.12
N VAL A 263 -84.43 65.55 -5.56
CA VAL A 263 -83.49 66.60 -5.90
C VAL A 263 -82.75 67.09 -4.65
N LEU A 264 -81.43 67.18 -4.73
CA LEU A 264 -80.65 67.69 -3.61
C LEU A 264 -80.12 69.05 -4.06
N VAL A 265 -80.44 70.09 -3.31
CA VAL A 265 -79.97 71.42 -3.63
C VAL A 265 -78.73 71.74 -2.79
N ALA A 266 -77.58 71.90 -3.46
CA ALA A 266 -76.33 72.22 -2.77
C ALA A 266 -75.64 73.34 -3.54
N VAL A 267 -76.24 74.53 -3.50
CA VAL A 267 -75.71 75.68 -4.22
C VAL A 267 -75.02 76.70 -3.34
N GLY A 268 -74.95 76.43 -2.04
CA GLY A 268 -74.30 77.38 -1.15
C GLY A 268 -74.93 77.44 0.21
N ARG A 269 -74.58 78.48 0.97
CA ARG A 269 -75.08 78.66 2.33
C ARG A 269 -75.46 80.10 2.58
N LYS A 270 -76.27 80.31 3.61
CA LYS A 270 -76.73 81.64 4.01
C LYS A 270 -76.31 81.83 5.46
N PRO A 271 -75.60 82.94 5.77
CA PRO A 271 -75.16 83.19 7.15
C PRO A 271 -76.30 83.49 8.12
N ARG A 272 -76.31 82.79 9.26
CA ARG A 272 -77.35 82.98 10.27
C ARG A 272 -77.07 84.21 11.12
N THR A 273 -77.39 85.38 10.58
CA THR A 273 -77.16 86.64 11.27
C THR A 273 -78.43 87.43 11.59
N GLU A 274 -79.58 86.86 11.28
CA GLU A 274 -80.85 87.53 11.52
C GLU A 274 -81.48 87.12 12.85
N GLY A 275 -82.27 88.04 13.42
CA GLY A 275 -82.93 87.77 14.69
C GLY A 275 -81.91 87.52 15.79
N LEU A 276 -80.73 88.10 15.61
CA LEU A 276 -79.64 87.95 16.56
C LEU A 276 -79.50 89.21 17.40
N GLY A 277 -80.32 90.21 17.09
CA GLY A 277 -80.27 91.46 17.82
C GLY A 277 -79.07 92.31 17.46
N LEU A 278 -78.46 92.01 16.32
CA LEU A 278 -77.29 92.75 15.84
C LEU A 278 -77.67 94.19 15.50
N GLU A 279 -78.64 94.30 14.59
CA GLU A 279 -79.15 95.58 14.11
C GLU A 279 -79.69 96.40 15.27
N LYS A 280 -79.11 96.19 16.44
CA LYS A 280 -79.52 96.86 17.66
C LYS A 280 -78.31 97.26 18.49
N ALA A 281 -77.25 96.44 18.44
CA ALA A 281 -76.03 96.74 19.18
C ALA A 281 -75.08 97.59 18.34
N GLY A 282 -75.43 97.76 17.06
CA GLY A 282 -74.61 98.56 16.16
C GLY A 282 -73.78 97.75 15.19
N VAL A 283 -73.64 96.45 15.46
CA VAL A 283 -72.87 95.55 14.61
C VAL A 283 -73.39 95.56 13.18
N LYS A 284 -72.52 95.89 12.23
CA LYS A 284 -72.90 95.95 10.82
C LYS A 284 -72.75 94.63 10.07
N VAL A 285 -73.61 94.45 9.07
CA VAL A 285 -73.58 93.27 8.22
C VAL A 285 -73.58 93.75 6.77
N ASP A 286 -73.02 92.95 5.86
CA ASP A 286 -72.99 93.34 4.45
C ASP A 286 -74.27 92.85 3.76
N GLU A 287 -74.31 93.01 2.44
CA GLU A 287 -75.48 92.61 1.66
C GLU A 287 -75.73 91.11 1.69
N ARG A 288 -74.68 90.31 1.77
CA ARG A 288 -74.84 88.86 1.80
C ARG A 288 -75.28 88.36 3.15
N GLY A 289 -75.23 89.22 4.16
CA GLY A 289 -75.64 88.84 5.50
C GLY A 289 -74.51 88.50 6.44
N PHE A 290 -73.27 88.61 5.96
CA PHE A 290 -72.11 88.29 6.78
C PHE A 290 -71.76 89.44 7.72
N ILE A 291 -71.41 89.09 8.96
CA ILE A 291 -71.03 90.11 9.91
C ILE A 291 -69.67 90.66 9.48
N ARG A 292 -69.60 91.98 9.35
CA ARG A 292 -68.40 92.68 8.90
C ARG A 292 -67.28 92.62 9.93
N VAL A 293 -66.13 92.09 9.53
CA VAL A 293 -65.00 92.01 10.44
C VAL A 293 -63.66 92.32 9.76
N ASN A 294 -62.66 92.69 10.55
CA ASN A 294 -61.33 92.97 10.02
C ASN A 294 -60.49 91.72 10.21
N ALA A 295 -59.18 91.84 9.99
CA ALA A 295 -58.27 90.70 10.13
C ALA A 295 -58.16 90.20 11.57
N ARG A 296 -58.58 91.02 12.53
CA ARG A 296 -58.53 90.63 13.93
C ARG A 296 -59.85 89.95 14.32
N MET A 297 -60.76 89.86 13.35
CA MET A 297 -62.09 89.26 13.52
C MET A 297 -63.01 90.20 14.34
N GLU A 298 -62.64 91.47 14.38
CA GLU A 298 -63.41 92.49 15.09
C GLU A 298 -64.50 93.03 14.19
N THR A 299 -65.69 93.19 14.74
CA THR A 299 -66.83 93.74 13.99
C THR A 299 -66.72 95.26 14.13
N SER A 300 -67.75 95.98 13.70
CA SER A 300 -67.75 97.44 13.80
C SER A 300 -67.95 97.93 15.24
N VAL A 301 -68.19 97.01 16.16
CA VAL A 301 -68.40 97.37 17.56
C VAL A 301 -67.27 96.78 18.41
N PRO A 302 -66.38 97.64 18.91
CA PRO A 302 -65.26 97.16 19.74
C PRO A 302 -65.73 96.18 20.82
N GLY A 303 -65.03 95.06 20.98
CA GLY A 303 -65.42 94.10 21.99
C GLY A 303 -66.33 93.01 21.47
N VAL A 304 -66.89 93.22 20.29
CA VAL A 304 -67.77 92.22 19.67
C VAL A 304 -67.06 91.67 18.45
N TYR A 305 -66.87 90.36 18.43
CA TYR A 305 -66.19 89.69 17.32
C TYR A 305 -67.12 88.72 16.61
N ALA A 306 -66.78 88.40 15.35
CA ALA A 306 -67.55 87.45 14.55
C ALA A 306 -66.59 86.51 13.82
N ILE A 307 -66.92 85.22 13.82
CA ILE A 307 -66.05 84.22 13.20
C ILE A 307 -66.80 83.17 12.39
N GLY A 308 -66.05 82.37 11.63
CA GLY A 308 -66.63 81.31 10.83
C GLY A 308 -67.56 81.71 9.70
N ASP A 309 -68.50 80.82 9.40
CA ASP A 309 -69.47 81.01 8.33
C ASP A 309 -70.27 82.30 8.47
N ALA A 310 -70.43 82.77 9.70
CA ALA A 310 -71.20 83.99 9.90
C ALA A 310 -70.40 85.24 9.59
N ALA A 311 -69.08 85.10 9.58
CA ALA A 311 -68.22 86.25 9.32
C ALA A 311 -67.86 86.47 7.84
N ARG A 312 -67.43 85.42 7.15
CA ARG A 312 -67.03 85.58 5.77
C ARG A 312 -66.67 84.24 5.13
N PRO A 313 -66.66 84.17 3.79
CA PRO A 313 -66.31 82.91 3.13
C PRO A 313 -64.78 82.85 3.16
N PRO A 314 -64.19 81.68 2.90
CA PRO A 314 -64.86 80.42 2.58
C PRO A 314 -65.49 79.77 3.81
N LEU A 315 -66.58 79.06 3.59
CA LEU A 315 -67.33 78.39 4.63
C LEU A 315 -66.70 77.04 4.96
N LEU A 316 -65.53 77.09 5.59
CA LEU A 316 -64.80 75.88 5.94
C LEU A 316 -64.57 75.78 7.45
N ALA A 317 -64.45 74.56 7.96
CA ALA A 317 -64.26 74.30 9.38
C ALA A 317 -62.90 74.76 9.94
N HIS A 318 -61.81 74.30 9.35
CA HIS A 318 -60.49 74.70 9.83
C HIS A 318 -60.35 76.22 9.87
N LYS A 319 -60.97 76.89 8.91
CA LYS A 319 -60.94 78.35 8.87
C LYS A 319 -61.67 78.88 10.11
N ALA A 320 -62.89 78.39 10.33
CA ALA A 320 -63.67 78.82 11.48
C ALA A 320 -62.92 78.60 12.81
N MET A 321 -62.26 77.46 12.91
CA MET A 321 -61.49 77.12 14.10
C MET A 321 -60.41 78.14 14.38
N ARG A 322 -59.59 78.43 13.37
CA ARG A 322 -58.51 79.40 13.55
C ARG A 322 -59.07 80.79 13.89
N GLU A 323 -60.17 81.16 13.25
CA GLU A 323 -60.76 82.46 13.53
C GLU A 323 -61.24 82.51 14.99
N GLY A 324 -61.67 81.37 15.51
CA GLY A 324 -62.13 81.33 16.89
C GLY A 324 -60.95 81.62 17.81
N LEU A 325 -59.80 81.03 17.48
CA LEU A 325 -58.57 81.22 18.24
C LEU A 325 -58.14 82.70 18.19
N ILE A 326 -58.23 83.30 17.01
CA ILE A 326 -57.87 84.71 16.84
C ILE A 326 -58.76 85.59 17.74
N ALA A 327 -60.07 85.39 17.61
CA ALA A 327 -61.06 86.15 18.36
C ALA A 327 -60.89 86.02 19.86
N ALA A 328 -60.62 84.80 20.32
CA ALA A 328 -60.43 84.55 21.75
C ALA A 328 -59.17 85.24 22.25
N GLU A 329 -58.09 85.13 21.49
CA GLU A 329 -56.85 85.76 21.90
C GLU A 329 -57.00 87.26 22.00
N ASN A 330 -57.80 87.85 21.11
CA ASN A 330 -58.01 89.29 21.12
C ASN A 330 -58.94 89.74 22.23
N ALA A 331 -59.92 88.90 22.57
CA ALA A 331 -60.83 89.23 23.64
C ALA A 331 -59.98 89.22 24.92
N ALA A 332 -58.93 88.40 24.89
CA ALA A 332 -58.02 88.25 26.02
C ALA A 332 -57.01 89.38 26.10
N GLY A 333 -57.14 90.39 25.24
CA GLY A 333 -56.24 91.51 25.27
C GLY A 333 -54.96 91.36 24.46
N LYS A 334 -54.89 90.32 23.63
CA LYS A 334 -53.71 90.10 22.81
C LYS A 334 -53.86 90.87 21.49
N ASP A 335 -53.06 90.50 20.50
CA ASP A 335 -53.13 91.14 19.19
C ASP A 335 -52.87 90.11 18.07
N SER A 336 -53.90 89.33 17.75
CA SER A 336 -53.80 88.30 16.71
C SER A 336 -54.57 88.70 15.47
N ALA A 337 -54.11 88.21 14.32
CA ALA A 337 -54.75 88.50 13.04
C ALA A 337 -54.66 87.31 12.10
N PHE A 338 -55.67 87.16 11.25
CA PHE A 338 -55.71 86.07 10.30
C PHE A 338 -55.02 86.48 9.00
N ASP A 339 -53.96 85.75 8.64
CA ASP A 339 -53.21 86.02 7.41
C ASP A 339 -52.67 84.71 6.88
N TYR A 340 -53.43 83.63 7.08
CA TYR A 340 -52.99 82.30 6.67
C TYR A 340 -53.55 81.76 5.36
N GLN A 341 -52.85 80.77 4.83
CA GLN A 341 -53.25 80.09 3.60
C GLN A 341 -54.33 79.11 4.05
N VAL A 342 -55.47 79.11 3.37
CA VAL A 342 -56.56 78.21 3.74
C VAL A 342 -56.76 77.12 2.68
N PRO A 343 -56.43 75.86 2.99
CA PRO A 343 -56.63 74.82 1.98
C PRO A 343 -58.11 74.42 1.94
N SER A 344 -58.51 73.71 0.89
CA SER A 344 -59.89 73.23 0.77
C SER A 344 -59.80 71.82 0.21
N VAL A 345 -60.66 70.94 0.70
CA VAL A 345 -60.64 69.54 0.30
C VAL A 345 -62.05 69.03 -0.07
N VAL A 346 -62.09 68.06 -0.98
CA VAL A 346 -63.34 67.44 -1.39
C VAL A 346 -63.02 65.98 -1.11
N TYR A 347 -63.81 65.35 -0.24
CA TYR A 347 -63.57 63.98 0.17
C TYR A 347 -64.10 62.86 -0.70
N THR A 348 -64.24 63.13 -1.98
CA THR A 348 -64.69 62.13 -2.92
C THR A 348 -63.52 61.14 -3.10
N SER A 349 -63.73 60.16 -3.96
CA SER A 349 -62.69 59.19 -4.28
C SER A 349 -62.64 59.21 -5.81
N PRO A 350 -61.58 59.79 -6.38
CA PRO A 350 -60.45 60.40 -5.70
C PRO A 350 -60.75 61.72 -5.00
N GLU A 351 -59.95 62.03 -3.99
CA GLU A 351 -60.09 63.27 -3.24
C GLU A 351 -59.47 64.42 -4.05
N TRP A 352 -59.88 65.63 -3.74
CA TRP A 352 -59.34 66.81 -4.41
C TRP A 352 -58.95 67.74 -3.30
N ALA A 353 -57.82 68.43 -3.48
CA ALA A 353 -57.36 69.37 -2.48
C ALA A 353 -56.57 70.47 -3.19
N GLY A 354 -56.60 71.67 -2.62
CA GLY A 354 -55.88 72.78 -3.22
C GLY A 354 -55.61 73.84 -2.18
N VAL A 355 -54.54 74.60 -2.38
CA VAL A 355 -54.20 75.69 -1.48
C VAL A 355 -53.33 76.67 -2.23
N GLY A 356 -53.53 77.96 -2.01
CA GLY A 356 -52.71 78.93 -2.72
C GLY A 356 -53.34 79.37 -4.03
N LEU A 357 -52.51 79.92 -4.92
CA LEU A 357 -53.00 80.43 -6.18
C LEU A 357 -53.08 79.45 -7.34
N THR A 358 -54.15 79.55 -8.11
CA THR A 358 -54.33 78.72 -9.31
C THR A 358 -53.44 79.38 -10.36
N GLU A 359 -53.26 78.74 -11.51
CA GLU A 359 -52.44 79.32 -12.57
C GLU A 359 -53.01 80.65 -12.99
N GLU A 360 -54.33 80.69 -13.11
CA GLU A 360 -55.03 81.90 -13.54
C GLU A 360 -54.84 83.05 -12.56
N GLU A 361 -55.03 82.78 -11.26
CA GLU A 361 -54.86 83.83 -10.28
C GLU A 361 -53.42 84.34 -10.22
N ALA A 362 -52.46 83.42 -10.33
CA ALA A 362 -51.06 83.80 -10.28
C ALA A 362 -50.66 84.67 -11.48
N LYS A 363 -51.08 84.26 -12.68
CA LYS A 363 -50.77 85.02 -13.89
C LYS A 363 -51.39 86.41 -13.76
N ARG A 364 -52.65 86.45 -13.34
CA ARG A 364 -53.34 87.72 -13.18
C ARG A 364 -52.64 88.62 -12.16
N ALA A 365 -52.03 88.02 -11.13
CA ALA A 365 -51.34 88.81 -10.11
C ALA A 365 -49.97 89.28 -10.59
N GLY A 366 -49.58 88.85 -11.78
CA GLY A 366 -48.31 89.28 -12.34
C GLY A 366 -47.10 88.38 -12.18
N TYR A 367 -47.29 87.14 -11.77
CA TYR A 367 -46.16 86.23 -11.62
C TYR A 367 -45.91 85.55 -12.96
N LYS A 368 -44.65 85.30 -13.30
CA LYS A 368 -44.35 84.57 -14.52
C LYS A 368 -44.56 83.13 -14.08
N VAL A 369 -45.72 82.56 -14.43
CA VAL A 369 -46.07 81.21 -14.00
C VAL A 369 -45.47 80.03 -14.72
N LYS A 370 -45.03 79.06 -13.92
CA LYS A 370 -44.47 77.82 -14.42
C LYS A 370 -45.12 76.73 -13.57
N VAL A 371 -45.43 75.59 -14.18
CA VAL A 371 -46.07 74.51 -13.44
C VAL A 371 -45.33 73.19 -13.57
N GLY A 372 -45.45 72.37 -12.53
CA GLY A 372 -44.83 71.06 -12.52
C GLY A 372 -45.97 70.08 -12.31
N LYS A 373 -45.94 68.93 -12.97
CA LYS A 373 -47.00 67.96 -12.80
C LYS A 373 -46.47 66.56 -12.65
N PHE A 374 -47.16 65.76 -11.84
CA PHE A 374 -46.78 64.36 -11.67
C PHE A 374 -48.06 63.56 -11.65
N PRO A 375 -48.19 62.58 -12.55
CA PRO A 375 -49.38 61.73 -12.63
C PRO A 375 -49.24 60.52 -11.70
N LEU A 376 -50.34 60.11 -11.08
CA LEU A 376 -50.30 58.95 -10.18
C LEU A 376 -50.12 57.64 -10.94
N ALA A 377 -50.27 57.68 -12.25
CA ALA A 377 -50.10 56.47 -13.06
C ALA A 377 -48.62 56.08 -12.97
N ALA A 378 -47.80 57.07 -12.61
CA ALA A 378 -46.36 56.84 -12.47
C ALA A 378 -45.97 56.60 -11.01
N SER A 379 -46.95 56.49 -10.11
CA SER A 379 -46.68 56.30 -8.69
C SER A 379 -46.67 54.84 -8.22
N GLY A 380 -45.52 54.39 -7.72
CA GLY A 380 -45.39 53.03 -7.23
C GLY A 380 -46.38 52.72 -6.12
N ARG A 381 -46.50 53.63 -5.15
CA ARG A 381 -47.41 53.45 -4.04
C ARG A 381 -48.86 53.33 -4.51
N ALA A 382 -49.22 54.16 -5.49
CA ALA A 382 -50.59 54.14 -6.00
C ALA A 382 -50.91 52.78 -6.60
N LEU A 383 -49.90 52.15 -7.19
CA LEU A 383 -50.12 50.85 -7.79
C LEU A 383 -50.34 49.78 -6.72
N THR A 384 -49.54 49.82 -5.65
CA THR A 384 -49.70 48.83 -4.57
C THR A 384 -51.05 49.01 -3.87
N LEU A 385 -51.71 50.13 -4.13
CA LEU A 385 -53.01 50.40 -3.53
C LEU A 385 -54.14 50.08 -4.52
N GLY A 386 -53.76 49.57 -5.69
CA GLY A 386 -54.73 49.26 -6.71
C GLY A 386 -54.66 50.29 -7.83
N GLY A 387 -55.77 50.97 -8.09
CA GLY A 387 -55.80 51.97 -9.16
C GLY A 387 -55.01 53.24 -8.86
N ALA A 388 -54.23 53.68 -9.84
CA ALA A 388 -53.41 54.89 -9.68
C ALA A 388 -54.02 56.08 -10.43
N GLU A 389 -55.19 56.52 -9.99
CA GLU A 389 -55.90 57.64 -10.62
C GLU A 389 -55.68 59.00 -9.96
N GLY A 390 -55.08 59.94 -10.69
CA GLY A 390 -54.85 61.27 -10.13
C GLY A 390 -53.57 61.96 -10.56
N MET A 391 -53.31 63.14 -10.00
CA MET A 391 -52.09 63.89 -10.30
C MET A 391 -51.86 64.99 -9.28
N VAL A 392 -50.64 65.51 -9.26
CA VAL A 392 -50.30 66.61 -8.38
C VAL A 392 -49.77 67.74 -9.27
N LYS A 393 -50.27 68.94 -9.08
CA LYS A 393 -49.78 70.08 -9.83
C LYS A 393 -49.30 71.21 -8.95
N VAL A 394 -48.05 71.62 -9.14
CA VAL A 394 -47.53 72.74 -8.37
C VAL A 394 -47.43 73.96 -9.26
N VAL A 395 -47.77 75.11 -8.71
CA VAL A 395 -47.72 76.38 -9.42
C VAL A 395 -46.66 77.25 -8.74
N GLY A 396 -45.71 77.75 -9.52
CA GLY A 396 -44.67 78.58 -8.93
C GLY A 396 -44.23 79.74 -9.81
N ASP A 397 -43.42 80.61 -9.22
CA ASP A 397 -42.88 81.79 -9.90
C ASP A 397 -41.56 81.36 -10.53
N GLU A 398 -41.51 81.38 -11.86
CA GLU A 398 -40.32 80.97 -12.59
C GLU A 398 -39.10 81.84 -12.29
N GLU A 399 -39.32 83.11 -11.98
CA GLU A 399 -38.21 84.02 -11.69
C GLU A 399 -37.62 83.83 -10.30
N THR A 400 -38.46 83.64 -9.30
CA THR A 400 -37.99 83.48 -7.93
C THR A 400 -37.97 82.05 -7.42
N ASP A 401 -38.56 81.13 -8.18
CA ASP A 401 -38.63 79.71 -7.80
C ASP A 401 -39.58 79.50 -6.60
N LEU A 402 -40.31 80.56 -6.26
CA LEU A 402 -41.23 80.51 -5.13
C LEU A 402 -42.50 79.74 -5.45
N LEU A 403 -42.96 78.92 -4.49
CA LEU A 403 -44.18 78.13 -4.66
C LEU A 403 -45.36 79.07 -4.47
N LEU A 404 -46.33 78.99 -5.37
CA LEU A 404 -47.50 79.85 -5.33
C LEU A 404 -48.79 79.11 -5.02
N GLY A 405 -48.89 77.88 -5.49
CA GLY A 405 -50.10 77.10 -5.26
C GLY A 405 -49.87 75.62 -5.51
N VAL A 406 -50.74 74.79 -4.93
CA VAL A 406 -50.64 73.33 -5.06
C VAL A 406 -52.05 72.74 -5.18
N PHE A 407 -52.23 71.84 -6.15
CA PHE A 407 -53.52 71.22 -6.38
C PHE A 407 -53.30 69.74 -6.57
N ILE A 408 -54.12 68.95 -5.90
CA ILE A 408 -53.98 67.50 -5.95
C ILE A 408 -55.31 66.78 -6.09
N VAL A 409 -55.32 65.75 -6.91
CA VAL A 409 -56.50 64.91 -7.07
C VAL A 409 -55.95 63.49 -6.99
N GLY A 410 -56.50 62.69 -6.08
CA GLY A 410 -56.04 61.32 -5.91
C GLY A 410 -56.32 60.84 -4.50
N PRO A 411 -55.95 59.60 -4.15
CA PRO A 411 -56.23 59.17 -2.79
C PRO A 411 -55.39 59.95 -1.77
N GLN A 412 -56.00 60.26 -0.64
CA GLN A 412 -55.31 60.98 0.43
C GLN A 412 -54.91 62.41 0.06
N ALA A 413 -55.51 62.97 -1.00
CA ALA A 413 -55.19 64.33 -1.40
C ALA A 413 -55.30 65.32 -0.26
N GLY A 414 -56.32 65.11 0.58
CA GLY A 414 -56.56 65.98 1.72
C GLY A 414 -55.46 65.95 2.77
N GLU A 415 -54.77 64.82 2.91
CA GLU A 415 -53.70 64.72 3.89
C GLU A 415 -52.41 65.33 3.34
N LEU A 416 -52.20 65.19 2.03
CA LEU A 416 -51.00 65.71 1.38
C LEU A 416 -51.01 67.22 1.21
N ILE A 417 -52.19 67.83 1.26
CA ILE A 417 -52.29 69.27 1.08
C ILE A 417 -51.75 70.07 2.27
N ALA A 418 -51.68 69.45 3.44
CA ALA A 418 -51.18 70.12 4.64
C ALA A 418 -49.70 70.46 4.44
N GLU A 419 -48.97 69.55 3.80
CA GLU A 419 -47.55 69.76 3.53
C GLU A 419 -47.41 70.98 2.62
N ALA A 420 -48.33 71.12 1.67
CA ALA A 420 -48.31 72.24 0.74
C ALA A 420 -48.60 73.52 1.49
N ALA A 421 -49.58 73.47 2.39
CA ALA A 421 -49.93 74.66 3.16
C ALA A 421 -48.74 75.09 3.99
N LEU A 422 -48.06 74.14 4.62
CA LEU A 422 -46.89 74.47 5.45
C LEU A 422 -45.81 75.08 4.56
N ALA A 423 -45.66 74.51 3.36
CA ALA A 423 -44.67 74.99 2.41
C ALA A 423 -44.93 76.47 2.12
N LEU A 424 -46.18 76.80 1.84
CA LEU A 424 -46.55 78.17 1.55
C LEU A 424 -46.29 79.09 2.75
N GLU A 425 -46.74 78.67 3.93
CA GLU A 425 -46.55 79.46 5.14
C GLU A 425 -45.08 79.75 5.41
N MET A 426 -44.21 78.83 5.05
CA MET A 426 -42.78 78.98 5.27
C MET A 426 -42.02 79.66 4.13
N GLY A 427 -42.74 80.07 3.09
CA GLY A 427 -42.11 80.73 1.94
C GLY A 427 -41.22 79.79 1.14
N ALA A 428 -41.58 78.53 1.08
CA ALA A 428 -40.80 77.53 0.38
C ALA A 428 -40.71 77.77 -1.13
N THR A 429 -39.62 77.30 -1.73
CA THR A 429 -39.42 77.42 -3.16
C THR A 429 -39.68 76.02 -3.71
N LEU A 430 -39.77 75.88 -5.02
CA LEU A 430 -40.00 74.56 -5.60
C LEU A 430 -38.80 73.66 -5.31
N THR A 431 -37.63 74.28 -5.12
CA THR A 431 -36.41 73.54 -4.82
C THR A 431 -36.43 72.95 -3.41
N ASP A 432 -37.00 73.68 -2.44
CA ASP A 432 -37.10 73.20 -1.07
C ASP A 432 -38.02 71.98 -1.06
N LEU A 433 -39.11 72.08 -1.82
CA LEU A 433 -40.08 70.99 -1.91
C LEU A 433 -39.38 69.75 -2.46
N ALA A 434 -38.59 69.97 -3.52
CA ALA A 434 -37.85 68.89 -4.15
C ALA A 434 -36.71 68.34 -3.30
N LEU A 435 -36.08 69.18 -2.48
CA LEU A 435 -34.96 68.72 -1.66
C LEU A 435 -35.38 67.93 -0.44
N THR A 436 -36.66 68.00 -0.10
CA THR A 436 -37.17 67.26 1.04
C THR A 436 -37.29 65.79 0.67
N VAL A 437 -36.59 64.94 1.41
CA VAL A 437 -36.64 63.51 1.12
C VAL A 437 -37.95 62.89 1.62
N HIS A 438 -38.85 62.63 0.68
CA HIS A 438 -40.15 62.03 0.99
C HIS A 438 -40.00 60.51 1.11
N PRO A 439 -40.73 59.89 2.05
CA PRO A 439 -40.65 58.43 2.23
C PRO A 439 -41.05 57.72 0.94
N HIS A 440 -40.40 56.59 0.67
CA HIS A 440 -40.72 55.80 -0.52
C HIS A 440 -41.04 54.38 -0.06
N PRO A 441 -42.16 53.81 -0.52
CA PRO A 441 -43.14 54.40 -1.44
C PRO A 441 -44.34 55.01 -0.73
N THR A 442 -44.65 56.27 -1.06
CA THR A 442 -45.80 56.95 -0.48
C THR A 442 -46.42 57.85 -1.52
N LEU A 443 -47.69 58.21 -1.33
CA LEU A 443 -48.38 59.07 -2.27
C LEU A 443 -47.79 60.47 -2.18
N SER A 444 -47.30 60.84 -1.00
CA SER A 444 -46.72 62.16 -0.80
C SER A 444 -45.54 62.43 -1.74
N GLU A 445 -44.86 61.37 -2.17
CA GLU A 445 -43.74 61.52 -3.09
C GLU A 445 -44.13 62.28 -4.35
N SER A 446 -45.40 62.18 -4.73
CA SER A 446 -45.90 62.85 -5.91
C SER A 446 -45.67 64.36 -5.83
N LEU A 447 -45.70 64.91 -4.61
CA LEU A 447 -45.50 66.33 -4.43
C LEU A 447 -44.02 66.68 -4.71
N MET A 448 -43.13 65.83 -4.21
CA MET A 448 -41.69 66.02 -4.40
C MET A 448 -41.36 65.92 -5.90
N GLU A 449 -41.91 64.91 -6.56
CA GLU A 449 -41.65 64.74 -8.00
C GLU A 449 -42.30 65.83 -8.85
N ALA A 450 -43.39 66.41 -8.37
CA ALA A 450 -44.04 67.48 -9.10
C ALA A 450 -43.10 68.68 -9.06
N ALA A 451 -42.43 68.86 -7.93
CA ALA A 451 -41.47 69.95 -7.77
C ALA A 451 -40.29 69.70 -8.73
N GLU A 452 -39.89 68.45 -8.86
CA GLU A 452 -38.78 68.10 -9.76
C GLU A 452 -39.20 68.32 -11.22
N ALA A 453 -40.45 67.97 -11.55
CA ALA A 453 -40.96 68.18 -12.91
C ALA A 453 -40.94 69.66 -13.27
N PHE A 454 -41.26 70.52 -12.30
CA PHE A 454 -41.28 71.97 -12.50
C PHE A 454 -39.89 72.41 -13.00
N HIS A 455 -38.86 71.64 -12.62
CA HIS A 455 -37.49 71.93 -13.04
C HIS A 455 -37.05 70.93 -14.10
N LYS A 456 -38.02 70.22 -14.67
CA LYS A 456 -37.74 69.24 -15.71
C LYS A 456 -36.70 68.19 -15.34
N GLN A 457 -36.75 67.70 -14.10
CA GLN A 457 -35.79 66.67 -13.73
C GLN A 457 -36.40 65.57 -12.87
N ALA A 458 -37.67 65.30 -13.11
CA ALA A 458 -38.37 64.23 -12.41
C ALA A 458 -37.74 62.91 -12.87
N ILE A 459 -37.72 61.91 -11.99
CA ILE A 459 -37.11 60.64 -12.32
C ILE A 459 -38.07 59.55 -12.80
N HIS A 460 -39.26 59.51 -12.20
CA HIS A 460 -40.22 58.48 -12.57
C HIS A 460 -41.08 58.75 -13.79
N ILE A 461 -40.79 59.85 -14.47
CA ILE A 461 -41.49 60.21 -15.70
C ILE A 461 -40.50 60.93 -16.61
N LEU A 462 -40.77 60.91 -17.90
CA LEU A 462 -39.91 61.59 -18.87
C LEU A 462 -40.19 63.09 -18.87
N ASN A 463 -39.12 63.89 -18.85
CA ASN A 463 -39.25 65.33 -18.84
C ASN A 463 -39.23 65.90 -20.26
N MET B 4 -13.10 48.19 -26.50
CA MET B 4 -13.73 48.46 -25.17
C MET B 4 -14.63 49.68 -25.22
N LYS B 5 -15.94 49.47 -25.12
CA LYS B 5 -16.88 50.59 -25.14
C LYS B 5 -16.62 51.44 -23.91
N THR B 6 -16.71 52.77 -24.08
CA THR B 6 -16.48 53.68 -22.95
C THR B 6 -17.68 54.59 -22.76
N TYR B 7 -17.80 55.14 -21.55
CA TYR B 7 -18.91 56.02 -21.21
C TYR B 7 -18.42 57.09 -20.24
N ASP B 8 -19.30 58.03 -19.91
CA ASP B 8 -18.97 59.08 -18.97
C ASP B 8 -19.10 58.50 -17.57
N LEU B 9 -20.07 57.60 -17.44
CA LEU B 9 -20.35 56.97 -16.15
C LEU B 9 -20.90 55.57 -16.31
N ILE B 10 -20.54 54.70 -15.39
CA ILE B 10 -21.04 53.34 -15.39
C ILE B 10 -21.67 53.16 -14.02
N VAL B 11 -22.87 52.61 -13.99
CA VAL B 11 -23.56 52.38 -12.73
C VAL B 11 -23.76 50.89 -12.55
N ILE B 12 -23.36 50.38 -11.39
CA ILE B 12 -23.52 48.96 -11.10
C ILE B 12 -24.74 48.81 -10.19
N GLY B 13 -25.82 48.28 -10.77
CA GLY B 13 -27.06 48.08 -10.05
C GLY B 13 -28.15 49.03 -10.51
N THR B 14 -29.33 48.50 -10.79
CA THR B 14 -30.46 49.32 -11.22
C THR B 14 -31.55 49.36 -10.16
N GLY B 15 -31.12 49.40 -8.89
CA GLY B 15 -32.09 49.48 -7.81
C GLY B 15 -32.45 50.94 -7.63
N PRO B 16 -33.29 51.28 -6.65
CA PRO B 16 -33.68 52.67 -6.41
C PRO B 16 -32.50 53.64 -6.55
N GLY B 17 -31.41 53.35 -5.84
CA GLY B 17 -30.24 54.20 -5.92
C GLY B 17 -29.62 54.24 -7.31
N GLY B 18 -29.43 53.06 -7.89
CA GLY B 18 -28.83 52.96 -9.21
C GLY B 18 -29.57 53.61 -10.37
N TYR B 19 -30.84 53.29 -10.56
CA TYR B 19 -31.58 53.87 -11.67
C TYR B 19 -31.86 55.36 -11.48
N HIS B 20 -31.67 55.85 -10.25
CA HIS B 20 -31.85 57.27 -10.00
C HIS B 20 -30.55 57.99 -10.41
N ALA B 21 -29.42 57.36 -10.12
CA ALA B 21 -28.12 57.92 -10.46
C ALA B 21 -27.96 57.91 -11.98
N ALA B 22 -28.37 56.81 -12.61
CA ALA B 22 -28.27 56.67 -14.06
C ALA B 22 -29.13 57.69 -14.78
N ILE B 23 -30.39 57.81 -14.38
CA ILE B 23 -31.32 58.75 -15.01
C ILE B 23 -30.93 60.21 -14.77
N ARG B 24 -30.55 60.54 -13.54
CA ARG B 24 -30.16 61.92 -13.24
C ARG B 24 -28.88 62.28 -14.01
N ALA B 25 -27.99 61.30 -14.17
CA ALA B 25 -26.75 61.50 -14.91
C ALA B 25 -27.06 61.79 -16.37
N ALA B 26 -28.01 61.04 -16.92
CA ALA B 26 -28.43 61.22 -18.30
C ALA B 26 -29.00 62.62 -18.49
N GLN B 27 -29.82 63.05 -17.55
CA GLN B 27 -30.43 64.39 -17.65
C GLN B 27 -29.34 65.45 -17.64
N LEU B 28 -28.19 65.11 -17.05
CA LEU B 28 -27.10 66.06 -16.97
C LEU B 28 -26.16 66.02 -18.19
N GLY B 29 -26.53 65.23 -19.19
CA GLY B 29 -25.73 65.15 -20.40
C GLY B 29 -24.64 64.10 -20.46
N LEU B 30 -24.60 63.17 -19.51
CA LEU B 30 -23.57 62.14 -19.55
C LEU B 30 -24.04 60.90 -20.30
N LYS B 31 -23.09 60.20 -20.92
CA LYS B 31 -23.40 58.96 -21.65
C LYS B 31 -23.30 57.91 -20.55
N VAL B 32 -24.41 57.25 -20.25
CA VAL B 32 -24.44 56.28 -19.17
C VAL B 32 -24.68 54.80 -19.50
N LEU B 33 -23.96 53.95 -18.79
CA LEU B 33 -24.08 52.51 -18.90
C LEU B 33 -24.57 52.00 -17.54
N ALA B 34 -25.64 51.22 -17.54
CA ALA B 34 -26.20 50.67 -16.31
C ALA B 34 -26.16 49.14 -16.36
N VAL B 35 -25.52 48.53 -15.35
CA VAL B 35 -25.38 47.08 -15.31
C VAL B 35 -26.31 46.46 -14.26
N GLU B 36 -26.97 45.37 -14.63
CA GLU B 36 -27.89 44.70 -13.73
C GLU B 36 -27.77 43.18 -13.81
N ALA B 37 -27.28 42.57 -12.73
CA ALA B 37 -27.08 41.12 -12.67
C ALA B 37 -28.38 40.33 -12.52
N GLY B 38 -29.42 40.97 -11.98
CA GLY B 38 -30.67 40.26 -11.79
C GLY B 38 -31.85 40.97 -12.44
N GLU B 39 -32.86 41.26 -11.63
CA GLU B 39 -34.06 41.93 -12.11
C GLU B 39 -33.93 43.44 -12.02
N VAL B 40 -34.37 44.13 -13.06
CA VAL B 40 -34.33 45.58 -13.10
C VAL B 40 -35.24 46.12 -12.01
N GLY B 41 -34.75 47.07 -11.24
CA GLY B 41 -35.55 47.65 -10.17
C GLY B 41 -35.02 47.34 -8.79
N GLY B 42 -34.12 46.36 -8.71
CA GLY B 42 -33.54 46.00 -7.43
C GLY B 42 -34.49 45.36 -6.43
N VAL B 43 -34.07 45.36 -5.18
CA VAL B 43 -34.85 44.79 -4.08
C VAL B 43 -36.20 45.46 -3.86
N CYS B 44 -36.19 46.78 -3.69
CA CYS B 44 -37.41 47.53 -3.43
C CYS B 44 -38.57 47.14 -4.34
N LEU B 45 -38.36 47.25 -5.65
CA LEU B 45 -39.41 46.91 -6.60
C LEU B 45 -39.69 45.42 -6.78
N ASN B 46 -38.67 44.58 -6.64
CA ASN B 46 -38.86 43.13 -6.84
C ASN B 46 -39.21 42.26 -5.64
N VAL B 47 -38.42 42.34 -4.57
CA VAL B 47 -38.66 41.52 -3.39
C VAL B 47 -38.66 42.33 -2.10
N GLY B 48 -38.90 43.63 -2.20
CA GLY B 48 -38.89 44.45 -1.01
C GLY B 48 -40.12 45.32 -0.84
N CYS B 49 -39.90 46.62 -0.89
CA CYS B 49 -40.96 47.61 -0.75
C CYS B 49 -42.28 47.27 -1.43
N ILE B 50 -42.23 47.23 -2.76
CA ILE B 50 -43.42 47.00 -3.57
C ILE B 50 -44.25 45.76 -3.30
N PRO B 51 -43.68 44.56 -3.43
CA PRO B 51 -44.53 43.38 -3.17
C PRO B 51 -45.01 43.36 -1.72
N THR B 52 -44.20 43.86 -0.81
CA THR B 52 -44.58 43.90 0.60
C THR B 52 -45.75 44.86 0.83
N LYS B 53 -45.69 46.05 0.22
CA LYS B 53 -46.77 47.01 0.39
C LYS B 53 -48.06 46.49 -0.24
N ALA B 54 -47.93 45.74 -1.33
CA ALA B 54 -49.09 45.18 -2.02
C ALA B 54 -49.79 44.15 -1.14
N LEU B 55 -49.01 43.26 -0.54
CA LEU B 55 -49.59 42.24 0.33
C LEU B 55 -50.27 42.91 1.52
N LEU B 56 -49.63 43.94 2.07
CA LEU B 56 -50.18 44.69 3.20
C LEU B 56 -51.51 45.34 2.84
N HIS B 57 -51.62 45.87 1.63
CA HIS B 57 -52.86 46.51 1.23
C HIS B 57 -53.99 45.50 1.15
N ALA B 58 -53.70 44.33 0.58
CA ALA B 58 -54.72 43.28 0.46
C ALA B 58 -55.14 42.83 1.87
N ALA B 59 -54.14 42.55 2.71
CA ALA B 59 -54.38 42.13 4.09
C ALA B 59 -55.22 43.15 4.84
N GLU B 60 -54.92 44.43 4.64
CA GLU B 60 -55.64 45.53 5.28
C GLU B 60 -57.09 45.62 4.75
N THR B 61 -57.28 45.40 3.45
CA THR B 61 -58.61 45.47 2.86
C THR B 61 -59.46 44.36 3.48
N LEU B 62 -58.87 43.18 3.62
CA LEU B 62 -59.55 42.05 4.22
C LEU B 62 -59.84 42.35 5.70
N HIS B 63 -58.82 42.76 6.44
CA HIS B 63 -58.98 43.04 7.87
C HIS B 63 -60.04 44.08 8.23
N HIS B 64 -60.05 45.19 7.52
CA HIS B 64 -61.00 46.27 7.80
C HIS B 64 -62.45 45.85 7.66
N LEU B 65 -62.71 44.75 6.95
CA LEU B 65 -64.09 44.30 6.78
C LEU B 65 -64.73 43.92 8.11
N LYS B 66 -63.92 43.55 9.10
CA LYS B 66 -64.45 43.19 10.41
C LYS B 66 -65.08 44.44 11.05
N VAL B 67 -64.30 45.51 11.13
CA VAL B 67 -64.79 46.76 11.68
C VAL B 67 -65.93 47.27 10.83
N ALA B 68 -65.84 47.06 9.52
CA ALA B 68 -66.88 47.50 8.60
C ALA B 68 -68.25 46.94 8.97
N GLU B 69 -68.29 45.75 9.57
CA GLU B 69 -69.55 45.15 10.01
C GLU B 69 -70.25 46.13 10.94
N GLY B 70 -69.47 46.95 11.64
CA GLY B 70 -70.02 47.92 12.55
C GLY B 70 -70.89 48.97 11.89
N PHE B 71 -70.68 49.25 10.60
CA PHE B 71 -71.53 50.22 9.94
C PHE B 71 -72.42 49.60 8.87
N GLY B 72 -72.83 48.37 9.12
CA GLY B 72 -73.72 47.67 8.21
C GLY B 72 -73.13 46.91 7.04
N LEU B 73 -71.80 46.91 6.88
CA LEU B 73 -71.22 46.19 5.77
C LEU B 73 -71.10 44.71 6.10
N LYS B 74 -72.04 43.93 5.60
CA LYS B 74 -72.03 42.49 5.82
C LYS B 74 -71.42 41.85 4.59
N ALA B 75 -70.52 40.90 4.81
CA ALA B 75 -69.87 40.21 3.71
C ALA B 75 -69.17 38.97 4.25
N LYS B 76 -68.96 37.99 3.39
CA LYS B 76 -68.28 36.76 3.79
C LYS B 76 -67.07 36.66 2.88
N PRO B 77 -66.04 37.47 3.15
CA PRO B 77 -64.79 37.50 2.38
C PRO B 77 -64.04 36.18 2.32
N GLU B 78 -63.51 35.89 1.13
CA GLU B 78 -62.74 34.68 0.88
C GLU B 78 -61.55 35.11 0.00
N LEU B 79 -60.38 35.21 0.61
CA LEU B 79 -59.19 35.63 -0.11
C LEU B 79 -58.45 34.48 -0.80
N ASP B 80 -58.37 34.56 -2.12
CA ASP B 80 -57.69 33.55 -2.94
C ASP B 80 -56.20 33.91 -2.98
N LEU B 81 -55.37 33.17 -2.23
CA LEU B 81 -53.94 33.45 -2.18
C LEU B 81 -53.21 33.34 -3.51
N LYS B 82 -53.61 32.41 -4.36
CA LYS B 82 -52.96 32.25 -5.66
C LYS B 82 -53.20 33.52 -6.49
N LYS B 83 -54.40 34.07 -6.37
CA LYS B 83 -54.78 35.29 -7.10
C LYS B 83 -54.01 36.49 -6.56
N LEU B 84 -53.89 36.57 -5.24
CA LEU B 84 -53.18 37.66 -4.60
C LEU B 84 -51.73 37.63 -5.07
N GLY B 85 -51.16 36.42 -5.15
CA GLY B 85 -49.79 36.28 -5.59
C GLY B 85 -49.65 36.76 -7.03
N GLY B 86 -50.68 36.47 -7.83
CA GLY B 86 -50.67 36.90 -9.22
C GLY B 86 -50.66 38.41 -9.31
N TRP B 87 -51.54 39.05 -8.56
CA TRP B 87 -51.61 40.52 -8.53
C TRP B 87 -50.27 41.10 -8.10
N ARG B 88 -49.74 40.60 -6.98
CA ARG B 88 -48.47 41.06 -6.46
C ARG B 88 -47.42 41.03 -7.57
N ASP B 89 -47.41 39.95 -8.34
CA ASP B 89 -46.47 39.79 -9.44
C ASP B 89 -46.76 40.79 -10.57
N GLN B 90 -48.04 41.01 -10.86
CA GLN B 90 -48.43 41.95 -11.91
C GLN B 90 -47.96 43.36 -11.55
N VAL B 91 -48.07 43.71 -10.27
CA VAL B 91 -47.65 45.02 -9.81
C VAL B 91 -46.14 45.21 -10.00
N VAL B 92 -45.38 44.20 -9.60
CA VAL B 92 -43.93 44.24 -9.74
C VAL B 92 -43.51 44.35 -11.20
N LYS B 93 -44.14 43.53 -12.05
CA LYS B 93 -43.82 43.53 -13.47
C LYS B 93 -44.04 44.91 -14.06
N LYS B 94 -45.15 45.55 -13.70
CA LYS B 94 -45.44 46.90 -14.21
C LYS B 94 -44.34 47.88 -13.85
N LEU B 95 -44.05 47.96 -12.55
CA LEU B 95 -43.03 48.87 -12.05
C LEU B 95 -41.62 48.59 -12.53
N THR B 96 -41.21 47.33 -12.57
CA THR B 96 -39.87 47.02 -13.04
C THR B 96 -39.79 47.30 -14.54
N GLY B 97 -40.86 46.99 -15.26
CA GLY B 97 -40.90 47.25 -16.68
C GLY B 97 -40.85 48.76 -16.88
N GLY B 98 -41.52 49.49 -16.00
CA GLY B 98 -41.53 50.94 -16.10
C GLY B 98 -40.11 51.51 -16.02
N VAL B 99 -39.32 51.01 -15.08
CA VAL B 99 -37.95 51.48 -14.95
C VAL B 99 -37.18 51.22 -16.24
N GLY B 100 -37.38 50.05 -16.82
CA GLY B 100 -36.70 49.74 -18.07
C GLY B 100 -37.03 50.81 -19.09
N THR B 101 -38.33 51.07 -19.23
CA THR B 101 -38.80 52.08 -20.16
C THR B 101 -38.17 53.44 -19.83
N LEU B 102 -38.14 53.77 -18.54
CA LEU B 102 -37.58 55.02 -18.07
C LEU B 102 -36.10 55.17 -18.42
N LEU B 103 -35.33 54.10 -18.21
CA LEU B 103 -33.90 54.11 -18.50
C LEU B 103 -33.65 54.32 -19.99
N LYS B 104 -34.46 53.64 -20.80
CA LYS B 104 -34.36 53.70 -22.24
C LYS B 104 -34.74 55.12 -22.73
N GLY B 105 -35.78 55.69 -22.13
CA GLY B 105 -36.21 57.02 -22.51
C GLY B 105 -35.24 58.14 -22.21
N ASN B 106 -34.25 57.85 -21.37
CA ASN B 106 -33.24 58.84 -21.01
C ASN B 106 -31.91 58.57 -21.71
N GLY B 107 -31.91 57.58 -22.59
CA GLY B 107 -30.71 57.24 -23.34
C GLY B 107 -29.65 56.52 -22.52
N VAL B 108 -30.09 55.76 -21.52
CA VAL B 108 -29.16 55.01 -20.71
C VAL B 108 -29.00 53.63 -21.31
N GLU B 109 -27.77 53.11 -21.31
CA GLU B 109 -27.57 51.78 -21.86
C GLU B 109 -27.65 50.75 -20.74
N LEU B 110 -28.58 49.82 -20.90
CA LEU B 110 -28.81 48.75 -19.93
C LEU B 110 -28.09 47.47 -20.32
N LEU B 111 -27.19 47.01 -19.46
CA LEU B 111 -26.45 45.78 -19.72
C LEU B 111 -26.79 44.75 -18.65
N ARG B 112 -27.23 43.56 -19.08
CA ARG B 112 -27.60 42.50 -18.15
C ARG B 112 -26.39 41.59 -17.87
N GLY B 113 -26.09 41.39 -16.59
CA GLY B 113 -24.97 40.54 -16.19
C GLY B 113 -24.30 41.02 -14.93
N PHE B 114 -23.51 40.13 -14.31
CA PHE B 114 -22.80 40.46 -13.08
C PHE B 114 -21.54 41.25 -13.42
N ALA B 115 -21.35 42.38 -12.74
CA ALA B 115 -20.20 43.23 -12.99
C ALA B 115 -19.14 43.15 -11.92
N ARG B 116 -17.88 42.96 -12.34
CA ARG B 116 -16.77 42.90 -11.42
C ARG B 116 -15.97 44.19 -11.66
N LEU B 117 -15.40 44.74 -10.60
CA LEU B 117 -14.62 45.97 -10.71
C LEU B 117 -13.17 45.67 -11.09
N VAL B 118 -12.86 45.77 -12.38
CA VAL B 118 -11.51 45.50 -12.88
C VAL B 118 -10.52 46.55 -12.36
N GLY B 119 -11.01 47.76 -12.17
CA GLY B 119 -10.18 48.84 -11.67
C GLY B 119 -11.01 50.10 -11.55
N PRO B 120 -10.44 51.19 -11.01
CA PRO B 120 -11.16 52.45 -10.85
C PRO B 120 -12.06 52.86 -12.01
N LYS B 121 -11.50 52.89 -13.21
CA LYS B 121 -12.27 53.29 -14.38
C LYS B 121 -12.67 52.13 -15.29
N GLU B 122 -12.55 50.90 -14.82
CA GLU B 122 -12.92 49.77 -15.65
C GLU B 122 -13.74 48.69 -14.94
N VAL B 123 -14.56 47.99 -15.70
CA VAL B 123 -15.43 46.95 -15.18
C VAL B 123 -15.63 45.82 -16.21
N GLU B 124 -15.75 44.60 -15.73
CA GLU B 124 -15.97 43.46 -16.61
C GLU B 124 -17.33 42.81 -16.42
N VAL B 125 -17.99 42.50 -17.52
CA VAL B 125 -19.30 41.86 -17.48
C VAL B 125 -19.41 40.84 -18.61
N GLY B 126 -19.66 39.59 -18.24
CA GLY B 126 -19.79 38.53 -19.23
C GLY B 126 -18.55 38.35 -20.10
N GLY B 127 -17.38 38.74 -19.57
CA GLY B 127 -16.15 38.61 -20.32
C GLY B 127 -15.64 39.94 -20.85
N GLU B 128 -16.56 40.75 -21.39
CA GLU B 128 -16.26 42.06 -21.96
C GLU B 128 -15.81 43.09 -20.92
N ARG B 129 -15.04 44.08 -21.37
CA ARG B 129 -14.56 45.13 -20.48
C ARG B 129 -15.26 46.45 -20.86
N TYR B 130 -15.40 47.35 -19.90
CA TYR B 130 -16.04 48.64 -20.13
C TYR B 130 -15.38 49.72 -19.29
N GLY B 131 -15.18 50.90 -19.88
CA GLY B 131 -14.54 51.97 -19.15
C GLY B 131 -15.37 53.24 -19.04
N ALA B 132 -15.03 54.09 -18.09
CA ALA B 132 -15.73 55.36 -17.86
C ALA B 132 -14.96 56.20 -16.85
N LYS B 133 -15.13 57.51 -16.94
CA LYS B 133 -14.44 58.43 -16.03
C LYS B 133 -14.97 58.33 -14.61
N SER B 134 -16.23 57.95 -14.48
CA SER B 134 -16.86 57.83 -13.18
C SER B 134 -17.62 56.52 -13.01
N LEU B 135 -17.52 55.96 -11.82
CA LEU B 135 -18.21 54.71 -11.49
C LEU B 135 -19.03 54.91 -10.23
N ILE B 136 -20.27 54.45 -10.25
CA ILE B 136 -21.13 54.55 -9.09
C ILE B 136 -21.49 53.14 -8.66
N LEU B 137 -21.13 52.80 -7.43
CA LEU B 137 -21.43 51.47 -6.91
C LEU B 137 -22.75 51.54 -6.16
N ALA B 138 -23.71 50.75 -6.62
CA ALA B 138 -25.06 50.69 -6.03
C ALA B 138 -25.52 49.25 -6.06
N THR B 139 -24.77 48.37 -5.41
CA THR B 139 -25.09 46.96 -5.42
C THR B 139 -26.08 46.43 -4.40
N GLY B 140 -26.62 47.31 -3.56
CA GLY B 140 -27.61 46.90 -2.57
C GLY B 140 -27.15 45.98 -1.46
N SER B 141 -28.11 45.27 -0.87
CA SER B 141 -27.82 44.34 0.21
C SER B 141 -28.63 43.07 0.05
N GLU B 142 -28.47 42.15 1.01
CA GLU B 142 -29.17 40.89 0.98
C GLU B 142 -29.50 40.52 2.42
N PRO B 143 -30.43 39.56 2.62
CA PRO B 143 -30.82 39.14 3.97
C PRO B 143 -29.66 38.72 4.85
N LEU B 144 -29.63 39.23 6.07
CA LEU B 144 -28.57 38.88 7.01
C LEU B 144 -28.88 37.55 7.69
N GLU B 145 -27.97 36.59 7.57
CA GLU B 145 -28.16 35.27 8.18
C GLU B 145 -28.08 35.38 9.70
N LEU B 146 -28.73 34.44 10.40
CA LEU B 146 -28.73 34.42 11.87
C LEU B 146 -28.12 33.11 12.37
N LYS B 147 -27.18 33.21 13.32
CA LYS B 147 -26.53 32.02 13.87
C LYS B 147 -27.55 31.07 14.48
N GLY B 148 -27.52 29.81 14.06
CA GLY B 148 -28.44 28.83 14.57
C GLY B 148 -29.71 28.71 13.75
N PHE B 149 -29.94 29.66 12.85
CA PHE B 149 -31.13 29.63 12.01
C PHE B 149 -30.76 29.85 10.54
N PRO B 150 -29.91 28.96 9.99
CA PRO B 150 -29.52 29.12 8.58
C PRO B 150 -30.72 29.02 7.66
N PHE B 151 -30.71 29.82 6.59
CA PHE B 151 -31.80 29.82 5.64
C PHE B 151 -31.95 28.46 4.95
N GLY B 152 -33.19 28.00 4.87
CA GLY B 152 -33.46 26.71 4.26
C GLY B 152 -34.94 26.54 4.02
N GLU B 153 -35.39 25.29 3.90
CA GLU B 153 -36.81 25.03 3.65
C GLU B 153 -37.73 25.49 4.78
N ASP B 154 -37.26 25.40 6.02
CA ASP B 154 -38.09 25.80 7.15
C ASP B 154 -37.70 27.15 7.75
N VAL B 155 -36.62 27.75 7.26
CA VAL B 155 -36.18 29.04 7.75
C VAL B 155 -36.15 30.00 6.57
N TRP B 156 -37.15 30.88 6.52
CA TRP B 156 -37.26 31.82 5.41
C TRP B 156 -36.62 33.18 5.60
N ASP B 157 -36.29 33.80 4.46
CA ASP B 157 -35.79 35.16 4.46
C ASP B 157 -36.99 35.89 3.90
N SER B 158 -36.96 37.22 3.89
CA SER B 158 -38.08 38.02 3.41
C SER B 158 -38.55 37.64 2.01
N THR B 159 -37.61 37.34 1.11
CA THR B 159 -37.98 36.97 -0.25
C THR B 159 -38.95 35.78 -0.29
N ARG B 160 -38.60 34.69 0.37
CA ARG B 160 -39.48 33.52 0.38
C ARG B 160 -40.82 33.84 1.08
N ALA B 161 -40.75 34.64 2.13
CA ALA B 161 -41.96 34.99 2.87
C ALA B 161 -43.00 35.72 2.03
N LEU B 162 -42.56 36.35 0.95
CA LEU B 162 -43.47 37.08 0.07
C LEU B 162 -44.40 36.16 -0.73
N LYS B 163 -43.96 34.93 -0.97
CA LYS B 163 -44.76 33.99 -1.75
C LYS B 163 -45.84 33.30 -0.92
N VAL B 164 -46.81 34.07 -0.44
CA VAL B 164 -47.90 33.54 0.37
C VAL B 164 -48.73 32.46 -0.34
N GLU B 165 -48.62 32.37 -1.66
CA GLU B 165 -49.40 31.37 -2.40
C GLU B 165 -48.79 29.97 -2.35
N GLU B 166 -47.53 29.88 -1.90
CA GLU B 166 -46.86 28.61 -1.82
C GLU B 166 -47.03 27.88 -0.49
N GLY B 167 -48.05 28.24 0.26
CA GLY B 167 -48.29 27.55 1.53
C GLY B 167 -48.19 28.37 2.80
N LEU B 168 -49.34 28.74 3.36
CA LEU B 168 -49.38 29.51 4.58
C LEU B 168 -49.14 28.57 5.76
N PRO B 169 -48.13 28.86 6.59
CA PRO B 169 -47.87 27.99 7.74
C PRO B 169 -48.88 28.26 8.84
N LYS B 170 -49.26 27.23 9.58
CA LYS B 170 -50.20 27.39 10.67
C LYS B 170 -49.60 28.27 11.76
N ARG B 171 -48.31 28.09 12.00
CA ARG B 171 -47.64 28.85 13.05
C ARG B 171 -46.32 29.40 12.53
N LEU B 172 -46.12 30.69 12.72
CA LEU B 172 -44.89 31.35 12.27
C LEU B 172 -44.13 32.06 13.37
N LEU B 173 -42.81 31.94 13.33
CA LEU B 173 -41.96 32.64 14.30
C LEU B 173 -41.21 33.69 13.51
N VAL B 174 -41.33 34.93 13.91
CA VAL B 174 -40.64 36.01 13.26
C VAL B 174 -39.51 36.53 14.15
N ILE B 175 -38.27 36.48 13.66
CA ILE B 175 -37.14 36.97 14.44
C ILE B 175 -36.71 38.30 13.86
N GLY B 176 -36.92 39.36 14.63
CA GLY B 176 -36.57 40.70 14.19
C GLY B 176 -37.73 41.66 14.37
N GLY B 177 -37.54 42.66 15.22
CA GLY B 177 -38.58 43.65 15.48
C GLY B 177 -38.39 44.95 14.70
N GLY B 178 -37.91 44.81 13.47
CA GLY B 178 -37.73 45.97 12.62
C GLY B 178 -38.85 46.02 11.60
N ALA B 179 -38.77 46.97 10.69
CA ALA B 179 -39.79 47.15 9.66
C ALA B 179 -40.19 45.89 8.90
N VAL B 180 -39.20 45.14 8.43
CA VAL B 180 -39.47 43.92 7.65
C VAL B 180 -40.21 42.86 8.49
N GLY B 181 -39.70 42.58 9.68
CA GLY B 181 -40.33 41.59 10.53
C GLY B 181 -41.76 41.95 10.91
N LEU B 182 -41.98 43.20 11.29
CA LEU B 182 -43.31 43.66 11.69
C LEU B 182 -44.31 43.59 10.52
N GLU B 183 -43.91 44.06 9.36
CA GLU B 183 -44.79 44.04 8.19
C GLU B 183 -45.18 42.62 7.75
N LEU B 184 -44.20 41.75 7.57
CA LEU B 184 -44.50 40.38 7.16
C LEU B 184 -45.25 39.61 8.22
N GLY B 185 -44.91 39.87 9.49
CA GLY B 185 -45.60 39.21 10.58
C GLY B 185 -47.08 39.54 10.54
N GLN B 186 -47.41 40.81 10.34
CA GLN B 186 -48.80 41.23 10.29
C GLN B 186 -49.51 40.67 9.07
N VAL B 187 -48.80 40.57 7.94
CA VAL B 187 -49.43 40.02 6.74
C VAL B 187 -49.85 38.59 7.03
N TYR B 188 -48.93 37.81 7.57
CA TYR B 188 -49.23 36.42 7.87
C TYR B 188 -50.35 36.26 8.89
N ARG B 189 -50.36 37.12 9.90
CA ARG B 189 -51.39 37.05 10.93
C ARG B 189 -52.77 37.28 10.29
N ARG B 190 -52.85 38.33 9.46
CA ARG B 190 -54.10 38.68 8.81
C ARG B 190 -54.52 37.64 7.78
N LEU B 191 -53.57 36.84 7.30
CA LEU B 191 -53.90 35.81 6.35
C LEU B 191 -54.33 34.54 7.10
N GLY B 192 -54.32 34.59 8.44
CA GLY B 192 -54.76 33.45 9.22
C GLY B 192 -53.77 32.60 10.01
N ALA B 193 -52.49 32.90 9.94
CA ALA B 193 -51.54 32.10 10.69
C ALA B 193 -51.33 32.65 12.09
N GLU B 194 -50.89 31.81 13.02
CA GLU B 194 -50.60 32.29 14.36
C GLU B 194 -49.19 32.87 14.21
N VAL B 195 -48.93 34.01 14.85
CA VAL B 195 -47.63 34.65 14.72
C VAL B 195 -47.01 35.14 16.01
N THR B 196 -45.75 34.76 16.22
CA THR B 196 -45.02 35.23 17.38
C THR B 196 -43.81 35.94 16.81
N LEU B 197 -43.51 37.12 17.35
CA LEU B 197 -42.37 37.89 16.90
C LEU B 197 -41.48 38.20 18.09
N ILE B 198 -40.18 38.00 17.95
CA ILE B 198 -39.29 38.30 19.06
C ILE B 198 -38.26 39.36 18.65
N GLU B 199 -37.89 40.18 19.62
CA GLU B 199 -36.93 41.25 19.41
C GLU B 199 -35.94 41.26 20.56
N TYR B 200 -34.66 41.27 20.22
CA TYR B 200 -33.59 41.27 21.19
C TYR B 200 -33.51 42.55 22.04
N MET B 201 -33.73 43.70 21.41
CA MET B 201 -33.68 44.98 22.13
C MET B 201 -34.92 45.15 23.03
N PRO B 202 -34.90 46.15 23.93
CA PRO B 202 -36.03 46.40 24.83
C PRO B 202 -37.36 46.74 24.15
N GLU B 203 -37.31 47.26 22.94
CA GLU B 203 -38.53 47.63 22.25
C GLU B 203 -38.34 47.37 20.76
N ILE B 204 -39.44 47.18 20.03
CA ILE B 204 -39.34 46.97 18.59
C ILE B 204 -38.95 48.32 18.00
N LEU B 205 -38.52 48.34 16.74
CA LEU B 205 -38.09 49.60 16.12
C LEU B 205 -37.09 50.28 17.06
N PRO B 206 -36.07 49.52 17.51
CA PRO B 206 -35.04 50.03 18.42
C PRO B 206 -34.48 51.41 18.14
N GLN B 207 -34.39 51.78 16.86
CA GLN B 207 -33.85 53.07 16.52
C GLN B 207 -34.84 54.22 16.62
N GLY B 208 -36.14 53.90 16.59
CA GLY B 208 -37.15 54.94 16.65
C GLY B 208 -37.68 55.24 18.03
N ASP B 209 -38.51 56.28 18.12
CA ASP B 209 -39.12 56.70 19.38
C ASP B 209 -39.82 55.51 20.07
N PRO B 210 -39.43 55.19 21.32
CA PRO B 210 -40.00 54.08 22.11
C PRO B 210 -41.48 54.18 22.42
N GLU B 211 -41.98 55.38 22.69
CA GLU B 211 -43.39 55.58 23.03
C GLU B 211 -44.34 55.21 21.89
N THR B 212 -44.11 55.77 20.71
CA THR B 212 -44.97 55.45 19.57
C THR B 212 -44.73 54.00 19.13
N ALA B 213 -43.49 53.52 19.24
CA ALA B 213 -43.18 52.14 18.88
C ALA B 213 -43.91 51.16 19.80
N ALA B 214 -44.10 51.55 21.06
CA ALA B 214 -44.79 50.70 22.02
C ALA B 214 -46.26 50.64 21.64
N LEU B 215 -46.81 51.76 21.18
CA LEU B 215 -48.20 51.80 20.79
C LEU B 215 -48.43 50.87 19.59
N LEU B 216 -47.46 50.79 18.69
CA LEU B 216 -47.58 49.91 17.54
C LEU B 216 -47.59 48.46 18.04
N ARG B 217 -46.66 48.13 18.92
CA ARG B 217 -46.56 46.77 19.48
C ARG B 217 -47.86 46.33 20.13
N ARG B 218 -48.42 47.18 20.99
CA ARG B 218 -49.66 46.86 21.67
C ARG B 218 -50.80 46.72 20.66
N ALA B 219 -50.76 47.47 19.57
CA ALA B 219 -51.80 47.37 18.56
C ALA B 219 -51.66 46.04 17.83
N LEU B 220 -50.41 45.63 17.58
CA LEU B 220 -50.16 44.37 16.91
C LEU B 220 -50.63 43.20 17.79
N GLU B 221 -50.36 43.31 19.09
CA GLU B 221 -50.77 42.26 20.03
C GLU B 221 -52.29 42.15 20.14
N LYS B 222 -53.01 43.24 19.92
CA LYS B 222 -54.45 43.19 19.99
C LYS B 222 -54.96 42.29 18.86
N GLU B 223 -54.17 42.18 17.79
CA GLU B 223 -54.53 41.32 16.66
C GLU B 223 -54.05 39.88 16.88
N GLY B 224 -53.58 39.60 18.09
CA GLY B 224 -53.12 38.25 18.38
C GLY B 224 -51.68 37.93 18.05
N ILE B 225 -50.92 38.94 17.63
CA ILE B 225 -49.52 38.73 17.31
C ILE B 225 -48.76 38.77 18.64
N ARG B 226 -48.08 37.68 18.97
CA ARG B 226 -47.33 37.65 20.21
C ARG B 226 -45.96 38.29 20.02
N VAL B 227 -45.76 39.45 20.62
CA VAL B 227 -44.51 40.18 20.51
C VAL B 227 -43.69 40.04 21.78
N ARG B 228 -42.51 39.42 21.66
CA ARG B 228 -41.62 39.22 22.80
C ARG B 228 -40.39 40.12 22.67
N THR B 229 -40.29 41.15 23.51
CA THR B 229 -39.14 42.04 23.47
C THR B 229 -38.06 41.51 24.43
N LYS B 230 -36.86 42.05 24.37
CA LYS B 230 -35.77 41.60 25.23
C LYS B 230 -35.70 40.08 25.20
N THR B 231 -35.78 39.52 24.00
CA THR B 231 -35.77 38.07 23.84
C THR B 231 -34.96 37.65 22.62
N LYS B 232 -34.28 36.53 22.74
CA LYS B 232 -33.51 36.02 21.62
C LYS B 232 -33.81 34.56 21.35
N ALA B 233 -33.74 34.17 20.08
CA ALA B 233 -33.96 32.79 19.71
C ALA B 233 -32.56 32.19 19.72
N VAL B 234 -32.36 31.19 20.56
CA VAL B 234 -31.06 30.54 20.69
C VAL B 234 -30.79 29.47 19.65
N GLY B 235 -31.79 28.66 19.37
CA GLY B 235 -31.63 27.59 18.39
C GLY B 235 -32.92 26.80 18.30
N TYR B 236 -32.97 25.83 17.40
CA TYR B 236 -34.18 25.03 17.26
C TYR B 236 -33.85 23.62 16.82
N GLU B 237 -34.87 22.77 16.88
CA GLU B 237 -34.72 21.40 16.47
C GLU B 237 -36.00 20.98 15.76
N LYS B 238 -35.86 20.44 14.56
CA LYS B 238 -37.02 20.01 13.80
C LYS B 238 -37.48 18.68 14.37
N LYS B 239 -38.77 18.56 14.64
CA LYS B 239 -39.32 17.32 15.17
C LYS B 239 -40.56 16.98 14.37
N LYS B 240 -41.19 15.85 14.68
CA LYS B 240 -42.38 15.40 13.98
C LYS B 240 -43.50 16.44 13.91
N ASP B 241 -43.67 17.20 14.97
CA ASP B 241 -44.75 18.20 15.04
C ASP B 241 -44.37 19.64 14.71
N GLY B 242 -43.11 19.87 14.37
CA GLY B 242 -42.70 21.22 14.03
C GLY B 242 -41.32 21.57 14.52
N LEU B 243 -40.98 22.85 14.40
CA LEU B 243 -39.67 23.35 14.83
C LEU B 243 -39.75 23.79 16.28
N HIS B 244 -39.08 23.06 17.16
CA HIS B 244 -39.06 23.40 18.57
C HIS B 244 -37.97 24.45 18.77
N VAL B 245 -38.40 25.69 18.96
CA VAL B 245 -37.49 26.80 19.12
C VAL B 245 -37.26 27.19 20.58
N ARG B 246 -36.01 27.36 20.95
CA ARG B 246 -35.63 27.77 22.29
C ARG B 246 -35.41 29.29 22.38
N LEU B 247 -36.21 29.95 23.21
CA LEU B 247 -36.09 31.39 23.41
C LEU B 247 -35.49 31.62 24.80
N GLU B 248 -34.78 32.73 24.95
CA GLU B 248 -34.17 33.10 26.23
C GLU B 248 -34.18 34.61 26.38
N PRO B 249 -34.15 35.12 27.61
CA PRO B 249 -34.13 36.59 27.74
C PRO B 249 -32.84 37.08 27.05
N ALA B 250 -32.86 38.30 26.54
CA ALA B 250 -31.72 38.87 25.84
C ALA B 250 -30.42 38.78 26.64
N GLU B 251 -30.47 39.19 27.90
CA GLU B 251 -29.30 39.16 28.78
C GLU B 251 -28.97 37.75 29.27
N GLY B 252 -29.76 36.78 28.84
CA GLY B 252 -29.53 35.40 29.24
C GLY B 252 -30.45 34.98 30.38
N GLY B 253 -30.64 33.66 30.53
CA GLY B 253 -31.50 33.16 31.59
C GLY B 253 -32.30 31.91 31.25
N GLU B 254 -33.28 31.61 32.10
CA GLU B 254 -34.15 30.47 31.90
C GLU B 254 -34.91 30.66 30.60
N GLY B 255 -34.83 29.70 29.70
CA GLY B 255 -35.53 29.86 28.45
C GLY B 255 -36.85 29.12 28.37
N GLU B 256 -37.65 29.48 27.37
CA GLU B 256 -38.93 28.82 27.14
C GLU B 256 -38.84 28.19 25.75
N GLU B 257 -39.70 27.22 25.49
CA GLU B 257 -39.72 26.55 24.20
C GLU B 257 -41.08 26.72 23.53
N VAL B 258 -41.06 27.06 22.25
CA VAL B 258 -42.29 27.21 21.47
C VAL B 258 -42.14 26.35 20.23
N VAL B 259 -43.26 25.96 19.62
CA VAL B 259 -43.21 25.15 18.42
C VAL B 259 -43.91 25.87 17.29
N VAL B 260 -43.20 26.05 16.18
CA VAL B 260 -43.76 26.72 15.02
C VAL B 260 -43.49 25.85 13.80
N ASP B 261 -44.15 26.17 12.69
CA ASP B 261 -43.95 25.40 11.49
C ASP B 261 -42.87 26.03 10.63
N LYS B 262 -42.79 27.35 10.68
CA LYS B 262 -41.81 28.05 9.89
C LYS B 262 -41.25 29.24 10.65
N VAL B 263 -40.00 29.59 10.36
CA VAL B 263 -39.33 30.73 10.99
C VAL B 263 -38.94 31.75 9.93
N LEU B 264 -39.19 33.04 10.21
CA LEU B 264 -38.80 34.10 9.28
C LEU B 264 -37.68 34.90 9.95
N VAL B 265 -36.50 34.89 9.33
CA VAL B 265 -35.37 35.63 9.87
C VAL B 265 -35.23 36.99 9.19
N ALA B 266 -35.51 38.05 9.94
CA ALA B 266 -35.43 39.41 9.44
C ALA B 266 -34.71 40.26 10.46
N VAL B 267 -33.49 39.87 10.80
CA VAL B 267 -32.69 40.57 11.78
C VAL B 267 -31.77 41.63 11.17
N GLY B 268 -31.84 41.80 9.85
CA GLY B 268 -30.99 42.79 9.23
C GLY B 268 -30.66 42.51 7.78
N ARG B 269 -29.66 43.21 7.28
CA ARG B 269 -29.25 43.06 5.89
C ARG B 269 -27.74 43.10 5.81
N LYS B 270 -27.21 42.52 4.74
CA LYS B 270 -25.79 42.46 4.51
C LYS B 270 -25.48 43.14 3.16
N PRO B 271 -24.56 44.13 3.14
CA PRO B 271 -24.23 44.79 1.89
C PRO B 271 -23.60 43.82 0.88
N ARG B 272 -24.02 43.88 -0.37
CA ARG B 272 -23.48 43.00 -1.39
C ARG B 272 -22.23 43.61 -2.03
N THR B 273 -21.13 43.55 -1.30
CA THR B 273 -19.87 44.12 -1.75
C THR B 273 -18.73 43.11 -1.83
N GLU B 274 -19.06 41.82 -1.80
CA GLU B 274 -18.05 40.76 -1.85
C GLU B 274 -17.82 40.18 -3.25
N GLY B 275 -16.57 39.84 -3.52
CA GLY B 275 -16.22 39.29 -4.83
C GLY B 275 -16.41 40.32 -5.92
N LEU B 276 -16.26 41.58 -5.56
CA LEU B 276 -16.41 42.68 -6.49
C LEU B 276 -15.06 43.22 -6.95
N GLY B 277 -14.05 43.05 -6.11
CA GLY B 277 -12.72 43.54 -6.43
C GLY B 277 -12.44 44.87 -5.76
N LEU B 278 -13.39 45.33 -4.96
CA LEU B 278 -13.24 46.59 -4.24
C LEU B 278 -11.87 46.59 -3.57
N GLU B 279 -11.53 45.45 -2.98
CA GLU B 279 -10.25 45.26 -2.31
C GLU B 279 -9.07 45.66 -3.18
N LYS B 280 -8.86 44.91 -4.26
CA LYS B 280 -7.76 45.17 -5.18
C LYS B 280 -7.80 46.54 -5.85
N ALA B 281 -8.98 47.15 -5.90
CA ALA B 281 -9.14 48.46 -6.54
C ALA B 281 -8.92 49.63 -5.58
N GLY B 282 -8.54 49.34 -4.33
CA GLY B 282 -8.30 50.40 -3.37
C GLY B 282 -9.53 51.06 -2.78
N VAL B 283 -10.70 50.44 -2.94
CA VAL B 283 -11.94 50.98 -2.38
C VAL B 283 -12.08 50.40 -0.98
N LYS B 284 -12.12 51.28 0.02
CA LYS B 284 -12.23 50.85 1.40
C LYS B 284 -13.65 50.51 1.87
N VAL B 285 -13.76 49.34 2.50
CA VAL B 285 -15.02 48.81 3.02
C VAL B 285 -14.85 48.63 4.52
N ASP B 286 -15.91 48.90 5.30
CA ASP B 286 -15.78 48.77 6.75
C ASP B 286 -15.98 47.35 7.30
N GLU B 287 -16.03 47.27 8.62
CA GLU B 287 -16.19 46.02 9.34
C GLU B 287 -17.35 45.15 8.86
N ARG B 288 -18.46 45.79 8.50
CA ARG B 288 -19.65 45.07 8.04
C ARG B 288 -19.78 44.93 6.53
N GLY B 289 -18.81 45.45 5.78
CA GLY B 289 -18.91 45.32 4.34
C GLY B 289 -19.50 46.54 3.62
N PHE B 290 -19.78 47.60 4.37
CA PHE B 290 -20.33 48.81 3.77
C PHE B 290 -19.18 49.65 3.18
N ILE B 291 -19.40 50.15 1.98
CA ILE B 291 -18.39 50.98 1.32
C ILE B 291 -18.32 52.32 2.04
N ARG B 292 -17.11 52.71 2.45
CA ARG B 292 -16.90 53.98 3.15
C ARG B 292 -17.05 55.13 2.15
N VAL B 293 -17.73 56.19 2.57
CA VAL B 293 -17.92 57.36 1.72
C VAL B 293 -18.12 58.62 2.54
N ASN B 294 -17.94 59.77 1.90
CA ASN B 294 -18.15 61.04 2.58
C ASN B 294 -19.56 61.51 2.17
N ALA B 295 -19.89 62.76 2.48
CA ALA B 295 -21.21 63.30 2.15
C ALA B 295 -21.44 63.45 0.64
N ARG B 296 -20.36 63.42 -0.14
CA ARG B 296 -20.48 63.54 -1.60
C ARG B 296 -20.67 62.17 -2.24
N MET B 297 -20.74 61.14 -1.40
CA MET B 297 -20.90 59.75 -1.83
C MET B 297 -19.62 59.24 -2.52
N GLU B 298 -18.50 59.88 -2.22
CA GLU B 298 -17.21 59.50 -2.81
C GLU B 298 -16.51 58.44 -1.96
N THR B 299 -16.02 57.39 -2.60
CA THR B 299 -15.30 56.33 -1.91
C THR B 299 -13.87 56.81 -1.66
N SER B 300 -12.98 55.89 -1.31
CA SER B 300 -11.58 56.22 -1.06
C SER B 300 -10.82 56.39 -2.38
N VAL B 301 -11.47 56.02 -3.49
CA VAL B 301 -10.87 56.11 -4.82
C VAL B 301 -11.53 57.22 -5.64
N PRO B 302 -10.77 58.28 -5.96
CA PRO B 302 -11.29 59.40 -6.75
C PRO B 302 -12.02 58.92 -7.99
N GLY B 303 -13.21 59.46 -8.25
CA GLY B 303 -13.97 59.07 -9.42
C GLY B 303 -14.90 57.87 -9.18
N VAL B 304 -14.77 57.25 -8.01
CA VAL B 304 -15.63 56.12 -7.70
C VAL B 304 -16.54 56.46 -6.53
N TYR B 305 -17.84 56.35 -6.77
CA TYR B 305 -18.84 56.66 -5.77
C TYR B 305 -19.60 55.41 -5.34
N ALA B 306 -20.22 55.47 -4.16
CA ALA B 306 -21.02 54.36 -3.65
C ALA B 306 -22.31 54.94 -3.07
N ILE B 307 -23.42 54.26 -3.31
CA ILE B 307 -24.71 54.75 -2.82
C ILE B 307 -25.66 53.68 -2.29
N GLY B 308 -26.66 54.14 -1.55
CA GLY B 308 -27.66 53.24 -1.00
C GLY B 308 -27.18 52.21 0.00
N ASP B 309 -27.89 51.09 0.03
CA ASP B 309 -27.64 49.98 0.93
C ASP B 309 -26.21 49.46 0.99
N ALA B 310 -25.49 49.56 -0.12
CA ALA B 310 -24.11 49.08 -0.16
C ALA B 310 -23.17 50.09 0.48
N ALA B 311 -23.63 51.33 0.58
CA ALA B 311 -22.79 52.40 1.13
C ALA B 311 -22.93 52.62 2.63
N ARG B 312 -24.16 52.58 3.15
CA ARG B 312 -24.37 52.83 4.58
C ARG B 312 -25.85 52.82 4.99
N PRO B 313 -26.10 52.63 6.30
CA PRO B 313 -27.44 52.62 6.88
C PRO B 313 -27.87 54.08 7.02
N PRO B 314 -29.18 54.34 7.15
CA PRO B 314 -30.26 53.34 7.17
C PRO B 314 -30.52 52.76 5.78
N LEU B 315 -30.90 51.50 5.74
CA LEU B 315 -31.17 50.82 4.49
C LEU B 315 -32.58 51.12 4.01
N LEU B 316 -32.77 52.33 3.49
CA LEU B 316 -34.06 52.79 3.00
C LEU B 316 -33.98 53.17 1.52
N ALA B 317 -35.10 53.00 0.83
CA ALA B 317 -35.18 53.29 -0.60
C ALA B 317 -35.07 54.77 -0.94
N HIS B 318 -35.83 55.64 -0.26
CA HIS B 318 -35.76 57.07 -0.58
C HIS B 318 -34.37 57.62 -0.30
N LYS B 319 -33.69 57.07 0.71
CA LYS B 319 -32.33 57.50 1.01
C LYS B 319 -31.41 57.12 -0.14
N ALA B 320 -31.56 55.91 -0.67
CA ALA B 320 -30.72 55.44 -1.78
C ALA B 320 -30.99 56.27 -3.03
N MET B 321 -32.25 56.63 -3.24
CA MET B 321 -32.65 57.44 -4.39
C MET B 321 -31.94 58.79 -4.35
N ARG B 322 -31.95 59.44 -3.20
CA ARG B 322 -31.33 60.75 -3.06
C ARG B 322 -29.80 60.67 -3.19
N GLU B 323 -29.21 59.62 -2.63
CA GLU B 323 -27.78 59.46 -2.71
C GLU B 323 -27.40 59.23 -4.18
N GLY B 324 -28.31 58.60 -4.91
CA GLY B 324 -28.06 58.35 -6.32
C GLY B 324 -28.03 59.65 -7.09
N LEU B 325 -28.89 60.60 -6.70
CA LEU B 325 -28.95 61.91 -7.35
C LEU B 325 -27.67 62.68 -7.04
N ILE B 326 -27.26 62.62 -5.77
CA ILE B 326 -26.06 63.30 -5.30
C ILE B 326 -24.82 62.78 -6.01
N ALA B 327 -24.74 61.46 -6.15
CA ALA B 327 -23.59 60.84 -6.81
C ALA B 327 -23.52 61.25 -8.26
N ALA B 328 -24.64 61.12 -8.97
CA ALA B 328 -24.68 61.47 -10.39
C ALA B 328 -24.29 62.93 -10.58
N GLU B 329 -24.87 63.81 -9.78
CA GLU B 329 -24.57 65.23 -9.89
C GLU B 329 -23.09 65.54 -9.71
N ASN B 330 -22.41 64.81 -8.84
CA ASN B 330 -20.98 65.04 -8.62
C ASN B 330 -20.18 64.43 -9.79
N ALA B 331 -20.67 63.33 -10.34
CA ALA B 331 -20.01 62.70 -11.47
C ALA B 331 -20.13 63.67 -12.65
N ALA B 332 -21.27 64.36 -12.73
CA ALA B 332 -21.52 65.32 -13.78
C ALA B 332 -20.74 66.61 -13.55
N GLY B 333 -20.02 66.68 -12.44
CA GLY B 333 -19.21 67.86 -12.17
C GLY B 333 -19.72 68.88 -11.17
N LYS B 334 -20.98 68.78 -10.77
CA LYS B 334 -21.54 69.73 -9.82
C LYS B 334 -20.91 69.56 -8.43
N ASP B 335 -21.46 70.25 -7.44
CA ASP B 335 -20.95 70.18 -6.07
C ASP B 335 -22.07 69.85 -5.09
N SER B 336 -22.52 68.60 -5.10
CA SER B 336 -23.61 68.18 -4.22
C SER B 336 -23.16 67.33 -3.02
N ALA B 337 -23.94 67.38 -1.95
CA ALA B 337 -23.65 66.62 -0.75
C ALA B 337 -24.95 66.19 -0.07
N PHE B 338 -24.92 65.05 0.61
CA PHE B 338 -26.09 64.54 1.30
C PHE B 338 -26.12 65.06 2.73
N ASP B 339 -27.08 65.91 3.01
CA ASP B 339 -27.26 66.45 4.35
C ASP B 339 -28.75 66.73 4.51
N TYR B 340 -29.53 65.66 4.54
CA TYR B 340 -30.98 65.79 4.66
C TYR B 340 -31.58 64.92 5.75
N GLN B 341 -32.76 65.32 6.21
CA GLN B 341 -33.49 64.57 7.21
C GLN B 341 -34.03 63.36 6.46
N VAL B 342 -33.84 62.17 7.00
CA VAL B 342 -34.32 60.97 6.35
C VAL B 342 -35.40 60.29 7.19
N PRO B 343 -36.65 60.30 6.72
CA PRO B 343 -37.73 59.66 7.47
C PRO B 343 -37.70 58.14 7.32
N SER B 344 -38.37 57.45 8.23
CA SER B 344 -38.47 55.99 8.16
C SER B 344 -39.93 55.65 8.41
N VAL B 345 -40.45 54.70 7.64
CA VAL B 345 -41.85 54.32 7.77
C VAL B 345 -42.03 52.80 7.89
N VAL B 346 -43.06 52.39 8.62
CA VAL B 346 -43.39 50.97 8.77
C VAL B 346 -44.83 50.90 8.29
N TYR B 347 -45.08 50.13 7.24
CA TYR B 347 -46.41 50.07 6.65
C TYR B 347 -47.42 49.11 7.27
N THR B 348 -47.28 48.87 8.57
CA THR B 348 -48.23 48.03 9.28
C THR B 348 -49.51 48.86 9.44
N SER B 349 -50.51 48.28 10.08
CA SER B 349 -51.76 48.95 10.38
C SER B 349 -51.95 48.75 11.87
N PRO B 350 -51.80 49.81 12.67
CA PRO B 350 -51.50 51.17 12.25
C PRO B 350 -50.08 51.30 11.71
N GLU B 351 -49.84 52.37 10.98
CA GLU B 351 -48.52 52.63 10.41
C GLU B 351 -47.66 53.36 11.44
N TRP B 352 -46.35 53.33 11.23
CA TRP B 352 -45.42 54.02 12.12
C TRP B 352 -44.47 54.82 11.24
N ALA B 353 -44.22 56.07 11.62
CA ALA B 353 -43.31 56.94 10.88
C ALA B 353 -42.54 57.83 11.82
N GLY B 354 -41.29 58.09 11.46
CA GLY B 354 -40.46 58.97 12.28
C GLY B 354 -39.44 59.74 11.46
N VAL B 355 -39.08 60.92 11.94
CA VAL B 355 -38.07 61.73 11.27
C VAL B 355 -37.48 62.69 12.28
N GLY B 356 -36.17 62.88 12.23
CA GLY B 356 -35.53 63.78 13.16
C GLY B 356 -35.04 63.10 14.43
N LEU B 357 -34.96 63.87 15.50
CA LEU B 357 -34.46 63.36 16.78
C LEU B 357 -35.50 62.86 17.76
N THR B 358 -35.16 61.76 18.43
CA THR B 358 -36.02 61.20 19.47
C THR B 358 -35.73 62.10 20.69
N GLU B 359 -36.53 61.97 21.75
CA GLU B 359 -36.31 62.79 22.94
C GLU B 359 -34.90 62.55 23.45
N GLU B 360 -34.50 61.28 23.49
CA GLU B 360 -33.18 60.92 23.98
C GLU B 360 -32.05 61.46 23.12
N GLU B 361 -32.14 61.32 21.80
CA GLU B 361 -31.08 61.82 20.92
C GLU B 361 -30.99 63.33 21.04
N ALA B 362 -32.15 63.98 21.18
CA ALA B 362 -32.21 65.43 21.31
C ALA B 362 -31.52 65.90 22.59
N LYS B 363 -31.80 65.22 23.70
CA LYS B 363 -31.21 65.59 24.98
C LYS B 363 -29.71 65.39 24.95
N ARG B 364 -29.29 64.25 24.42
CA ARG B 364 -27.89 63.90 24.31
C ARG B 364 -27.19 64.96 23.45
N ALA B 365 -27.97 65.62 22.61
CA ALA B 365 -27.46 66.65 21.72
C ALA B 365 -27.38 68.02 22.39
N GLY B 366 -27.83 68.08 23.64
CA GLY B 366 -27.77 69.32 24.36
C GLY B 366 -28.94 70.28 24.26
N TYR B 367 -30.01 69.88 23.57
CA TYR B 367 -31.17 70.76 23.48
C TYR B 367 -31.97 70.68 24.77
N LYS B 368 -32.78 71.70 25.04
CA LYS B 368 -33.63 71.69 26.22
C LYS B 368 -34.92 71.07 25.67
N VAL B 369 -35.00 69.74 25.72
CA VAL B 369 -36.12 69.00 25.18
C VAL B 369 -37.49 69.22 25.82
N LYS B 370 -38.50 69.32 24.96
CA LYS B 370 -39.88 69.51 25.37
C LYS B 370 -40.66 68.77 24.30
N VAL B 371 -41.79 68.15 24.67
CA VAL B 371 -42.56 67.40 23.70
C VAL B 371 -44.06 67.70 23.76
N GLY B 372 -44.75 67.44 22.65
CA GLY B 372 -46.18 67.65 22.58
C GLY B 372 -46.78 66.36 22.05
N LYS B 373 -47.90 65.93 22.62
CA LYS B 373 -48.53 64.69 22.17
C LYS B 373 -50.01 64.90 21.92
N PHE B 374 -50.53 64.25 20.90
CA PHE B 374 -51.94 64.33 20.58
C PHE B 374 -52.38 62.91 20.22
N PRO B 375 -53.36 62.37 20.94
CA PRO B 375 -53.84 61.02 20.67
C PRO B 375 -54.90 61.01 19.56
N LEU B 376 -54.86 59.97 18.73
CA LEU B 376 -55.83 59.84 17.66
C LEU B 376 -57.26 59.65 18.15
N ALA B 377 -57.41 59.19 19.38
CA ALA B 377 -58.73 58.98 19.97
C ALA B 377 -59.50 60.30 20.01
N ALA B 378 -58.79 61.41 19.84
CA ALA B 378 -59.44 62.74 19.86
C ALA B 378 -59.58 63.31 18.45
N SER B 379 -59.26 62.49 17.44
CA SER B 379 -59.35 62.92 16.05
C SER B 379 -60.70 62.59 15.43
N GLY B 380 -61.43 63.63 15.03
CA GLY B 380 -62.73 63.41 14.41
C GLY B 380 -62.57 62.60 13.13
N ARG B 381 -61.49 62.84 12.41
CA ARG B 381 -61.24 62.13 11.17
C ARG B 381 -61.03 60.66 11.46
N ALA B 382 -60.21 60.37 12.45
CA ALA B 382 -59.91 59.00 12.82
C ALA B 382 -61.18 58.22 13.15
N LEU B 383 -62.14 58.90 13.79
CA LEU B 383 -63.41 58.28 14.13
C LEU B 383 -64.23 58.01 12.86
N THR B 384 -64.24 58.96 11.93
CA THR B 384 -64.99 58.77 10.69
C THR B 384 -64.37 57.63 9.88
N LEU B 385 -63.15 57.25 10.22
CA LEU B 385 -62.48 56.17 9.50
C LEU B 385 -62.68 54.81 10.17
N GLY B 386 -63.55 54.76 11.18
CA GLY B 386 -63.82 53.50 11.85
C GLY B 386 -63.20 53.29 13.22
N GLY B 387 -62.48 54.28 13.74
CA GLY B 387 -61.88 54.10 15.05
C GLY B 387 -60.44 54.55 15.07
N ALA B 388 -60.03 55.17 16.19
CA ALA B 388 -58.68 55.70 16.29
C ALA B 388 -57.80 55.23 17.45
N GLU B 389 -56.68 54.62 17.11
CA GLU B 389 -55.70 54.22 18.10
C GLU B 389 -54.38 54.69 17.50
N GLY B 390 -53.69 55.54 18.23
CA GLY B 390 -52.41 56.04 17.76
C GLY B 390 -52.17 57.41 18.32
N MET B 391 -51.08 58.05 17.91
CA MET B 391 -50.76 59.37 18.41
C MET B 391 -49.65 60.02 17.60
N VAL B 392 -49.53 61.33 17.76
CA VAL B 392 -48.47 62.07 17.13
C VAL B 392 -47.65 62.69 18.25
N LYS B 393 -46.33 62.58 18.15
CA LYS B 393 -45.46 63.18 19.16
C LYS B 393 -44.45 64.10 18.49
N VAL B 394 -44.40 65.34 18.92
CA VAL B 394 -43.43 66.28 18.36
C VAL B 394 -42.38 66.57 19.43
N VAL B 395 -41.12 66.57 19.01
CA VAL B 395 -40.00 66.83 19.91
C VAL B 395 -39.38 68.17 19.49
N GLY B 396 -39.16 69.06 20.46
CA GLY B 396 -38.58 70.34 20.14
C GLY B 396 -37.76 70.94 21.28
N ASP B 397 -37.13 72.07 21.01
CA ASP B 397 -36.34 72.77 22.01
C ASP B 397 -37.23 73.85 22.59
N GLU B 398 -37.41 73.86 23.91
CA GLU B 398 -38.29 74.86 24.49
C GLU B 398 -37.75 76.28 24.51
N GLU B 399 -36.44 76.43 24.37
CA GLU B 399 -35.85 77.77 24.38
C GLU B 399 -35.93 78.44 23.01
N THR B 400 -35.59 77.71 21.95
CA THR B 400 -35.63 78.28 20.60
C THR B 400 -36.96 77.99 19.89
N ASP B 401 -37.72 77.05 20.44
CA ASP B 401 -39.01 76.65 19.88
C ASP B 401 -38.81 75.86 18.59
N LEU B 402 -37.57 75.47 18.32
CA LEU B 402 -37.26 74.73 17.10
C LEU B 402 -37.71 73.27 17.12
N LEU B 403 -38.39 72.85 16.05
CA LEU B 403 -38.84 71.46 15.94
C LEU B 403 -37.61 70.60 15.72
N LEU B 404 -37.53 69.46 16.41
CA LEU B 404 -36.38 68.58 16.30
C LEU B 404 -36.72 67.18 15.77
N GLY B 405 -37.91 66.70 16.09
CA GLY B 405 -38.30 65.37 15.64
C GLY B 405 -39.80 65.17 15.72
N VAL B 406 -40.32 64.29 14.86
CA VAL B 406 -41.75 64.00 14.84
C VAL B 406 -41.93 62.49 14.70
N PHE B 407 -42.82 61.92 15.50
CA PHE B 407 -43.04 60.48 15.43
C PHE B 407 -44.54 60.24 15.46
N ILE B 408 -44.99 59.40 14.54
CA ILE B 408 -46.41 59.13 14.39
C ILE B 408 -46.78 57.65 14.33
N VAL B 409 -47.90 57.29 14.96
CA VAL B 409 -48.39 55.92 14.89
C VAL B 409 -49.88 56.07 14.64
N GLY B 410 -50.36 55.45 13.57
CA GLY B 410 -51.76 55.55 13.22
C GLY B 410 -51.92 55.38 11.72
N PRO B 411 -53.16 55.44 11.20
CA PRO B 411 -53.35 55.28 9.76
C PRO B 411 -52.73 56.43 8.97
N GLN B 412 -52.07 56.10 7.86
CA GLN B 412 -51.46 57.12 7.01
C GLN B 412 -50.26 57.85 7.63
N ALA B 413 -49.66 57.26 8.66
CA ALA B 413 -48.50 57.86 9.30
C ALA B 413 -47.42 58.15 8.26
N GLY B 414 -47.25 57.20 7.34
CA GLY B 414 -46.24 57.35 6.31
C GLY B 414 -46.46 58.56 5.44
N GLU B 415 -47.72 58.94 5.25
CA GLU B 415 -48.05 60.09 4.41
C GLU B 415 -47.86 61.41 5.17
N LEU B 416 -48.16 61.38 6.46
CA LEU B 416 -48.06 62.57 7.31
C LEU B 416 -46.63 62.94 7.70
N ILE B 417 -45.71 61.99 7.63
CA ILE B 417 -44.35 62.31 8.03
C ILE B 417 -43.61 63.23 7.05
N ALA B 418 -44.08 63.30 5.81
CA ALA B 418 -43.43 64.15 4.81
C ALA B 418 -43.55 65.62 5.18
N GLU B 419 -44.68 65.97 5.79
CA GLU B 419 -44.89 67.33 6.23
C GLU B 419 -43.88 67.65 7.32
N ALA B 420 -43.62 66.68 8.18
CA ALA B 420 -42.68 66.86 9.29
C ALA B 420 -41.29 67.03 8.70
N ALA B 421 -40.96 66.23 7.70
CA ALA B 421 -39.66 66.31 7.05
C ALA B 421 -39.48 67.69 6.41
N LEU B 422 -40.49 68.18 5.70
CA LEU B 422 -40.40 69.51 5.09
C LEU B 422 -40.18 70.51 6.22
N ALA B 423 -40.98 70.38 7.28
CA ALA B 423 -40.86 71.27 8.43
C ALA B 423 -39.41 71.34 8.90
N LEU B 424 -38.77 70.18 9.10
CA LEU B 424 -37.39 70.17 9.57
C LEU B 424 -36.46 70.86 8.58
N GLU B 425 -36.58 70.55 7.30
CA GLU B 425 -35.76 71.15 6.26
C GLU B 425 -35.92 72.67 6.22
N MET B 426 -37.14 73.15 6.42
CA MET B 426 -37.41 74.59 6.42
C MET B 426 -37.09 75.27 7.76
N GLY B 427 -36.63 74.49 8.74
CA GLY B 427 -36.30 75.07 10.04
C GLY B 427 -37.52 75.63 10.74
N ALA B 428 -38.63 74.91 10.65
CA ALA B 428 -39.86 75.36 11.28
C ALA B 428 -39.80 75.20 12.82
N THR B 429 -40.48 76.11 13.52
CA THR B 429 -40.60 76.07 14.97
C THR B 429 -41.93 75.38 15.26
N LEU B 430 -42.19 75.06 16.53
CA LEU B 430 -43.45 74.41 16.88
C LEU B 430 -44.60 75.36 16.55
N THR B 431 -44.37 76.65 16.76
CA THR B 431 -45.37 77.67 16.46
C THR B 431 -45.71 77.71 14.97
N ASP B 432 -44.70 77.55 14.11
CA ASP B 432 -44.94 77.55 12.67
C ASP B 432 -45.86 76.38 12.32
N LEU B 433 -45.60 75.22 12.93
CA LEU B 433 -46.39 74.03 12.68
C LEU B 433 -47.82 74.20 13.20
N ALA B 434 -47.94 74.81 14.38
CA ALA B 434 -49.25 75.03 15.00
C ALA B 434 -50.06 76.08 14.26
N LEU B 435 -49.38 77.07 13.69
CA LEU B 435 -50.10 78.13 13.00
C LEU B 435 -50.47 77.79 11.55
N THR B 436 -49.94 76.70 11.01
CA THR B 436 -50.29 76.31 9.66
C THR B 436 -51.72 75.75 9.71
N VAL B 437 -52.60 76.28 8.88
CA VAL B 437 -53.98 75.83 8.87
C VAL B 437 -54.11 74.51 8.11
N HIS B 438 -54.31 73.43 8.88
CA HIS B 438 -54.46 72.10 8.32
C HIS B 438 -55.93 71.93 8.03
N PRO B 439 -56.27 71.21 6.95
CA PRO B 439 -57.69 71.03 6.64
C PRO B 439 -58.40 70.13 7.64
N HIS B 440 -59.64 70.47 7.95
CA HIS B 440 -60.44 69.70 8.89
C HIS B 440 -61.65 69.16 8.14
N PRO B 441 -61.98 67.87 8.34
CA PRO B 441 -61.25 66.96 9.22
C PRO B 441 -60.21 66.09 8.49
N THR B 442 -58.99 66.05 9.02
CA THR B 442 -57.93 65.23 8.43
C THR B 442 -57.02 64.68 9.52
N LEU B 443 -56.34 63.57 9.21
CA LEU B 443 -55.42 62.99 10.15
C LEU B 443 -54.25 63.94 10.36
N SER B 444 -53.91 64.71 9.32
CA SER B 444 -52.80 65.64 9.41
C SER B 444 -52.97 66.68 10.54
N GLU B 445 -54.20 66.91 10.96
CA GLU B 445 -54.48 67.87 12.04
C GLU B 445 -53.81 67.49 13.35
N SER B 446 -53.57 66.18 13.52
CA SER B 446 -52.94 65.68 14.73
C SER B 446 -51.54 66.25 14.91
N LEU B 447 -50.88 66.57 13.79
CA LEU B 447 -49.54 67.15 13.84
C LEU B 447 -49.65 68.58 14.36
N MET B 448 -50.62 69.32 13.82
CA MET B 448 -50.88 70.69 14.22
C MET B 448 -51.26 70.70 15.71
N GLU B 449 -52.18 69.82 16.09
CA GLU B 449 -52.61 69.77 17.49
C GLU B 449 -51.48 69.33 18.42
N ALA B 450 -50.61 68.44 17.96
CA ALA B 450 -49.48 68.01 18.78
C ALA B 450 -48.60 69.24 19.02
N ALA B 451 -48.41 70.05 17.98
CA ALA B 451 -47.60 71.25 18.13
C ALA B 451 -48.27 72.18 19.14
N GLU B 452 -49.59 72.22 19.11
CA GLU B 452 -50.31 73.06 20.06
C GLU B 452 -50.20 72.50 21.49
N ALA B 453 -50.22 71.17 21.59
CA ALA B 453 -50.12 70.53 22.90
C ALA B 453 -48.75 70.86 23.49
N PHE B 454 -47.75 71.01 22.61
CA PHE B 454 -46.39 71.35 23.01
C PHE B 454 -46.40 72.68 23.79
N HIS B 455 -47.30 73.59 23.41
CA HIS B 455 -47.41 74.88 24.08
C HIS B 455 -48.56 74.90 25.08
N LYS B 456 -49.04 73.71 25.44
CA LYS B 456 -50.11 73.56 26.38
C LYS B 456 -51.41 74.27 26.01
N GLN B 457 -51.74 74.26 24.73
CA GLN B 457 -52.99 74.88 24.30
C GLN B 457 -53.74 74.11 23.23
N ALA B 458 -53.57 72.79 23.23
CA ALA B 458 -54.29 71.95 22.29
C ALA B 458 -55.75 72.22 22.60
N ILE B 459 -56.63 72.07 21.61
CA ILE B 459 -58.04 72.32 21.82
C ILE B 459 -58.87 71.06 22.00
N HIS B 460 -58.55 70.01 21.24
CA HIS B 460 -59.31 68.78 21.31
C HIS B 460 -58.99 67.79 22.42
N ILE B 461 -58.08 68.16 23.31
CA ILE B 461 -57.74 67.34 24.46
C ILE B 461 -57.47 68.34 25.57
N LEU B 462 -57.63 67.89 26.80
CA LEU B 462 -57.38 68.73 27.97
C LEU B 462 -55.88 68.77 28.14
N ASN B 463 -55.34 69.96 28.36
CA ASN B 463 -53.90 70.12 28.51
C ASN B 463 -53.42 70.00 29.94
N MET C 1 -42.63 90.13 0.43
CA MET C 1 -42.09 89.76 1.77
C MET C 1 -42.52 88.36 2.17
N LEU C 2 -41.58 87.60 2.73
CA LEU C 2 -41.87 86.25 3.18
C LEU C 2 -41.46 86.07 4.64
N ALA C 3 -42.46 85.88 5.50
CA ALA C 3 -42.22 85.71 6.93
C ALA C 3 -42.96 84.48 7.48
N VAL C 4 -42.22 83.59 8.14
CA VAL C 4 -42.81 82.39 8.71
C VAL C 4 -43.84 82.84 9.73
N PRO C 5 -44.88 82.03 9.97
CA PRO C 5 -45.93 82.37 10.93
C PRO C 5 -45.41 82.80 12.31
N ALA C 6 -44.44 82.07 12.85
CA ALA C 6 -43.89 82.41 14.17
C ALA C 6 -43.38 83.84 14.22
N ALA C 7 -42.72 84.29 13.16
CA ALA C 7 -42.21 85.64 13.09
C ALA C 7 -43.33 86.68 12.99
N ARG C 8 -44.34 86.39 12.17
CA ARG C 8 -45.45 87.32 11.98
C ARG C 8 -46.20 87.47 13.30
N LYS C 9 -46.32 86.35 14.02
CA LYS C 9 -47.01 86.32 15.30
C LYS C 9 -46.26 87.20 16.30
N LEU C 10 -44.96 87.01 16.40
CA LEU C 10 -44.15 87.78 17.34
C LEU C 10 -44.04 89.25 16.94
N ALA C 11 -44.00 89.52 15.64
CA ALA C 11 -43.90 90.90 15.17
C ALA C 11 -45.11 91.71 15.67
N ARG C 12 -46.29 91.11 15.57
CA ARG C 12 -47.51 91.76 16.02
C ARG C 12 -47.50 92.03 17.52
N GLU C 13 -47.21 91.00 18.30
CA GLU C 13 -47.19 91.10 19.76
C GLU C 13 -46.16 92.12 20.26
N LEU C 14 -45.29 92.56 19.37
CA LEU C 14 -44.28 93.55 19.73
C LEU C 14 -44.64 94.91 19.14
N GLY C 15 -45.72 94.97 18.39
CA GLY C 15 -46.14 96.22 17.78
C GLY C 15 -45.17 96.64 16.69
N ILE C 16 -44.56 95.65 16.03
CA ILE C 16 -43.61 95.91 14.95
C ILE C 16 -44.16 95.48 13.60
N PRO C 17 -44.24 96.43 12.64
CA PRO C 17 -44.75 96.10 11.31
C PRO C 17 -43.81 95.08 10.66
N ILE C 18 -44.32 93.88 10.42
CA ILE C 18 -43.54 92.79 9.85
C ILE C 18 -42.81 93.12 8.55
N GLU C 19 -43.44 93.90 7.68
CA GLU C 19 -42.80 94.27 6.42
C GLU C 19 -41.59 95.17 6.61
N GLU C 20 -41.35 95.59 7.85
CA GLU C 20 -40.22 96.46 8.15
C GLU C 20 -39.04 95.68 8.72
N VAL C 21 -39.25 94.40 9.01
CA VAL C 21 -38.19 93.56 9.58
C VAL C 21 -37.33 92.90 8.49
N PRO C 22 -36.04 93.24 8.45
CA PRO C 22 -35.15 92.65 7.44
C PRO C 22 -34.96 91.14 7.65
N GLY C 23 -34.99 90.39 6.56
CA GLY C 23 -34.83 88.95 6.62
C GLY C 23 -33.42 88.47 6.91
N SER C 24 -33.14 87.23 6.55
CA SER C 24 -31.81 86.65 6.79
C SER C 24 -31.43 85.53 5.83
N GLY C 25 -32.44 84.85 5.28
CA GLY C 25 -32.16 83.75 4.35
C GLY C 25 -31.41 84.20 3.11
N PRO C 26 -31.19 83.29 2.15
CA PRO C 26 -30.47 83.67 0.92
C PRO C 26 -31.17 84.86 0.28
N LEU C 27 -32.44 85.06 0.64
CA LEU C 27 -33.18 86.19 0.10
C LEU C 27 -34.40 86.66 0.90
N GLY C 28 -34.13 87.22 2.08
CA GLY C 28 -35.17 87.80 2.92
C GLY C 28 -36.16 87.06 3.81
N ARG C 29 -36.13 85.73 3.86
CA ARG C 29 -37.10 85.05 4.72
C ARG C 29 -36.95 85.53 6.15
N VAL C 30 -38.00 86.12 6.70
CA VAL C 30 -37.97 86.63 8.07
C VAL C 30 -38.23 85.52 9.09
N ARG C 31 -37.32 85.39 10.05
CA ARG C 31 -37.43 84.39 11.11
C ARG C 31 -37.66 85.07 12.44
N VAL C 32 -38.10 84.29 13.43
CA VAL C 32 -38.34 84.82 14.78
C VAL C 32 -37.11 85.56 15.28
N GLU C 33 -35.93 85.05 14.93
CA GLU C 33 -34.68 85.68 15.36
C GLU C 33 -34.59 87.09 14.80
N ASP C 34 -34.86 87.23 13.50
CA ASP C 34 -34.81 88.53 12.85
C ASP C 34 -35.76 89.55 13.49
N VAL C 35 -36.98 89.11 13.79
CA VAL C 35 -37.94 90.02 14.41
C VAL C 35 -37.40 90.52 15.74
N ARG C 36 -36.80 89.62 16.51
CA ARG C 36 -36.23 89.99 17.81
C ARG C 36 -34.99 90.86 17.59
N ALA C 37 -34.21 90.54 16.56
CA ALA C 37 -33.00 91.30 16.25
C ALA C 37 -33.36 92.75 15.92
N TYR C 38 -34.49 92.92 15.24
CA TYR C 38 -34.96 94.24 14.86
C TYR C 38 -35.54 94.94 16.10
N ALA C 39 -36.08 94.15 17.01
CA ALA C 39 -36.67 94.67 18.24
C ALA C 39 -35.61 95.31 19.13
N GLU C 40 -34.38 94.86 19.00
CA GLU C 40 -33.28 95.40 19.79
C GLU C 40 -32.46 96.40 18.98
N MET D 4 3.17 30.30 -24.90
CA MET D 4 3.69 29.73 -23.63
C MET D 4 4.64 28.56 -23.90
N LYS D 5 5.92 28.76 -23.61
CA LYS D 5 6.91 27.71 -23.81
C LYS D 5 6.65 26.54 -22.86
N THR D 6 6.75 25.32 -23.37
CA THR D 6 6.51 24.13 -22.55
C THR D 6 7.73 23.22 -22.50
N TYR D 7 7.85 22.49 -21.39
CA TYR D 7 8.96 21.57 -21.19
C TYR D 7 8.44 20.32 -20.52
N ASP D 8 9.27 19.28 -20.49
CA ASP D 8 8.89 18.04 -19.83
C ASP D 8 9.05 18.28 -18.33
N LEU D 9 10.12 18.99 -17.98
CA LEU D 9 10.44 19.30 -16.59
C LEU D 9 10.96 20.71 -16.36
N ILE D 10 10.52 21.33 -15.27
CA ILE D 10 10.98 22.65 -14.90
C ILE D 10 11.55 22.52 -13.49
N VAL D 11 12.80 22.94 -13.31
CA VAL D 11 13.44 22.86 -12.00
C VAL D 11 13.62 24.27 -11.44
N ILE D 12 13.12 24.49 -10.23
CA ILE D 12 13.24 25.79 -9.61
C ILE D 12 14.43 25.73 -8.64
N GLY D 13 15.51 26.42 -9.00
CA GLY D 13 16.71 26.45 -8.17
C GLY D 13 17.84 25.60 -8.73
N THR D 14 19.05 26.16 -8.77
CA THR D 14 20.20 25.41 -9.29
C THR D 14 21.24 25.09 -8.23
N GLY D 15 20.77 24.82 -7.01
CA GLY D 15 21.68 24.45 -5.95
C GLY D 15 22.02 22.99 -6.17
N PRO D 16 22.75 22.35 -5.24
CA PRO D 16 23.09 20.94 -5.41
C PRO D 16 21.89 20.07 -5.83
N GLY D 17 20.75 20.29 -5.19
CA GLY D 17 19.58 19.50 -5.52
C GLY D 17 19.06 19.79 -6.92
N GLY D 18 18.82 21.07 -7.19
CA GLY D 18 18.33 21.47 -8.49
C GLY D 18 19.17 21.10 -9.69
N TYR D 19 20.47 21.40 -9.66
CA TYR D 19 21.27 21.06 -10.82
C TYR D 19 21.46 19.56 -10.99
N HIS D 20 21.37 18.80 -9.89
CA HIS D 20 21.47 17.34 -10.03
C HIS D 20 20.22 16.81 -10.72
N ALA D 21 19.06 17.35 -10.32
CA ALA D 21 17.78 16.95 -10.89
C ALA D 21 17.73 17.33 -12.36
N ALA D 22 18.13 18.57 -12.68
CA ALA D 22 18.11 19.05 -14.06
C ALA D 22 18.99 18.23 -14.98
N ILE D 23 20.21 17.92 -14.53
CA ILE D 23 21.13 17.16 -15.35
C ILE D 23 20.75 15.69 -15.51
N ARG D 24 20.35 15.04 -14.41
CA ARG D 24 19.94 13.63 -14.51
C ARG D 24 18.68 13.55 -15.38
N ALA D 25 17.82 14.55 -15.27
CA ALA D 25 16.60 14.57 -16.08
C ALA D 25 17.00 14.61 -17.55
N ALA D 26 18.02 15.40 -17.87
CA ALA D 26 18.51 15.54 -19.25
C ALA D 26 19.14 14.25 -19.76
N GLN D 27 19.87 13.56 -18.90
CA GLN D 27 20.50 12.31 -19.29
C GLN D 27 19.40 11.30 -19.62
N LEU D 28 18.24 11.46 -18.99
CA LEU D 28 17.13 10.56 -19.21
C LEU D 28 16.22 10.96 -20.37
N GLY D 29 16.65 11.94 -21.16
CA GLY D 29 15.89 12.35 -22.32
C GLY D 29 14.84 13.44 -22.16
N LEU D 30 14.78 14.09 -21.01
CA LEU D 30 13.78 15.13 -20.84
C LEU D 30 14.29 16.49 -21.31
N LYS D 31 13.36 17.32 -21.76
CA LYS D 31 13.68 18.69 -22.18
C LYS D 31 13.53 19.45 -20.87
N VAL D 32 14.60 20.05 -20.39
CA VAL D 32 14.54 20.75 -19.10
C VAL D 32 14.83 22.25 -19.05
N LEU D 33 14.05 22.93 -18.23
CA LEU D 33 14.23 24.35 -18.00
C LEU D 33 14.61 24.51 -16.52
N ALA D 34 15.77 25.11 -16.26
CA ALA D 34 16.22 25.34 -14.88
C ALA D 34 16.07 26.83 -14.57
N VAL D 35 15.36 27.16 -13.50
CA VAL D 35 15.17 28.56 -13.12
C VAL D 35 15.97 28.88 -11.85
N GLU D 36 16.76 29.95 -11.91
CA GLU D 36 17.58 30.38 -10.78
C GLU D 36 17.41 31.87 -10.51
N ALA D 37 17.01 32.21 -9.28
CA ALA D 37 16.78 33.60 -8.90
C ALA D 37 18.03 34.39 -8.56
N GLY D 38 19.11 33.69 -8.24
CA GLY D 38 20.34 34.39 -7.89
C GLY D 38 21.55 33.76 -8.54
N GLU D 39 22.51 33.35 -7.72
CA GLU D 39 23.73 32.74 -8.22
C GLU D 39 23.56 31.26 -8.48
N VAL D 40 24.08 30.80 -9.62
CA VAL D 40 24.01 29.40 -9.99
C VAL D 40 24.83 28.62 -8.97
N GLY D 41 24.37 27.43 -8.62
CA GLY D 41 25.11 26.61 -7.66
C GLY D 41 24.51 26.64 -6.27
N GLY D 42 23.59 27.58 -6.05
CA GLY D 42 22.94 27.67 -4.76
C GLY D 42 23.81 28.06 -3.57
N VAL D 43 23.35 27.72 -2.39
CA VAL D 43 24.04 28.04 -1.14
C VAL D 43 25.36 27.31 -0.97
N CYS D 44 25.38 26.00 -1.19
CA CYS D 44 26.58 25.20 -1.02
C CYS D 44 27.81 25.76 -1.75
N LEU D 45 27.64 26.08 -3.03
CA LEU D 45 28.76 26.61 -3.82
C LEU D 45 29.06 28.09 -3.62
N ASN D 46 28.05 28.89 -3.31
CA ASN D 46 28.25 30.32 -3.16
C ASN D 46 28.52 30.85 -1.76
N VAL D 47 27.71 30.44 -0.79
CA VAL D 47 27.87 30.94 0.57
C VAL D 47 27.81 29.84 1.62
N GLY D 48 28.05 28.58 1.22
CA GLY D 48 27.99 27.49 2.17
C GLY D 48 29.19 26.56 2.20
N CYS D 49 28.98 25.31 1.79
CA CYS D 49 30.03 24.29 1.77
C CYS D 49 31.38 24.76 1.28
N ILE D 50 31.40 25.17 0.01
CA ILE D 50 32.61 25.58 -0.68
C ILE D 50 33.42 26.71 -0.08
N PRO D 51 32.85 27.92 0.05
CA PRO D 51 33.64 29.00 0.64
C PRO D 51 34.10 28.65 2.05
N THR D 52 33.27 27.93 2.79
CA THR D 52 33.61 27.51 4.15
C THR D 52 34.79 26.54 4.16
N LYS D 53 34.74 25.52 3.29
CA LYS D 53 35.84 24.56 3.24
C LYS D 53 37.14 25.24 2.80
N ALA D 54 37.02 26.23 1.93
CA ALA D 54 38.21 26.94 1.46
C ALA D 54 38.86 27.70 2.62
N LEU D 55 38.05 28.44 3.38
CA LEU D 55 38.52 29.18 4.53
C LEU D 55 39.17 28.26 5.55
N LEU D 56 38.53 27.12 5.80
CA LEU D 56 39.04 26.13 6.75
C LEU D 56 40.39 25.56 6.31
N HIS D 57 40.54 25.34 5.01
CA HIS D 57 41.79 24.81 4.49
C HIS D 57 42.94 25.78 4.72
N ALA D 58 42.70 27.06 4.46
CA ALA D 58 43.72 28.09 4.66
C ALA D 58 44.05 28.19 6.15
N ALA D 59 43.01 28.21 6.99
CA ALA D 59 43.21 28.29 8.44
C ALA D 59 44.01 27.07 8.93
N GLU D 60 43.73 25.90 8.35
CA GLU D 60 44.45 24.67 8.73
C GLU D 60 45.90 24.73 8.27
N THR D 61 46.14 25.25 7.07
CA THR D 61 47.49 25.35 6.54
C THR D 61 48.30 26.27 7.46
N LEU D 62 47.71 27.39 7.84
CA LEU D 62 48.38 28.33 8.74
C LEU D 62 48.62 27.67 10.10
N HIS D 63 47.56 27.13 10.68
CA HIS D 63 47.65 26.51 12.00
C HIS D 63 48.70 25.41 12.15
N HIS D 64 48.75 24.49 11.20
CA HIS D 64 49.67 23.37 11.27
C HIS D 64 51.15 23.78 11.31
N LEU D 65 51.45 25.01 10.93
CA LEU D 65 52.84 25.45 10.95
C LEU D 65 53.35 25.45 12.39
N LYS D 66 52.44 25.60 13.36
CA LYS D 66 52.82 25.59 14.78
C LYS D 66 53.46 24.25 15.09
N VAL D 67 52.76 23.17 14.72
CA VAL D 67 53.26 21.82 14.92
C VAL D 67 54.50 21.60 14.04
N ALA D 68 54.48 22.16 12.83
CA ALA D 68 55.58 21.99 11.90
C ALA D 68 56.93 22.43 12.48
N GLU D 69 56.90 23.37 13.42
CA GLU D 69 58.15 23.82 14.05
C GLU D 69 58.82 22.62 14.69
N GLY D 70 57.98 21.70 15.16
CA GLY D 70 58.47 20.48 15.79
C GLY D 70 59.34 19.60 14.91
N PHE D 71 59.20 19.71 13.59
CA PHE D 71 60.06 18.90 12.72
C PHE D 71 61.00 19.71 11.84
N GLY D 72 61.41 20.87 12.35
CA GLY D 72 62.36 21.70 11.64
C GLY D 72 61.85 22.78 10.71
N LEU D 73 60.54 22.87 10.55
CA LEU D 73 60.01 23.89 9.65
C LEU D 73 59.81 25.21 10.37
N LYS D 74 60.64 26.18 10.04
CA LYS D 74 60.54 27.49 10.66
C LYS D 74 60.05 28.46 9.61
N ALA D 75 59.13 29.30 10.03
CA ALA D 75 58.57 30.30 9.15
C ALA D 75 57.78 31.27 10.01
N LYS D 76 57.68 32.50 9.53
CA LYS D 76 56.94 33.53 10.22
C LYS D 76 55.79 33.86 9.26
N PRO D 77 54.76 32.99 9.23
CA PRO D 77 53.59 33.15 8.36
C PRO D 77 52.75 34.38 8.66
N GLU D 78 52.32 35.04 7.59
CA GLU D 78 51.48 36.23 7.66
C GLU D 78 50.37 36.01 6.66
N LEU D 79 49.14 35.85 7.14
CA LEU D 79 48.01 35.63 6.24
C LEU D 79 47.36 36.95 5.81
N ASP D 80 47.34 37.21 4.52
CA ASP D 80 46.74 38.42 3.97
C ASP D 80 45.26 38.09 3.75
N LEU D 81 44.39 38.66 4.57
CA LEU D 81 42.96 38.41 4.49
C LEU D 81 42.29 38.81 3.19
N LYS D 82 42.69 39.96 2.63
CA LYS D 82 42.11 40.41 1.37
C LYS D 82 42.39 39.36 0.29
N LYS D 83 43.60 38.82 0.32
CA LYS D 83 44.01 37.81 -0.65
C LYS D 83 43.27 36.49 -0.42
N LEU D 84 43.07 36.13 0.84
CA LEU D 84 42.36 34.89 1.16
C LEU D 84 40.94 34.96 0.60
N GLY D 85 40.28 36.10 0.82
CA GLY D 85 38.92 36.27 0.32
C GLY D 85 38.90 36.27 -1.20
N GLY D 86 39.99 36.77 -1.79
CA GLY D 86 40.08 36.81 -3.25
C GLY D 86 40.16 35.39 -3.78
N TRP D 87 40.93 34.54 -3.08
CA TRP D 87 41.05 33.15 -3.50
C TRP D 87 39.72 32.42 -3.31
N ARG D 88 39.08 32.67 -2.18
CA ARG D 88 37.80 32.06 -1.86
C ARG D 88 36.79 32.35 -3.00
N ASP D 89 36.71 33.61 -3.41
CA ASP D 89 35.80 34.00 -4.49
C ASP D 89 36.18 33.30 -5.79
N GLN D 90 37.47 33.13 -6.01
CA GLN D 90 37.98 32.43 -7.21
C GLN D 90 37.45 31.02 -7.25
N VAL D 91 37.56 30.30 -6.12
CA VAL D 91 37.09 28.92 -6.06
C VAL D 91 35.60 28.87 -6.38
N VAL D 92 34.83 29.72 -5.72
CA VAL D 92 33.38 29.80 -5.93
C VAL D 92 33.04 30.06 -7.41
N LYS D 93 33.62 31.11 -8.00
CA LYS D 93 33.36 31.45 -9.39
C LYS D 93 33.66 30.28 -10.33
N LYS D 94 34.77 29.59 -10.09
CA LYS D 94 35.16 28.45 -10.91
C LYS D 94 34.13 27.33 -10.80
N LEU D 95 33.65 27.06 -9.58
CA LEU D 95 32.66 26.00 -9.41
C LEU D 95 31.27 26.36 -9.92
N THR D 96 30.81 27.59 -9.66
CA THR D 96 29.49 27.99 -10.15
C THR D 96 29.51 28.07 -11.67
N GLY D 97 30.66 28.44 -12.21
CA GLY D 97 30.80 28.51 -13.65
C GLY D 97 30.72 27.09 -14.18
N GLY D 98 31.34 26.17 -13.43
CA GLY D 98 31.32 24.77 -13.82
C GLY D 98 29.89 24.26 -13.95
N VAL D 99 29.01 24.65 -13.03
CA VAL D 99 27.63 24.20 -13.10
C VAL D 99 26.91 24.77 -14.32
N GLY D 100 27.13 26.05 -14.61
CA GLY D 100 26.49 26.65 -15.76
C GLY D 100 26.88 25.87 -17.01
N THR D 101 28.15 25.57 -17.12
CA THR D 101 28.69 24.82 -18.26
C THR D 101 28.15 23.40 -18.37
N LEU D 102 27.98 22.74 -17.22
CA LEU D 102 27.45 21.38 -17.22
C LEU D 102 25.98 21.38 -17.65
N LEU D 103 25.25 22.40 -17.23
CA LEU D 103 23.83 22.53 -17.57
C LEU D 103 23.68 22.69 -19.07
N LYS D 104 24.46 23.62 -19.62
CA LYS D 104 24.46 23.92 -21.04
C LYS D 104 24.91 22.70 -21.84
N GLY D 105 25.93 22.02 -21.34
CA GLY D 105 26.44 20.83 -22.03
C GLY D 105 25.49 19.64 -22.03
N ASN D 106 24.49 19.69 -21.17
CA ASN D 106 23.50 18.62 -21.06
C ASN D 106 22.19 18.99 -21.76
N GLY D 107 22.15 20.16 -22.37
CA GLY D 107 20.94 20.60 -23.06
C GLY D 107 19.86 21.19 -22.16
N VAL D 108 20.26 21.61 -20.96
CA VAL D 108 19.31 22.21 -20.04
C VAL D 108 19.28 23.70 -20.28
N GLU D 109 18.10 24.28 -20.35
CA GLU D 109 17.98 25.71 -20.57
C GLU D 109 18.02 26.43 -19.23
N LEU D 110 18.92 27.40 -19.09
CA LEU D 110 19.04 28.17 -17.86
C LEU D 110 18.32 29.51 -17.99
N LEU D 111 17.34 29.76 -17.14
CA LEU D 111 16.58 31.01 -17.14
C LEU D 111 16.80 31.71 -15.80
N ARG D 112 17.28 32.95 -15.84
CA ARG D 112 17.54 33.72 -14.62
C ARG D 112 16.32 34.52 -14.20
N GLY D 113 15.88 34.32 -12.96
CA GLY D 113 14.73 35.04 -12.45
C GLY D 113 14.05 34.30 -11.32
N PHE D 114 13.10 34.97 -10.66
CA PHE D 114 12.37 34.36 -9.57
C PHE D 114 11.14 33.69 -10.15
N ALA D 115 10.99 32.39 -9.89
CA ALA D 115 9.86 31.64 -10.40
C ALA D 115 8.76 31.47 -9.37
N ARG D 116 7.52 31.65 -9.83
CA ARG D 116 6.34 31.53 -8.98
C ARG D 116 5.50 30.35 -9.43
N LEU D 117 4.92 29.62 -8.49
CA LEU D 117 4.10 28.48 -8.81
C LEU D 117 2.63 28.89 -8.97
N VAL D 118 2.22 29.12 -10.21
CA VAL D 118 0.85 29.51 -10.51
C VAL D 118 -0.10 28.31 -10.51
N GLY D 119 0.35 27.19 -11.07
CA GLY D 119 -0.47 25.99 -11.12
C GLY D 119 0.37 24.73 -11.06
N PRO D 120 -0.24 23.57 -10.81
CA PRO D 120 0.45 22.27 -10.72
C PRO D 120 1.36 21.94 -11.90
N LYS D 121 1.26 22.71 -12.98
CA LYS D 121 2.10 22.45 -14.15
C LYS D 121 2.58 23.73 -14.82
N GLU D 122 2.33 24.87 -14.18
CA GLU D 122 2.75 26.16 -14.72
C GLU D 122 3.50 27.00 -13.70
N VAL D 123 4.50 27.73 -14.18
CA VAL D 123 5.31 28.59 -13.33
C VAL D 123 5.43 29.98 -13.94
N GLU D 124 5.45 31.00 -13.10
CA GLU D 124 5.56 32.38 -13.55
C GLU D 124 6.96 32.93 -13.27
N VAL D 125 7.61 33.44 -14.31
CA VAL D 125 8.95 34.00 -14.17
C VAL D 125 9.01 35.38 -14.84
N GLY D 126 8.84 36.41 -14.03
CA GLY D 126 8.88 37.77 -14.55
C GLY D 126 7.94 38.01 -15.72
N GLY D 127 6.67 37.69 -15.54
CA GLY D 127 5.70 37.89 -16.60
C GLY D 127 5.44 36.67 -17.46
N GLU D 128 6.50 36.10 -18.03
CA GLU D 128 6.41 34.92 -18.89
C GLU D 128 5.88 33.68 -18.17
N ARG D 129 4.98 32.96 -18.83
CA ARG D 129 4.41 31.74 -18.26
C ARG D 129 5.11 30.53 -18.84
N TYR D 130 5.38 29.54 -17.98
CA TYR D 130 6.04 28.32 -18.43
C TYR D 130 5.32 27.11 -17.84
N GLY D 131 5.19 26.06 -18.63
CA GLY D 131 4.51 24.87 -18.15
C GLY D 131 5.29 23.62 -18.45
N ALA D 132 5.02 22.56 -17.69
CA ALA D 132 5.72 21.30 -17.89
C ALA D 132 4.94 20.13 -17.30
N LYS D 133 5.25 18.94 -17.78
CA LYS D 133 4.59 17.73 -17.29
C LYS D 133 4.91 17.53 -15.81
N SER D 134 6.13 17.90 -15.43
CA SER D 134 6.58 17.75 -14.05
C SER D 134 7.38 18.97 -13.57
N LEU D 135 7.33 19.21 -12.26
CA LEU D 135 8.06 20.31 -11.64
C LEU D 135 8.80 19.79 -10.40
N ILE D 136 10.03 20.25 -10.24
CA ILE D 136 10.85 19.86 -9.10
C ILE D 136 11.18 21.12 -8.33
N LEU D 137 10.76 21.18 -7.07
CA LEU D 137 11.02 22.34 -6.23
C LEU D 137 12.31 22.12 -5.45
N ALA D 138 13.31 22.96 -5.72
CA ALA D 138 14.61 22.86 -5.05
C ALA D 138 15.02 24.27 -4.65
N THR D 139 14.20 24.92 -3.84
CA THR D 139 14.44 26.30 -3.42
C THR D 139 15.34 26.56 -2.19
N GLY D 140 15.87 25.48 -1.61
CA GLY D 140 16.79 25.63 -0.48
C GLY D 140 16.29 26.20 0.83
N SER D 141 17.23 26.70 1.63
CA SER D 141 16.92 27.27 2.93
C SER D 141 17.67 28.59 3.15
N GLU D 142 17.53 29.14 4.35
CA GLU D 142 18.20 30.38 4.70
C GLU D 142 18.44 30.40 6.22
N PRO D 143 19.32 31.29 6.70
CA PRO D 143 19.62 31.37 8.14
C PRO D 143 18.37 31.53 9.02
N LEU D 144 18.32 30.76 10.10
CA LEU D 144 17.20 30.83 11.03
C LEU D 144 17.47 31.99 12.00
N GLU D 145 16.48 32.86 12.18
CA GLU D 145 16.65 33.99 13.07
C GLU D 145 16.48 33.54 14.53
N LEU D 146 17.19 34.18 15.45
CA LEU D 146 17.11 33.84 16.88
C LEU D 146 16.49 34.99 17.68
N LYS D 147 15.47 34.67 18.46
CA LYS D 147 14.77 35.65 19.29
C LYS D 147 15.76 36.37 20.20
N GLY D 148 15.65 37.70 20.25
CA GLY D 148 16.55 38.49 21.08
C GLY D 148 17.84 38.84 20.36
N PHE D 149 18.11 38.16 19.24
CA PHE D 149 19.34 38.39 18.47
C PHE D 149 19.06 38.62 16.98
N PRO D 150 18.26 39.64 16.64
CA PRO D 150 17.97 39.89 15.22
C PRO D 150 19.23 40.22 14.44
N PHE D 151 19.29 39.77 13.20
CA PHE D 151 20.45 40.02 12.35
C PHE D 151 20.62 41.50 12.09
N GLY D 152 21.86 41.96 12.08
CA GLY D 152 22.15 43.36 11.83
C GLY D 152 23.64 43.61 11.71
N GLU D 153 24.05 44.84 11.95
CA GLU D 153 25.45 45.21 11.87
C GLU D 153 26.36 44.41 12.80
N ASP D 154 25.87 44.08 14.00
CA ASP D 154 26.68 43.34 14.96
C ASP D 154 26.26 41.89 15.21
N VAL D 155 25.17 41.46 14.58
CA VAL D 155 24.69 40.09 14.70
C VAL D 155 24.68 39.53 13.28
N TRP D 156 25.64 38.66 13.00
CA TRP D 156 25.82 38.09 11.67
C TRP D 156 25.23 36.70 11.44
N ASP D 157 25.04 36.38 10.15
CA ASP D 157 24.61 35.06 9.76
C ASP D 157 25.86 34.48 9.09
N SER D 158 25.86 33.19 8.77
CA SER D 158 27.03 32.55 8.16
C SER D 158 27.55 33.28 6.91
N THR D 159 26.65 33.79 6.08
CA THR D 159 27.04 34.49 4.86
C THR D 159 27.98 35.65 5.19
N ARG D 160 27.57 36.53 6.10
CA ARG D 160 28.41 37.66 6.46
C ARG D 160 29.73 37.19 7.10
N ALA D 161 29.67 36.10 7.86
CA ALA D 161 30.87 35.60 8.53
C ALA D 161 31.96 35.10 7.58
N LEU D 162 31.58 34.77 6.35
CA LEU D 162 32.54 34.28 5.36
C LEU D 162 33.50 35.38 4.91
N LYS D 163 33.01 36.61 4.90
CA LYS D 163 33.79 37.75 4.45
C LYS D 163 34.81 38.21 5.47
N VAL D 164 35.77 37.33 5.76
CA VAL D 164 36.80 37.61 6.74
C VAL D 164 37.63 38.85 6.40
N GLU D 165 37.70 39.19 5.12
CA GLU D 165 38.47 40.36 4.70
C GLU D 165 37.80 41.69 5.03
N GLU D 166 36.56 41.64 5.52
CA GLU D 166 35.86 42.88 5.86
C GLU D 166 36.07 43.30 7.30
N GLY D 167 37.05 42.69 7.96
CA GLY D 167 37.34 43.05 9.34
C GLY D 167 36.99 41.98 10.37
N LEU D 168 38.01 41.34 10.93
CA LEU D 168 37.81 40.31 11.93
C LEU D 168 37.54 40.99 13.26
N PRO D 169 36.51 40.54 13.99
CA PRO D 169 36.26 41.19 15.28
C PRO D 169 37.30 40.69 16.26
N LYS D 170 37.60 41.49 17.28
CA LYS D 170 38.56 41.05 18.28
C LYS D 170 37.96 39.90 19.08
N ARG D 171 36.65 39.96 19.32
CA ARG D 171 35.96 38.94 20.11
C ARG D 171 34.66 38.50 19.46
N LEU D 172 34.51 37.20 19.28
CA LEU D 172 33.31 36.67 18.66
C LEU D 172 32.52 35.71 19.53
N LEU D 173 31.19 35.81 19.47
CA LEU D 173 30.32 34.90 20.20
C LEU D 173 29.57 34.13 19.11
N VAL D 174 29.69 32.80 19.14
CA VAL D 174 28.99 31.98 18.17
C VAL D 174 27.86 31.30 18.92
N ILE D 175 26.64 31.42 18.41
CA ILE D 175 25.51 30.77 19.06
C ILE D 175 25.09 29.61 18.17
N GLY D 176 25.29 28.39 18.68
CA GLY D 176 24.94 27.20 17.93
C GLY D 176 26.13 26.28 17.83
N GLY D 177 25.97 25.07 18.34
CA GLY D 177 27.05 24.09 18.30
C GLY D 177 26.89 23.05 17.21
N GLY D 178 26.39 23.49 16.06
CA GLY D 178 26.23 22.60 14.92
C GLY D 178 27.43 22.74 14.00
N ALA D 179 27.36 22.10 12.84
CA ALA D 179 28.44 22.13 11.85
C ALA D 179 28.84 23.54 11.48
N VAL D 180 27.86 24.39 11.19
CA VAL D 180 28.12 25.77 10.80
C VAL D 180 28.86 26.58 11.89
N GLY D 181 28.30 26.57 13.10
CA GLY D 181 28.93 27.31 14.18
C GLY D 181 30.34 26.86 14.51
N LEU D 182 30.55 25.55 14.60
CA LEU D 182 31.86 25.01 14.93
C LEU D 182 32.92 25.38 13.90
N GLU D 183 32.59 25.20 12.62
CA GLU D 183 33.53 25.50 11.54
C GLU D 183 33.91 26.97 11.50
N LEU D 184 32.91 27.85 11.51
CA LEU D 184 33.20 29.27 11.46
C LEU D 184 33.90 29.76 12.73
N GLY D 185 33.58 29.14 13.86
CA GLY D 185 34.22 29.53 15.10
C GLY D 185 35.71 29.20 15.05
N GLN D 186 36.04 28.00 14.56
CA GLN D 186 37.44 27.61 14.48
C GLN D 186 38.16 28.49 13.46
N VAL D 187 37.48 28.82 12.36
CA VAL D 187 38.12 29.69 11.37
C VAL D 187 38.48 31.03 12.02
N TYR D 188 37.52 31.64 12.70
CA TYR D 188 37.80 32.91 13.34
C TYR D 188 38.87 32.82 14.42
N ARG D 189 38.89 31.72 15.15
CA ARG D 189 39.89 31.55 16.18
C ARG D 189 41.27 31.48 15.54
N ARG D 190 41.40 30.66 14.49
CA ARG D 190 42.66 30.49 13.78
C ARG D 190 43.13 31.77 13.07
N LEU D 191 42.19 32.67 12.85
CA LEU D 191 42.52 33.94 12.22
C LEU D 191 42.85 34.99 13.28
N GLY D 192 42.82 34.59 14.56
CA GLY D 192 43.19 35.52 15.60
C GLY D 192 42.15 36.08 16.54
N ALA D 193 40.87 35.79 16.29
CA ALA D 193 39.84 36.33 17.17
C ALA D 193 39.65 35.46 18.40
N GLU D 194 39.16 36.07 19.47
CA GLU D 194 38.85 35.33 20.68
C GLU D 194 37.49 34.76 20.33
N VAL D 195 37.24 33.51 20.66
CA VAL D 195 35.96 32.92 20.32
C VAL D 195 35.34 32.11 21.44
N THR D 196 34.06 32.35 21.65
CA THR D 196 33.28 31.64 22.64
C THR D 196 32.07 31.12 21.89
N LEU D 197 31.75 29.84 22.06
CA LEU D 197 30.60 29.23 21.39
C LEU D 197 29.67 28.62 22.41
N ILE D 198 28.38 28.88 22.27
CA ILE D 198 27.44 28.30 23.22
C ILE D 198 26.43 27.39 22.53
N GLU D 199 26.14 26.29 23.20
CA GLU D 199 25.21 25.29 22.70
C GLU D 199 24.18 25.00 23.79
N TYR D 200 22.92 25.14 23.44
CA TYR D 200 21.81 24.91 24.35
C TYR D 200 21.76 23.49 24.88
N MET D 201 21.97 22.52 24.00
CA MET D 201 21.94 21.11 24.36
C MET D 201 23.11 20.69 25.24
N PRO D 202 23.06 19.48 25.82
CA PRO D 202 24.13 18.97 26.69
C PRO D 202 25.50 18.85 26.05
N GLU D 203 25.53 18.71 24.73
CA GLU D 203 26.80 18.56 24.00
C GLU D 203 26.65 19.18 22.63
N ILE D 204 27.76 19.51 21.99
CA ILE D 204 27.72 20.08 20.64
C ILE D 204 27.34 18.91 19.72
N LEU D 205 26.93 19.22 18.50
CA LEU D 205 26.52 18.17 17.56
C LEU D 205 25.51 17.24 18.22
N PRO D 206 24.47 17.81 18.85
CA PRO D 206 23.43 17.04 19.54
C PRO D 206 22.90 15.79 18.84
N GLN D 207 22.79 15.86 17.50
CA GLN D 207 22.30 14.71 16.75
C GLN D 207 23.31 13.59 16.57
N GLY D 208 24.58 13.84 16.91
CA GLY D 208 25.58 12.80 16.75
C GLY D 208 26.09 12.18 18.04
N ASP D 209 26.92 11.17 17.90
CA ASP D 209 27.50 10.49 19.05
C ASP D 209 28.19 11.48 20.00
N PRO D 210 27.70 11.56 21.25
CA PRO D 210 28.28 12.48 22.23
C PRO D 210 29.74 12.21 22.57
N GLU D 211 30.14 10.94 22.52
CA GLU D 211 31.51 10.59 22.85
C GLU D 211 32.53 11.23 21.90
N THR D 212 32.37 11.01 20.60
CA THR D 212 33.29 11.60 19.62
C THR D 212 33.08 13.12 19.55
N ALA D 213 31.85 13.56 19.77
CA ALA D 213 31.54 14.99 19.76
C ALA D 213 32.31 15.69 20.90
N ALA D 214 32.33 15.04 22.07
CA ALA D 214 33.02 15.59 23.22
C ALA D 214 34.51 15.74 22.94
N LEU D 215 35.10 14.75 22.28
CA LEU D 215 36.52 14.83 21.95
C LEU D 215 36.76 16.01 21.00
N LEU D 216 35.80 16.32 20.15
CA LEU D 216 35.95 17.44 19.23
C LEU D 216 35.89 18.74 20.05
N ARG D 217 34.94 18.84 20.96
CA ARG D 217 34.85 20.04 21.80
C ARG D 217 36.15 20.27 22.57
N ARG D 218 36.73 19.20 23.12
CA ARG D 218 37.95 19.35 23.88
C ARG D 218 39.13 19.80 23.02
N ALA D 219 39.19 19.34 21.77
CA ALA D 219 40.25 19.74 20.86
C ALA D 219 40.10 21.24 20.57
N LEU D 220 38.85 21.68 20.36
CA LEU D 220 38.56 23.10 20.10
C LEU D 220 38.96 23.95 21.31
N GLU D 221 38.68 23.45 22.51
CA GLU D 221 39.03 24.21 23.70
C GLU D 221 40.54 24.30 23.89
N LYS D 222 41.28 23.31 23.39
CA LYS D 222 42.73 23.35 23.53
C LYS D 222 43.30 24.52 22.71
N GLU D 223 42.58 24.95 21.68
CA GLU D 223 43.00 26.07 20.83
C GLU D 223 42.52 27.41 21.41
N GLY D 224 41.88 27.37 22.57
CA GLY D 224 41.42 28.62 23.15
C GLY D 224 39.99 29.00 22.85
N ILE D 225 39.24 28.12 22.19
CA ILE D 225 37.85 28.41 21.92
C ILE D 225 37.07 27.95 23.15
N ARG D 226 36.34 28.86 23.79
CA ARG D 226 35.57 28.49 24.96
C ARG D 226 34.21 27.98 24.50
N VAL D 227 33.93 26.71 24.74
CA VAL D 227 32.67 26.11 24.34
C VAL D 227 31.79 25.87 25.55
N ARG D 228 30.66 26.59 25.62
CA ARG D 228 29.72 26.48 26.72
C ARG D 228 28.50 25.62 26.33
N THR D 229 28.41 24.40 26.83
CA THR D 229 27.26 23.55 26.52
C THR D 229 26.18 23.83 27.56
N LYS D 230 24.97 23.30 27.34
CA LYS D 230 23.84 23.50 28.24
C LYS D 230 23.72 24.97 28.60
N THR D 231 23.92 25.83 27.62
CA THR D 231 23.86 27.27 27.84
C THR D 231 23.08 27.95 26.75
N LYS D 232 22.38 29.02 27.11
CA LYS D 232 21.60 29.75 26.13
C LYS D 232 21.87 31.24 26.26
N ALA D 233 21.88 31.94 25.12
CA ALA D 233 22.08 33.38 25.10
C ALA D 233 20.69 33.98 25.19
N VAL D 234 20.42 34.69 26.27
CA VAL D 234 19.12 35.29 26.52
C VAL D 234 18.90 36.58 25.75
N GLY D 235 19.92 37.43 25.70
CA GLY D 235 19.80 38.69 25.01
C GLY D 235 21.07 39.48 25.13
N TYR D 236 21.07 40.71 24.64
CA TYR D 236 22.28 41.51 24.72
C TYR D 236 21.95 42.99 24.56
N GLU D 237 22.91 43.82 24.91
CA GLU D 237 22.73 45.23 24.69
C GLU D 237 24.07 45.80 24.30
N LYS D 238 24.03 46.63 23.27
CA LYS D 238 25.22 47.25 22.73
C LYS D 238 25.66 48.40 23.60
N LYS D 239 26.91 48.37 24.02
CA LYS D 239 27.43 49.45 24.84
C LYS D 239 28.72 49.95 24.23
N LYS D 240 29.29 50.97 24.84
CA LYS D 240 30.52 51.61 24.39
C LYS D 240 31.67 50.64 24.10
N ASP D 241 31.82 49.62 24.94
CA ASP D 241 32.92 48.69 24.78
C ASP D 241 32.56 47.36 24.13
N GLY D 242 31.35 47.28 23.58
CA GLY D 242 30.95 46.04 22.92
C GLY D 242 29.55 45.58 23.26
N LEU D 243 29.22 44.36 22.86
CA LEU D 243 27.91 43.81 23.09
C LEU D 243 27.93 42.99 24.38
N HIS D 244 27.15 43.43 25.36
CA HIS D 244 27.06 42.73 26.62
C HIS D 244 25.95 41.71 26.47
N VAL D 245 26.35 40.45 26.42
CA VAL D 245 25.43 39.35 26.25
C VAL D 245 25.21 38.59 27.55
N ARG D 246 23.93 38.30 27.82
CA ARG D 246 23.57 37.57 29.02
C ARG D 246 23.44 36.09 28.67
N LEU D 247 24.20 35.27 29.38
CA LEU D 247 24.17 33.83 29.19
C LEU D 247 23.53 33.22 30.45
N GLU D 248 22.83 32.11 30.29
CA GLU D 248 22.19 31.41 31.41
C GLU D 248 22.20 29.91 31.17
N PRO D 249 22.06 29.11 32.24
CA PRO D 249 22.04 27.65 32.06
C PRO D 249 20.80 27.37 31.19
N ALA D 250 20.86 26.34 30.35
CA ALA D 250 19.73 26.02 29.47
C ALA D 250 18.42 25.83 30.24
N GLU D 251 18.48 25.16 31.38
CA GLU D 251 17.29 24.93 32.18
C GLU D 251 16.98 26.13 33.08
N GLY D 252 17.54 27.29 32.76
CA GLY D 252 17.29 28.47 33.57
C GLY D 252 18.17 28.52 34.80
N GLY D 253 18.46 29.73 35.28
CA GLY D 253 19.30 29.85 36.45
C GLY D 253 20.07 31.15 36.52
N GLU D 254 21.09 31.17 37.37
CA GLU D 254 21.93 32.36 37.56
C GLU D 254 22.65 32.75 36.27
N GLY D 255 22.43 33.97 35.81
CA GLY D 255 23.08 34.40 34.59
C GLY D 255 24.56 34.71 34.67
N GLU D 256 25.15 34.99 33.51
CA GLU D 256 26.56 35.33 33.37
C GLU D 256 26.57 36.41 32.31
N GLU D 257 27.55 37.29 32.35
CA GLU D 257 27.63 38.33 31.34
C GLU D 257 29.00 38.32 30.70
N VAL D 258 29.03 38.30 29.38
CA VAL D 258 30.28 38.33 28.61
C VAL D 258 30.16 39.49 27.64
N VAL D 259 31.29 39.99 27.16
CA VAL D 259 31.28 41.09 26.20
C VAL D 259 32.04 40.65 24.95
N VAL D 260 31.40 40.80 23.79
CA VAL D 260 32.05 40.45 22.52
C VAL D 260 31.86 41.62 21.57
N ASP D 261 32.49 41.54 20.40
CA ASP D 261 32.36 42.60 19.41
C ASP D 261 31.28 42.24 18.38
N LYS D 262 31.19 40.96 18.03
CA LYS D 262 30.20 40.51 17.06
C LYS D 262 29.57 39.20 17.50
N VAL D 263 28.36 38.92 17.02
CA VAL D 263 27.70 37.68 17.36
C VAL D 263 27.33 36.93 16.07
N LEU D 264 27.68 35.65 15.99
CA LEU D 264 27.31 34.84 14.83
C LEU D 264 26.21 33.89 15.28
N VAL D 265 25.02 34.04 14.70
CA VAL D 265 23.90 33.18 15.02
C VAL D 265 23.86 32.05 13.99
N ALA D 266 24.13 30.83 14.44
CA ALA D 266 24.14 29.66 13.60
C ALA D 266 23.27 28.60 14.27
N VAL D 267 22.03 28.96 14.59
CA VAL D 267 21.15 28.03 15.27
C VAL D 267 20.32 27.13 14.35
N GLY D 268 20.39 27.37 13.06
CA GLY D 268 19.62 26.55 12.15
C GLY D 268 19.33 27.19 10.82
N ARG D 269 18.37 26.61 10.11
CA ARG D 269 17.97 27.09 8.80
C ARG D 269 16.44 27.06 8.70
N LYS D 270 15.92 27.84 7.76
CA LYS D 270 14.48 27.91 7.51
C LYS D 270 14.28 27.68 6.00
N PRO D 271 13.41 26.72 5.63
CA PRO D 271 13.18 26.47 4.20
C PRO D 271 12.63 27.68 3.45
N ARG D 272 13.09 27.87 2.22
CA ARG D 272 12.65 29.01 1.39
C ARG D 272 11.45 28.59 0.54
N THR D 273 10.28 28.55 1.16
CA THR D 273 9.08 28.14 0.46
C THR D 273 7.97 29.20 0.43
N GLU D 274 8.24 30.38 0.96
CA GLU D 274 7.25 31.45 0.98
C GLU D 274 7.31 32.28 -0.29
N GLY D 275 6.21 32.96 -0.64
CA GLY D 275 6.18 33.76 -1.84
C GLY D 275 6.42 32.96 -3.09
N LEU D 276 6.50 31.64 -2.92
CA LEU D 276 6.74 30.71 -4.00
C LEU D 276 5.45 30.38 -4.75
N GLY D 277 4.32 30.60 -4.09
CA GLY D 277 3.03 30.31 -4.70
C GLY D 277 2.63 28.87 -4.50
N LEU D 278 3.08 28.27 -3.40
CA LEU D 278 2.76 26.87 -3.11
C LEU D 278 1.33 26.69 -2.61
N GLU D 279 1.02 27.36 -1.51
CA GLU D 279 -0.31 27.30 -0.88
C GLU D 279 -1.49 27.40 -1.85
N LYS D 280 -1.21 27.87 -3.07
CA LYS D 280 -2.26 28.02 -4.07
C LYS D 280 -2.24 26.86 -5.06
N ALA D 281 -1.04 26.36 -5.36
CA ALA D 281 -0.89 25.26 -6.30
C ALA D 281 -1.38 23.93 -5.73
N GLY D 282 -1.58 23.91 -4.42
CA GLY D 282 -2.06 22.70 -3.77
C GLY D 282 -0.98 21.98 -2.99
N VAL D 283 0.26 22.45 -3.12
CA VAL D 283 1.38 21.84 -2.41
C VAL D 283 1.30 22.19 -0.93
N LYS D 284 1.40 21.17 -0.07
CA LYS D 284 1.32 21.38 1.37
C LYS D 284 2.69 21.50 2.03
N VAL D 285 2.73 22.16 3.17
CA VAL D 285 3.95 22.35 3.93
C VAL D 285 3.69 22.01 5.39
N ASP D 286 4.73 21.64 6.13
CA ASP D 286 4.55 21.33 7.54
C ASP D 286 4.60 22.61 8.36
N GLU D 287 4.60 22.47 9.68
CA GLU D 287 4.61 23.62 10.57
C GLU D 287 5.89 24.45 10.48
N ARG D 288 6.93 23.90 9.87
CA ARG D 288 8.20 24.60 9.74
C ARG D 288 8.40 25.22 8.36
N GLY D 289 7.48 24.94 7.43
CA GLY D 289 7.60 25.49 6.08
C GLY D 289 8.18 24.51 5.07
N PHE D 290 8.58 23.33 5.53
CA PHE D 290 9.14 22.32 4.66
C PHE D 290 8.04 21.70 3.78
N ILE D 291 8.32 21.58 2.49
CA ILE D 291 7.35 20.98 1.58
C ILE D 291 7.27 19.50 1.91
N ARG D 292 6.05 18.99 2.08
CA ARG D 292 5.82 17.59 2.43
C ARG D 292 6.03 16.66 1.24
N VAL D 293 6.87 15.65 1.41
CA VAL D 293 7.15 14.68 0.35
C VAL D 293 7.25 13.27 0.89
N ASN D 294 7.15 12.29 0.00
CA ASN D 294 7.28 10.90 0.40
C ASN D 294 8.68 10.44 -0.04
N ALA D 295 8.96 9.14 0.05
CA ALA D 295 10.27 8.62 -0.32
C ALA D 295 10.63 8.77 -1.79
N ARG D 296 9.63 9.07 -2.62
CA ARG D 296 9.86 9.27 -4.05
C ARG D 296 10.05 10.77 -4.31
N MET D 297 10.04 11.54 -3.22
CA MET D 297 10.20 12.99 -3.25
C MET D 297 8.98 13.69 -3.82
N GLU D 298 7.88 12.95 -4.00
CA GLU D 298 6.64 13.50 -4.55
C GLU D 298 5.90 14.34 -3.52
N THR D 299 5.46 15.53 -3.92
CA THR D 299 4.72 16.40 -3.02
C THR D 299 3.29 15.88 -2.94
N SER D 300 2.38 16.69 -2.40
CA SER D 300 0.98 16.30 -2.28
C SER D 300 0.25 16.48 -3.63
N VAL D 301 0.96 17.00 -4.61
CA VAL D 301 0.41 17.22 -5.94
C VAL D 301 1.17 16.37 -6.96
N PRO D 302 0.46 15.48 -7.67
CA PRO D 302 1.10 14.62 -8.67
C PRO D 302 1.90 15.39 -9.72
N GLY D 303 3.11 14.90 -10.02
CA GLY D 303 3.95 15.55 -11.01
C GLY D 303 4.82 16.65 -10.43
N VAL D 304 4.57 17.01 -9.17
CA VAL D 304 5.36 18.04 -8.53
C VAL D 304 6.19 17.44 -7.40
N TYR D 305 7.50 17.62 -7.49
CA TYR D 305 8.41 17.08 -6.50
C TYR D 305 9.09 18.20 -5.72
N ALA D 306 9.69 17.84 -4.59
CA ALA D 306 10.43 18.80 -3.77
C ALA D 306 11.64 18.05 -3.21
N ILE D 307 12.79 18.70 -3.24
CA ILE D 307 14.05 18.07 -2.79
C ILE D 307 14.93 19.03 -1.99
N GLY D 308 15.99 18.49 -1.39
CA GLY D 308 16.91 19.32 -0.64
C GLY D 308 16.38 19.95 0.64
N ASP D 309 17.01 21.06 1.03
CA ASP D 309 16.62 21.78 2.24
C ASP D 309 15.16 22.21 2.25
N ALA D 310 14.58 22.46 1.08
CA ALA D 310 13.19 22.89 1.03
C ALA D 310 12.22 21.76 1.37
N ALA D 311 12.68 20.52 1.25
CA ALA D 311 11.84 19.36 1.50
C ALA D 311 11.92 18.80 2.92
N ARG D 312 13.13 18.65 3.45
CA ARG D 312 13.27 18.09 4.78
C ARG D 312 14.70 18.02 5.28
N PRO D 313 14.88 17.94 6.60
CA PRO D 313 16.20 17.84 7.25
C PRO D 313 16.61 16.37 7.13
N PRO D 314 17.91 16.07 7.26
CA PRO D 314 18.98 17.04 7.51
C PRO D 314 19.27 17.92 6.28
N LEU D 315 19.74 19.13 6.53
CA LEU D 315 20.04 20.07 5.47
C LEU D 315 21.48 19.87 5.00
N LEU D 316 21.69 18.80 4.24
CA LEU D 316 23.00 18.45 3.73
C LEU D 316 22.99 18.42 2.20
N ALA D 317 24.13 18.79 1.63
CA ALA D 317 24.29 18.85 0.18
C ALA D 317 24.21 17.51 -0.54
N HIS D 318 24.93 16.49 -0.05
CA HIS D 318 24.90 15.20 -0.72
C HIS D 318 23.51 14.57 -0.68
N LYS D 319 22.73 14.90 0.35
CA LYS D 319 21.37 14.39 0.46
C LYS D 319 20.52 15.09 -0.60
N ALA D 320 20.73 16.40 -0.77
CA ALA D 320 19.99 17.15 -1.75
C ALA D 320 20.29 16.62 -3.17
N MET D 321 21.55 16.28 -3.42
CA MET D 321 21.97 15.78 -4.71
C MET D 321 21.28 14.46 -5.01
N ARG D 322 21.30 13.54 -4.05
CA ARG D 322 20.66 12.25 -4.25
C ARG D 322 19.16 12.40 -4.45
N GLU D 323 18.54 13.30 -3.71
CA GLU D 323 17.11 13.54 -3.83
C GLU D 323 16.78 14.11 -5.19
N GLY D 324 17.71 14.90 -5.73
CA GLY D 324 17.52 15.46 -7.05
C GLY D 324 17.53 14.34 -8.09
N LEU D 325 18.42 13.38 -7.94
CA LEU D 325 18.51 12.25 -8.86
C LEU D 325 17.21 11.43 -8.81
N ILE D 326 16.69 11.22 -7.60
CA ILE D 326 15.45 10.46 -7.41
C ILE D 326 14.27 11.16 -8.09
N ALA D 327 14.12 12.45 -7.82
CA ALA D 327 13.02 13.21 -8.40
C ALA D 327 13.09 13.26 -9.93
N ALA D 328 14.29 13.37 -10.47
CA ALA D 328 14.46 13.41 -11.92
C ALA D 328 14.10 12.05 -12.51
N GLU D 329 14.55 10.99 -11.85
CA GLU D 329 14.27 9.65 -12.33
C GLU D 329 12.78 9.34 -12.34
N ASN D 330 12.05 9.85 -11.35
CA ASN D 330 10.61 9.62 -11.27
C ASN D 330 9.84 10.52 -12.23
N ALA D 331 10.34 11.72 -12.45
CA ALA D 331 9.68 12.63 -13.36
C ALA D 331 9.86 12.04 -14.76
N ALA D 332 10.92 11.23 -14.93
CA ALA D 332 11.19 10.60 -16.22
C ALA D 332 10.43 9.27 -16.33
N GLY D 333 9.64 8.93 -15.32
CA GLY D 333 8.88 7.70 -15.36
C GLY D 333 9.37 6.50 -14.60
N LYS D 334 10.63 6.52 -14.15
CA LYS D 334 11.17 5.37 -13.41
C LYS D 334 10.51 5.27 -12.03
N ASP D 335 11.02 4.35 -11.21
CA ASP D 335 10.48 4.18 -9.86
C ASP D 335 11.62 4.16 -8.86
N SER D 336 12.07 5.34 -8.46
CA SER D 336 13.16 5.46 -7.50
C SER D 336 12.66 6.00 -6.18
N ALA D 337 13.35 5.62 -5.11
CA ALA D 337 12.99 6.07 -3.77
C ALA D 337 14.23 6.27 -2.91
N PHE D 338 14.16 7.23 -2.00
CA PHE D 338 15.29 7.51 -1.12
C PHE D 338 15.18 6.62 0.12
N ASP D 339 16.16 5.73 0.28
CA ASP D 339 16.20 4.84 1.44
C ASP D 339 17.67 4.61 1.84
N TYR D 340 18.48 5.65 1.70
CA TYR D 340 19.91 5.56 1.97
C TYR D 340 20.40 6.08 3.32
N GLN D 341 21.58 5.59 3.74
CA GLN D 341 22.20 6.05 4.97
C GLN D 341 22.80 7.41 4.59
N VAL D 342 22.61 8.42 5.42
CA VAL D 342 23.13 9.75 5.10
C VAL D 342 24.15 10.20 6.13
N PRO D 343 25.43 10.28 5.74
CA PRO D 343 26.48 10.72 6.66
C PRO D 343 26.49 12.22 6.85
N SER D 344 27.10 12.68 7.95
CA SER D 344 27.21 14.10 8.22
C SER D 344 28.68 14.35 8.60
N VAL D 345 29.20 15.50 8.20
CA VAL D 345 30.60 15.84 8.45
C VAL D 345 30.77 17.27 8.91
N VAL D 346 31.74 17.46 9.81
CA VAL D 346 32.09 18.78 10.32
C VAL D 346 33.54 18.90 9.87
N TYR D 347 33.86 19.94 9.10
CA TYR D 347 35.21 20.10 8.56
C TYR D 347 36.23 20.85 9.40
N THR D 348 36.05 20.79 10.72
CA THR D 348 36.96 21.40 11.67
C THR D 348 38.21 20.53 11.70
N SER D 349 39.23 20.96 12.44
CA SER D 349 40.44 20.16 12.57
C SER D 349 40.61 19.99 14.09
N PRO D 350 40.41 18.76 14.61
CA PRO D 350 40.07 17.53 13.90
C PRO D 350 38.65 17.57 13.34
N GLU D 351 38.41 16.78 12.29
CA GLU D 351 37.10 16.69 11.66
C GLU D 351 36.22 15.72 12.43
N TRP D 352 34.93 15.76 12.16
CA TRP D 352 33.97 14.86 12.79
C TRP D 352 33.03 14.32 11.72
N ALA D 353 32.78 13.02 11.75
CA ALA D 353 31.87 12.42 10.78
C ALA D 353 31.07 11.31 11.45
N GLY D 354 29.82 11.14 11.01
CA GLY D 354 28.99 10.10 11.57
C GLY D 354 27.98 9.60 10.57
N VAL D 355 27.60 8.33 10.69
CA VAL D 355 26.58 7.75 9.83
C VAL D 355 25.96 6.56 10.56
N GLY D 356 24.65 6.40 10.43
CA GLY D 356 24.00 5.28 11.10
C GLY D 356 23.46 5.67 12.48
N LEU D 357 23.25 4.69 13.34
CA LEU D 357 22.68 4.95 14.65
C LEU D 357 23.69 5.21 15.74
N THR D 358 23.38 6.16 16.62
CA THR D 358 24.23 6.44 17.75
C THR D 358 23.97 5.29 18.74
N GLU D 359 24.78 5.20 19.77
CA GLU D 359 24.62 4.17 20.78
C GLU D 359 23.23 4.28 21.39
N GLU D 360 22.85 5.50 21.73
CA GLU D 360 21.55 5.77 22.32
C GLU D 360 20.38 5.36 21.44
N GLU D 361 20.39 5.77 20.17
CA GLU D 361 19.30 5.41 19.25
C GLU D 361 19.20 3.91 19.08
N ALA D 362 20.34 3.23 18.99
CA ALA D 362 20.34 1.78 18.83
C ALA D 362 19.73 1.11 20.05
N LYS D 363 20.04 1.59 21.24
CA LYS D 363 19.49 1.01 22.46
C LYS D 363 17.99 1.28 22.49
N ARG D 364 17.59 2.49 22.11
CA ARG D 364 16.18 2.85 22.10
C ARG D 364 15.38 2.03 21.11
N ALA D 365 16.03 1.60 20.03
CA ALA D 365 15.39 0.80 18.99
C ALA D 365 15.35 -0.69 19.34
N GLY D 366 15.84 -1.04 20.52
CA GLY D 366 15.80 -2.43 20.94
C GLY D 366 16.98 -3.30 20.59
N TYR D 367 18.07 -2.73 20.10
CA TYR D 367 19.24 -3.54 19.76
C TYR D 367 20.07 -3.79 21.01
N LYS D 368 20.73 -4.95 21.05
CA LYS D 368 21.61 -5.28 22.17
C LYS D 368 22.96 -4.72 21.70
N VAL D 369 23.13 -3.43 21.96
CA VAL D 369 24.32 -2.70 21.55
C VAL D 369 25.65 -3.12 22.15
N LYS D 370 26.65 -3.15 21.28
CA LYS D 370 28.02 -3.47 21.64
C LYS D 370 28.82 -2.44 20.85
N VAL D 371 29.90 -1.93 21.43
CA VAL D 371 30.71 -0.93 20.74
C VAL D 371 32.20 -1.29 20.68
N GLY D 372 32.88 -0.71 19.68
CA GLY D 372 34.31 -0.93 19.53
C GLY D 372 34.90 0.45 19.37
N LYS D 373 36.00 0.72 20.07
CA LYS D 373 36.63 2.02 19.99
C LYS D 373 38.11 1.87 19.74
N PHE D 374 38.66 2.79 18.95
CA PHE D 374 40.08 2.79 18.67
C PHE D 374 40.54 4.23 18.64
N PRO D 375 41.51 4.57 19.50
CA PRO D 375 42.06 5.93 19.61
C PRO D 375 43.17 6.19 18.60
N LEU D 376 43.21 7.41 18.07
CA LEU D 376 44.24 7.79 17.10
C LEU D 376 45.62 7.86 17.75
N ALA D 377 45.65 7.91 19.08
CA ALA D 377 46.91 7.94 19.80
C ALA D 377 47.67 6.65 19.55
N ALA D 378 46.97 5.61 19.09
CA ALA D 378 47.60 4.33 18.79
C ALA D 378 47.85 4.12 17.29
N SER D 379 47.57 5.14 16.47
CA SER D 379 47.74 5.04 15.01
C SER D 379 49.10 5.54 14.50
N GLY D 380 49.88 4.63 13.91
CA GLY D 380 51.18 5.04 13.37
C GLY D 380 51.05 6.17 12.37
N ARG D 381 50.03 6.11 11.52
CA ARG D 381 49.82 7.14 10.52
C ARG D 381 49.57 8.49 11.17
N ALA D 382 48.71 8.49 12.19
CA ALA D 382 48.39 9.72 12.90
C ALA D 382 49.66 10.39 13.42
N LEU D 383 50.59 9.57 13.91
CA LEU D 383 51.83 10.09 14.42
C LEU D 383 52.71 10.69 13.33
N THR D 384 52.79 10.02 12.18
CA THR D 384 53.61 10.53 11.08
C THR D 384 53.07 11.87 10.57
N LEU D 385 51.80 12.13 10.83
CA LEU D 385 51.18 13.38 10.40
C LEU D 385 51.32 14.45 11.49
N GLY D 386 51.99 14.09 12.58
CA GLY D 386 52.16 15.03 13.68
C GLY D 386 51.18 14.75 14.81
N GLY D 387 50.34 15.72 15.13
CA GLY D 387 49.36 15.54 16.18
C GLY D 387 48.49 14.31 16.01
N ALA D 388 48.30 13.56 17.09
CA ALA D 388 47.48 12.34 17.02
C ALA D 388 46.33 12.35 18.03
N GLU D 389 45.30 13.13 17.78
CA GLU D 389 44.16 13.20 18.69
C GLU D 389 42.84 12.86 17.98
N GLY D 390 42.14 11.85 18.49
CA GLY D 390 40.88 11.46 17.89
C GLY D 390 40.50 10.02 18.21
N MET D 391 39.47 9.51 17.55
CA MET D 391 39.02 8.15 17.79
C MET D 391 37.97 7.71 16.80
N VAL D 392 37.86 6.40 16.62
CA VAL D 392 36.83 5.81 15.76
C VAL D 392 35.97 4.95 16.67
N LYS D 393 34.66 5.10 16.54
CA LYS D 393 33.72 4.34 17.34
C LYS D 393 32.72 3.63 16.44
N VAL D 394 32.66 2.31 16.55
CA VAL D 394 31.71 1.54 15.76
C VAL D 394 30.61 1.02 16.70
N VAL D 395 29.36 1.08 16.23
CA VAL D 395 28.22 0.63 17.02
C VAL D 395 27.57 -0.55 16.30
N GLY D 396 27.44 -1.66 17.01
CA GLY D 396 26.84 -2.82 16.39
C GLY D 396 25.88 -3.62 17.26
N ASP D 397 25.27 -4.62 16.63
CA ASP D 397 24.31 -5.49 17.28
C ASP D 397 25.11 -6.73 17.67
N GLU D 398 25.25 -6.98 18.97
CA GLU D 398 26.02 -8.15 19.41
C GLU D 398 25.42 -9.48 18.97
N GLU D 399 24.08 -9.55 18.90
CA GLU D 399 23.40 -10.77 18.48
C GLU D 399 23.62 -11.14 17.02
N THR D 400 23.56 -10.13 16.14
CA THR D 400 23.71 -10.36 14.71
C THR D 400 25.08 -9.95 14.13
N ASP D 401 25.88 -9.26 14.94
CA ASP D 401 27.20 -8.78 14.52
C ASP D 401 27.04 -7.72 13.42
N LEU D 402 25.82 -7.27 13.21
CA LEU D 402 25.52 -6.26 12.18
C LEU D 402 25.97 -4.85 12.59
N LEU D 403 26.66 -4.17 11.67
CA LEU D 403 27.12 -2.80 11.94
C LEU D 403 25.90 -1.90 11.93
N LEU D 404 25.81 -1.01 12.91
CA LEU D 404 24.67 -0.10 13.00
C LEU D 404 25.04 1.36 12.84
N GLY D 405 26.28 1.71 13.17
CA GLY D 405 26.66 3.11 13.05
C GLY D 405 28.15 3.26 13.27
N VAL D 406 28.73 4.34 12.74
CA VAL D 406 30.16 4.60 12.87
C VAL D 406 30.35 6.08 13.13
N PHE D 407 31.24 6.41 14.06
CA PHE D 407 31.46 7.81 14.36
C PHE D 407 32.95 8.01 14.43
N ILE D 408 33.41 9.10 13.85
CA ILE D 408 34.83 9.34 13.79
C ILE D 408 35.22 10.78 14.10
N VAL D 409 36.31 10.93 14.85
CA VAL D 409 36.82 12.25 15.14
C VAL D 409 38.32 12.15 14.90
N GLY D 410 38.84 13.05 14.08
CA GLY D 410 40.25 13.02 13.74
C GLY D 410 40.46 13.54 12.33
N PRO D 411 41.71 13.67 11.89
CA PRO D 411 41.98 14.16 10.54
C PRO D 411 41.35 13.26 9.46
N GLN D 412 40.84 13.88 8.40
CA GLN D 412 40.23 13.13 7.30
C GLN D 412 38.99 12.30 7.69
N ALA D 413 38.38 12.57 8.84
CA ALA D 413 37.19 11.81 9.24
C ALA D 413 36.13 11.80 8.15
N GLY D 414 35.96 12.94 7.49
CA GLY D 414 34.96 13.05 6.44
C GLY D 414 35.17 12.09 5.28
N GLU D 415 36.44 11.80 4.96
CA GLU D 415 36.78 10.90 3.87
C GLU D 415 36.62 9.44 4.27
N LEU D 416 36.82 9.16 5.55
CA LEU D 416 36.73 7.79 6.05
C LEU D 416 35.28 7.36 6.33
N ILE D 417 34.39 8.31 6.50
CA ILE D 417 32.99 7.96 6.79
C ILE D 417 32.31 7.28 5.60
N ALA D 418 32.82 7.54 4.40
CA ALA D 418 32.26 6.95 3.17
C ALA D 418 32.38 5.43 3.22
N GLU D 419 33.48 4.95 3.78
CA GLU D 419 33.67 3.50 3.88
C GLU D 419 32.57 2.96 4.80
N ALA D 420 32.26 3.73 5.83
CA ALA D 420 31.24 3.36 6.80
C ALA D 420 29.87 3.34 6.13
N ALA D 421 29.57 4.36 5.34
CA ALA D 421 28.29 4.42 4.64
C ALA D 421 28.13 3.20 3.73
N LEU D 422 29.18 2.88 2.97
CA LEU D 422 29.15 1.73 2.07
C LEU D 422 28.94 0.45 2.88
N ALA D 423 29.59 0.39 4.04
CA ALA D 423 29.47 -0.77 4.90
C ALA D 423 28.02 -0.98 5.31
N LEU D 424 27.36 0.11 5.69
CA LEU D 424 25.96 0.03 6.07
C LEU D 424 25.07 -0.36 4.88
N GLU D 425 25.32 0.26 3.73
CA GLU D 425 24.53 -0.05 2.55
C GLU D 425 24.64 -1.50 2.15
N MET D 426 25.81 -2.10 2.34
CA MET D 426 26.01 -3.50 1.98
C MET D 426 25.60 -4.47 3.08
N GLY D 427 25.10 -3.95 4.20
CA GLY D 427 24.69 -4.80 5.31
C GLY D 427 25.88 -5.54 5.89
N ALA D 428 27.00 -4.84 6.02
CA ALA D 428 28.21 -5.43 6.56
C ALA D 428 28.13 -5.71 8.05
N THR D 429 28.86 -6.72 8.49
CA THR D 429 28.95 -7.06 9.91
C THR D 429 30.30 -6.50 10.38
N LEU D 430 30.51 -6.43 11.70
CA LEU D 430 31.78 -5.93 12.23
C LEU D 430 32.91 -6.82 11.72
N THR D 431 32.63 -8.10 11.58
CA THR D 431 33.61 -9.04 11.08
C THR D 431 34.03 -8.67 9.66
N ASP D 432 33.06 -8.24 8.85
CA ASP D 432 33.38 -7.85 7.48
C ASP D 432 34.34 -6.66 7.49
N LEU D 433 34.05 -5.69 8.33
CA LEU D 433 34.88 -4.50 8.44
C LEU D 433 36.30 -4.86 8.90
N ALA D 434 36.38 -5.76 9.87
CA ALA D 434 37.67 -6.17 10.41
C ALA D 434 38.49 -7.04 9.46
N LEU D 435 37.79 -7.83 8.65
CA LEU D 435 38.49 -8.72 7.73
C LEU D 435 39.00 -8.01 6.47
N THR D 436 38.47 -6.82 6.20
CA THR D 436 38.92 -6.07 5.04
C THR D 436 40.33 -5.59 5.34
N VAL D 437 41.26 -5.86 4.43
CA VAL D 437 42.64 -5.45 4.63
C VAL D 437 42.81 -3.97 4.27
N HIS D 438 42.99 -3.15 5.29
CA HIS D 438 43.17 -1.74 5.09
C HIS D 438 44.66 -1.49 4.89
N PRO D 439 45.03 -0.54 4.03
CA PRO D 439 46.46 -0.28 3.80
C PRO D 439 47.12 0.26 5.06
N HIS D 440 48.37 -0.11 5.26
CA HIS D 440 49.13 0.34 6.41
C HIS D 440 50.35 1.07 5.86
N PRO D 441 50.65 2.27 6.39
CA PRO D 441 49.87 2.92 7.44
C PRO D 441 48.88 3.97 6.95
N THR D 442 47.63 3.91 7.43
CA THR D 442 46.62 4.88 7.06
C THR D 442 45.64 5.14 8.21
N LEU D 443 44.97 6.29 8.11
CA LEU D 443 43.98 6.67 9.09
C LEU D 443 42.80 5.70 9.02
N SER D 444 42.51 5.19 7.81
CA SER D 444 41.41 4.26 7.59
C SER D 444 41.55 2.99 8.42
N GLU D 445 42.78 2.62 8.74
CA GLU D 445 43.02 1.43 9.56
C GLU D 445 42.30 1.48 10.92
N SER D 446 42.01 2.69 11.39
CA SER D 446 41.34 2.86 12.68
C SER D 446 39.93 2.28 12.64
N LEU D 447 39.33 2.25 11.45
CA LEU D 447 38.01 1.67 11.30
C LEU D 447 38.12 0.17 11.52
N MET D 448 39.10 -0.44 10.86
CA MET D 448 39.35 -1.86 10.93
C MET D 448 39.66 -2.28 12.37
N GLU D 449 40.58 -1.58 13.00
CA GLU D 449 40.94 -1.89 14.38
C GLU D 449 39.77 -1.62 15.33
N ALA D 450 38.96 -0.62 15.02
CA ALA D 450 37.81 -0.32 15.86
C ALA D 450 36.86 -1.52 15.82
N ALA D 451 36.69 -2.09 14.63
CA ALA D 451 35.84 -3.26 14.46
C ALA D 451 36.44 -4.44 15.24
N GLU D 452 37.76 -4.51 15.25
CA GLU D 452 38.43 -5.60 15.97
C GLU D 452 38.28 -5.42 17.48
N ALA D 453 38.31 -4.18 17.94
CA ALA D 453 38.14 -3.91 19.38
C ALA D 453 36.72 -4.35 19.79
N PHE D 454 35.79 -4.26 18.84
CA PHE D 454 34.41 -4.66 19.07
C PHE D 454 34.40 -6.14 19.48
N HIS D 455 35.24 -6.94 18.84
CA HIS D 455 35.36 -8.37 19.16
C HIS D 455 36.49 -8.64 20.15
N LYS D 456 36.90 -7.60 20.87
CA LYS D 456 37.96 -7.74 21.88
C LYS D 456 39.27 -8.31 21.35
N GLN D 457 39.64 -7.96 20.13
CA GLN D 457 40.91 -8.46 19.61
C GLN D 457 41.69 -7.45 18.79
N ALA D 458 41.62 -6.19 19.21
CA ALA D 458 42.40 -5.14 18.52
C ALA D 458 43.86 -5.47 18.84
N ILE D 459 44.75 -5.12 17.92
CA ILE D 459 46.17 -5.42 18.10
C ILE D 459 46.97 -4.22 18.64
N HIS D 460 46.72 -3.04 18.10
CA HIS D 460 47.48 -1.87 18.52
C HIS D 460 47.06 -1.19 19.80
N ILE D 461 46.12 -1.81 20.52
CA ILE D 461 45.69 -1.31 21.81
C ILE D 461 45.34 -2.54 22.62
N LEU D 462 45.48 -2.43 23.94
CA LEU D 462 45.14 -3.55 24.80
C LEU D 462 43.62 -3.56 24.85
N ASN D 463 43.03 -4.74 24.92
CA ASN D 463 41.58 -4.84 24.99
C ASN D 463 41.14 -5.01 26.43
N MET E 4 65.40 -26.88 29.27
CA MET E 4 64.98 -26.12 28.05
C MET E 4 63.65 -25.41 28.27
N LYS E 5 63.66 -24.09 28.07
CA LYS E 5 62.45 -23.29 28.23
C LYS E 5 61.49 -23.65 27.10
N THR E 6 60.22 -23.81 27.43
CA THR E 6 59.21 -24.18 26.44
C THR E 6 58.04 -23.21 26.41
N TYR E 7 57.37 -23.16 25.27
CA TYR E 7 56.23 -22.28 25.08
C TYR E 7 55.25 -22.91 24.12
N ASP E 8 54.07 -22.33 24.00
CA ASP E 8 53.08 -22.83 23.07
C ASP E 8 53.51 -22.37 21.70
N LEU E 9 54.00 -21.14 21.62
CA LEU E 9 54.44 -20.57 20.36
C LEU E 9 55.67 -19.69 20.46
N ILE E 10 56.56 -19.82 19.48
CA ILE E 10 57.76 -19.01 19.42
C ILE E 10 57.71 -18.25 18.09
N VAL E 11 57.72 -16.92 18.17
CA VAL E 11 57.69 -16.08 16.99
C VAL E 11 59.09 -15.48 16.77
N ILE E 12 59.63 -15.67 15.57
CA ILE E 12 60.94 -15.13 15.24
C ILE E 12 60.75 -13.84 14.44
N GLY E 13 60.97 -12.71 15.12
CA GLY E 13 60.81 -11.42 14.47
C GLY E 13 59.65 -10.62 15.03
N THR E 14 59.86 -9.33 15.28
CA THR E 14 58.81 -8.49 15.83
C THR E 14 58.37 -7.32 14.94
N GLY E 15 58.40 -7.53 13.63
CA GLY E 15 57.96 -6.48 12.73
C GLY E 15 56.44 -6.61 12.64
N PRO E 16 55.79 -5.90 11.70
CA PRO E 16 54.33 -5.96 11.55
C PRO E 16 53.79 -7.39 11.63
N GLY E 17 54.39 -8.30 10.86
CA GLY E 17 53.94 -9.68 10.87
C GLY E 17 54.11 -10.41 12.19
N GLY E 18 55.32 -10.33 12.75
CA GLY E 18 55.61 -11.00 14.00
C GLY E 18 54.86 -10.51 15.23
N TYR E 19 54.73 -9.20 15.42
CA TYR E 19 54.02 -8.76 16.62
C TYR E 19 52.51 -9.00 16.52
N HIS E 20 51.98 -9.01 15.30
CA HIS E 20 50.55 -9.28 15.14
C HIS E 20 50.31 -10.74 15.49
N ALA E 21 51.19 -11.63 15.02
CA ALA E 21 51.07 -13.05 15.29
C ALA E 21 51.22 -13.35 16.80
N ALA E 22 52.22 -12.73 17.43
CA ALA E 22 52.46 -12.94 18.85
C ALA E 22 51.31 -12.45 19.71
N ILE E 23 50.82 -11.25 19.43
CA ILE E 23 49.71 -10.70 20.20
C ILE E 23 48.41 -11.47 19.99
N ARG E 24 48.08 -11.79 18.73
CA ARG E 24 46.85 -12.53 18.45
C ARG E 24 46.93 -13.89 19.11
N ALA E 25 48.12 -14.49 19.08
CA ALA E 25 48.31 -15.79 19.72
C ALA E 25 48.05 -15.66 21.21
N ALA E 26 48.60 -14.61 21.83
CA ALA E 26 48.38 -14.41 23.26
C ALA E 26 46.90 -14.20 23.54
N GLN E 27 46.23 -13.45 22.67
CA GLN E 27 44.80 -13.18 22.85
C GLN E 27 44.01 -14.49 22.87
N LEU E 28 44.51 -15.49 22.15
CA LEU E 28 43.85 -16.79 22.09
C LEU E 28 44.31 -17.71 23.22
N GLY E 29 45.00 -17.14 24.19
CA GLY E 29 45.46 -17.91 25.33
C GLY E 29 46.76 -18.70 25.22
N LEU E 30 47.60 -18.40 24.25
CA LEU E 30 48.86 -19.14 24.11
C LEU E 30 50.02 -18.47 24.84
N LYS E 31 51.01 -19.27 25.22
CA LYS E 31 52.21 -18.77 25.89
C LYS E 31 53.19 -18.51 24.77
N VAL E 32 53.44 -17.23 24.51
CA VAL E 32 54.32 -16.84 23.41
C VAL E 32 55.69 -16.27 23.74
N LEU E 33 56.68 -16.69 22.96
CA LEU E 33 58.03 -16.18 23.08
C LEU E 33 58.29 -15.43 21.76
N ALA E 34 58.64 -14.16 21.86
CA ALA E 34 58.93 -13.36 20.69
C ALA E 34 60.42 -13.01 20.70
N VAL E 35 61.13 -13.39 19.65
CA VAL E 35 62.56 -13.11 19.57
C VAL E 35 62.86 -12.03 18.53
N GLU E 36 63.69 -11.06 18.90
CA GLU E 36 64.04 -9.97 18.00
C GLU E 36 65.54 -9.69 18.04
N ALA E 37 66.19 -9.84 16.89
CA ALA E 37 67.64 -9.61 16.80
C ALA E 37 68.04 -8.14 16.71
N GLY E 38 67.10 -7.27 16.35
CA GLY E 38 67.44 -5.87 16.24
C GLY E 38 66.45 -4.99 16.96
N GLU E 39 66.01 -3.93 16.28
CA GLU E 39 65.05 -3.03 16.86
C GLU E 39 63.67 -3.66 16.76
N VAL E 40 62.90 -3.56 17.84
CA VAL E 40 61.55 -4.11 17.87
C VAL E 40 60.69 -3.28 16.91
N GLY E 41 59.79 -3.95 16.20
CA GLY E 41 58.93 -3.24 15.27
C GLY E 41 59.27 -3.52 13.82
N GLY E 42 60.44 -4.12 13.60
CA GLY E 42 60.87 -4.44 12.25
C GLY E 42 61.10 -3.24 11.34
N VAL E 43 61.20 -3.54 10.04
CA VAL E 43 61.45 -2.56 9.01
C VAL E 43 60.43 -1.41 8.90
N CYS E 44 59.16 -1.77 8.84
CA CYS E 44 58.07 -0.79 8.72
C CYS E 44 58.16 0.36 9.72
N LEU E 45 58.31 0.00 10.99
CA LEU E 45 58.40 1.01 12.04
C LEU E 45 59.78 1.66 12.15
N ASN E 46 60.84 0.90 11.92
CA ASN E 46 62.19 1.45 12.06
C ASN E 46 62.83 2.12 10.85
N VAL E 47 62.83 1.46 9.70
CA VAL E 47 63.46 2.02 8.51
C VAL E 47 62.61 1.91 7.23
N GLY E 48 61.31 1.70 7.40
CA GLY E 48 60.43 1.57 6.25
C GLY E 48 59.28 2.54 6.25
N CYS E 49 58.06 2.00 6.28
CA CYS E 49 56.83 2.78 6.27
C CYS E 49 56.87 4.10 7.04
N ILE E 50 57.02 3.96 8.35
CA ILE E 50 57.00 5.10 9.28
C ILE E 50 57.98 6.24 9.05
N PRO E 51 59.29 5.99 9.13
CA PRO E 51 60.19 7.13 8.91
C PRO E 51 59.99 7.77 7.54
N THR E 52 59.73 6.95 6.53
CA THR E 52 59.50 7.48 5.19
C THR E 52 58.24 8.35 5.14
N LYS E 53 57.14 7.87 5.72
CA LYS E 53 55.90 8.65 5.72
C LYS E 53 56.09 9.97 6.48
N ALA E 54 56.85 9.93 7.57
CA ALA E 54 57.11 11.14 8.35
C ALA E 54 57.84 12.18 7.49
N LEU E 55 58.83 11.73 6.74
CA LEU E 55 59.60 12.63 5.88
C LEU E 55 58.70 13.22 4.79
N LEU E 56 57.83 12.40 4.22
CA LEU E 56 56.91 12.86 3.19
C LEU E 56 55.98 13.94 3.72
N HIS E 57 55.55 13.77 4.96
CA HIS E 57 54.65 14.76 5.54
C HIS E 57 55.35 16.08 5.67
N ALA E 58 56.56 16.07 6.20
CA ALA E 58 57.31 17.32 6.34
C ALA E 58 57.48 17.92 4.95
N ALA E 59 57.87 17.09 3.98
CA ALA E 59 58.06 17.58 2.62
C ALA E 59 56.82 18.23 2.04
N GLU E 60 55.67 17.56 2.20
CA GLU E 60 54.39 18.08 1.70
C GLU E 60 54.05 19.39 2.38
N THR E 61 54.26 19.44 3.69
CA THR E 61 53.99 20.66 4.45
C THR E 61 54.80 21.82 3.90
N LEU E 62 56.07 21.58 3.59
CA LEU E 62 56.94 22.61 3.06
C LEU E 62 56.48 23.00 1.64
N HIS E 63 56.36 22.00 0.78
CA HIS E 63 55.96 22.21 -0.61
C HIS E 63 54.64 22.94 -0.83
N HIS E 64 53.62 22.60 -0.04
CA HIS E 64 52.30 23.19 -0.17
C HIS E 64 52.27 24.70 0.07
N LEU E 65 53.31 25.22 0.71
CA LEU E 65 53.38 26.64 1.01
C LEU E 65 53.47 27.50 -0.25
N LYS E 66 53.95 26.92 -1.35
CA LYS E 66 54.04 27.66 -2.61
C LYS E 66 52.62 27.95 -3.04
N VAL E 67 51.80 26.91 -2.98
CA VAL E 67 50.39 26.98 -3.34
C VAL E 67 49.67 27.94 -2.40
N ALA E 68 49.93 27.80 -1.10
CA ALA E 68 49.28 28.63 -0.08
C ALA E 68 49.43 30.13 -0.33
N GLU E 69 50.49 30.52 -1.02
CA GLU E 69 50.67 31.93 -1.33
C GLU E 69 49.46 32.40 -2.13
N GLY E 70 48.90 31.48 -2.91
CA GLY E 70 47.75 31.81 -3.72
C GLY E 70 46.59 32.35 -2.90
N PHE E 71 46.48 31.90 -1.65
CA PHE E 71 45.39 32.42 -0.83
C PHE E 71 45.84 33.34 0.30
N GLY E 72 46.91 34.09 0.02
CA GLY E 72 47.39 35.06 0.99
C GLY E 72 48.32 34.62 2.10
N LEU E 73 48.76 33.36 2.10
CA LEU E 73 49.68 32.93 3.14
C LEU E 73 51.09 33.19 2.66
N LYS E 74 51.68 34.26 3.18
CA LYS E 74 53.05 34.61 2.82
C LYS E 74 53.96 34.00 3.88
N ALA E 75 54.98 33.31 3.42
CA ALA E 75 55.91 32.69 4.35
C ALA E 75 57.29 32.60 3.73
N LYS E 76 58.29 32.54 4.61
CA LYS E 76 59.68 32.42 4.20
C LYS E 76 60.12 31.20 4.99
N PRO E 77 59.76 30.00 4.50
CA PRO E 77 60.09 28.73 5.14
C PRO E 77 61.55 28.30 5.06
N GLU E 78 62.04 27.80 6.18
CA GLU E 78 63.40 27.30 6.29
C GLU E 78 63.28 25.98 7.02
N LEU E 79 63.76 24.90 6.40
CA LEU E 79 63.65 23.58 7.00
C LEU E 79 64.96 23.04 7.60
N ASP E 80 65.03 22.99 8.93
CA ASP E 80 66.21 22.48 9.65
C ASP E 80 66.25 20.95 9.56
N LEU E 81 67.10 20.43 8.69
CA LEU E 81 67.21 18.98 8.50
C LEU E 81 67.55 18.19 9.77
N LYS E 82 68.40 18.74 10.63
CA LYS E 82 68.77 18.04 11.86
C LYS E 82 67.53 17.89 12.73
N LYS E 83 66.74 18.95 12.79
CA LYS E 83 65.51 18.97 13.57
C LYS E 83 64.52 17.97 12.98
N LEU E 84 64.41 17.96 11.65
CA LEU E 84 63.51 17.03 10.95
C LEU E 84 63.93 15.61 11.27
N GLY E 85 65.23 15.37 11.23
CA GLY E 85 65.73 14.04 11.52
C GLY E 85 65.43 13.67 12.97
N GLY E 86 65.44 14.68 13.85
CA GLY E 86 65.15 14.44 15.26
C GLY E 86 63.69 14.03 15.45
N TRP E 87 62.79 14.75 14.80
CA TRP E 87 61.37 14.44 14.91
C TRP E 87 61.13 13.02 14.40
N ARG E 88 61.69 12.71 13.23
CA ARG E 88 61.55 11.39 12.63
C ARG E 88 61.94 10.29 13.62
N ASP E 89 63.07 10.45 14.29
CA ASP E 89 63.51 9.44 15.25
C ASP E 89 62.53 9.34 16.42
N GLN E 90 61.98 10.48 16.85
CA GLN E 90 61.02 10.53 17.96
C GLN E 90 59.76 9.74 17.59
N VAL E 91 59.31 9.89 16.34
CA VAL E 91 58.12 9.18 15.88
C VAL E 91 58.38 7.68 15.92
N VAL E 92 59.52 7.27 15.39
CA VAL E 92 59.90 5.87 15.37
C VAL E 92 60.02 5.33 16.79
N LYS E 93 60.63 6.10 17.66
CA LYS E 93 60.80 5.69 19.05
C LYS E 93 59.46 5.42 19.73
N LYS E 94 58.54 6.39 19.64
CA LYS E 94 57.23 6.24 20.25
C LYS E 94 56.51 4.97 19.78
N LEU E 95 56.57 4.70 18.48
CA LEU E 95 55.91 3.54 17.93
C LEU E 95 56.58 2.19 18.27
N THR E 96 57.90 2.12 18.26
CA THR E 96 58.56 0.86 18.60
C THR E 96 58.40 0.59 20.10
N GLY E 97 58.51 1.64 20.92
CA GLY E 97 58.30 1.44 22.35
C GLY E 97 56.87 0.97 22.53
N GLY E 98 55.96 1.53 21.73
CA GLY E 98 54.56 1.14 21.78
C GLY E 98 54.37 -0.35 21.57
N VAL E 99 55.05 -0.91 20.57
CA VAL E 99 54.92 -2.33 20.33
C VAL E 99 55.51 -3.11 21.52
N GLY E 100 56.65 -2.65 22.03
CA GLY E 100 57.27 -3.31 23.18
C GLY E 100 56.27 -3.38 24.32
N THR E 101 55.54 -2.29 24.53
CA THR E 101 54.54 -2.22 25.58
C THR E 101 53.35 -3.12 25.26
N LEU E 102 53.00 -3.24 23.98
CA LEU E 102 51.87 -4.08 23.59
C LEU E 102 52.16 -5.54 23.87
N LEU E 103 53.41 -5.96 23.60
CA LEU E 103 53.80 -7.34 23.81
C LEU E 103 53.77 -7.70 25.30
N LYS E 104 54.48 -6.93 26.11
CA LYS E 104 54.52 -7.18 27.55
C LYS E 104 53.10 -7.13 28.13
N GLY E 105 52.30 -6.20 27.62
CA GLY E 105 50.93 -6.07 28.11
C GLY E 105 50.01 -7.21 27.71
N ASN E 106 50.45 -8.02 26.75
CA ASN E 106 49.68 -9.16 26.28
C ASN E 106 50.23 -10.46 26.83
N GLY E 107 51.23 -10.35 27.71
CA GLY E 107 51.83 -11.53 28.30
C GLY E 107 52.83 -12.24 27.40
N VAL E 108 53.31 -11.53 26.39
CA VAL E 108 54.29 -12.09 25.46
C VAL E 108 55.67 -11.82 26.01
N GLU E 109 56.53 -12.83 26.01
CA GLU E 109 57.88 -12.68 26.51
C GLU E 109 58.83 -12.26 25.38
N LEU E 110 59.42 -11.08 25.52
CA LEU E 110 60.35 -10.57 24.51
C LEU E 110 61.81 -10.95 24.83
N LEU E 111 62.47 -11.56 23.86
CA LEU E 111 63.86 -11.98 23.97
C LEU E 111 64.71 -11.34 22.88
N ARG E 112 65.59 -10.42 23.26
CA ARG E 112 66.46 -9.78 22.29
C ARG E 112 67.54 -10.78 21.92
N GLY E 113 67.70 -11.03 20.63
CA GLY E 113 68.70 -11.98 20.17
C GLY E 113 68.35 -12.56 18.81
N PHE E 114 69.34 -13.15 18.15
CA PHE E 114 69.15 -13.76 16.84
C PHE E 114 68.75 -15.21 17.03
N ALA E 115 67.59 -15.57 16.50
CA ALA E 115 67.11 -16.94 16.62
C ALA E 115 67.51 -17.76 15.41
N ARG E 116 68.06 -18.95 15.67
CA ARG E 116 68.46 -19.87 14.61
C ARG E 116 67.65 -21.13 14.81
N LEU E 117 67.01 -21.59 13.73
CA LEU E 117 66.18 -22.77 13.80
C LEU E 117 67.03 -24.03 13.96
N VAL E 118 66.76 -24.80 15.03
CA VAL E 118 67.49 -26.04 15.28
C VAL E 118 66.59 -27.21 14.94
N GLY E 119 65.30 -27.07 15.23
CA GLY E 119 64.35 -28.13 14.93
C GLY E 119 62.95 -27.62 14.68
N PRO E 120 62.09 -28.45 14.08
CA PRO E 120 60.69 -28.10 13.77
C PRO E 120 59.90 -27.67 14.99
N LYS E 121 60.54 -27.70 16.17
CA LYS E 121 59.87 -27.32 17.40
C LYS E 121 60.85 -26.78 18.45
N GLU E 122 62.05 -26.41 17.99
CA GLU E 122 63.08 -25.87 18.88
C GLU E 122 63.93 -24.81 18.14
N VAL E 123 64.39 -23.81 18.88
CA VAL E 123 65.21 -22.74 18.34
C VAL E 123 66.34 -22.43 19.32
N GLU E 124 67.42 -21.82 18.84
CA GLU E 124 68.54 -21.46 19.68
C GLU E 124 68.83 -19.97 19.61
N VAL E 125 69.08 -19.35 20.76
CA VAL E 125 69.35 -17.93 20.82
C VAL E 125 70.45 -17.62 21.81
N GLY E 126 71.60 -17.21 21.29
CA GLY E 126 72.73 -16.87 22.15
C GLY E 126 73.06 -17.97 23.15
N GLY E 127 73.20 -19.19 22.65
CA GLY E 127 73.53 -20.31 23.51
C GLY E 127 72.35 -21.10 24.06
N GLU E 128 71.36 -20.41 24.59
CA GLU E 128 70.18 -21.06 25.17
C GLU E 128 69.27 -21.72 24.13
N ARG E 129 68.59 -22.78 24.54
CA ARG E 129 67.67 -23.49 23.65
C ARG E 129 66.23 -23.26 24.11
N TYR E 130 65.34 -23.05 23.14
CA TYR E 130 63.92 -22.81 23.43
C TYR E 130 63.05 -23.67 22.51
N GLY E 131 61.98 -24.23 23.08
CA GLY E 131 61.09 -25.08 22.29
C GLY E 131 59.63 -24.72 22.38
N ALA E 132 58.87 -25.12 21.36
CA ALA E 132 57.45 -24.83 21.31
C ALA E 132 56.77 -25.76 20.29
N LYS E 133 55.46 -25.95 20.45
CA LYS E 133 54.73 -26.82 19.53
C LYS E 133 54.61 -26.17 18.16
N SER E 134 54.44 -24.85 18.15
CA SER E 134 54.30 -24.11 16.90
C SER E 134 55.31 -22.99 16.77
N LEU E 135 55.86 -22.83 15.57
CA LEU E 135 56.85 -21.78 15.29
C LEU E 135 56.38 -20.88 14.15
N ILE E 136 56.55 -19.57 14.32
CA ILE E 136 56.16 -18.64 13.27
C ILE E 136 57.37 -17.80 12.87
N LEU E 137 57.81 -17.99 11.63
CA LEU E 137 58.96 -17.29 11.08
C LEU E 137 58.54 -15.99 10.41
N ALA E 138 58.96 -14.88 11.00
CA ALA E 138 58.62 -13.55 10.50
C ALA E 138 59.90 -12.76 10.39
N THR E 139 60.85 -13.29 9.63
CA THR E 139 62.17 -12.68 9.47
C THR E 139 62.29 -11.45 8.56
N GLY E 140 61.23 -11.12 7.82
CA GLY E 140 61.27 -9.95 6.96
C GLY E 140 62.21 -10.01 5.76
N SER E 141 62.56 -8.83 5.23
CA SER E 141 63.44 -8.77 4.08
C SER E 141 64.47 -7.66 4.17
N GLU E 142 65.23 -7.46 3.10
CA GLU E 142 66.27 -6.43 3.09
C GLU E 142 66.51 -5.88 1.68
N PRO E 143 67.11 -4.70 1.58
CA PRO E 143 67.38 -4.08 0.28
C PRO E 143 68.08 -5.04 -0.69
N LEU E 144 67.62 -5.07 -1.93
CA LEU E 144 68.22 -5.92 -2.95
C LEU E 144 69.37 -5.15 -3.60
N GLU E 145 70.46 -5.84 -3.91
CA GLU E 145 71.60 -5.16 -4.52
C GLU E 145 71.53 -5.19 -6.04
N LEU E 146 71.99 -4.12 -6.67
CA LEU E 146 71.98 -4.00 -8.14
C LEU E 146 73.42 -4.14 -8.67
N LYS E 147 73.61 -5.00 -9.66
CA LYS E 147 74.94 -5.20 -10.22
C LYS E 147 75.45 -3.91 -10.85
N GLY E 148 76.69 -3.57 -10.53
CA GLY E 148 77.29 -2.35 -11.07
C GLY E 148 77.10 -1.19 -10.11
N PHE E 149 76.32 -1.40 -9.06
CA PHE E 149 76.07 -0.36 -8.07
C PHE E 149 76.10 -0.90 -6.64
N PRO E 150 77.24 -1.45 -6.22
CA PRO E 150 77.36 -1.98 -4.86
C PRO E 150 77.09 -0.89 -3.84
N PHE E 151 76.45 -1.24 -2.73
CA PHE E 151 76.14 -0.27 -1.71
C PHE E 151 77.43 0.26 -1.10
N GLY E 152 77.48 1.55 -0.82
CA GLY E 152 78.67 2.14 -0.24
C GLY E 152 78.41 3.57 0.17
N GLU E 153 79.48 4.34 0.37
CA GLU E 153 79.34 5.74 0.78
C GLU E 153 78.61 6.60 -0.25
N ASP E 154 78.63 6.18 -1.52
CA ASP E 154 77.96 6.95 -2.57
C ASP E 154 76.77 6.21 -3.18
N VAL E 155 76.57 4.97 -2.78
CA VAL E 155 75.44 4.20 -3.29
C VAL E 155 74.63 3.74 -2.08
N TRP E 156 73.54 4.44 -1.84
CA TRP E 156 72.66 4.18 -0.69
C TRP E 156 71.49 3.23 -0.90
N ASP E 157 71.05 2.63 0.20
CA ASP E 157 69.87 1.77 0.21
C ASP E 157 68.82 2.67 0.87
N SER E 158 67.56 2.23 0.94
CA SER E 158 66.54 3.08 1.55
C SER E 158 66.89 3.55 2.98
N THR E 159 67.46 2.66 3.77
CA THR E 159 67.82 3.01 5.15
C THR E 159 68.74 4.23 5.23
N ARG E 160 69.77 4.27 4.40
CA ARG E 160 70.68 5.40 4.43
C ARG E 160 70.01 6.66 3.88
N ALA E 161 69.12 6.48 2.91
CA ALA E 161 68.45 7.63 2.33
C ALA E 161 67.58 8.37 3.33
N LEU E 162 67.10 7.66 4.34
CA LEU E 162 66.23 8.26 5.37
C LEU E 162 66.90 9.38 6.15
N LYS E 163 68.21 9.24 6.37
CA LYS E 163 68.98 10.21 7.15
C LYS E 163 69.30 11.50 6.42
N VAL E 164 68.25 12.27 6.10
CA VAL E 164 68.42 13.53 5.39
C VAL E 164 69.32 14.50 6.14
N GLU E 165 69.42 14.32 7.46
CA GLU E 165 70.23 15.20 8.28
C GLU E 165 71.74 15.03 8.12
N GLU E 166 72.16 13.95 7.45
CA GLU E 166 73.58 13.68 7.25
C GLU E 166 74.14 14.29 5.97
N GLY E 167 73.40 15.21 5.38
CA GLY E 167 73.87 15.83 4.15
C GLY E 167 72.97 15.51 2.98
N LEU E 168 72.48 16.58 2.34
CA LEU E 168 71.59 16.45 1.19
C LEU E 168 72.40 16.59 -0.10
N PRO E 169 72.48 15.52 -0.89
CA PRO E 169 73.24 15.63 -2.14
C PRO E 169 72.59 16.67 -3.05
N LYS E 170 73.40 17.37 -3.83
CA LYS E 170 72.86 18.36 -4.76
C LYS E 170 72.12 17.67 -5.89
N ARG E 171 72.65 16.53 -6.33
CA ARG E 171 72.05 15.76 -7.41
C ARG E 171 71.92 14.31 -6.99
N LEU E 172 70.74 13.75 -7.21
CA LEU E 172 70.46 12.38 -6.86
C LEU E 172 69.95 11.57 -8.04
N LEU E 173 70.32 10.30 -8.07
CA LEU E 173 69.84 9.40 -9.12
C LEU E 173 69.13 8.29 -8.37
N VAL E 174 67.87 8.02 -8.72
CA VAL E 174 67.16 6.95 -8.06
C VAL E 174 66.96 5.85 -9.09
N ILE E 175 67.33 4.63 -8.72
CA ILE E 175 67.14 3.52 -9.64
C ILE E 175 66.02 2.68 -9.07
N GLY E 176 64.93 2.56 -9.84
CA GLY E 176 63.77 1.80 -9.40
C GLY E 176 62.53 2.68 -9.37
N GLY E 177 61.49 2.27 -10.10
CA GLY E 177 60.27 3.05 -10.15
C GLY E 177 59.12 2.51 -9.30
N GLY E 178 59.45 1.90 -8.16
CA GLY E 178 58.44 1.38 -7.27
C GLY E 178 58.15 2.39 -6.17
N ALA E 179 57.27 2.03 -5.24
CA ALA E 179 56.90 2.90 -4.14
C ALA E 179 58.09 3.52 -3.41
N VAL E 180 59.09 2.71 -3.11
CA VAL E 180 60.27 3.19 -2.40
C VAL E 180 61.04 4.27 -3.15
N GLY E 181 61.35 4.02 -4.42
CA GLY E 181 62.10 5.02 -5.19
C GLY E 181 61.30 6.30 -5.44
N LEU E 182 60.03 6.13 -5.77
CA LEU E 182 59.18 7.29 -6.05
C LEU E 182 59.04 8.17 -4.83
N GLU E 183 58.83 7.56 -3.67
CA GLU E 183 58.66 8.32 -2.43
C GLU E 183 59.94 9.05 -2.00
N LEU E 184 61.05 8.32 -1.91
CA LEU E 184 62.29 8.95 -1.49
C LEU E 184 62.79 9.95 -2.52
N GLY E 185 62.47 9.69 -3.79
CA GLY E 185 62.87 10.62 -4.83
C GLY E 185 62.15 11.94 -4.64
N GLN E 186 60.84 11.90 -4.40
CA GLN E 186 60.10 13.15 -4.21
C GLN E 186 60.49 13.88 -2.93
N VAL E 187 60.83 13.14 -1.88
CA VAL E 187 61.25 13.77 -0.63
C VAL E 187 62.53 14.57 -0.93
N TYR E 188 63.50 13.94 -1.57
CA TYR E 188 64.74 14.62 -1.91
C TYR E 188 64.53 15.80 -2.83
N ARG E 189 63.56 15.69 -3.73
CA ARG E 189 63.29 16.79 -4.63
C ARG E 189 62.71 17.97 -3.86
N ARG E 190 61.77 17.68 -2.96
CA ARG E 190 61.14 18.73 -2.18
C ARG E 190 62.11 19.37 -1.22
N LEU E 191 63.20 18.67 -0.92
CA LEU E 191 64.22 19.23 -0.03
C LEU E 191 65.26 20.05 -0.79
N GLY E 192 65.09 20.19 -2.10
CA GLY E 192 66.02 20.98 -2.88
C GLY E 192 66.99 20.25 -3.79
N ALA E 193 67.07 18.93 -3.67
CA ALA E 193 67.97 18.16 -4.51
C ALA E 193 67.45 18.06 -5.94
N GLU E 194 68.37 17.82 -6.87
CA GLU E 194 68.01 17.65 -8.27
C GLU E 194 67.79 16.14 -8.33
N VAL E 195 66.70 15.69 -8.94
CA VAL E 195 66.44 14.26 -8.97
C VAL E 195 66.08 13.64 -10.31
N THR E 196 66.73 12.51 -10.59
CA THR E 196 66.49 11.78 -11.82
C THR E 196 66.16 10.37 -11.36
N LEU E 197 65.04 9.83 -11.84
CA LEU E 197 64.64 8.48 -11.47
C LEU E 197 64.54 7.60 -12.72
N ILE E 198 65.21 6.45 -12.70
CA ILE E 198 65.16 5.58 -13.85
C ILE E 198 64.39 4.30 -13.57
N GLU E 199 63.55 3.90 -14.53
CA GLU E 199 62.76 2.69 -14.41
C GLU E 199 62.94 1.87 -15.68
N TYR E 200 63.34 0.61 -15.49
CA TYR E 200 63.56 -0.32 -16.58
C TYR E 200 62.31 -0.59 -17.42
N MET E 201 61.16 -0.70 -16.77
CA MET E 201 59.91 -0.99 -17.48
C MET E 201 59.35 0.18 -18.27
N PRO E 202 58.32 -0.06 -19.09
CA PRO E 202 57.70 1.01 -19.90
C PRO E 202 57.09 2.13 -19.06
N GLU E 203 56.68 1.79 -17.84
CA GLU E 203 56.05 2.77 -16.96
C GLU E 203 56.45 2.49 -15.51
N ILE E 204 56.31 3.50 -14.66
CA ILE E 204 56.62 3.32 -13.24
C ILE E 204 55.48 2.45 -12.68
N LEU E 205 55.66 1.94 -11.47
CA LEU E 205 54.64 1.10 -10.85
C LEU E 205 54.13 0.08 -11.87
N PRO E 206 55.05 -0.67 -12.48
CA PRO E 206 54.70 -1.68 -13.50
C PRO E 206 53.58 -2.64 -13.11
N GLN E 207 53.43 -2.91 -11.82
CA GLN E 207 52.38 -3.82 -11.36
C GLN E 207 50.98 -3.20 -11.36
N GLY E 208 50.91 -1.89 -11.15
CA GLY E 208 49.61 -1.25 -11.13
C GLY E 208 49.10 -0.71 -12.46
N ASP E 209 47.90 -0.14 -12.41
CA ASP E 209 47.23 0.45 -13.56
C ASP E 209 48.13 1.50 -14.25
N PRO E 210 48.43 1.29 -15.54
CA PRO E 210 49.28 2.18 -16.36
C PRO E 210 48.79 3.62 -16.44
N GLU E 211 47.49 3.79 -16.57
CA GLU E 211 46.91 5.12 -16.70
C GLU E 211 47.07 6.03 -15.48
N THR E 212 46.76 5.53 -14.30
CA THR E 212 46.91 6.36 -13.11
C THR E 212 48.39 6.49 -12.78
N ALA E 213 49.16 5.46 -13.13
CA ALA E 213 50.60 5.47 -12.89
C ALA E 213 51.23 6.57 -13.72
N ALA E 214 50.82 6.68 -14.98
CA ALA E 214 51.35 7.70 -15.87
C ALA E 214 51.01 9.10 -15.33
N LEU E 215 49.81 9.27 -14.80
CA LEU E 215 49.40 10.56 -14.26
C LEU E 215 50.28 10.97 -13.09
N LEU E 216 50.70 9.99 -12.30
CA LEU E 216 51.57 10.27 -11.17
C LEU E 216 52.95 10.70 -11.72
N ARG E 217 53.46 9.95 -12.69
CA ARG E 217 54.74 10.29 -13.30
C ARG E 217 54.75 11.72 -13.83
N ARG E 218 53.67 12.12 -14.51
CA ARG E 218 53.59 13.47 -15.07
C ARG E 218 53.60 14.54 -13.97
N ALA E 219 52.95 14.26 -12.84
CA ALA E 219 52.94 15.22 -11.74
C ALA E 219 54.36 15.34 -11.14
N LEU E 220 55.04 14.21 -11.03
CA LEU E 220 56.39 14.19 -10.49
C LEU E 220 57.33 14.97 -11.39
N GLU E 221 57.18 14.81 -12.70
CA GLU E 221 58.00 15.52 -13.65
C GLU E 221 57.67 17.01 -13.61
N LYS E 222 56.43 17.33 -13.27
CA LYS E 222 56.05 18.73 -13.17
C LYS E 222 56.79 19.36 -12.00
N GLU E 223 57.18 18.56 -11.01
CA GLU E 223 57.91 19.10 -9.86
C GLU E 223 59.40 19.14 -10.13
N GLY E 224 59.79 18.75 -11.33
CA GLY E 224 61.21 18.80 -11.68
C GLY E 224 61.94 17.49 -11.59
N ILE E 225 61.22 16.41 -11.30
CA ILE E 225 61.84 15.11 -11.22
C ILE E 225 61.87 14.49 -12.60
N ARG E 226 63.07 14.19 -13.08
CA ARG E 226 63.17 13.58 -14.41
C ARG E 226 63.04 12.09 -14.28
N VAL E 227 61.96 11.55 -14.83
CA VAL E 227 61.67 10.12 -14.80
C VAL E 227 61.97 9.51 -16.16
N ARG E 228 62.94 8.61 -16.22
CA ARG E 228 63.33 7.96 -17.46
C ARG E 228 62.87 6.51 -17.45
N THR E 229 61.80 6.20 -18.18
CA THR E 229 61.30 4.83 -18.25
C THR E 229 62.04 4.11 -19.36
N LYS E 230 61.81 2.80 -19.49
CA LYS E 230 62.49 2.00 -20.52
C LYS E 230 64.00 2.27 -20.47
N THR E 231 64.52 2.52 -19.28
CA THR E 231 65.95 2.80 -19.12
C THR E 231 66.56 2.00 -17.98
N LYS E 232 67.84 1.66 -18.12
CA LYS E 232 68.53 0.91 -17.09
C LYS E 232 69.88 1.54 -16.79
N ALA E 233 70.31 1.45 -15.54
CA ALA E 233 71.60 1.98 -15.12
C ALA E 233 72.57 0.82 -15.26
N VAL E 234 73.64 1.02 -16.01
CA VAL E 234 74.61 -0.05 -16.23
C VAL E 234 75.75 -0.01 -15.22
N GLY E 235 76.25 1.18 -14.95
CA GLY E 235 77.35 1.32 -14.01
C GLY E 235 77.76 2.76 -13.89
N TYR E 236 78.83 3.02 -13.13
CA TYR E 236 79.29 4.38 -12.96
C TYR E 236 80.78 4.46 -12.69
N GLU E 237 81.27 5.68 -12.58
CA GLU E 237 82.68 5.94 -12.31
C GLU E 237 82.77 7.17 -11.43
N LYS E 238 83.37 7.03 -10.25
CA LYS E 238 83.53 8.15 -9.34
C LYS E 238 84.65 9.04 -9.88
N LYS E 239 84.34 10.32 -10.05
CA LYS E 239 85.29 11.30 -10.54
C LYS E 239 85.24 12.49 -9.61
N LYS E 240 86.15 13.42 -9.82
CA LYS E 240 86.27 14.64 -9.03
C LYS E 240 84.98 15.46 -8.86
N ASP E 241 84.12 15.45 -9.88
CA ASP E 241 82.89 16.24 -9.83
C ASP E 241 81.63 15.44 -9.51
N GLY E 242 81.79 14.14 -9.28
CA GLY E 242 80.63 13.32 -8.96
C GLY E 242 80.67 11.94 -9.57
N LEU E 243 79.53 11.25 -9.50
CA LEU E 243 79.41 9.92 -10.05
C LEU E 243 78.90 9.99 -11.49
N HIS E 244 79.65 9.42 -12.41
CA HIS E 244 79.28 9.43 -13.82
C HIS E 244 78.61 8.10 -14.13
N VAL E 245 77.29 8.13 -14.14
CA VAL E 245 76.48 6.96 -14.39
C VAL E 245 76.13 6.74 -15.85
N ARG E 246 76.29 5.51 -16.31
CA ARG E 246 76.00 5.15 -17.68
C ARG E 246 74.59 4.58 -17.80
N LEU E 247 73.74 5.21 -18.59
CA LEU E 247 72.38 4.74 -18.80
C LEU E 247 72.23 4.26 -20.24
N GLU E 248 71.47 3.19 -20.42
CA GLU E 248 71.21 2.63 -21.75
C GLU E 248 69.72 2.31 -21.84
N PRO E 249 69.21 2.10 -23.07
CA PRO E 249 67.79 1.76 -23.18
C PRO E 249 67.63 0.38 -22.54
N ALA E 250 66.48 0.15 -21.92
CA ALA E 250 66.21 -1.12 -21.25
C ALA E 250 66.71 -2.35 -22.00
N GLU E 251 66.30 -2.51 -23.26
CA GLU E 251 66.71 -3.67 -24.04
C GLU E 251 68.17 -3.61 -24.52
N GLY E 252 68.62 -2.40 -24.86
CA GLY E 252 69.97 -2.23 -25.33
C GLY E 252 70.07 -1.10 -26.33
N GLY E 253 71.25 -0.51 -26.44
CA GLY E 253 71.45 0.60 -27.36
C GLY E 253 72.61 1.46 -26.93
N GLU E 254 72.76 2.61 -27.58
CA GLU E 254 73.83 3.55 -27.28
C GLU E 254 73.72 4.04 -25.84
N GLY E 255 74.86 4.15 -25.17
CA GLY E 255 74.85 4.61 -23.79
C GLY E 255 74.92 6.12 -23.64
N GLU E 256 74.24 6.64 -22.62
CA GLU E 256 74.24 8.05 -22.34
C GLU E 256 74.75 8.21 -20.91
N GLU E 257 75.17 9.42 -20.58
CA GLU E 257 75.71 9.66 -19.25
C GLU E 257 74.99 10.76 -18.49
N VAL E 258 74.88 10.55 -17.18
CA VAL E 258 74.26 11.50 -16.28
C VAL E 258 75.18 11.60 -15.07
N VAL E 259 75.36 12.80 -14.55
CA VAL E 259 76.25 12.99 -13.43
C VAL E 259 75.50 13.40 -12.17
N VAL E 260 75.66 12.60 -11.12
CA VAL E 260 75.00 12.87 -9.85
C VAL E 260 76.00 12.75 -8.72
N ASP E 261 75.64 13.28 -7.57
CA ASP E 261 76.52 13.21 -6.41
C ASP E 261 76.27 11.93 -5.62
N LYS E 262 75.07 11.39 -5.77
CA LYS E 262 74.72 10.18 -5.03
C LYS E 262 73.68 9.36 -5.78
N VAL E 263 73.66 8.07 -5.49
CA VAL E 263 72.73 7.13 -6.11
C VAL E 263 71.94 6.34 -5.06
N LEU E 264 70.63 6.23 -5.28
CA LEU E 264 69.79 5.44 -4.38
C LEU E 264 69.30 4.25 -5.19
N VAL E 265 69.60 3.06 -4.69
CA VAL E 265 69.18 1.83 -5.36
C VAL E 265 67.93 1.30 -4.66
N ALA E 266 66.80 1.31 -5.37
CA ALA E 266 65.54 0.82 -4.83
C ALA E 266 64.88 -0.05 -5.89
N VAL E 267 65.53 -1.18 -6.17
CA VAL E 267 65.04 -2.10 -7.19
C VAL E 267 64.35 -3.32 -6.61
N GLY E 268 64.22 -3.37 -5.29
CA GLY E 268 63.56 -4.51 -4.71
C GLY E 268 64.07 -4.92 -3.35
N ARG E 269 63.59 -6.06 -2.86
CA ARG E 269 63.97 -6.59 -1.56
C ARG E 269 64.31 -8.06 -1.65
N LYS E 270 65.19 -8.49 -0.75
CA LYS E 270 65.64 -9.87 -0.67
C LYS E 270 65.18 -10.41 0.70
N PRO E 271 64.54 -11.58 0.73
CA PRO E 271 64.09 -12.13 2.02
C PRO E 271 65.25 -12.50 2.95
N ARG E 272 65.07 -12.26 4.24
CA ARG E 272 66.09 -12.58 5.23
C ARG E 272 65.89 -14.01 5.73
N THR E 273 66.31 -14.97 4.92
CA THR E 273 66.18 -16.38 5.26
C THR E 273 67.51 -17.12 5.31
N GLU E 274 68.61 -16.38 5.21
CA GLU E 274 69.94 -16.98 5.25
C GLU E 274 70.55 -16.96 6.64
N GLY E 275 71.05 -18.11 7.08
CA GLY E 275 71.66 -18.20 8.40
C GLY E 275 70.63 -18.47 9.47
N LEU E 276 69.43 -18.82 9.05
CA LEU E 276 68.34 -19.09 9.98
C LEU E 276 68.31 -20.59 10.28
N GLY E 277 69.08 -21.35 9.51
CA GLY E 277 69.12 -22.78 9.70
C GLY E 277 67.83 -23.39 9.19
N LEU E 278 67.39 -22.90 8.03
CA LEU E 278 66.16 -23.39 7.41
C LEU E 278 66.33 -24.74 6.72
N GLU E 279 67.15 -24.75 5.67
CA GLU E 279 67.40 -25.96 4.89
C GLU E 279 67.61 -27.21 5.75
N LYS E 280 68.08 -27.02 6.98
CA LYS E 280 68.33 -28.13 7.89
C LYS E 280 67.11 -28.58 8.67
N ALA E 281 66.19 -27.65 8.94
CA ALA E 281 64.97 -27.97 9.69
C ALA E 281 63.89 -28.62 8.82
N GLY E 282 64.07 -28.54 7.50
CA GLY E 282 63.10 -29.11 6.60
C GLY E 282 62.30 -28.06 5.85
N VAL E 283 62.37 -26.82 6.33
CA VAL E 283 61.65 -25.72 5.70
C VAL E 283 62.22 -25.46 4.30
N LYS E 284 61.36 -25.61 3.30
CA LYS E 284 61.74 -25.42 1.91
C LYS E 284 61.72 -23.94 1.52
N VAL E 285 62.50 -23.61 0.48
CA VAL E 285 62.58 -22.24 0.00
C VAL E 285 62.58 -22.26 -1.53
N ASP E 286 62.35 -21.10 -2.16
CA ASP E 286 62.31 -21.03 -3.61
C ASP E 286 63.51 -20.28 -4.21
N GLU E 287 63.53 -20.19 -5.53
CA GLU E 287 64.60 -19.53 -6.28
C GLU E 287 64.96 -18.15 -5.74
N ARG E 288 63.95 -17.37 -5.39
CA ARG E 288 64.16 -16.02 -4.87
C ARG E 288 64.59 -16.04 -3.41
N GLY E 289 64.26 -17.12 -2.70
CA GLY E 289 64.63 -17.23 -1.31
C GLY E 289 63.48 -17.13 -0.31
N PHE E 290 62.26 -17.08 -0.82
CA PHE E 290 61.09 -16.99 0.06
C PHE E 290 60.77 -18.34 0.68
N ILE E 291 60.17 -18.29 1.87
CA ILE E 291 59.79 -19.50 2.58
C ILE E 291 58.41 -19.95 2.10
N ARG E 292 58.39 -21.09 1.43
CA ARG E 292 57.16 -21.67 0.85
C ARG E 292 56.06 -21.93 1.87
N VAL E 293 54.86 -21.43 1.58
CA VAL E 293 53.71 -21.60 2.46
C VAL E 293 52.41 -21.72 1.66
N ASN E 294 51.36 -22.25 2.31
CA ASN E 294 50.05 -22.36 1.68
C ASN E 294 49.13 -21.24 2.21
N ALA E 295 47.86 -21.29 1.83
CA ALA E 295 46.88 -20.27 2.24
C ALA E 295 46.74 -20.13 3.76
N ARG E 296 47.17 -21.15 4.49
CA ARG E 296 47.11 -21.15 5.95
C ARG E 296 48.42 -20.63 6.53
N MET E 297 49.32 -20.24 5.65
CA MET E 297 50.64 -19.71 6.02
C MET E 297 51.56 -20.79 6.58
N GLU E 298 51.22 -22.05 6.35
CA GLU E 298 52.00 -23.17 6.85
C GLU E 298 53.14 -23.56 5.90
N THR E 299 54.32 -23.82 6.46
CA THR E 299 55.47 -24.21 5.64
C THR E 299 55.40 -25.70 5.34
N SER E 300 56.44 -26.23 4.71
CA SER E 300 56.50 -27.65 4.38
C SER E 300 56.65 -28.52 5.63
N VAL E 301 56.82 -27.88 6.78
CA VAL E 301 56.96 -28.56 8.05
C VAL E 301 55.79 -28.17 8.94
N PRO E 302 54.88 -29.11 9.24
CA PRO E 302 53.71 -28.84 10.08
C PRO E 302 54.07 -28.24 11.44
N GLY E 303 53.32 -27.21 11.84
CA GLY E 303 53.59 -26.56 13.11
C GLY E 303 54.48 -25.36 12.92
N VAL E 304 55.13 -25.31 11.76
CA VAL E 304 56.01 -24.19 11.44
C VAL E 304 55.36 -23.32 10.36
N TYR E 305 55.24 -22.02 10.64
CA TYR E 305 54.63 -21.09 9.70
C TYR E 305 55.61 -19.97 9.33
N ALA E 306 55.32 -19.31 8.21
CA ALA E 306 56.13 -18.19 7.74
C ALA E 306 55.17 -17.11 7.26
N ILE E 307 55.49 -15.85 7.54
CA ILE E 307 54.61 -14.75 7.16
C ILE E 307 55.38 -13.53 6.64
N GLY E 308 54.63 -12.56 6.14
CA GLY E 308 55.23 -11.33 5.66
C GLY E 308 56.23 -11.43 4.52
N ASP E 309 57.18 -10.49 4.53
CA ASP E 309 58.21 -10.38 3.52
C ASP E 309 59.08 -11.62 3.29
N ALA E 310 59.15 -12.49 4.28
CA ALA E 310 59.98 -13.69 4.14
C ALA E 310 59.16 -14.85 3.60
N ALA E 311 57.86 -14.63 3.45
CA ALA E 311 56.96 -15.67 2.98
C ALA E 311 56.58 -15.56 1.50
N ARG E 312 56.11 -14.37 1.09
CA ARG E 312 55.69 -14.19 -0.30
C ARG E 312 55.32 -12.75 -0.60
N PRO E 313 55.48 -12.34 -1.87
CA PRO E 313 55.13 -10.96 -2.27
C PRO E 313 53.61 -10.84 -2.32
N PRO E 314 53.08 -9.60 -2.33
CA PRO E 314 53.84 -8.35 -2.31
C PRO E 314 54.43 -8.09 -0.93
N LEU E 315 55.50 -7.30 -0.90
CA LEU E 315 56.17 -6.98 0.35
C LEU E 315 55.52 -5.76 0.99
N LEU E 316 54.34 -5.98 1.56
CA LEU E 316 53.56 -4.92 2.19
C LEU E 316 53.30 -5.18 3.66
N ALA E 317 53.13 -4.10 4.43
CA ALA E 317 52.90 -4.17 5.87
C ALA E 317 51.54 -4.76 6.25
N HIS E 318 50.47 -4.14 5.76
CA HIS E 318 49.13 -4.63 6.09
C HIS E 318 48.97 -6.09 5.73
N LYS E 319 49.63 -6.54 4.67
CA LYS E 319 49.58 -7.94 4.27
C LYS E 319 50.29 -8.80 5.32
N ALA E 320 51.50 -8.40 5.71
CA ALA E 320 52.24 -9.15 6.71
C ALA E 320 51.45 -9.23 8.02
N MET E 321 50.75 -8.14 8.36
CA MET E 321 49.95 -8.10 9.59
C MET E 321 48.85 -9.15 9.57
N ARG E 322 48.09 -9.20 8.47
CA ARG E 322 47.01 -10.16 8.36
C ARG E 322 47.53 -11.61 8.38
N GLU E 323 48.63 -11.86 7.67
CA GLU E 323 49.18 -13.22 7.66
C GLU E 323 49.60 -13.61 9.07
N GLY E 324 50.05 -12.61 9.83
CA GLY E 324 50.45 -12.85 11.21
C GLY E 324 49.29 -13.36 12.03
N LEU E 325 48.12 -12.73 11.83
CA LEU E 325 46.90 -13.10 12.53
C LEU E 325 46.48 -14.51 12.10
N ILE E 326 46.56 -14.77 10.81
CA ILE E 326 46.19 -16.09 10.28
C ILE E 326 47.02 -17.19 10.93
N ALA E 327 48.35 -17.05 10.83
CA ALA E 327 49.29 -18.01 11.37
C ALA E 327 49.05 -18.26 12.86
N ALA E 328 48.85 -17.19 13.61
CA ALA E 328 48.62 -17.29 15.04
C ALA E 328 47.36 -18.11 15.30
N GLU E 329 46.28 -17.78 14.60
CA GLU E 329 45.04 -18.50 14.78
C GLU E 329 45.20 -19.99 14.52
N ASN E 330 45.88 -20.35 13.44
CA ASN E 330 46.09 -21.76 13.13
C ASN E 330 47.02 -22.43 14.14
N ALA E 331 47.99 -21.67 14.65
CA ALA E 331 48.90 -22.23 15.65
C ALA E 331 48.07 -22.47 16.91
N ALA E 332 47.01 -21.68 17.06
CA ALA E 332 46.10 -21.80 18.20
C ALA E 332 45.00 -22.83 17.94
N GLY E 333 45.12 -23.58 16.85
CA GLY E 333 44.13 -24.60 16.55
C GLY E 333 42.97 -24.25 15.63
N LYS E 334 42.73 -22.97 15.36
CA LYS E 334 41.62 -22.62 14.47
C LYS E 334 41.90 -23.02 13.04
N ASP E 335 41.08 -22.53 12.11
CA ASP E 335 41.27 -22.84 10.69
C ASP E 335 41.09 -21.58 9.85
N SER E 336 42.16 -20.81 9.73
CA SER E 336 42.12 -19.57 8.96
C SER E 336 42.98 -19.64 7.71
N ALA E 337 42.58 -18.89 6.70
CA ALA E 337 43.30 -18.87 5.44
C ALA E 337 43.29 -17.47 4.84
N PHE E 338 44.43 -17.06 4.28
CA PHE E 338 44.53 -15.76 3.66
C PHE E 338 43.89 -15.79 2.28
N ASP E 339 42.81 -15.02 2.11
CA ASP E 339 42.12 -14.95 0.83
C ASP E 339 41.46 -13.59 0.70
N TYR E 340 42.25 -12.55 0.88
CA TYR E 340 41.73 -11.21 0.83
C TYR E 340 42.36 -10.37 -0.26
N GLN E 341 41.67 -9.29 -0.60
CA GLN E 341 42.15 -8.33 -1.61
C GLN E 341 43.22 -7.52 -0.89
N VAL E 342 44.40 -7.41 -1.48
CA VAL E 342 45.48 -6.65 -0.85
C VAL E 342 45.73 -5.34 -1.59
N PRO E 343 45.41 -4.19 -0.97
CA PRO E 343 45.65 -2.93 -1.66
C PRO E 343 47.13 -2.52 -1.60
N SER E 344 47.53 -1.55 -2.41
CA SER E 344 48.90 -1.07 -2.41
C SER E 344 48.82 0.45 -2.56
N VAL E 345 49.71 1.14 -1.87
CA VAL E 345 49.70 2.59 -1.87
C VAL E 345 51.09 3.21 -2.03
N VAL E 346 51.16 4.38 -2.65
CA VAL E 346 52.42 5.11 -2.81
C VAL E 346 52.10 6.46 -2.20
N TYR E 347 52.85 6.84 -1.16
CA TYR E 347 52.59 8.08 -0.45
C TYR E 347 53.17 9.38 -0.99
N THR E 348 53.40 9.39 -2.30
CA THR E 348 53.89 10.57 -2.98
C THR E 348 52.72 11.56 -2.96
N SER E 349 52.93 12.75 -3.51
CA SER E 349 51.90 13.76 -3.62
C SER E 349 51.90 14.12 -5.11
N PRO E 350 50.84 13.73 -5.85
CA PRO E 350 49.67 12.99 -5.40
C PRO E 350 49.95 11.53 -5.05
N GLU E 351 49.13 10.96 -4.17
CA GLU E 351 49.30 9.57 -3.77
C GLU E 351 48.73 8.67 -4.85
N TRP E 352 49.17 7.42 -4.87
CA TRP E 352 48.66 6.46 -5.84
C TRP E 352 48.18 5.27 -5.02
N ALA E 353 47.05 4.71 -5.41
CA ALA E 353 46.51 3.55 -4.70
C ALA E 353 45.76 2.66 -5.66
N GLY E 354 45.81 1.36 -5.39
CA GLY E 354 45.11 0.42 -6.23
C GLY E 354 44.78 -0.84 -5.49
N VAL E 355 43.69 -1.47 -5.91
CA VAL E 355 43.29 -2.74 -5.32
C VAL E 355 42.47 -3.46 -6.37
N GLY E 356 42.62 -4.77 -6.41
CA GLY E 356 41.86 -5.55 -7.37
C GLY E 356 42.56 -5.73 -8.70
N LEU E 357 41.77 -6.00 -9.72
CA LEU E 357 42.32 -6.24 -11.05
C LEU E 357 42.42 -5.02 -11.95
N THR E 358 43.56 -4.91 -12.65
CA THR E 358 43.77 -3.84 -13.61
C THR E 358 42.93 -4.22 -14.82
N GLU E 359 42.78 -3.29 -15.76
CA GLU E 359 42.04 -3.57 -16.99
C GLU E 359 42.57 -4.79 -17.71
N GLU E 360 43.88 -4.85 -17.91
CA GLU E 360 44.47 -5.98 -18.63
C GLU E 360 44.37 -7.32 -17.91
N GLU E 361 44.49 -7.33 -16.58
CA GLU E 361 44.36 -8.57 -15.82
C GLU E 361 42.91 -9.06 -15.91
N ALA E 362 41.97 -8.12 -15.84
CA ALA E 362 40.56 -8.45 -15.92
C ALA E 362 40.23 -8.97 -17.32
N LYS E 363 40.72 -8.31 -18.36
CA LYS E 363 40.46 -8.77 -19.72
C LYS E 363 41.03 -10.18 -19.90
N ARG E 364 42.30 -10.33 -19.54
CA ARG E 364 42.98 -11.61 -19.64
C ARG E 364 42.20 -12.72 -18.94
N ALA E 365 41.48 -12.34 -17.88
CA ALA E 365 40.70 -13.29 -17.09
C ALA E 365 39.37 -13.70 -17.73
N GLY E 366 38.94 -12.98 -18.77
CA GLY E 366 37.69 -13.33 -19.42
C GLY E 366 36.51 -12.43 -19.14
N TYR E 367 36.73 -11.38 -18.35
CA TYR E 367 35.64 -10.46 -18.05
C TYR E 367 35.47 -9.47 -19.21
N LYS E 368 34.22 -9.11 -19.49
CA LYS E 368 33.95 -8.08 -20.51
C LYS E 368 34.12 -6.79 -19.70
N VAL E 369 35.30 -6.20 -19.80
CA VAL E 369 35.64 -5.00 -19.06
C VAL E 369 35.08 -3.69 -19.59
N LYS E 370 34.72 -2.84 -18.64
CA LYS E 370 34.17 -1.53 -18.89
C LYS E 370 34.76 -0.71 -17.74
N VAL E 371 35.16 0.53 -18.00
CA VAL E 371 35.72 1.33 -16.94
C VAL E 371 35.02 2.67 -16.83
N GLY E 372 35.08 3.23 -15.63
CA GLY E 372 34.49 4.53 -15.36
C GLY E 372 35.60 5.41 -14.82
N LYS E 373 35.73 6.63 -15.32
CA LYS E 373 36.77 7.52 -14.84
C LYS E 373 36.22 8.87 -14.39
N PHE E 374 36.78 9.41 -13.31
CA PHE E 374 36.39 10.71 -12.81
C PHE E 374 37.66 11.49 -12.47
N PRO E 375 37.87 12.64 -13.12
CA PRO E 375 39.05 13.49 -12.90
C PRO E 375 38.91 14.42 -11.71
N LEU E 376 40.00 14.61 -10.95
CA LEU E 376 39.89 15.50 -9.79
C LEU E 376 39.67 16.95 -10.21
N ALA E 377 39.96 17.28 -11.47
CA ALA E 377 39.74 18.64 -11.95
C ALA E 377 38.27 19.01 -11.86
N ALA E 378 37.41 18.01 -11.72
CA ALA E 378 35.98 18.27 -11.61
C ALA E 378 35.47 18.12 -10.16
N SER E 379 36.39 17.99 -9.21
CA SER E 379 36.05 17.83 -7.80
C SER E 379 36.04 19.14 -7.01
N GLY E 380 34.87 19.49 -6.47
CA GLY E 380 34.75 20.71 -5.69
C GLY E 380 35.71 20.70 -4.51
N ARG E 381 35.79 19.56 -3.83
CA ARG E 381 36.67 19.41 -2.67
C ARG E 381 38.14 19.64 -3.03
N ALA E 382 38.58 19.07 -4.14
CA ALA E 382 39.96 19.21 -4.57
C ALA E 382 40.28 20.68 -4.79
N LEU E 383 39.32 21.43 -5.31
CA LEU E 383 39.54 22.85 -5.54
C LEU E 383 39.66 23.61 -4.21
N THR E 384 38.85 23.24 -3.21
CA THR E 384 38.94 23.91 -1.91
C THR E 384 40.24 23.57 -1.20
N LEU E 385 40.94 22.55 -1.71
CA LEU E 385 42.19 22.15 -1.13
C LEU E 385 43.38 22.83 -1.80
N GLY E 386 43.08 23.67 -2.79
CA GLY E 386 44.13 24.40 -3.49
C GLY E 386 44.53 23.91 -4.86
N GLY E 387 43.78 22.99 -5.46
CA GLY E 387 44.15 22.51 -6.78
C GLY E 387 43.83 21.05 -7.01
N ALA E 388 43.06 20.79 -8.06
CA ALA E 388 42.62 19.44 -8.40
C ALA E 388 43.35 18.67 -9.51
N GLU E 389 44.32 17.84 -9.13
CA GLU E 389 45.05 17.04 -10.11
C GLU E 389 44.98 15.54 -9.76
N GLY E 390 44.48 14.73 -10.69
CA GLY E 390 44.38 13.30 -10.44
C GLY E 390 43.09 12.69 -10.97
N MET E 391 42.84 11.42 -10.67
CA MET E 391 41.64 10.76 -11.14
C MET E 391 41.32 9.44 -10.43
N VAL E 392 40.06 9.02 -10.53
CA VAL E 392 39.65 7.75 -9.98
C VAL E 392 39.20 6.90 -11.17
N LYS E 393 39.70 5.67 -11.26
CA LYS E 393 39.32 4.76 -12.33
C LYS E 393 38.77 3.48 -11.73
N VAL E 394 37.52 3.14 -12.05
CA VAL E 394 36.93 1.89 -11.57
C VAL E 394 36.88 0.89 -12.73
N VAL E 395 37.18 -0.36 -12.44
CA VAL E 395 37.20 -1.44 -13.43
C VAL E 395 36.14 -2.46 -13.06
N GLY E 396 35.18 -2.68 -13.96
CA GLY E 396 34.10 -3.63 -13.68
C GLY E 396 33.66 -4.49 -14.85
N ASP E 397 32.83 -5.49 -14.53
CA ASP E 397 32.28 -6.40 -15.53
C ASP E 397 31.01 -5.76 -16.05
N GLU E 398 30.96 -5.44 -17.33
CA GLU E 398 29.76 -4.80 -17.85
C GLU E 398 28.58 -5.76 -17.93
N GLU E 399 28.84 -7.06 -17.91
CA GLU E 399 27.75 -8.04 -17.98
C GLU E 399 27.11 -8.31 -16.64
N THR E 400 27.91 -8.35 -15.58
CA THR E 400 27.40 -8.60 -14.23
C THR E 400 27.35 -7.33 -13.37
N ASP E 401 28.00 -6.27 -13.84
CA ASP E 401 28.07 -4.99 -13.14
C ASP E 401 28.94 -5.08 -11.88
N LEU E 402 29.63 -6.20 -11.72
CA LEU E 402 30.49 -6.43 -10.58
C LEU E 402 31.77 -5.58 -10.64
N LEU E 403 32.16 -5.01 -9.49
CA LEU E 403 33.38 -4.21 -9.40
C LEU E 403 34.57 -5.18 -9.40
N LEU E 404 35.62 -4.88 -10.16
CA LEU E 404 36.77 -5.77 -10.25
C LEU E 404 38.07 -5.13 -9.77
N GLY E 405 38.17 -3.82 -9.89
CA GLY E 405 39.38 -3.13 -9.48
C GLY E 405 39.15 -1.63 -9.40
N VAL E 406 39.97 -0.97 -8.58
CA VAL E 406 39.87 0.48 -8.43
C VAL E 406 41.29 1.01 -8.30
N PHE E 407 41.57 2.11 -8.98
CA PHE E 407 42.88 2.72 -8.96
C PHE E 407 42.66 4.21 -8.80
N ILE E 408 43.45 4.81 -7.93
CA ILE E 408 43.30 6.23 -7.65
C ILE E 408 44.64 6.97 -7.62
N VAL E 409 44.64 8.18 -8.15
CA VAL E 409 45.81 9.03 -8.11
C VAL E 409 45.25 10.40 -7.72
N GLY E 410 45.72 10.92 -6.58
CA GLY E 410 45.26 12.20 -6.10
C GLY E 410 45.51 12.29 -4.60
N PRO E 411 45.17 13.41 -3.95
CA PRO E 411 45.43 13.44 -2.50
C PRO E 411 44.54 12.45 -1.76
N GLN E 412 45.08 11.90 -0.68
CA GLN E 412 44.36 10.94 0.16
C GLN E 412 43.95 9.65 -0.55
N ALA E 413 44.61 9.34 -1.66
CA ALA E 413 44.31 8.13 -2.43
C ALA E 413 44.40 6.89 -1.54
N GLY E 414 45.43 6.84 -0.70
CA GLY E 414 45.61 5.70 0.18
C GLY E 414 44.48 5.52 1.18
N GLU E 415 43.79 6.60 1.52
CA GLU E 415 42.68 6.52 2.47
C GLU E 415 41.41 6.06 1.75
N LEU E 416 41.21 6.52 0.52
CA LEU E 416 40.02 6.16 -0.25
C LEU E 416 40.04 4.75 -0.79
N ILE E 417 41.23 4.16 -0.93
CA ILE E 417 41.33 2.80 -1.45
C ILE E 417 40.74 1.76 -0.50
N ALA E 418 40.62 2.12 0.79
CA ALA E 418 40.07 1.22 1.80
C ALA E 418 38.59 0.97 1.50
N GLU E 419 37.90 1.99 1.00
CA GLU E 419 36.48 1.85 0.65
C GLU E 419 36.36 0.89 -0.54
N ALA E 420 37.33 0.95 -1.44
CA ALA E 420 37.34 0.08 -2.62
C ALA E 420 37.62 -1.36 -2.21
N ALA E 421 38.49 -1.53 -1.22
CA ALA E 421 38.82 -2.85 -0.72
C ALA E 421 37.57 -3.47 -0.11
N LEU E 422 36.87 -2.69 0.70
CA LEU E 422 35.64 -3.18 1.33
C LEU E 422 34.60 -3.53 0.27
N ALA E 423 34.46 -2.68 -0.74
CA ALA E 423 33.51 -2.92 -1.81
C ALA E 423 33.83 -4.28 -2.46
N LEU E 424 35.11 -4.53 -2.72
CA LEU E 424 35.50 -5.81 -3.32
C LEU E 424 35.21 -6.99 -2.38
N GLU E 425 35.48 -6.82 -1.09
CA GLU E 425 35.23 -7.90 -0.14
C GLU E 425 33.75 -8.24 -0.04
N MET E 426 32.91 -7.23 -0.14
CA MET E 426 31.45 -7.40 -0.06
C MET E 426 30.81 -7.76 -1.40
N GLY E 427 31.63 -8.02 -2.43
CA GLY E 427 31.07 -8.34 -3.74
C GLY E 427 30.17 -7.25 -4.26
N ALA E 428 30.63 -6.01 -4.12
CA ALA E 428 29.86 -4.87 -4.56
C ALA E 428 29.82 -4.73 -6.08
N THR E 429 28.74 -4.15 -6.59
CA THR E 429 28.60 -3.90 -8.01
C THR E 429 28.88 -2.41 -8.18
N LEU E 430 29.03 -1.95 -9.41
CA LEU E 430 29.28 -0.52 -9.64
C LEU E 430 28.07 0.29 -9.17
N THR E 431 26.88 -0.30 -9.30
CA THR E 431 25.66 0.37 -8.89
C THR E 431 25.67 0.59 -7.37
N ASP E 432 26.15 -0.40 -6.62
CA ASP E 432 26.21 -0.26 -5.17
C ASP E 432 27.14 0.90 -4.77
N LEU E 433 28.30 0.97 -5.42
CA LEU E 433 29.25 2.02 -5.12
C LEU E 433 28.63 3.37 -5.42
N ALA E 434 27.89 3.43 -6.54
CA ALA E 434 27.22 4.67 -6.97
C ALA E 434 26.04 5.06 -6.11
N LEU E 435 25.32 4.08 -5.60
CA LEU E 435 24.15 4.36 -4.77
C LEU E 435 24.47 4.75 -3.35
N THR E 436 25.70 4.49 -2.93
CA THR E 436 26.12 4.87 -1.58
C THR E 436 26.25 6.38 -1.57
N VAL E 437 25.61 7.03 -0.60
CA VAL E 437 25.67 8.48 -0.51
C VAL E 437 26.98 8.96 0.16
N HIS E 438 27.92 9.44 -0.65
CA HIS E 438 29.18 9.95 -0.13
C HIS E 438 28.99 11.39 0.32
N PRO E 439 29.61 11.80 1.43
CA PRO E 439 29.44 13.18 1.87
C PRO E 439 29.98 14.17 0.86
N HIS E 440 29.38 15.36 0.83
CA HIS E 440 29.81 16.42 -0.08
C HIS E 440 30.13 17.64 0.76
N PRO E 441 31.27 18.29 0.52
CA PRO E 441 32.26 17.91 -0.49
C PRO E 441 33.43 17.11 0.09
N THR E 442 33.77 16.01 -0.56
CA THR E 442 34.88 15.16 -0.15
C THR E 442 35.55 14.55 -1.37
N LEU E 443 36.81 14.16 -1.23
CA LEU E 443 37.50 13.55 -2.32
C LEU E 443 36.89 12.17 -2.59
N SER E 444 36.36 11.53 -1.53
CA SER E 444 35.77 10.20 -1.66
C SER E 444 34.64 10.15 -2.69
N GLU E 445 33.99 11.29 -2.93
CA GLU E 445 32.92 11.41 -3.91
C GLU E 445 33.38 10.96 -5.30
N SER E 446 34.69 11.07 -5.54
CA SER E 446 35.28 10.70 -6.82
C SER E 446 35.06 9.22 -7.14
N LEU E 447 35.00 8.38 -6.11
CA LEU E 447 34.76 6.97 -6.31
C LEU E 447 33.30 6.80 -6.73
N MET E 448 32.40 7.51 -6.05
CA MET E 448 30.98 7.45 -6.37
C MET E 448 30.75 7.90 -7.82
N GLU E 449 31.32 9.04 -8.17
CA GLU E 449 31.15 9.58 -9.51
C GLU E 449 31.80 8.73 -10.58
N ALA E 450 32.89 8.03 -10.24
CA ALA E 450 33.54 7.14 -11.22
C ALA E 450 32.61 5.97 -11.50
N ALA E 451 31.85 5.57 -10.48
CA ALA E 451 30.89 4.47 -10.64
C ALA E 451 29.74 4.95 -11.51
N GLU E 452 29.36 6.21 -11.33
CA GLU E 452 28.28 6.80 -12.11
C GLU E 452 28.75 6.94 -13.56
N ALA E 453 30.02 7.30 -13.73
CA ALA E 453 30.59 7.47 -15.06
C ALA E 453 30.59 6.14 -15.80
N PHE E 454 30.90 5.06 -15.08
CA PHE E 454 30.91 3.71 -15.64
C PHE E 454 29.55 3.44 -16.33
N HIS E 455 28.48 3.98 -15.75
CA HIS E 455 27.13 3.83 -16.29
C HIS E 455 26.71 5.05 -17.12
N LYS E 456 27.69 5.88 -17.47
CA LYS E 456 27.43 7.05 -18.28
C LYS E 456 26.44 8.02 -17.69
N GLN E 457 26.47 8.23 -16.37
CA GLN E 457 25.55 9.18 -15.77
C GLN E 457 26.20 10.03 -14.68
N ALA E 458 27.50 10.25 -14.80
CA ALA E 458 28.20 11.08 -13.84
C ALA E 458 27.56 12.47 -14.00
N ILE E 459 27.39 13.18 -12.89
CA ILE E 459 26.78 14.50 -12.95
C ILE E 459 27.76 15.65 -13.18
N HIS E 460 28.95 15.56 -12.58
CA HIS E 460 29.92 16.66 -12.68
C HIS E 460 30.85 16.70 -13.88
N ILE E 461 30.72 15.73 -14.78
CA ILE E 461 31.48 15.72 -16.00
C ILE E 461 30.48 15.27 -17.05
N LEU E 462 30.68 15.69 -18.29
CA LEU E 462 29.78 15.26 -19.35
C LEU E 462 30.12 13.80 -19.62
N ASN E 463 29.14 13.02 -20.06
CA ASN E 463 29.38 11.61 -20.31
C ASN E 463 29.47 11.30 -21.80
N MET F 1 15.51 -7.69 7.25
CA MET F 1 15.83 -7.62 5.79
C MET F 1 17.05 -6.75 5.51
N LEU F 2 17.98 -7.27 4.71
CA LEU F 2 19.18 -6.54 4.35
C LEU F 2 19.51 -6.79 2.87
N ALA F 3 19.28 -5.78 2.06
CA ALA F 3 19.54 -5.87 0.62
C ALA F 3 20.49 -4.75 0.19
N VAL F 4 21.45 -5.09 -0.67
CA VAL F 4 22.39 -4.10 -1.17
C VAL F 4 21.63 -3.11 -2.06
N PRO F 5 22.14 -1.86 -2.17
CA PRO F 5 21.50 -0.82 -2.99
C PRO F 5 21.08 -1.30 -4.38
N ALA F 6 21.98 -2.00 -5.06
CA ALA F 6 21.71 -2.51 -6.41
C ALA F 6 20.47 -3.39 -6.44
N ALA F 7 20.37 -4.33 -5.49
CA ALA F 7 19.24 -5.23 -5.40
C ALA F 7 17.95 -4.47 -5.08
N ARG F 8 18.05 -3.47 -4.20
CA ARG F 8 16.89 -2.68 -3.82
C ARG F 8 16.34 -1.87 -5.01
N LYS F 9 17.24 -1.28 -5.78
CA LYS F 9 16.84 -0.47 -6.94
C LYS F 9 16.18 -1.32 -8.04
N LEU F 10 16.71 -2.52 -8.25
CA LEU F 10 16.18 -3.43 -9.25
C LEU F 10 14.81 -3.97 -8.84
N ALA F 11 14.59 -4.10 -7.54
CA ALA F 11 13.33 -4.62 -7.01
C ALA F 11 12.19 -3.63 -7.25
N ARG F 12 12.46 -2.35 -7.08
CA ARG F 12 11.43 -1.31 -7.29
C ARG F 12 11.05 -1.18 -8.76
N GLU F 13 12.04 -1.32 -9.64
CA GLU F 13 11.82 -1.22 -11.08
C GLU F 13 10.99 -2.37 -11.63
N LEU F 14 10.98 -3.49 -10.89
CA LEU F 14 10.22 -4.67 -11.32
C LEU F 14 8.94 -4.84 -10.51
N GLY F 15 8.51 -3.78 -9.83
CA GLY F 15 7.30 -3.84 -9.03
C GLY F 15 7.35 -5.00 -8.05
N ILE F 16 8.52 -5.21 -7.46
CA ILE F 16 8.72 -6.31 -6.51
C ILE F 16 9.13 -5.80 -5.13
N PRO F 17 8.26 -5.94 -4.12
CA PRO F 17 8.63 -5.48 -2.78
C PRO F 17 9.86 -6.24 -2.29
N ILE F 18 10.98 -5.52 -2.20
CA ILE F 18 12.26 -6.09 -1.78
C ILE F 18 12.20 -6.97 -0.52
N GLU F 19 11.31 -6.63 0.41
CA GLU F 19 11.17 -7.40 1.64
C GLU F 19 10.57 -8.80 1.43
N GLU F 20 10.25 -9.11 0.17
CA GLU F 20 9.66 -10.40 -0.16
C GLU F 20 10.66 -11.28 -0.92
N VAL F 21 11.79 -10.69 -1.29
CA VAL F 21 12.83 -11.39 -2.03
C VAL F 21 13.76 -12.18 -1.11
N PRO F 22 13.85 -13.50 -1.32
CA PRO F 22 14.71 -14.36 -0.50
C PRO F 22 16.19 -14.14 -0.77
N GLY F 23 16.95 -13.84 0.29
CA GLY F 23 18.37 -13.61 0.14
C GLY F 23 19.13 -14.87 -0.22
N SER F 24 20.45 -14.81 -0.17
CA SER F 24 21.28 -15.95 -0.52
C SER F 24 22.56 -16.03 0.33
N GLY F 25 22.93 -14.91 0.94
CA GLY F 25 24.13 -14.87 1.76
C GLY F 25 24.12 -15.92 2.86
N PRO F 26 25.12 -15.91 3.76
CA PRO F 26 25.17 -16.89 4.85
C PRO F 26 23.87 -16.87 5.63
N LEU F 27 23.24 -15.70 5.69
CA LEU F 27 21.98 -15.55 6.40
C LEU F 27 21.16 -14.32 6.00
N GLY F 28 20.54 -14.38 4.83
CA GLY F 28 19.66 -13.31 4.39
C GLY F 28 20.05 -12.10 3.56
N ARG F 29 21.28 -11.99 3.07
CA ARG F 29 21.62 -10.81 2.28
C ARG F 29 21.12 -10.92 0.83
N VAL F 30 20.30 -9.96 0.44
CA VAL F 30 19.73 -9.93 -0.90
C VAL F 30 20.66 -9.29 -1.92
N ARG F 31 20.92 -10.04 -2.99
CA ARG F 31 21.76 -9.60 -4.10
C ARG F 31 20.88 -9.38 -5.31
N VAL F 32 21.44 -8.76 -6.35
CA VAL F 32 20.70 -8.51 -7.57
C VAL F 32 20.22 -9.83 -8.17
N GLU F 33 21.06 -10.86 -8.06
CA GLU F 33 20.73 -12.18 -8.59
C GLU F 33 19.57 -12.76 -7.79
N ASP F 34 19.41 -12.31 -6.55
CA ASP F 34 18.34 -12.79 -5.70
C ASP F 34 16.99 -12.18 -6.10
N VAL F 35 17.00 -10.88 -6.37
CA VAL F 35 15.80 -10.17 -6.80
C VAL F 35 15.41 -10.65 -8.20
N ARG F 36 16.41 -11.09 -8.95
CA ARG F 36 16.19 -11.58 -10.32
C ARG F 36 15.68 -13.02 -10.31
N ALA F 37 16.26 -13.84 -9.43
CA ALA F 37 15.87 -15.24 -9.31
C ALA F 37 14.45 -15.35 -8.76
N TYR F 38 14.03 -14.32 -8.04
CA TYR F 38 12.69 -14.27 -7.47
C TYR F 38 11.69 -13.73 -8.49
N ALA F 39 12.21 -12.98 -9.46
CA ALA F 39 11.37 -12.40 -10.51
C ALA F 39 11.08 -13.42 -11.61
N GLU F 40 12.04 -14.30 -11.87
CA GLU F 40 11.89 -15.33 -12.89
C GLU F 40 11.09 -16.52 -12.40
N MET G 4 73.76 -40.31 27.56
CA MET G 4 73.16 -40.57 26.21
C MET G 4 72.44 -41.91 26.20
N LYS G 5 71.13 -41.90 25.99
CA LYS G 5 70.36 -43.14 25.95
C LYS G 5 70.79 -44.00 24.76
N THR G 6 71.06 -45.28 25.03
CA THR G 6 71.48 -46.18 23.98
C THR G 6 70.48 -47.30 23.72
N TYR G 7 70.55 -47.87 22.52
CA TYR G 7 69.68 -48.96 22.11
C TYR G 7 70.45 -49.86 21.15
N ASP G 8 69.95 -51.07 20.93
CA ASP G 8 70.61 -51.97 20.00
C ASP G 8 70.36 -51.44 18.59
N LEU G 9 69.15 -50.94 18.36
CA LEU G 9 68.75 -50.41 17.05
C LEU G 9 67.85 -49.18 17.13
N ILE G 10 68.11 -48.22 16.25
CA ILE G 10 67.33 -47.01 16.15
C ILE G 10 66.70 -46.99 14.75
N VAL G 11 65.37 -46.96 14.69
CA VAL G 11 64.66 -46.94 13.41
C VAL G 11 64.06 -45.56 13.15
N ILE G 12 64.45 -44.94 12.05
CA ILE G 12 63.93 -43.62 11.70
C ILE G 12 62.78 -43.74 10.69
N GLY G 13 61.57 -43.54 11.18
CA GLY G 13 60.38 -43.63 10.34
C GLY G 13 59.51 -44.81 10.77
N THR G 14 58.21 -44.59 10.89
CA THR G 14 57.31 -45.67 11.29
C THR G 14 56.27 -46.05 10.23
N GLY G 15 56.65 -45.94 8.97
CA GLY G 15 55.75 -46.32 7.90
C GLY G 15 55.84 -47.84 7.75
N PRO G 16 55.34 -48.41 6.63
CA PRO G 16 55.39 -49.86 6.42
C PRO G 16 56.78 -50.46 6.71
N GLY G 17 57.82 -49.83 6.17
CA GLY G 17 59.17 -50.32 6.40
C GLY G 17 59.61 -50.20 7.86
N GLY G 18 59.63 -48.97 8.35
CA GLY G 18 60.05 -48.73 9.72
C GLY G 18 59.42 -49.60 10.79
N TYR G 19 58.09 -49.68 10.83
CA TYR G 19 57.49 -50.49 11.86
C TYR G 19 57.71 -51.99 11.66
N HIS G 20 58.00 -52.40 10.42
CA HIS G 20 58.28 -53.81 10.16
C HIS G 20 59.69 -54.12 10.68
N ALA G 21 60.63 -53.21 10.42
CA ALA G 21 62.00 -53.40 10.90
C ALA G 21 62.01 -53.44 12.45
N ALA G 22 61.38 -52.45 13.06
CA ALA G 22 61.36 -52.35 14.51
C ALA G 22 60.73 -53.55 15.20
N ILE G 23 59.57 -54.00 14.71
CA ILE G 23 58.92 -55.15 15.32
C ILE G 23 59.71 -56.44 15.15
N ARG G 24 60.27 -56.65 13.97
CA ARG G 24 61.06 -57.85 13.71
C ARG G 24 62.29 -57.85 14.62
N ALA G 25 62.90 -56.67 14.78
CA ALA G 25 64.08 -56.52 15.63
C ALA G 25 63.75 -56.89 17.07
N ALA G 26 62.62 -56.38 17.56
CA ALA G 26 62.18 -56.65 18.93
C ALA G 26 61.90 -58.14 19.10
N GLN G 27 61.44 -58.78 18.03
CA GLN G 27 61.15 -60.21 18.09
C GLN G 27 62.48 -60.95 18.22
N LEU G 28 63.53 -60.35 17.66
CA LEU G 28 64.85 -60.96 17.70
C LEU G 28 65.60 -60.68 19.02
N GLY G 29 64.95 -59.99 19.95
CA GLY G 29 65.56 -59.71 21.23
C GLY G 29 66.27 -58.38 21.41
N LEU G 30 66.30 -57.54 20.38
CA LEU G 30 66.98 -56.25 20.48
C LEU G 30 66.14 -55.18 21.16
N LYS G 31 66.81 -54.25 21.82
CA LYS G 31 66.13 -53.14 22.47
C LYS G 31 66.03 -52.11 21.34
N VAL G 32 64.80 -51.77 20.95
CA VAL G 32 64.61 -50.84 19.83
C VAL G 32 63.96 -49.48 20.11
N LEU G 33 64.42 -48.46 19.39
CA LEU G 33 63.86 -47.13 19.49
C LEU G 33 63.36 -46.78 18.09
N ALA G 34 62.11 -46.37 17.99
CA ALA G 34 61.53 -45.99 16.72
C ALA G 34 61.21 -44.49 16.80
N VAL G 35 61.69 -43.73 15.82
CA VAL G 35 61.45 -42.30 15.80
C VAL G 35 60.47 -41.97 14.67
N GLU G 36 59.46 -41.16 14.99
CA GLU G 36 58.45 -40.75 14.00
C GLU G 36 58.17 -39.25 14.11
N ALA G 37 58.37 -38.54 13.02
CA ALA G 37 58.17 -37.10 12.98
C ALA G 37 56.69 -36.70 12.86
N GLY G 38 55.91 -37.48 12.12
CA GLY G 38 54.51 -37.16 11.95
C GLY G 38 53.56 -38.19 12.53
N GLU G 39 52.71 -38.76 11.68
CA GLU G 39 51.77 -39.77 12.14
C GLU G 39 52.39 -41.16 12.01
N VAL G 40 52.21 -41.97 13.04
CA VAL G 40 52.71 -43.34 13.02
C VAL G 40 51.98 -44.06 11.88
N GLY G 41 52.65 -44.98 11.20
CA GLY G 41 52.02 -45.70 10.11
C GLY G 41 52.48 -45.18 8.75
N GLY G 42 53.10 -44.01 8.72
CA GLY G 42 53.60 -43.44 7.47
C GLY G 42 52.59 -43.01 6.43
N VAL G 43 53.05 -42.96 5.18
CA VAL G 43 52.22 -42.56 4.05
C VAL G 43 51.12 -43.56 3.74
N CYS G 44 51.47 -44.82 3.55
CA CYS G 44 50.53 -45.87 3.22
C CYS G 44 49.30 -45.88 4.14
N LEU G 45 49.53 -45.85 5.45
CA LEU G 45 48.40 -45.86 6.38
C LEU G 45 47.70 -44.52 6.54
N ASN G 46 48.43 -43.43 6.38
CA ASN G 46 47.83 -42.11 6.55
C ASN G 46 47.33 -41.37 5.29
N VAL G 47 48.14 -41.29 4.26
CA VAL G 47 47.70 -40.57 3.06
C VAL G 47 47.94 -41.32 1.77
N GLY G 48 48.12 -42.63 1.86
CA GLY G 48 48.37 -43.42 0.67
C GLY G 48 47.42 -44.58 0.48
N CYS G 49 47.97 -45.78 0.53
CA CYS G 49 47.25 -47.03 0.36
C CYS G 49 45.87 -47.11 1.00
N ILE G 50 45.86 -47.02 2.33
CA ILE G 50 44.64 -47.15 3.10
C ILE G 50 43.51 -46.18 2.77
N PRO G 51 43.75 -44.88 2.94
CA PRO G 51 42.65 -43.96 2.62
C PRO G 51 42.19 -44.12 1.17
N THR G 52 43.14 -44.34 0.25
CA THR G 52 42.75 -44.50 -1.14
C THR G 52 41.86 -45.73 -1.38
N LYS G 53 42.27 -46.88 -0.87
CA LYS G 53 41.48 -48.11 -1.02
C LYS G 53 40.10 -47.96 -0.40
N ALA G 54 40.00 -47.21 0.69
CA ALA G 54 38.71 -47.01 1.33
C ALA G 54 37.79 -46.24 0.39
N LEU G 55 38.32 -45.17 -0.20
CA LEU G 55 37.55 -44.35 -1.13
C LEU G 55 37.15 -45.18 -2.35
N LEU G 56 38.08 -45.99 -2.84
CA LEU G 56 37.81 -46.84 -3.98
C LEU G 56 36.70 -47.86 -3.66
N HIS G 57 36.67 -48.38 -2.43
CA HIS G 57 35.65 -49.34 -2.07
C HIS G 57 34.28 -48.71 -2.01
N ALA G 58 34.19 -47.51 -1.47
CA ALA G 58 32.91 -46.82 -1.40
C ALA G 58 32.43 -46.50 -2.82
N ALA G 59 33.36 -46.02 -3.64
CA ALA G 59 33.04 -45.65 -5.01
C ALA G 59 32.57 -46.87 -5.82
N GLU G 60 33.18 -48.02 -5.57
CA GLU G 60 32.83 -49.25 -6.28
C GLU G 60 31.47 -49.76 -5.80
N THR G 61 31.19 -49.61 -4.51
CA THR G 61 29.92 -50.06 -3.98
C THR G 61 28.83 -49.23 -4.65
N LEU G 62 29.01 -47.91 -4.66
CA LEU G 62 28.03 -47.03 -5.29
C LEU G 62 27.84 -47.40 -6.75
N HIS G 63 28.96 -47.45 -7.48
CA HIS G 63 28.98 -47.76 -8.89
C HIS G 63 28.34 -49.07 -9.31
N HIS G 64 28.62 -50.15 -8.58
CA HIS G 64 28.07 -51.46 -8.91
C HIS G 64 26.54 -51.48 -8.90
N LEU G 65 25.92 -50.55 -8.18
CA LEU G 65 24.47 -50.52 -8.10
C LEU G 65 23.83 -50.29 -9.47
N LYS G 66 24.58 -49.68 -10.40
CA LYS G 66 24.04 -49.46 -11.75
C LYS G 66 23.81 -50.83 -12.38
N VAL G 67 24.85 -51.65 -12.40
CA VAL G 67 24.75 -53.00 -12.93
C VAL G 67 23.71 -53.82 -12.17
N ALA G 68 23.64 -53.62 -10.86
CA ALA G 68 22.72 -54.35 -10.00
C ALA G 68 21.26 -54.20 -10.44
N GLU G 69 20.93 -53.08 -11.07
CA GLU G 69 19.58 -52.86 -11.55
C GLU G 69 19.23 -53.98 -12.53
N GLY G 70 20.25 -54.51 -13.20
CA GLY G 70 20.05 -55.59 -14.14
C GLY G 70 19.55 -56.87 -13.50
N PHE G 71 19.74 -57.02 -12.19
CA PHE G 71 19.23 -58.22 -11.57
C PHE G 71 18.15 -57.96 -10.51
N GLY G 72 17.43 -56.86 -10.70
CA GLY G 72 16.33 -56.53 -9.81
C GLY G 72 16.55 -55.59 -8.64
N LEU G 73 17.80 -55.26 -8.35
CA LEU G 73 18.06 -54.36 -7.23
C LEU G 73 17.72 -52.92 -7.60
N LYS G 74 16.58 -52.45 -7.11
CA LYS G 74 16.15 -51.09 -7.37
C LYS G 74 16.55 -50.25 -6.18
N ALA G 75 17.37 -49.23 -6.44
CA ALA G 75 17.81 -48.32 -5.39
C ALA G 75 18.06 -46.95 -5.98
N LYS G 76 17.96 -45.94 -5.13
CA LYS G 76 18.21 -44.56 -5.53
C LYS G 76 19.29 -44.10 -4.56
N PRO G 77 20.51 -44.61 -4.75
CA PRO G 77 21.68 -44.31 -3.93
C PRO G 77 22.11 -42.85 -3.88
N GLU G 78 22.42 -42.40 -2.67
CA GLU G 78 22.88 -41.05 -2.41
C GLU G 78 24.07 -41.18 -1.45
N LEU G 79 25.25 -40.80 -1.92
CA LEU G 79 26.46 -40.88 -1.11
C LEU G 79 26.80 -39.55 -0.42
N ASP G 80 26.81 -39.56 0.90
CA ASP G 80 27.11 -38.39 1.70
C ASP G 80 28.65 -38.25 1.82
N LEU G 81 29.21 -37.28 1.10
CA LEU G 81 30.66 -37.07 1.10
C LEU G 81 31.28 -36.79 2.47
N LYS G 82 30.56 -36.06 3.32
CA LYS G 82 31.08 -35.75 4.64
C LYS G 82 31.20 -37.03 5.46
N LYS G 83 30.18 -37.87 5.35
CA LYS G 83 30.15 -39.14 6.06
C LYS G 83 31.28 -40.05 5.55
N LEU G 84 31.44 -40.07 4.21
CA LEU G 84 32.47 -40.89 3.60
C LEU G 84 33.84 -40.48 4.11
N GLY G 85 34.04 -39.17 4.23
CA GLY G 85 35.31 -38.68 4.72
C GLY G 85 35.48 -39.14 6.15
N GLY G 86 34.40 -39.07 6.93
CA GLY G 86 34.45 -39.50 8.32
C GLY G 86 34.88 -40.96 8.44
N TRP G 87 34.30 -41.80 7.60
CA TRP G 87 34.62 -43.22 7.62
C TRP G 87 36.09 -43.42 7.23
N ARG G 88 36.53 -42.74 6.19
CA ARG G 88 37.92 -42.85 5.77
C ARG G 88 38.82 -42.54 6.96
N ASP G 89 38.51 -41.48 7.68
CA ASP G 89 39.33 -41.09 8.83
C ASP G 89 39.33 -42.18 9.92
N GLN G 90 38.18 -42.79 10.20
CA GLN G 90 38.08 -43.85 11.21
C GLN G 90 39.00 -45.02 10.87
N VAL G 91 38.98 -45.41 9.59
CA VAL G 91 39.81 -46.53 9.14
C VAL G 91 41.28 -46.22 9.37
N VAL G 92 41.70 -45.04 8.92
CA VAL G 92 43.09 -44.63 9.09
C VAL G 92 43.46 -44.66 10.58
N LYS G 93 42.72 -43.93 11.41
CA LYS G 93 43.00 -43.87 12.84
C LYS G 93 43.09 -45.25 13.46
N LYS G 94 42.11 -46.09 13.14
CA LYS G 94 42.07 -47.45 13.66
C LYS G 94 43.36 -48.19 13.34
N LEU G 95 43.82 -48.11 12.09
CA LEU G 95 45.03 -48.80 11.69
C LEU G 95 46.30 -48.17 12.26
N THR G 96 46.37 -46.84 12.27
CA THR G 96 47.55 -46.17 12.81
C THR G 96 47.63 -46.40 14.33
N GLY G 97 46.46 -46.48 14.98
CA GLY G 97 46.44 -46.72 16.42
C GLY G 97 46.93 -48.14 16.66
N GLY G 98 46.53 -49.04 15.76
CA GLY G 98 46.95 -50.43 15.86
C GLY G 98 48.45 -50.58 15.79
N VAL G 99 49.11 -49.83 14.91
CA VAL G 99 50.56 -49.93 14.80
C VAL G 99 51.18 -49.52 16.13
N GLY G 100 50.72 -48.40 16.68
CA GLY G 100 51.24 -47.94 17.94
C GLY G 100 51.15 -49.01 19.00
N THR G 101 49.98 -49.65 19.07
CA THR G 101 49.75 -50.71 20.03
C THR G 101 50.68 -51.90 19.82
N LEU G 102 50.97 -52.21 18.56
CA LEU G 102 51.84 -53.34 18.23
C LEU G 102 53.29 -53.05 18.63
N LEU G 103 53.73 -51.82 18.45
CA LEU G 103 55.09 -51.44 18.84
C LEU G 103 55.18 -51.55 20.36
N LYS G 104 54.20 -50.96 21.04
CA LYS G 104 54.17 -50.99 22.49
C LYS G 104 54.15 -52.43 23.00
N GLY G 105 53.32 -53.27 22.39
CA GLY G 105 53.24 -54.67 22.79
C GLY G 105 54.47 -55.50 22.50
N ASN G 106 55.38 -54.97 21.68
CA ASN G 106 56.60 -55.67 21.32
C ASN G 106 57.81 -55.12 22.08
N GLY G 107 57.57 -54.17 22.96
CA GLY G 107 58.66 -53.58 23.73
C GLY G 107 59.51 -52.57 23.00
N VAL G 108 58.98 -51.98 21.93
CA VAL G 108 59.72 -50.97 21.19
C VAL G 108 59.36 -49.60 21.77
N GLU G 109 60.37 -48.75 21.96
CA GLU G 109 60.10 -47.42 22.49
C GLU G 109 59.85 -46.45 21.34
N LEU G 110 58.74 -45.72 21.42
CA LEU G 110 58.38 -44.77 20.38
C LEU G 110 58.69 -43.32 20.78
N LEU G 111 59.52 -42.66 19.98
CA LEU G 111 59.88 -41.28 20.24
C LEU G 111 59.30 -40.39 19.13
N ARG G 112 58.44 -39.45 19.50
CA ARG G 112 57.85 -38.54 18.51
C ARG G 112 58.78 -37.35 18.31
N GLY G 113 59.31 -37.22 17.10
CA GLY G 113 60.20 -36.11 16.80
C GLY G 113 60.89 -36.28 15.47
N PHE G 114 61.67 -35.30 15.06
CA PHE G 114 62.39 -35.35 13.79
C PHE G 114 63.82 -35.81 14.05
N ALA G 115 64.18 -36.94 13.49
CA ALA G 115 65.53 -37.49 13.66
C ALA G 115 66.51 -36.94 12.64
N ARG G 116 67.74 -36.70 13.10
CA ARG G 116 68.80 -36.20 12.25
C ARG G 116 70.02 -37.07 12.52
N LEU G 117 70.75 -37.43 11.47
CA LEU G 117 71.94 -38.25 11.64
C LEU G 117 73.12 -37.40 12.08
N VAL G 118 73.60 -37.64 13.29
CA VAL G 118 74.74 -36.90 13.85
C VAL G 118 76.02 -37.70 13.66
N GLY G 119 75.91 -39.03 13.80
CA GLY G 119 77.06 -39.89 13.63
C GLY G 119 76.65 -41.20 12.99
N PRO G 120 77.60 -42.11 12.73
CA PRO G 120 77.29 -43.40 12.12
C PRO G 120 76.37 -44.20 13.04
N LYS G 121 76.52 -43.97 14.34
CA LYS G 121 75.73 -44.69 15.33
C LYS G 121 75.11 -43.74 16.34
N GLU G 122 74.81 -42.52 15.91
CA GLU G 122 74.22 -41.54 16.80
C GLU G 122 73.23 -40.63 16.08
N VAL G 123 72.07 -40.44 16.70
CA VAL G 123 71.02 -39.61 16.14
C VAL G 123 70.60 -38.48 17.08
N GLU G 124 70.20 -37.35 16.48
CA GLU G 124 69.75 -36.17 17.23
C GLU G 124 68.24 -35.97 17.06
N VAL G 125 67.53 -35.94 18.19
CA VAL G 125 66.08 -35.75 18.19
C VAL G 125 65.69 -34.81 19.34
N GLY G 126 64.93 -33.76 19.03
CA GLY G 126 64.51 -32.82 20.05
C GLY G 126 65.66 -32.22 20.85
N GLY G 127 66.89 -32.44 20.40
CA GLY G 127 68.05 -31.90 21.11
C GLY G 127 68.80 -32.95 21.91
N GLU G 128 68.23 -34.14 22.02
CA GLU G 128 68.88 -35.23 22.78
C GLU G 128 69.54 -36.20 21.81
N ARG G 129 70.72 -36.69 22.17
CA ARG G 129 71.44 -37.65 21.33
C ARG G 129 71.05 -39.07 21.70
N TYR G 130 70.97 -39.93 20.69
CA TYR G 130 70.64 -41.33 20.90
C TYR G 130 71.66 -42.17 20.14
N GLY G 131 72.13 -43.25 20.77
CA GLY G 131 73.11 -44.12 20.14
C GLY G 131 72.63 -45.54 19.98
N ALA G 132 73.22 -46.26 19.04
CA ALA G 132 72.86 -47.64 18.80
C ALA G 132 73.87 -48.32 17.89
N LYS G 133 73.95 -49.65 17.99
CA LYS G 133 74.88 -50.41 17.17
C LYS G 133 74.44 -50.29 15.71
N SER G 134 73.13 -50.35 15.48
CA SER G 134 72.60 -50.28 14.13
C SER G 134 71.53 -49.21 13.92
N LEU G 135 71.50 -48.64 12.72
CA LEU G 135 70.54 -47.62 12.36
C LEU G 135 69.80 -48.05 11.10
N ILE G 136 68.50 -47.80 11.06
CA ILE G 136 67.70 -48.14 9.88
C ILE G 136 66.92 -46.92 9.40
N LEU G 137 67.23 -46.50 8.18
CA LEU G 137 66.59 -45.34 7.57
C LEU G 137 65.37 -45.78 6.74
N ALA G 138 64.19 -45.29 7.12
CA ALA G 138 62.96 -45.62 6.42
C ALA G 138 62.09 -44.37 6.40
N THR G 139 62.64 -43.31 5.84
CA THR G 139 61.98 -42.01 5.79
C THR G 139 60.94 -41.79 4.69
N GLY G 140 60.73 -42.81 3.86
CA GLY G 140 59.74 -42.73 2.79
C GLY G 140 59.97 -41.72 1.68
N SER G 141 58.88 -41.28 1.05
CA SER G 141 58.97 -40.32 -0.05
C SER G 141 57.85 -39.27 0.03
N GLU G 142 57.86 -38.35 -0.93
CA GLU G 142 56.85 -37.30 -0.98
C GLU G 142 56.44 -37.05 -2.44
N PRO G 143 55.32 -36.33 -2.66
CA PRO G 143 54.82 -36.02 -4.01
C PRO G 143 55.82 -35.26 -4.87
N LEU G 144 55.97 -35.70 -6.11
CA LEU G 144 56.90 -35.04 -7.03
C LEU G 144 56.23 -33.78 -7.56
N GLU G 145 56.98 -32.67 -7.57
CA GLU G 145 56.44 -31.41 -8.07
C GLU G 145 56.63 -31.35 -9.58
N LEU G 146 55.71 -30.69 -10.27
CA LEU G 146 55.78 -30.60 -11.73
C LEU G 146 55.93 -29.17 -12.23
N LYS G 147 56.95 -28.95 -13.05
CA LYS G 147 57.21 -27.63 -13.62
C LYS G 147 55.98 -27.08 -14.32
N GLY G 148 55.60 -25.85 -13.99
CA GLY G 148 54.42 -25.25 -14.59
C GLY G 148 53.14 -25.48 -13.80
N PHE G 149 53.15 -26.48 -12.93
CA PHE G 149 51.97 -26.78 -12.13
C PHE G 149 52.28 -26.83 -10.63
N PRO G 150 52.75 -25.71 -10.08
CA PRO G 150 53.08 -25.66 -8.64
C PRO G 150 51.87 -25.96 -7.79
N PHE G 151 52.06 -26.74 -6.73
CA PHE G 151 50.94 -27.06 -5.86
C PHE G 151 50.35 -25.80 -5.26
N GLY G 152 49.03 -25.77 -5.14
CA GLY G 152 48.34 -24.61 -4.58
C GLY G 152 46.87 -24.94 -4.42
N GLU G 153 46.05 -23.91 -4.27
CA GLU G 153 44.62 -24.10 -4.08
C GLU G 153 43.92 -24.81 -5.23
N ASP G 154 44.45 -24.65 -6.45
CA ASP G 154 43.84 -25.28 -7.61
C ASP G 154 44.62 -26.48 -8.16
N VAL G 155 45.88 -26.62 -7.73
CA VAL G 155 46.69 -27.76 -8.16
C VAL G 155 47.00 -28.63 -6.95
N TRP G 156 46.34 -29.78 -6.86
CA TRP G 156 46.50 -30.71 -5.74
C TRP G 156 47.50 -31.83 -5.91
N ASP G 157 47.91 -32.39 -4.78
CA ASP G 157 48.79 -33.55 -4.76
C ASP G 157 47.83 -34.63 -4.25
N SER G 158 48.25 -35.89 -4.20
CA SER G 158 47.35 -36.95 -3.76
C SER G 158 46.73 -36.73 -2.38
N THR G 159 47.50 -36.16 -1.47
CA THR G 159 47.01 -35.93 -0.11
C THR G 159 45.78 -35.04 -0.06
N ARG G 160 45.81 -33.93 -0.79
CA ARG G 160 44.65 -33.04 -0.83
C ARG G 160 43.50 -33.71 -1.59
N ALA G 161 43.81 -34.48 -2.63
CA ALA G 161 42.77 -35.13 -3.43
C ALA G 161 41.98 -36.18 -2.63
N LEU G 162 42.57 -36.68 -1.54
CA LEU G 162 41.89 -37.66 -0.71
C LEU G 162 40.67 -37.09 0.01
N LYS G 163 40.71 -35.78 0.29
CA LYS G 163 39.63 -35.14 1.02
C LYS G 163 38.44 -34.75 0.18
N VAL G 164 37.71 -35.76 -0.29
CA VAL G 164 36.56 -35.53 -1.13
C VAL G 164 35.46 -34.72 -0.43
N GLU G 165 35.50 -34.69 0.90
CA GLU G 165 34.50 -33.95 1.67
C GLU G 165 34.68 -32.44 1.58
N GLU G 166 35.81 -32.00 1.03
CA GLU G 166 36.09 -30.58 0.90
C GLU G 166 35.63 -29.99 -0.43
N GLY G 167 34.70 -30.66 -1.08
CA GLY G 167 34.18 -30.16 -2.35
C GLY G 167 34.71 -30.86 -3.58
N LEU G 168 33.78 -31.37 -4.39
CA LEU G 168 34.14 -32.06 -5.63
C LEU G 168 34.19 -31.08 -6.80
N PRO G 169 35.34 -31.02 -7.50
CA PRO G 169 35.40 -30.07 -8.62
C PRO G 169 34.49 -30.62 -9.71
N LYS G 170 33.92 -29.74 -10.53
CA LYS G 170 33.05 -30.23 -11.59
C LYS G 170 33.91 -30.90 -12.67
N ARG G 171 35.11 -30.37 -12.88
CA ARG G 171 36.02 -30.89 -13.90
C ARG G 171 37.41 -30.99 -13.32
N LEU G 172 38.03 -32.16 -13.49
CA LEU G 172 39.36 -32.44 -12.98
C LEU G 172 40.33 -32.93 -14.04
N LEU G 173 41.55 -32.42 -13.99
CA LEU G 173 42.59 -32.87 -14.91
C LEU G 173 43.59 -33.62 -14.03
N VAL G 174 43.89 -34.86 -14.42
CA VAL G 174 44.85 -35.65 -13.67
C VAL G 174 46.08 -35.82 -14.53
N ILE G 175 47.22 -35.35 -14.03
CA ILE G 175 48.44 -35.51 -14.76
C ILE G 175 49.19 -36.68 -14.17
N GLY G 176 49.30 -37.75 -14.94
CA GLY G 176 49.99 -38.94 -14.48
C GLY G 176 49.16 -40.20 -14.66
N GLY G 177 49.73 -41.18 -15.39
CA GLY G 177 49.02 -42.42 -15.64
C GLY G 177 49.49 -43.59 -14.79
N GLY G 178 49.98 -43.30 -13.58
CA GLY G 178 50.42 -44.36 -12.68
C GLY G 178 49.28 -44.79 -11.76
N ALA G 179 49.55 -45.69 -10.83
CA ALA G 179 48.52 -46.17 -9.91
C ALA G 179 47.78 -45.05 -9.18
N VAL G 180 48.52 -44.02 -8.77
CA VAL G 180 47.92 -42.90 -8.04
C VAL G 180 46.95 -42.09 -8.90
N GLY G 181 47.41 -41.67 -10.08
CA GLY G 181 46.55 -40.90 -10.94
C GLY G 181 45.32 -41.70 -11.36
N LEU G 182 45.51 -42.97 -11.67
CA LEU G 182 44.41 -43.81 -12.12
C LEU G 182 43.34 -44.03 -11.06
N GLU G 183 43.77 -44.37 -9.84
CA GLU G 183 42.84 -44.62 -8.76
C GLU G 183 42.07 -43.37 -8.34
N LEU G 184 42.77 -42.27 -8.12
CA LEU G 184 42.08 -41.05 -7.73
C LEU G 184 41.22 -40.53 -8.89
N GLY G 185 41.68 -40.76 -10.12
CA GLY G 185 40.90 -40.33 -11.25
C GLY G 185 39.54 -41.02 -11.22
N GLN G 186 39.55 -42.35 -11.10
CA GLN G 186 38.33 -43.11 -11.08
C GLN G 186 37.45 -42.75 -9.89
N VAL G 187 38.06 -42.51 -8.74
CA VAL G 187 37.26 -42.14 -7.58
C VAL G 187 36.43 -40.90 -7.90
N TYR G 188 37.11 -39.85 -8.36
CA TYR G 188 36.43 -38.59 -8.70
C TYR G 188 35.39 -38.74 -9.81
N ARG G 189 35.65 -39.62 -10.77
CA ARG G 189 34.69 -39.82 -11.83
C ARG G 189 33.42 -40.47 -11.25
N ARG G 190 33.61 -41.50 -10.43
CA ARG G 190 32.50 -42.21 -9.81
C ARG G 190 31.72 -41.33 -8.84
N LEU G 191 32.38 -40.29 -8.33
CA LEU G 191 31.72 -39.37 -7.42
C LEU G 191 31.00 -38.26 -8.20
N GLY G 192 31.09 -38.31 -9.53
CA GLY G 192 30.38 -37.32 -10.34
C GLY G 192 31.15 -36.26 -11.12
N ALA G 193 32.46 -36.21 -11.00
CA ALA G 193 33.22 -35.19 -11.72
C ALA G 193 33.57 -35.63 -13.14
N GLU G 194 33.81 -34.66 -14.01
CA GLU G 194 34.24 -34.98 -15.37
C GLU G 194 35.75 -35.14 -15.13
N VAL G 195 36.34 -36.18 -15.70
CA VAL G 195 37.75 -36.42 -15.49
C VAL G 195 38.52 -36.68 -16.78
N THR G 196 39.66 -36.00 -16.91
CA THR G 196 40.53 -36.15 -18.06
C THR G 196 41.88 -36.47 -17.48
N LEU G 197 42.49 -37.56 -17.94
CA LEU G 197 43.79 -37.95 -17.42
C LEU G 197 44.81 -38.01 -18.53
N ILE G 198 45.95 -37.37 -18.29
CA ILE G 198 47.00 -37.34 -19.28
C ILE G 198 48.27 -38.08 -18.86
N GLU G 199 48.79 -38.88 -19.79
CA GLU G 199 50.00 -39.64 -19.55
C GLU G 199 51.04 -39.32 -20.63
N TYR G 200 52.24 -38.99 -20.20
CA TYR G 200 53.32 -38.64 -21.11
C TYR G 200 53.74 -39.81 -22.02
N MET G 201 53.87 -41.00 -21.44
CA MET G 201 54.27 -42.17 -22.19
C MET G 201 53.18 -42.64 -23.16
N PRO G 202 53.50 -43.61 -24.04
CA PRO G 202 52.55 -44.16 -25.01
C PRO G 202 51.34 -44.87 -24.40
N GLU G 203 51.50 -45.43 -23.21
CA GLU G 203 50.41 -46.15 -22.55
C GLU G 203 50.47 -45.91 -21.05
N ILE G 204 49.33 -46.02 -20.37
CA ILE G 204 49.32 -45.83 -18.92
C ILE G 204 50.08 -46.99 -18.29
N LEU G 205 50.49 -46.84 -17.04
CA LEU G 205 51.24 -47.92 -16.38
C LEU G 205 52.45 -48.33 -17.21
N PRO G 206 53.23 -47.36 -17.70
CA PRO G 206 54.42 -47.63 -18.54
C PRO G 206 55.34 -48.79 -18.17
N GLN G 207 55.49 -49.08 -16.87
CA GLN G 207 56.36 -50.18 -16.48
C GLN G 207 55.70 -51.56 -16.58
N GLY G 208 54.39 -51.59 -16.84
CA GLY G 208 53.70 -52.86 -16.93
C GLY G 208 53.28 -53.31 -18.33
N ASP G 209 52.79 -54.54 -18.41
CA ASP G 209 52.34 -55.11 -19.67
C ASP G 209 51.36 -54.16 -20.37
N PRO G 210 51.73 -53.66 -21.56
CA PRO G 210 50.85 -52.74 -22.31
C PRO G 210 49.52 -53.34 -22.73
N GLU G 211 49.49 -54.64 -22.98
CA GLU G 211 48.25 -55.25 -23.41
C GLU G 211 47.18 -55.16 -22.33
N THR G 212 47.47 -55.66 -21.13
CA THR G 212 46.51 -55.59 -20.04
C THR G 212 46.30 -54.12 -19.62
N ALA G 213 47.33 -53.31 -19.79
CA ALA G 213 47.24 -51.89 -19.43
C ALA G 213 46.25 -51.14 -20.34
N ALA G 214 46.23 -51.49 -21.62
CA ALA G 214 45.32 -50.83 -22.56
C ALA G 214 43.88 -51.22 -22.21
N LEU G 215 43.70 -52.49 -21.86
CA LEU G 215 42.37 -52.97 -21.47
C LEU G 215 41.84 -52.16 -20.29
N LEU G 216 42.72 -51.84 -19.34
CA LEU G 216 42.31 -51.04 -18.19
C LEU G 216 41.95 -49.64 -18.66
N ARG G 217 42.73 -49.08 -19.58
CA ARG G 217 42.42 -47.74 -20.08
C ARG G 217 41.06 -47.74 -20.79
N ARG G 218 40.79 -48.77 -21.59
CA ARG G 218 39.51 -48.80 -22.31
C ARG G 218 38.33 -48.98 -21.37
N ALA G 219 38.55 -49.65 -20.25
CA ALA G 219 37.47 -49.82 -19.28
C ALA G 219 37.22 -48.46 -18.64
N LEU G 220 38.29 -47.73 -18.34
CA LEU G 220 38.16 -46.41 -17.74
C LEU G 220 37.49 -45.42 -18.69
N GLU G 221 37.88 -45.50 -19.96
CA GLU G 221 37.29 -44.61 -20.96
C GLU G 221 35.80 -44.92 -21.12
N LYS G 222 35.42 -46.17 -20.86
CA LYS G 222 34.03 -46.57 -20.96
C LYS G 222 33.19 -45.91 -19.87
N GLU G 223 33.82 -45.51 -18.76
CA GLU G 223 33.10 -44.84 -17.67
C GLU G 223 33.09 -43.33 -17.90
N GLY G 224 33.56 -42.91 -19.06
CA GLY G 224 33.57 -41.48 -19.35
C GLY G 224 34.83 -40.74 -18.98
N ILE G 225 35.86 -41.45 -18.53
CA ILE G 225 37.12 -40.79 -18.18
C ILE G 225 37.97 -40.65 -19.44
N ARG G 226 38.27 -39.41 -19.83
CA ARG G 226 39.09 -39.23 -21.03
C ARG G 226 40.55 -39.46 -20.68
N VAL G 227 41.17 -40.43 -21.33
CA VAL G 227 42.56 -40.77 -21.09
C VAL G 227 43.39 -40.40 -22.32
N ARG G 228 44.31 -39.45 -22.16
CA ARG G 228 45.17 -38.98 -23.26
C ARG G 228 46.62 -39.43 -23.07
N THR G 229 47.05 -40.41 -23.87
CA THR G 229 48.42 -40.90 -23.79
C THR G 229 49.30 -40.06 -24.73
N LYS G 230 50.61 -40.22 -24.64
CA LYS G 230 51.56 -39.46 -25.47
C LYS G 230 51.24 -37.98 -25.39
N THR G 231 50.83 -37.52 -24.22
CA THR G 231 50.45 -36.13 -24.05
C THR G 231 51.06 -35.54 -22.79
N LYS G 232 51.40 -34.26 -22.84
CA LYS G 232 51.95 -33.59 -21.67
C LYS G 232 51.22 -32.28 -21.48
N ALA G 233 51.19 -31.80 -20.24
CA ALA G 233 50.55 -30.53 -19.93
C ALA G 233 51.71 -29.54 -19.86
N VAL G 234 51.62 -28.46 -20.63
CA VAL G 234 52.66 -27.45 -20.69
C VAL G 234 52.56 -26.37 -19.61
N GLY G 235 51.34 -25.95 -19.32
CA GLY G 235 51.13 -24.93 -18.32
C GLY G 235 49.68 -24.53 -18.34
N TYR G 236 49.31 -23.60 -17.47
CA TYR G 236 47.93 -23.15 -17.42
C TYR G 236 47.84 -21.74 -16.89
N GLU G 237 46.63 -21.20 -16.96
CA GLU G 237 46.36 -19.90 -16.39
C GLU G 237 44.93 -19.89 -15.89
N LYS G 238 44.75 -19.32 -14.71
CA LYS G 238 43.47 -19.23 -14.06
C LYS G 238 42.68 -18.06 -14.62
N LYS G 239 41.44 -18.32 -15.02
CA LYS G 239 40.57 -17.28 -15.54
C LYS G 239 39.23 -17.43 -14.85
N LYS G 240 38.28 -16.54 -15.12
CA LYS G 240 36.99 -16.58 -14.45
C LYS G 240 36.18 -17.86 -14.60
N ASP G 241 36.40 -18.62 -15.68
CA ASP G 241 35.62 -19.83 -15.88
C ASP G 241 36.36 -21.11 -15.51
N GLY G 242 37.62 -21.00 -15.12
CA GLY G 242 38.38 -22.18 -14.75
C GLY G 242 39.84 -22.11 -15.13
N LEU G 243 40.52 -23.24 -15.04
CA LEU G 243 41.94 -23.30 -15.38
C LEU G 243 42.08 -23.73 -16.83
N HIS G 244 42.63 -22.82 -17.64
CA HIS G 244 42.85 -23.10 -19.07
C HIS G 244 44.21 -23.76 -19.17
N VAL G 245 44.20 -25.06 -19.41
CA VAL G 245 45.43 -25.82 -19.50
C VAL G 245 45.86 -26.09 -20.93
N ARG G 246 47.16 -25.90 -21.18
CA ARG G 246 47.72 -26.15 -22.49
C ARG G 246 48.31 -27.54 -22.48
N LEU G 247 47.90 -28.36 -23.44
CA LEU G 247 48.38 -29.72 -23.58
C LEU G 247 49.08 -29.78 -24.93
N GLU G 248 50.03 -30.70 -25.06
CA GLU G 248 50.76 -30.87 -26.31
C GLU G 248 51.18 -32.31 -26.40
N PRO G 249 51.48 -32.79 -27.62
CA PRO G 249 51.91 -34.18 -27.76
C PRO G 249 53.21 -34.29 -26.95
N ALA G 250 53.42 -35.42 -26.31
CA ALA G 250 54.61 -35.65 -25.48
C ALA G 250 55.91 -35.15 -26.10
N GLU G 251 56.08 -35.35 -27.40
CA GLU G 251 57.31 -34.94 -28.06
C GLU G 251 57.25 -33.52 -28.60
N GLY G 252 56.21 -32.78 -28.25
CA GLY G 252 56.07 -31.42 -28.73
C GLY G 252 55.19 -31.40 -29.95
N GLY G 253 54.48 -30.29 -30.15
CA GLY G 253 53.59 -30.18 -31.29
C GLY G 253 52.60 -29.07 -31.07
N GLU G 254 51.53 -29.08 -31.87
CA GLU G 254 50.47 -28.07 -31.79
C GLU G 254 49.71 -28.16 -30.48
N GLY G 255 49.40 -27.00 -29.90
CA GLY G 255 48.69 -26.97 -28.64
C GLY G 255 47.20 -27.29 -28.66
N GLU G 256 46.73 -27.78 -27.53
CA GLU G 256 45.33 -28.13 -27.30
C GLU G 256 44.99 -27.48 -25.96
N GLU G 257 43.93 -26.69 -25.92
CA GLU G 257 43.54 -26.05 -24.68
C GLU G 257 42.28 -26.70 -24.13
N VAL G 258 42.28 -26.96 -22.83
CA VAL G 258 41.14 -27.56 -22.16
C VAL G 258 40.92 -26.76 -20.88
N VAL G 259 39.70 -26.77 -20.36
CA VAL G 259 39.40 -26.03 -19.14
C VAL G 259 38.88 -26.95 -18.04
N VAL G 260 39.51 -26.89 -16.87
CA VAL G 260 39.09 -27.68 -15.71
C VAL G 260 39.03 -26.77 -14.50
N ASP G 261 38.51 -27.28 -13.39
CA ASP G 261 38.40 -26.48 -12.19
C ASP G 261 39.54 -26.76 -11.23
N LYS G 262 40.11 -27.96 -11.33
CA LYS G 262 41.22 -28.39 -10.48
C LYS G 262 42.14 -29.35 -11.21
N VAL G 263 43.40 -29.35 -10.81
CA VAL G 263 44.41 -30.23 -11.39
C VAL G 263 44.99 -31.10 -10.29
N LEU G 264 45.18 -32.38 -10.59
CA LEU G 264 45.80 -33.28 -9.63
C LEU G 264 47.10 -33.71 -10.27
N VAL G 265 48.21 -33.39 -9.62
CA VAL G 265 49.51 -33.77 -10.15
C VAL G 265 49.98 -35.06 -9.48
N ALA G 266 50.10 -36.13 -10.26
CA ALA G 266 50.54 -37.43 -9.75
C ALA G 266 51.56 -37.99 -10.73
N VAL G 267 52.67 -37.27 -10.90
CA VAL G 267 53.70 -37.68 -11.84
C VAL G 267 54.82 -38.50 -11.21
N GLY G 268 54.72 -38.76 -9.92
CA GLY G 268 55.77 -39.54 -9.28
C GLY G 268 56.01 -39.16 -7.85
N ARG G 269 57.14 -39.63 -7.31
CA ARG G 269 57.52 -39.38 -5.93
C ARG G 269 59.01 -39.07 -5.82
N LYS G 270 59.37 -38.35 -4.75
CA LYS G 270 60.75 -37.97 -4.49
C LYS G 270 61.13 -38.50 -3.10
N PRO G 271 62.25 -39.24 -3.01
CA PRO G 271 62.65 -39.77 -1.70
C PRO G 271 63.02 -38.64 -0.74
N ARG G 272 62.60 -38.76 0.51
CA ARG G 272 62.87 -37.75 1.54
C ARG G 272 64.20 -38.06 2.23
N THR G 273 65.29 -37.74 1.55
CA THR G 273 66.61 -38.01 2.10
C THR G 273 67.42 -36.74 2.37
N GLU G 274 66.84 -35.58 2.09
CA GLU G 274 67.52 -34.31 2.30
C GLU G 274 67.39 -33.77 3.71
N GLY G 275 68.37 -32.99 4.14
CA GLY G 275 68.35 -32.42 5.48
C GLY G 275 68.30 -33.49 6.54
N LEU G 276 68.96 -34.60 6.27
CA LEU G 276 69.00 -35.72 7.19
C LEU G 276 70.43 -35.86 7.71
N GLY G 277 71.36 -35.20 7.03
CA GLY G 277 72.75 -35.26 7.43
C GLY G 277 73.42 -36.50 6.87
N LEU G 278 72.96 -36.94 5.70
CA LEU G 278 73.50 -38.12 5.04
C LEU G 278 74.85 -37.88 4.36
N GLU G 279 74.98 -36.78 3.63
CA GLU G 279 76.25 -36.49 2.96
C GLU G 279 77.31 -36.21 4.02
N LYS G 280 76.87 -35.96 5.25
CA LYS G 280 77.78 -35.69 6.36
C LYS G 280 78.29 -36.98 6.99
N ALA G 281 77.37 -37.91 7.26
CA ALA G 281 77.70 -39.19 7.87
C ALA G 281 78.32 -40.17 6.87
N GLY G 282 78.40 -39.75 5.61
CA GLY G 282 78.99 -40.63 4.61
C GLY G 282 78.00 -41.51 3.85
N VAL G 283 76.72 -41.45 4.21
CA VAL G 283 75.71 -42.25 3.53
C VAL G 283 75.42 -41.65 2.17
N LYS G 284 75.80 -42.36 1.11
CA LYS G 284 75.60 -41.85 -0.24
C LYS G 284 74.26 -42.18 -0.89
N VAL G 285 73.83 -41.30 -1.78
CA VAL G 285 72.56 -41.46 -2.50
C VAL G 285 72.85 -41.25 -3.99
N ASP G 286 71.89 -41.55 -4.84
CA ASP G 286 72.08 -41.38 -6.28
C ASP G 286 71.61 -40.01 -6.77
N GLU G 287 71.56 -39.85 -8.09
CA GLU G 287 71.15 -38.60 -8.71
C GLU G 287 69.70 -38.22 -8.41
N ARG G 288 68.89 -39.20 -8.03
CA ARG G 288 67.48 -38.96 -7.73
C ARG G 288 67.25 -38.78 -6.23
N GLY G 289 68.28 -39.02 -5.42
CA GLY G 289 68.15 -38.87 -3.99
C GLY G 289 67.89 -40.15 -3.23
N PHE G 290 67.91 -41.28 -3.94
CA PHE G 290 67.68 -42.56 -3.28
C PHE G 290 68.96 -43.05 -2.60
N ILE G 291 68.82 -43.50 -1.36
CA ILE G 291 69.96 -44.01 -0.61
C ILE G 291 70.48 -45.29 -1.25
N ARG G 292 71.78 -45.35 -1.50
CA ARG G 292 72.42 -46.51 -2.13
C ARG G 292 72.50 -47.66 -1.12
N VAL G 293 71.99 -48.83 -1.51
CA VAL G 293 72.02 -49.99 -0.64
C VAL G 293 72.35 -51.23 -1.46
N ASN G 294 72.75 -52.30 -0.80
CA ASN G 294 73.03 -53.54 -1.52
C ASN G 294 71.84 -54.46 -1.26
N ALA G 295 71.96 -55.73 -1.63
CA ALA G 295 70.86 -56.67 -1.45
C ALA G 295 70.50 -56.90 0.01
N ARG G 296 71.45 -56.64 0.91
CA ARG G 296 71.22 -56.81 2.34
C ARG G 296 70.61 -55.55 2.94
N MET G 297 70.41 -54.55 2.09
CA MET G 297 69.84 -53.25 2.49
C MET G 297 70.86 -52.40 3.25
N GLU G 298 72.13 -52.77 3.14
CA GLU G 298 73.20 -52.03 3.80
C GLU G 298 73.63 -50.80 3.00
N THR G 299 73.68 -49.66 3.66
CA THR G 299 74.07 -48.40 3.01
C THR G 299 75.58 -48.35 2.88
N SER G 300 76.09 -47.23 2.36
CA SER G 300 77.52 -47.05 2.19
C SER G 300 78.25 -47.01 3.53
N VAL G 301 77.48 -46.96 4.62
CA VAL G 301 78.05 -46.92 5.96
C VAL G 301 77.61 -48.11 6.81
N PRO G 302 78.58 -48.97 7.17
CA PRO G 302 78.35 -50.18 7.99
C PRO G 302 77.50 -49.94 9.22
N GLY G 303 76.48 -50.76 9.41
CA GLY G 303 75.60 -50.62 10.56
C GLY G 303 74.41 -49.74 10.29
N VAL G 304 74.47 -48.99 9.19
CA VAL G 304 73.37 -48.10 8.80
C VAL G 304 72.66 -48.68 7.57
N TYR G 305 71.39 -49.01 7.74
CA TYR G 305 70.59 -49.60 6.66
C TYR G 305 69.59 -48.61 6.08
N ALA G 306 69.09 -48.92 4.87
CA ALA G 306 68.09 -48.10 4.22
C ALA G 306 67.01 -49.02 3.62
N ILE G 307 65.74 -48.66 3.79
CA ILE G 307 64.62 -49.45 3.29
C ILE G 307 63.48 -48.60 2.73
N GLY G 308 62.54 -49.25 2.05
CA GLY G 308 61.38 -48.56 1.51
C GLY G 308 61.63 -47.56 0.39
N ASP G 309 60.69 -46.62 0.23
CA ASP G 309 60.77 -45.59 -0.81
C ASP G 309 62.07 -44.80 -0.74
N ALA G 310 62.58 -44.60 0.47
CA ALA G 310 63.81 -43.84 0.66
C ALA G 310 65.03 -44.55 0.09
N ALA G 311 64.96 -45.88 -0.03
CA ALA G 311 66.09 -46.65 -0.54
C ALA G 311 66.09 -46.88 -2.04
N ARG G 312 64.94 -47.20 -2.63
CA ARG G 312 64.89 -47.47 -4.06
C ARG G 312 63.50 -47.83 -4.57
N PRO G 313 63.24 -47.58 -5.85
CA PRO G 313 61.94 -47.90 -6.46
C PRO G 313 61.96 -49.41 -6.67
N PRO G 314 60.79 -50.04 -6.91
CA PRO G 314 59.46 -49.40 -6.99
C PRO G 314 59.01 -48.96 -5.61
N LEU G 315 58.20 -47.90 -5.58
CA LEU G 315 57.71 -47.34 -4.34
C LEU G 315 56.41 -48.01 -3.90
N LEU G 316 56.54 -49.23 -3.36
CA LEU G 316 55.40 -50.00 -2.91
C LEU G 316 55.55 -50.37 -1.43
N ALA G 317 54.43 -50.47 -0.73
CA ALA G 317 54.44 -50.80 0.69
C ALA G 317 54.91 -52.23 1.00
N HIS G 318 54.38 -53.23 0.29
CA HIS G 318 54.80 -54.60 0.56
C HIS G 318 56.31 -54.76 0.37
N LYS G 319 56.89 -54.00 -0.55
CA LYS G 319 58.33 -54.06 -0.75
C LYS G 319 59.01 -53.49 0.49
N ALA G 320 58.59 -52.30 0.91
CA ALA G 320 59.16 -51.65 2.10
C ALA G 320 59.07 -52.56 3.32
N MET G 321 57.98 -53.28 3.44
CA MET G 321 57.78 -54.18 4.55
C MET G 321 58.83 -55.29 4.54
N ARG G 322 59.00 -55.93 3.38
CA ARG G 322 59.99 -56.99 3.29
C ARG G 322 61.40 -56.49 3.58
N GLU G 323 61.77 -55.35 3.01
CA GLU G 323 63.08 -54.77 3.21
C GLU G 323 63.31 -54.44 4.68
N GLY G 324 62.25 -54.00 5.36
CA GLY G 324 62.34 -53.69 6.77
C GLY G 324 62.69 -54.95 7.55
N LEU G 325 62.06 -56.07 7.19
CA LEU G 325 62.33 -57.34 7.85
C LEU G 325 63.79 -57.72 7.62
N ILE G 326 64.26 -57.48 6.40
CA ILE G 326 65.62 -57.79 6.03
C ILE G 326 66.58 -56.99 6.93
N ALA G 327 66.45 -55.67 6.88
CA ALA G 327 67.29 -54.79 7.66
C ALA G 327 67.35 -55.17 9.14
N ALA G 328 66.18 -55.44 9.73
CA ALA G 328 66.14 -55.81 11.14
C ALA G 328 66.89 -57.12 11.40
N GLU G 329 66.72 -58.09 10.51
CA GLU G 329 67.39 -59.36 10.67
C GLU G 329 68.91 -59.21 10.55
N ASN G 330 69.36 -58.34 9.65
CA ASN G 330 70.79 -58.14 9.51
C ASN G 330 71.33 -57.37 10.71
N ALA G 331 70.55 -56.46 11.25
CA ALA G 331 70.98 -55.70 12.43
C ALA G 331 71.11 -56.65 13.60
N ALA G 332 70.28 -57.70 13.61
CA ALA G 332 70.30 -58.68 14.69
C ALA G 332 71.37 -59.73 14.46
N GLY G 333 72.29 -59.48 13.52
CA GLY G 333 73.36 -60.42 13.26
C GLY G 333 73.04 -61.60 12.34
N LYS G 334 71.98 -61.50 11.55
CA LYS G 334 71.67 -62.59 10.63
C LYS G 334 72.22 -62.26 9.26
N ASP G 335 71.85 -63.07 8.28
CA ASP G 335 72.30 -62.86 6.91
C ASP G 335 71.10 -63.05 5.99
N SER G 336 70.35 -61.97 5.82
CA SER G 336 69.17 -61.95 4.99
C SER G 336 69.46 -61.05 3.79
N ALA G 337 68.80 -61.32 2.67
CA ALA G 337 69.00 -60.53 1.47
C ALA G 337 67.72 -60.51 0.63
N PHE G 338 67.48 -59.38 -0.02
CA PHE G 338 66.30 -59.21 -0.86
C PHE G 338 66.57 -59.74 -2.28
N ASP G 339 65.89 -60.83 -2.63
CA ASP G 339 66.02 -61.44 -3.96
C ASP G 339 64.63 -61.92 -4.38
N TYR G 340 63.60 -61.19 -3.97
CA TYR G 340 62.22 -61.57 -4.24
C TYR G 340 61.53 -60.93 -5.44
N GLN G 341 60.42 -61.54 -5.83
CA GLN G 341 59.58 -61.05 -6.92
C GLN G 341 58.66 -60.02 -6.28
N VAL G 342 58.53 -58.85 -6.88
CA VAL G 342 57.70 -57.79 -6.35
C VAL G 342 56.51 -57.49 -7.27
N PRO G 343 55.30 -57.87 -6.86
CA PRO G 343 54.13 -57.60 -7.70
C PRO G 343 53.69 -56.16 -7.52
N SER G 344 52.87 -55.66 -8.44
CA SER G 344 52.35 -54.31 -8.30
C SER G 344 50.87 -54.35 -8.64
N VAL G 345 50.07 -53.61 -7.89
CA VAL G 345 48.64 -53.60 -8.09
C VAL G 345 48.04 -52.20 -8.24
N VAL G 346 47.03 -52.09 -9.10
CA VAL G 346 46.32 -50.84 -9.30
C VAL G 346 44.90 -51.20 -8.88
N TYR G 347 44.41 -50.52 -7.84
CA TYR G 347 43.10 -50.84 -7.29
C TYR G 347 41.86 -50.23 -7.93
N THR G 348 41.97 -49.92 -9.21
CA THR G 348 40.84 -49.39 -9.96
C THR G 348 39.87 -50.55 -10.15
N SER G 349 38.72 -50.27 -10.76
CA SER G 349 37.74 -51.29 -11.09
C SER G 349 37.56 -51.18 -12.60
N PRO G 350 38.03 -52.18 -13.37
CA PRO G 350 38.70 -53.40 -12.94
C PRO G 350 40.10 -53.11 -12.40
N GLU G 351 40.60 -54.03 -11.59
CA GLU G 351 41.93 -53.90 -11.02
C GLU G 351 42.99 -54.36 -12.01
N TRP G 352 44.21 -53.89 -11.83
CA TRP G 352 45.32 -54.30 -12.68
C TRP G 352 46.41 -54.80 -11.75
N ALA G 353 47.12 -55.86 -12.15
CA ALA G 353 48.21 -56.39 -11.34
C ALA G 353 49.21 -57.10 -12.23
N GLY G 354 50.48 -57.06 -11.82
CA GLY G 354 51.52 -57.69 -12.60
C GLY G 354 52.71 -58.11 -11.76
N VAL G 355 53.41 -59.14 -12.21
CA VAL G 355 54.59 -59.58 -11.49
C VAL G 355 55.48 -60.32 -12.47
N GLY G 356 56.78 -60.21 -12.30
CA GLY G 356 57.69 -60.87 -13.22
C GLY G 356 57.98 -60.04 -14.47
N LEU G 357 58.46 -60.69 -15.52
CA LEU G 357 58.83 -60.03 -16.77
C LEU G 357 57.71 -59.82 -17.76
N THR G 358 57.71 -58.65 -18.39
CA THR G 358 56.75 -58.33 -19.44
C THR G 358 57.24 -59.11 -20.65
N GLU G 359 56.42 -59.16 -21.69
CA GLU G 359 56.80 -59.87 -22.91
C GLU G 359 58.10 -59.28 -23.48
N GLU G 360 58.18 -57.95 -23.49
CA GLU G 360 59.33 -57.25 -24.02
C GLU G 360 60.63 -57.53 -23.25
N GLU G 361 60.54 -57.52 -21.92
CA GLU G 361 61.72 -57.80 -21.12
C GLU G 361 62.13 -59.25 -21.25
N ALA G 362 61.15 -60.15 -21.40
CA ALA G 362 61.47 -61.57 -21.55
C ALA G 362 62.22 -61.79 -22.85
N LYS G 363 61.81 -61.06 -23.89
CA LYS G 363 62.45 -61.17 -25.19
C LYS G 363 63.87 -60.63 -25.12
N ARG G 364 64.03 -59.44 -24.55
CA ARG G 364 65.36 -58.84 -24.43
C ARG G 364 66.31 -59.74 -23.65
N ALA G 365 65.78 -60.42 -22.64
CA ALA G 365 66.60 -61.32 -21.81
C ALA G 365 66.97 -62.59 -22.58
N GLY G 366 66.48 -62.71 -23.80
CA GLY G 366 66.81 -63.88 -24.61
C GLY G 366 65.95 -65.12 -24.45
N TYR G 367 64.85 -65.02 -23.70
CA TYR G 367 63.98 -66.18 -23.52
C TYR G 367 63.15 -66.43 -24.78
N LYS G 368 62.85 -67.69 -25.04
CA LYS G 368 62.02 -68.06 -26.18
C LYS G 368 60.59 -67.81 -25.72
N VAL G 369 60.23 -66.53 -25.65
CA VAL G 369 58.92 -66.11 -25.18
C VAL G 369 57.70 -66.70 -25.88
N LYS G 370 56.72 -67.05 -25.06
CA LYS G 370 55.45 -67.62 -25.51
C LYS G 370 54.45 -67.11 -24.48
N VAL G 371 53.25 -66.76 -24.91
CA VAL G 371 52.23 -66.25 -24.00
C VAL G 371 50.91 -67.02 -24.04
N GLY G 372 50.21 -66.98 -22.92
CA GLY G 372 48.92 -67.63 -22.81
C GLY G 372 47.96 -66.54 -22.39
N LYS G 373 46.76 -66.52 -22.96
CA LYS G 373 45.81 -65.48 -22.59
C LYS G 373 44.42 -66.05 -22.37
N PHE G 374 43.72 -65.53 -21.38
CA PHE G 374 42.36 -65.99 -21.12
C PHE G 374 41.53 -64.78 -20.77
N PRO G 375 40.47 -64.52 -21.57
CA PRO G 375 39.56 -63.40 -21.39
C PRO G 375 38.48 -63.71 -20.34
N LEU G 376 38.12 -62.72 -19.53
CA LEU G 376 37.11 -62.91 -18.50
C LEU G 376 35.72 -63.11 -19.08
N ALA G 377 35.52 -62.73 -20.33
CA ALA G 377 34.23 -62.91 -20.98
C ALA G 377 33.91 -64.41 -21.00
N ALA G 378 34.95 -65.24 -20.94
CA ALA G 378 34.76 -66.69 -20.95
C ALA G 378 34.79 -67.29 -19.54
N SER G 379 34.67 -66.45 -18.52
CA SER G 379 34.68 -66.88 -17.12
C SER G 379 33.28 -67.02 -16.52
N GLY G 380 32.93 -68.21 -16.06
CA GLY G 380 31.61 -68.41 -15.47
C GLY G 380 31.42 -67.53 -14.24
N ARG G 381 32.44 -67.47 -13.39
CA ARG G 381 32.39 -66.67 -12.17
C ARG G 381 32.22 -65.18 -12.47
N ALA G 382 32.94 -64.70 -13.48
CA ALA G 382 32.84 -63.28 -13.85
C ALA G 382 31.39 -62.95 -14.19
N LEU G 383 30.74 -63.85 -14.93
CA LEU G 383 29.36 -63.61 -15.31
C LEU G 383 28.43 -63.57 -14.08
N THR G 384 28.64 -64.46 -13.12
CA THR G 384 27.77 -64.45 -11.93
C THR G 384 27.96 -63.18 -11.10
N LEU G 385 29.04 -62.45 -11.35
CA LEU G 385 29.34 -61.21 -10.63
C LEU G 385 28.91 -59.97 -11.42
N GLY G 386 28.33 -60.18 -12.60
CA GLY G 386 27.90 -59.08 -13.43
C GLY G 386 28.75 -58.92 -14.69
N GLY G 387 29.57 -57.87 -14.73
CA GLY G 387 30.42 -57.61 -15.89
C GLY G 387 31.74 -58.35 -15.98
N ALA G 388 31.80 -59.35 -16.85
CA ALA G 388 33.00 -60.15 -17.08
C ALA G 388 34.01 -59.42 -17.99
N GLU G 389 34.62 -58.36 -17.49
CA GLU G 389 35.57 -57.57 -18.29
C GLU G 389 37.03 -57.63 -17.83
N GLY G 390 37.90 -58.23 -18.66
CA GLY G 390 39.31 -58.32 -18.32
C GLY G 390 40.03 -59.52 -18.91
N MET G 391 41.25 -59.78 -18.44
CA MET G 391 42.01 -60.91 -18.93
C MET G 391 43.25 -61.25 -18.11
N VAL G 392 43.69 -62.49 -18.26
CA VAL G 392 44.90 -62.95 -17.61
C VAL G 392 45.87 -63.28 -18.73
N LYS G 393 47.11 -62.85 -18.57
CA LYS G 393 48.15 -63.10 -19.55
C LYS G 393 49.37 -63.66 -18.84
N VAL G 394 49.80 -64.85 -19.26
CA VAL G 394 50.97 -65.45 -18.67
C VAL G 394 52.10 -65.40 -19.71
N VAL G 395 53.31 -65.15 -19.22
CA VAL G 395 54.48 -65.07 -20.06
C VAL G 395 55.43 -66.18 -19.65
N GLY G 396 55.84 -66.99 -20.62
CA GLY G 396 56.73 -68.08 -20.33
C GLY G 396 57.81 -68.35 -21.38
N ASP G 397 58.76 -69.19 -21.00
CA ASP G 397 59.85 -69.58 -21.89
C ASP G 397 59.38 -70.92 -22.47
N GLU G 398 59.27 -70.98 -23.80
CA GLU G 398 58.82 -72.19 -24.44
C GLU G 398 59.74 -73.39 -24.17
N GLU G 399 61.04 -73.15 -24.21
CA GLU G 399 62.02 -74.21 -24.00
C GLU G 399 61.90 -74.97 -22.69
N THR G 400 61.97 -74.21 -21.60
CA THR G 400 61.94 -74.80 -20.26
C THR G 400 60.53 -74.89 -19.68
N ASP G 401 59.60 -74.19 -20.31
CA ASP G 401 58.21 -74.16 -19.85
C ASP G 401 58.10 -73.31 -18.59
N LEU G 402 59.20 -72.65 -18.24
CA LEU G 402 59.28 -71.82 -17.05
C LEU G 402 58.43 -70.55 -17.12
N LEU G 403 57.69 -70.28 -16.05
CA LEU G 403 56.87 -69.07 -15.98
C LEU G 403 57.77 -67.88 -15.80
N LEU G 404 57.50 -66.79 -16.50
CA LEU G 404 58.34 -65.60 -16.41
C LEU G 404 57.62 -64.37 -15.89
N GLY G 405 56.35 -64.25 -16.25
CA GLY G 405 55.60 -63.08 -15.81
C GLY G 405 54.11 -63.34 -15.90
N VAL G 406 53.32 -62.54 -15.18
CA VAL G 406 51.87 -62.69 -15.19
C VAL G 406 51.28 -61.31 -15.08
N PHE G 407 50.23 -61.06 -15.85
CA PHE G 407 49.57 -59.78 -15.83
C PHE G 407 48.09 -60.01 -15.88
N ILE G 408 47.39 -59.29 -15.03
CA ILE G 408 45.96 -59.44 -14.92
C ILE G 408 45.20 -58.12 -14.82
N VAL G 409 44.05 -58.09 -15.49
CA VAL G 409 43.18 -56.94 -15.44
C VAL G 409 41.80 -57.56 -15.26
N GLY G 410 41.09 -57.12 -14.24
CA GLY G 410 39.79 -57.68 -13.97
C GLY G 410 39.51 -57.57 -12.48
N PRO G 411 38.32 -57.97 -12.04
CA PRO G 411 38.04 -57.88 -10.60
C PRO G 411 38.93 -58.80 -9.78
N GLN G 412 39.35 -58.33 -8.60
CA GLN G 412 40.19 -59.12 -7.71
C GLN G 412 41.58 -59.44 -8.26
N ALA G 413 42.05 -58.66 -9.23
CA ALA G 413 43.37 -58.92 -9.81
C ALA G 413 44.46 -58.90 -8.74
N GLY G 414 44.37 -57.94 -7.82
CA GLY G 414 45.37 -57.84 -6.78
C GLY G 414 45.51 -59.09 -5.93
N GLU G 415 44.39 -59.79 -5.71
CA GLU G 415 44.40 -61.02 -4.91
C GLU G 415 44.97 -62.21 -5.69
N LEU G 416 44.61 -62.30 -6.97
CA LEU G 416 45.07 -63.38 -7.83
C LEU G 416 46.58 -63.32 -8.14
N ILE G 417 47.17 -62.12 -8.12
CA ILE G 417 48.59 -61.95 -8.43
C ILE G 417 49.51 -62.58 -7.39
N ALA G 418 48.98 -62.82 -6.19
CA ALA G 418 49.77 -63.43 -5.12
C ALA G 418 50.12 -64.84 -5.55
N GLU G 419 49.19 -65.50 -6.23
CA GLU G 419 49.41 -66.86 -6.71
C GLU G 419 50.54 -66.87 -7.73
N ALA G 420 50.57 -65.86 -8.57
CA ALA G 420 51.61 -65.75 -9.60
C ALA G 420 52.96 -65.50 -8.94
N ALA G 421 52.97 -64.64 -7.91
CA ALA G 421 54.20 -64.35 -7.19
C ALA G 421 54.78 -65.63 -6.59
N LEU G 422 53.94 -66.42 -5.94
CA LEU G 422 54.41 -67.66 -5.33
C LEU G 422 54.96 -68.59 -6.41
N ALA G 423 54.24 -68.69 -7.52
CA ALA G 423 54.67 -69.54 -8.62
C ALA G 423 56.08 -69.17 -9.06
N LEU G 424 56.30 -67.88 -9.28
CA LEU G 424 57.62 -67.42 -9.70
C LEU G 424 58.66 -67.78 -8.63
N GLU G 425 58.34 -67.53 -7.37
CA GLU G 425 59.28 -67.84 -6.28
C GLU G 425 59.60 -69.32 -6.19
N MET G 426 58.61 -70.17 -6.47
CA MET G 426 58.82 -71.62 -6.42
C MET G 426 59.44 -72.11 -7.73
N GLY G 427 59.63 -71.21 -8.69
CA GLY G 427 60.20 -71.61 -9.97
C GLY G 427 59.25 -72.54 -10.71
N ALA G 428 57.97 -72.20 -10.72
CA ALA G 428 56.97 -73.04 -11.37
C ALA G 428 56.98 -72.92 -12.90
N THR G 429 56.54 -73.99 -13.56
CA THR G 429 56.43 -74.01 -15.02
C THR G 429 54.97 -73.70 -15.34
N LEU G 430 54.65 -73.45 -16.62
CA LEU G 430 53.27 -73.18 -17.00
C LEU G 430 52.47 -74.44 -16.71
N THR G 431 53.11 -75.59 -16.86
CA THR G 431 52.44 -76.86 -16.60
C THR G 431 52.03 -76.96 -15.12
N ASP G 432 52.91 -76.52 -14.23
CA ASP G 432 52.63 -76.56 -12.79
C ASP G 432 51.36 -75.77 -12.50
N LEU G 433 51.29 -74.60 -13.10
CA LEU G 433 50.17 -73.70 -12.94
C LEU G 433 48.86 -74.30 -13.47
N ALA G 434 48.95 -74.95 -14.63
CA ALA G 434 47.78 -75.56 -15.25
C ALA G 434 47.33 -76.81 -14.50
N LEU G 435 48.28 -77.50 -13.89
CA LEU G 435 47.95 -78.72 -13.16
C LEU G 435 47.36 -78.46 -11.77
N THR G 436 47.53 -77.26 -11.24
CA THR G 436 46.96 -76.95 -9.94
C THR G 436 45.45 -76.89 -10.14
N VAL G 437 44.70 -77.65 -9.36
CA VAL G 437 43.24 -77.66 -9.48
C VAL G 437 42.62 -76.44 -8.80
N HIS G 438 42.25 -75.45 -9.61
CA HIS G 438 41.61 -74.23 -9.09
C HIS G 438 40.13 -74.51 -8.86
N PRO G 439 39.53 -73.87 -7.84
CA PRO G 439 38.11 -74.07 -7.53
C PRO G 439 37.24 -73.47 -8.62
N HIS G 440 36.13 -74.14 -8.91
CA HIS G 440 35.19 -73.67 -9.91
C HIS G 440 33.85 -73.42 -9.23
N PRO G 441 33.23 -72.27 -9.47
CA PRO G 441 33.73 -71.18 -10.32
C PRO G 441 34.42 -70.08 -9.54
N THR G 442 35.60 -69.66 -9.99
CA THR G 442 36.34 -68.58 -9.34
C THR G 442 37.11 -67.79 -10.39
N LEU G 443 37.41 -66.54 -10.07
CA LEU G 443 38.18 -65.70 -10.98
C LEU G 443 39.59 -66.26 -11.13
N SER G 444 40.05 -66.96 -10.08
CA SER G 444 41.39 -67.55 -10.07
C SER G 444 41.59 -68.60 -11.16
N GLU G 445 40.50 -69.22 -11.60
CA GLU G 445 40.60 -70.22 -12.67
C GLU G 445 41.19 -69.62 -13.95
N SER G 446 41.08 -68.31 -14.10
CA SER G 446 41.62 -67.66 -15.29
C SER G 446 43.14 -67.83 -15.41
N LEU G 447 43.83 -67.96 -14.28
CA LEU G 447 45.29 -68.15 -14.32
C LEU G 447 45.55 -69.56 -14.80
N MET G 448 44.77 -70.50 -14.28
CA MET G 448 44.91 -71.90 -14.65
C MET G 448 44.66 -72.04 -16.15
N GLU G 449 43.58 -71.45 -16.62
CA GLU G 449 43.23 -71.51 -18.04
C GLU G 449 44.20 -70.77 -18.96
N ALA G 450 44.74 -69.64 -18.50
CA ALA G 450 45.72 -68.92 -19.31
C ALA G 450 46.93 -69.84 -19.51
N ALA G 451 47.27 -70.58 -18.46
CA ALA G 451 48.39 -71.52 -18.51
C ALA G 451 48.11 -72.60 -19.54
N GLU G 452 46.87 -73.10 -19.58
CA GLU G 452 46.53 -74.12 -20.55
C GLU G 452 46.54 -73.50 -21.93
N ALA G 453 46.06 -72.27 -22.03
CA ALA G 453 46.03 -71.56 -23.30
C ALA G 453 47.46 -71.45 -23.84
N PHE G 454 48.42 -71.31 -22.93
CA PHE G 454 49.84 -71.22 -23.29
C PHE G 454 50.24 -72.49 -24.05
N HIS G 455 49.72 -73.63 -23.63
CA HIS G 455 50.00 -74.90 -24.29
C HIS G 455 48.94 -75.22 -25.35
N LYS G 456 48.18 -74.20 -25.73
CA LYS G 456 47.14 -74.35 -26.74
C LYS G 456 46.07 -75.39 -26.42
N GLN G 457 45.74 -75.55 -25.14
CA GLN G 457 44.70 -76.49 -24.75
C GLN G 457 43.70 -75.98 -23.71
N ALA G 458 43.44 -74.68 -23.74
CA ALA G 458 42.47 -74.11 -22.84
C ALA G 458 41.13 -74.75 -23.22
N ILE G 459 40.27 -75.00 -22.25
CA ILE G 459 39.00 -75.64 -22.51
C ILE G 459 37.86 -74.65 -22.78
N HIS G 460 37.80 -73.60 -21.98
CA HIS G 460 36.74 -72.61 -22.11
C HIS G 460 36.80 -71.59 -23.23
N ILE G 461 37.86 -71.64 -24.04
CA ILE G 461 37.96 -70.77 -25.21
C ILE G 461 38.56 -71.61 -26.32
N LEU G 462 38.31 -71.21 -27.56
CA LEU G 462 38.86 -71.93 -28.69
C LEU G 462 40.32 -71.50 -28.80
N ASN G 463 41.21 -72.47 -28.94
CA ASN G 463 42.63 -72.19 -29.03
C ASN G 463 43.06 -71.82 -30.44
N MET H 4 25.84 -98.86 -37.75
CA MET H 4 26.29 -98.34 -36.43
C MET H 4 27.48 -97.39 -36.58
N LYS H 5 27.24 -96.09 -36.43
CA LYS H 5 28.30 -95.11 -36.53
C LYS H 5 29.30 -95.32 -35.39
N THR H 6 30.60 -95.22 -35.69
CA THR H 6 31.62 -95.38 -34.66
C THR H 6 32.46 -94.12 -34.52
N TYR H 7 33.09 -93.99 -33.37
CA TYR H 7 33.93 -92.84 -33.07
C TYR H 7 35.12 -93.33 -32.28
N ASP H 8 36.06 -92.43 -32.02
CA ASP H 8 37.24 -92.80 -31.24
C ASP H 8 36.78 -92.81 -29.78
N LEU H 9 35.97 -91.83 -29.43
CA LEU H 9 35.46 -91.69 -28.06
C LEU H 9 33.99 -91.27 -27.99
N ILE H 10 33.27 -91.91 -27.08
CA ILE H 10 31.88 -91.58 -26.85
C ILE H 10 31.83 -91.12 -25.39
N VAL H 11 31.35 -89.90 -25.19
CA VAL H 11 31.22 -89.31 -23.87
C VAL H 11 29.75 -89.14 -23.55
N ILE H 12 29.30 -89.73 -22.45
CA ILE H 12 27.90 -89.62 -22.04
C ILE H 12 27.77 -88.61 -20.91
N GLY H 13 27.18 -87.46 -21.24
CA GLY H 13 27.00 -86.40 -20.27
C GLY H 13 27.80 -85.17 -20.69
N THR H 14 27.18 -84.00 -20.70
CA THR H 14 27.89 -82.78 -21.07
C THR H 14 28.00 -81.80 -19.90
N GLY H 15 28.14 -82.33 -18.70
CA GLY H 15 28.31 -81.48 -17.53
C GLY H 15 29.79 -81.10 -17.52
N PRO H 16 30.28 -80.44 -16.47
CA PRO H 16 31.70 -80.05 -16.41
C PRO H 16 32.62 -81.19 -16.77
N GLY H 17 32.37 -82.38 -16.22
CA GLY H 17 33.22 -83.51 -16.53
C GLY H 17 33.14 -83.92 -18.00
N GLY H 18 31.93 -84.15 -18.48
CA GLY H 18 31.75 -84.55 -19.86
C GLY H 18 32.30 -83.63 -20.94
N TYR H 19 32.03 -82.34 -20.83
CA TYR H 19 32.51 -81.46 -21.88
C TYR H 19 34.01 -81.19 -21.82
N HIS H 20 34.63 -81.34 -20.65
CA HIS H 20 36.08 -81.17 -20.57
C HIS H 20 36.70 -82.37 -21.27
N ALA H 21 36.15 -83.55 -21.00
CA ALA H 21 36.63 -84.79 -21.58
C ALA H 21 36.46 -84.76 -23.11
N ALA H 22 35.32 -84.28 -23.57
CA ALA H 22 35.04 -84.21 -25.01
C ALA H 22 35.98 -83.26 -25.75
N ILE H 23 36.10 -82.05 -25.22
CA ILE H 23 36.96 -81.04 -25.82
C ILE H 23 38.44 -81.42 -25.78
N ARG H 24 38.94 -81.87 -24.64
CA ARG H 24 40.35 -82.27 -24.54
C ARG H 24 40.63 -83.45 -25.48
N ALA H 25 39.68 -84.36 -25.59
CA ALA H 25 39.84 -85.53 -26.45
C ALA H 25 39.94 -85.07 -27.89
N ALA H 26 39.13 -84.07 -28.23
CA ALA H 26 39.13 -83.52 -29.59
C ALA H 26 40.44 -82.78 -29.85
N GLN H 27 40.91 -82.04 -28.84
CA GLN H 27 42.17 -81.30 -28.98
C GLN H 27 43.25 -82.31 -29.31
N LEU H 28 43.15 -83.52 -28.76
CA LEU H 28 44.15 -84.54 -29.02
C LEU H 28 43.93 -85.29 -30.34
N GLY H 29 43.05 -84.75 -31.19
CA GLY H 29 42.80 -85.36 -32.47
C GLY H 29 41.94 -86.61 -32.50
N LEU H 30 40.92 -86.67 -31.65
CA LEU H 30 40.03 -87.83 -31.64
C LEU H 30 38.69 -87.44 -32.23
N LYS H 31 37.98 -88.41 -32.82
CA LYS H 31 36.64 -88.15 -33.35
C LYS H 31 35.75 -88.42 -32.15
N VAL H 32 35.10 -87.38 -31.66
CA VAL H 32 34.27 -87.47 -30.47
C VAL H 32 32.76 -87.29 -30.61
N LEU H 33 32.02 -88.16 -29.94
CA LEU H 33 30.56 -88.08 -29.90
C LEU H 33 30.20 -87.75 -28.45
N ALA H 34 29.46 -86.67 -28.24
CA ALA H 34 29.04 -86.28 -26.90
C ALA H 34 27.51 -86.38 -26.84
N VAL H 35 27.01 -87.22 -25.93
CA VAL H 35 25.56 -87.43 -25.78
C VAL H 35 25.02 -86.70 -24.54
N GLU H 36 23.90 -86.00 -24.69
CA GLU H 36 23.30 -85.26 -23.59
C GLU H 36 21.78 -85.48 -23.60
N ALA H 37 21.23 -85.97 -22.48
CA ALA H 37 19.80 -86.24 -22.38
C ALA H 37 18.98 -85.04 -21.95
N GLY H 38 19.62 -84.10 -21.26
CA GLY H 38 18.88 -82.92 -20.82
C GLY H 38 19.46 -81.65 -21.38
N GLU H 39 19.82 -80.72 -20.49
CA GLU H 39 20.39 -79.46 -20.90
C GLU H 39 21.91 -79.55 -20.93
N VAL H 40 22.52 -78.94 -21.94
CA VAL H 40 23.97 -78.91 -22.09
C VAL H 40 24.58 -78.15 -20.91
N GLY H 41 25.70 -78.63 -20.39
CA GLY H 41 26.33 -77.94 -19.27
C GLY H 41 26.08 -78.62 -17.93
N GLY H 42 25.10 -79.53 -17.90
CA GLY H 42 24.79 -80.27 -16.68
C GLY H 42 24.29 -79.48 -15.47
N VAL H 43 24.49 -80.07 -14.30
CA VAL H 43 24.04 -79.47 -13.04
C VAL H 43 24.74 -78.16 -12.69
N CYS H 44 26.06 -78.16 -12.73
CA CYS H 44 26.83 -76.98 -12.38
C CYS H 44 26.35 -75.72 -13.08
N LEU H 45 26.26 -75.76 -14.40
CA LEU H 45 25.81 -74.61 -15.16
C LEU H 45 24.30 -74.34 -15.13
N ASN H 46 23.49 -75.39 -15.04
CA ASN H 46 22.04 -75.22 -15.05
C ASN H 46 21.28 -75.07 -13.73
N VAL H 47 21.53 -75.96 -12.78
CA VAL H 47 20.81 -75.90 -11.51
C VAL H 47 21.73 -76.04 -10.29
N GLY H 48 23.03 -75.78 -10.48
CA GLY H 48 23.96 -75.90 -9.38
C GLY H 48 24.85 -74.70 -9.15
N CYS H 49 26.14 -74.87 -9.43
CA CYS H 49 27.14 -73.82 -9.24
C CYS H 49 26.75 -72.43 -9.69
N ILE H 50 26.55 -72.28 -10.98
CA ILE H 50 26.25 -70.99 -11.58
C ILE H 50 25.01 -70.26 -11.06
N PRO H 51 23.81 -70.87 -11.19
CA PRO H 51 22.65 -70.13 -10.67
C PRO H 51 22.74 -69.83 -9.18
N THR H 52 23.38 -70.72 -8.44
CA THR H 52 23.50 -70.49 -7.00
C THR H 52 24.43 -69.29 -6.74
N LYS H 53 25.59 -69.29 -7.38
CA LYS H 53 26.53 -68.18 -7.20
C LYS H 53 25.91 -66.85 -7.65
N ALA H 54 25.06 -66.88 -8.68
CA ALA H 54 24.42 -65.65 -9.17
C ALA H 54 23.47 -65.09 -8.11
N LEU H 55 22.66 -65.96 -7.50
CA LEU H 55 21.73 -65.54 -6.45
C LEU H 55 22.53 -64.98 -5.25
N LEU H 56 23.58 -65.69 -4.85
CA LEU H 56 24.41 -65.26 -3.72
C LEU H 56 24.98 -63.86 -3.94
N HIS H 57 25.41 -63.57 -5.16
CA HIS H 57 25.98 -62.26 -5.48
C HIS H 57 24.95 -61.15 -5.33
N ALA H 58 23.73 -61.38 -5.80
CA ALA H 58 22.68 -60.38 -5.68
C ALA H 58 22.36 -60.20 -4.20
N ALA H 59 22.31 -61.29 -3.46
CA ALA H 59 22.00 -61.23 -2.03
C ALA H 59 23.08 -60.47 -1.28
N GLU H 60 24.34 -60.71 -1.66
CA GLU H 60 25.48 -60.04 -1.03
C GLU H 60 25.48 -58.55 -1.37
N THR H 61 25.14 -58.22 -2.62
CA THR H 61 25.12 -56.82 -3.03
C THR H 61 24.09 -56.08 -2.21
N LEU H 62 22.92 -56.69 -2.04
CA LEU H 62 21.84 -56.10 -1.25
C LEU H 62 22.31 -55.94 0.19
N HIS H 63 22.76 -57.04 0.79
CA HIS H 63 23.20 -57.06 2.17
C HIS H 63 24.26 -56.02 2.54
N HIS H 64 25.30 -55.92 1.71
CA HIS H 64 26.39 -55.00 1.96
C HIS H 64 25.94 -53.55 2.13
N LEU H 65 24.77 -53.20 1.59
CA LEU H 65 24.29 -51.83 1.70
C LEU H 65 24.07 -51.42 3.16
N LYS H 66 23.82 -52.39 4.04
CA LYS H 66 23.62 -52.07 5.46
C LYS H 66 24.91 -51.47 6.00
N VAL H 67 26.03 -52.14 5.73
CA VAL H 67 27.34 -51.67 6.18
C VAL H 67 27.75 -50.38 5.47
N ALA H 68 27.43 -50.30 4.17
CA ALA H 68 27.78 -49.11 3.37
C ALA H 68 27.19 -47.83 3.94
N GLU H 69 26.17 -47.96 4.77
CA GLU H 69 25.57 -46.78 5.39
C GLU H 69 26.67 -46.16 6.25
N GLY H 70 27.54 -47.02 6.77
CA GLY H 70 28.63 -46.57 7.61
C GLY H 70 29.52 -45.56 6.91
N PHE H 71 29.60 -45.63 5.58
CA PHE H 71 30.42 -44.65 4.89
C PHE H 71 29.66 -43.65 4.03
N GLY H 72 28.47 -43.28 4.50
CA GLY H 72 27.66 -42.30 3.82
C GLY H 72 26.74 -42.75 2.70
N LEU H 73 26.75 -44.03 2.37
CA LEU H 73 25.89 -44.49 1.30
C LEU H 73 24.49 -44.78 1.83
N LYS H 74 23.55 -43.92 1.48
CA LYS H 74 22.18 -44.07 1.92
C LYS H 74 21.35 -44.53 0.73
N ALA H 75 20.47 -45.49 0.97
CA ALA H 75 19.63 -45.99 -0.09
C ALA H 75 18.47 -46.79 0.46
N LYS H 76 17.40 -46.84 -0.33
CA LYS H 76 16.21 -47.59 0.03
C LYS H 76 16.22 -48.71 -1.00
N PRO H 77 16.90 -49.82 -0.67
CA PRO H 77 16.98 -50.95 -1.58
C PRO H 77 15.69 -51.77 -1.72
N GLU H 78 15.33 -52.06 -2.97
CA GLU H 78 14.14 -52.84 -3.26
C GLU H 78 14.55 -53.88 -4.32
N LEU H 79 14.50 -55.16 -3.96
CA LEU H 79 14.89 -56.22 -4.87
C LEU H 79 13.69 -56.92 -5.52
N ASP H 80 13.60 -56.79 -6.85
CA ASP H 80 12.53 -57.40 -7.63
C ASP H 80 12.91 -58.85 -7.93
N LEU H 81 12.28 -59.79 -7.22
CA LEU H 81 12.59 -61.21 -7.38
C LEU H 81 12.37 -61.77 -8.78
N LYS H 82 11.35 -61.30 -9.46
CA LYS H 82 11.06 -61.77 -10.81
C LYS H 82 12.23 -61.36 -11.71
N LYS H 83 12.69 -60.12 -11.54
CA LYS H 83 13.82 -59.60 -12.32
C LYS H 83 15.09 -60.38 -11.99
N LEU H 84 15.26 -60.72 -10.72
CA LEU H 84 16.44 -61.47 -10.27
C LEU H 84 16.45 -62.84 -10.93
N GLY H 85 15.29 -63.49 -10.96
CA GLY H 85 15.20 -64.81 -11.57
C GLY H 85 15.50 -64.70 -13.05
N GLY H 86 15.03 -63.62 -13.66
CA GLY H 86 15.27 -63.40 -15.08
C GLY H 86 16.76 -63.33 -15.37
N TRP H 87 17.49 -62.54 -14.58
CA TRP H 87 18.94 -62.41 -14.76
C TRP H 87 19.62 -63.75 -14.54
N ARG H 88 19.19 -64.48 -13.51
CA ARG H 88 19.75 -65.78 -13.21
C ARG H 88 19.65 -66.68 -14.44
N ASP H 89 18.47 -66.74 -15.04
CA ASP H 89 18.25 -67.54 -16.25
C ASP H 89 19.16 -67.06 -17.37
N GLN H 90 19.26 -65.74 -17.52
CA GLN H 90 20.11 -65.14 -18.55
C GLN H 90 21.56 -65.61 -18.42
N VAL H 91 22.06 -65.64 -17.20
CA VAL H 91 23.44 -66.07 -16.96
C VAL H 91 23.60 -67.53 -17.34
N VAL H 92 22.62 -68.35 -16.93
CA VAL H 92 22.65 -69.77 -17.22
C VAL H 92 22.62 -69.99 -18.74
N LYS H 93 21.74 -69.27 -19.43
CA LYS H 93 21.62 -69.43 -20.87
C LYS H 93 22.92 -69.09 -21.58
N LYS H 94 23.56 -67.99 -21.19
CA LYS H 94 24.82 -67.59 -21.80
C LYS H 94 25.88 -68.67 -21.67
N LEU H 95 26.04 -69.19 -20.46
CA LEU H 95 27.05 -70.20 -20.23
C LEU H 95 26.76 -71.56 -20.87
N THR H 96 25.49 -71.99 -20.91
CA THR H 96 25.19 -73.27 -21.52
C THR H 96 25.35 -73.16 -23.02
N GLY H 97 24.98 -72.02 -23.56
CA GLY H 97 25.12 -71.81 -24.99
C GLY H 97 26.60 -71.80 -25.31
N GLY H 98 27.39 -71.15 -24.45
CA GLY H 98 28.81 -71.08 -24.64
C GLY H 98 29.41 -72.46 -24.74
N VAL H 99 28.89 -73.40 -23.96
CA VAL H 99 29.41 -74.77 -24.00
C VAL H 99 29.09 -75.40 -25.35
N GLY H 100 27.84 -75.29 -25.78
CA GLY H 100 27.48 -75.85 -27.07
C GLY H 100 28.41 -75.29 -28.15
N THR H 101 28.69 -74.01 -28.07
CA THR H 101 29.56 -73.34 -29.03
C THR H 101 30.97 -73.94 -29.00
N LEU H 102 31.49 -74.20 -27.80
CA LEU H 102 32.81 -74.80 -27.65
C LEU H 102 32.89 -76.21 -28.22
N LEU H 103 31.85 -77.01 -27.97
CA LEU H 103 31.83 -78.39 -28.47
C LEU H 103 31.88 -78.37 -30.00
N LYS H 104 31.02 -77.55 -30.60
CA LYS H 104 30.94 -77.40 -32.04
C LYS H 104 32.28 -76.84 -32.56
N GLY H 105 32.79 -75.83 -31.88
CA GLY H 105 34.06 -75.23 -32.26
C GLY H 105 35.22 -76.22 -32.23
N ASN H 106 35.08 -77.29 -31.47
CA ASN H 106 36.13 -78.29 -31.38
C ASN H 106 35.85 -79.49 -32.28
N GLY H 107 34.76 -79.42 -33.04
CA GLY H 107 34.42 -80.52 -33.92
C GLY H 107 33.83 -81.72 -33.22
N VAL H 108 33.31 -81.49 -32.01
CA VAL H 108 32.70 -82.56 -31.24
C VAL H 108 31.24 -82.65 -31.70
N GLU H 109 30.78 -83.86 -31.97
CA GLU H 109 29.40 -84.07 -32.41
C GLU H 109 28.47 -84.21 -31.22
N LEU H 110 27.47 -83.35 -31.15
CA LEU H 110 26.50 -83.36 -30.06
C LEU H 110 25.20 -84.07 -30.43
N LEU H 111 24.86 -85.12 -29.68
CA LEU H 111 23.63 -85.89 -29.91
C LEU H 111 22.69 -85.77 -28.71
N ARG H 112 21.48 -85.29 -28.93
CA ARG H 112 20.51 -85.14 -27.84
C ARG H 112 19.75 -86.45 -27.69
N GLY H 113 19.75 -86.97 -26.47
CA GLY H 113 19.05 -88.22 -26.23
C GLY H 113 19.62 -88.93 -25.02
N PHE H 114 18.88 -89.91 -24.53
CA PHE H 114 19.28 -90.68 -23.37
C PHE H 114 20.10 -91.89 -23.80
N ALA H 115 21.31 -92.01 -23.27
CA ALA H 115 22.19 -93.12 -23.61
C ALA H 115 22.22 -94.25 -22.59
N ARG H 116 22.41 -95.46 -23.09
CA ARG H 116 22.52 -96.65 -22.25
C ARG H 116 23.52 -97.57 -22.93
N LEU H 117 24.30 -98.28 -22.12
CA LEU H 117 25.28 -99.20 -22.66
C LEU H 117 24.59 -100.47 -23.14
N VAL H 118 25.11 -101.00 -24.24
CA VAL H 118 24.59 -102.23 -24.82
C VAL H 118 25.83 -103.08 -25.07
N GLY H 119 26.82 -102.88 -24.23
CA GLY H 119 28.07 -103.60 -24.34
C GLY H 119 29.19 -102.68 -23.89
N PRO H 120 30.31 -103.23 -23.44
CA PRO H 120 31.45 -102.43 -22.98
C PRO H 120 31.98 -101.38 -23.96
N LYS H 121 31.64 -101.49 -25.23
CA LYS H 121 32.13 -100.52 -26.20
C LYS H 121 31.01 -99.99 -27.10
N GLU H 122 29.77 -100.19 -26.69
CA GLU H 122 28.64 -99.77 -27.51
C GLU H 122 27.53 -99.10 -26.71
N VAL H 123 26.97 -98.05 -27.29
CA VAL H 123 25.90 -97.29 -26.66
C VAL H 123 24.67 -97.20 -27.57
N GLU H 124 23.48 -97.20 -26.97
CA GLU H 124 22.24 -97.08 -27.72
C GLU H 124 21.57 -95.75 -27.36
N VAL H 125 21.10 -95.04 -28.38
CA VAL H 125 20.45 -93.75 -28.19
C VAL H 125 19.35 -93.62 -29.22
N GLY H 126 18.11 -93.46 -28.75
CA GLY H 126 16.98 -93.32 -29.66
C GLY H 126 16.89 -94.47 -30.65
N GLY H 127 17.31 -95.66 -30.24
CA GLY H 127 17.25 -96.81 -31.12
C GLY H 127 18.51 -97.07 -31.93
N GLU H 128 19.25 -96.00 -32.22
CA GLU H 128 20.49 -96.13 -32.99
C GLU H 128 21.65 -96.63 -32.13
N ARG H 129 22.57 -97.35 -32.75
CA ARG H 129 23.72 -97.88 -32.03
C ARG H 129 24.95 -97.05 -32.38
N TYR H 130 25.85 -96.89 -31.41
CA TYR H 130 27.09 -96.13 -31.61
C TYR H 130 28.21 -96.82 -30.84
N GLY H 131 29.36 -97.03 -31.50
CA GLY H 131 30.48 -97.68 -30.86
C GLY H 131 31.74 -96.84 -30.90
N ALA H 132 32.72 -97.21 -30.07
CA ALA H 132 33.98 -96.48 -30.02
C ALA H 132 35.03 -97.28 -29.27
N LYS H 133 36.30 -96.95 -29.48
CA LYS H 133 37.38 -97.64 -28.80
C LYS H 133 37.26 -97.33 -27.31
N SER H 134 36.90 -96.09 -26.99
CA SER H 134 36.77 -95.67 -25.60
C SER H 134 35.43 -95.00 -25.27
N LEU H 135 34.98 -95.20 -24.04
CA LEU H 135 33.74 -94.59 -23.55
C LEU H 135 34.02 -93.93 -22.21
N ILE H 136 33.51 -92.71 -22.03
CA ILE H 136 33.66 -91.98 -20.79
C ILE H 136 32.26 -91.71 -20.21
N LEU H 137 32.01 -92.28 -19.05
CA LEU H 137 30.72 -92.12 -18.37
C LEU H 137 30.77 -90.91 -17.43
N ALA H 138 30.02 -89.86 -17.78
CA ALA H 138 29.99 -88.64 -16.99
C ALA H 138 28.55 -88.23 -16.74
N THR H 139 27.74 -89.19 -16.29
CA THR H 139 26.32 -88.98 -16.04
C THR H 139 25.92 -88.12 -14.84
N GLY H 140 26.89 -87.68 -14.03
CA GLY H 140 26.56 -86.82 -12.91
C GLY H 140 25.75 -87.42 -11.77
N SER H 141 24.99 -86.57 -11.09
CA SER H 141 24.18 -87.03 -9.97
C SER H 141 22.89 -86.23 -9.83
N GLU H 142 22.14 -86.54 -8.77
CA GLU H 142 20.89 -85.85 -8.50
C GLU H 142 20.67 -85.75 -6.98
N PRO H 143 19.73 -84.87 -6.55
CA PRO H 143 19.47 -84.71 -5.11
C PRO H 143 19.15 -86.01 -4.36
N LEU H 144 19.77 -86.19 -3.21
CA LEU H 144 19.53 -87.39 -2.40
C LEU H 144 18.24 -87.19 -1.61
N GLU H 145 17.34 -88.17 -1.67
CA GLU H 145 16.08 -88.07 -0.94
C GLU H 145 16.32 -88.48 0.51
N LEU H 146 15.64 -87.78 1.44
CA LEU H 146 15.78 -88.08 2.86
C LEU H 146 14.54 -88.76 3.41
N LYS H 147 14.75 -89.85 4.15
CA LYS H 147 13.66 -90.61 4.76
C LYS H 147 12.81 -89.72 5.66
N GLY H 148 11.51 -89.69 5.40
CA GLY H 148 10.61 -88.87 6.20
C GLY H 148 10.32 -87.53 5.59
N PHE H 149 11.02 -87.21 4.49
CA PHE H 149 10.85 -85.93 3.82
C PHE H 149 10.81 -86.09 2.30
N PRO H 150 9.83 -86.86 1.79
CA PRO H 150 9.76 -87.04 0.34
C PRO H 150 9.55 -85.70 -0.37
N PHE H 151 10.30 -85.48 -1.44
CA PHE H 151 10.19 -84.24 -2.20
C PHE H 151 8.75 -84.03 -2.65
N GLY H 152 8.29 -82.79 -2.55
CA GLY H 152 6.93 -82.46 -2.95
C GLY H 152 6.76 -80.96 -2.94
N GLU H 153 5.50 -80.52 -2.99
CA GLU H 153 5.21 -79.09 -2.99
C GLU H 153 5.73 -78.36 -1.75
N ASP H 154 5.89 -79.09 -0.64
CA ASP H 154 6.37 -78.48 0.60
C ASP H 154 7.80 -78.85 0.96
N VAL H 155 8.34 -79.88 0.31
CA VAL H 155 9.69 -80.33 0.55
C VAL H 155 10.46 -80.12 -0.76
N TRP H 156 11.36 -79.14 -0.75
CA TRP H 156 12.16 -78.78 -1.92
C TRP H 156 13.56 -79.39 -2.01
N ASP H 157 14.04 -79.55 -3.24
CA ASP H 157 15.41 -80.00 -3.47
C ASP H 157 16.09 -78.71 -3.92
N SER H 158 17.42 -78.70 -4.11
CA SER H 158 18.09 -77.46 -4.51
C SER H 158 17.54 -76.82 -5.78
N THR H 159 17.12 -77.64 -6.74
CA THR H 159 16.58 -77.09 -7.98
C THR H 159 15.36 -76.21 -7.75
N ARG H 160 14.40 -76.68 -6.95
CA ARG H 160 13.22 -75.86 -6.68
C ARG H 160 13.58 -74.59 -5.88
N ALA H 161 14.50 -74.73 -4.94
CA ALA H 161 14.92 -73.59 -4.11
C ALA H 161 15.54 -72.46 -4.93
N LEU H 162 16.06 -72.78 -6.10
CA LEU H 162 16.66 -71.75 -6.93
C LEU H 162 15.64 -70.74 -7.43
N LYS H 163 14.38 -71.17 -7.57
CA LYS H 163 13.32 -70.31 -8.08
C LYS H 163 12.75 -69.35 -7.05
N VAL H 164 13.59 -68.47 -6.51
CA VAL H 164 13.16 -67.51 -5.50
C VAL H 164 11.99 -66.64 -5.93
N GLU H 165 11.75 -66.57 -7.24
CA GLU H 165 10.66 -65.74 -7.74
C GLU H 165 9.31 -66.46 -7.74
N GLU H 166 9.29 -67.73 -7.36
CA GLU H 166 8.04 -68.49 -7.33
C GLU H 166 7.41 -68.50 -5.94
N GLY H 167 7.76 -67.51 -5.14
CA GLY H 167 7.21 -67.44 -3.80
C GLY H 167 8.26 -67.67 -2.73
N LEU H 168 8.49 -66.63 -1.93
CA LEU H 168 9.46 -66.70 -0.85
C LEU H 168 8.71 -67.10 0.42
N PRO H 169 9.06 -68.24 1.04
CA PRO H 169 8.37 -68.66 2.26
C PRO H 169 8.79 -67.83 3.47
N LYS H 170 7.85 -67.59 4.38
CA LYS H 170 8.15 -66.81 5.58
C LYS H 170 9.15 -67.56 6.47
N ARG H 171 8.99 -68.87 6.56
CA ARG H 171 9.87 -69.68 7.38
C ARG H 171 10.39 -70.87 6.59
N LEU H 172 11.69 -71.07 6.63
CA LEU H 172 12.33 -72.16 5.92
C LEU H 172 13.21 -73.01 6.82
N LEU H 173 13.14 -74.32 6.60
CA LEU H 173 13.97 -75.26 7.35
C LEU H 173 14.92 -75.88 6.35
N VAL H 174 16.22 -75.77 6.59
CA VAL H 174 17.19 -76.38 5.68
C VAL H 174 17.79 -77.59 6.38
N ILE H 175 17.77 -78.73 5.70
CA ILE H 175 18.33 -79.94 6.28
C ILE H 175 19.64 -80.28 5.57
N GLY H 176 20.74 -80.09 6.27
CA GLY H 176 22.05 -80.37 5.72
C GLY H 176 22.97 -79.18 5.91
N GLY H 177 24.11 -79.41 6.54
CA GLY H 177 25.05 -78.32 6.78
C GLY H 177 26.25 -78.34 5.83
N GLY H 178 26.02 -78.78 4.59
CA GLY H 178 27.08 -78.81 3.60
C GLY H 178 27.04 -77.51 2.80
N ALA H 179 27.83 -77.41 1.75
CA ALA H 179 27.88 -76.20 0.93
C ALA H 179 26.51 -75.80 0.38
N VAL H 180 25.77 -76.77 -0.14
CA VAL H 180 24.46 -76.48 -0.73
C VAL H 180 23.49 -75.86 0.26
N GLY H 181 23.28 -76.52 1.39
CA GLY H 181 22.36 -76.00 2.39
C GLY H 181 22.73 -74.64 2.93
N LEU H 182 24.02 -74.46 3.23
CA LEU H 182 24.52 -73.20 3.78
C LEU H 182 24.30 -72.03 2.81
N GLU H 183 24.65 -72.24 1.54
CA GLU H 183 24.48 -71.20 0.53
C GLU H 183 23.01 -70.82 0.31
N LEU H 184 22.16 -71.81 0.09
CA LEU H 184 20.75 -71.50 -0.15
C LEU H 184 20.15 -70.94 1.13
N GLY H 185 20.63 -71.42 2.27
CA GLY H 185 20.14 -70.91 3.53
C GLY H 185 20.37 -69.41 3.62
N GLN H 186 21.61 -68.96 3.37
CA GLN H 186 21.91 -67.55 3.47
C GLN H 186 21.17 -66.71 2.42
N VAL H 187 21.00 -67.26 1.20
CA VAL H 187 20.28 -66.53 0.16
C VAL H 187 18.84 -66.24 0.62
N TYR H 188 18.17 -67.25 1.18
CA TYR H 188 16.79 -67.07 1.64
C TYR H 188 16.69 -66.15 2.86
N ARG H 189 17.67 -66.22 3.74
CA ARG H 189 17.67 -65.34 4.91
C ARG H 189 17.81 -63.90 4.43
N ARG H 190 18.76 -63.67 3.50
CA ARG H 190 18.98 -62.32 2.99
C ARG H 190 17.80 -61.77 2.19
N LEU H 191 16.95 -62.66 1.68
CA LEU H 191 15.80 -62.22 0.93
C LEU H 191 14.62 -61.97 1.86
N GLY H 192 14.85 -62.06 3.17
CA GLY H 192 13.78 -61.81 4.13
C GLY H 192 13.13 -63.01 4.80
N ALA H 193 13.61 -64.22 4.52
CA ALA H 193 13.01 -65.39 5.13
C ALA H 193 13.59 -65.73 6.50
N GLU H 194 12.80 -66.45 7.28
CA GLU H 194 13.22 -66.91 8.59
C GLU H 194 13.89 -68.23 8.22
N VAL H 195 15.13 -68.44 8.67
CA VAL H 195 15.83 -69.65 8.32
C VAL H 195 16.45 -70.40 9.49
N THR H 196 16.21 -71.71 9.51
CA THR H 196 16.76 -72.61 10.52
C THR H 196 17.44 -73.72 9.74
N LEU H 197 18.69 -74.02 10.08
CA LEU H 197 19.41 -75.07 9.38
C LEU H 197 19.83 -76.13 10.38
N ILE H 198 19.63 -77.39 10.04
CA ILE H 198 20.01 -78.48 10.94
C ILE H 198 21.10 -79.36 10.35
N GLU H 199 22.10 -79.66 11.16
CA GLU H 199 23.23 -80.48 10.75
C GLU H 199 23.37 -81.64 11.72
N TYR H 200 23.37 -82.86 11.18
CA TYR H 200 23.51 -84.07 11.98
C TYR H 200 24.81 -84.15 12.77
N MET H 201 25.93 -83.85 12.12
CA MET H 201 27.24 -83.89 12.74
C MET H 201 27.40 -82.83 13.84
N PRO H 202 28.55 -82.82 14.54
CA PRO H 202 28.79 -81.85 15.60
C PRO H 202 29.03 -80.42 15.12
N GLU H 203 29.46 -80.30 13.87
CA GLU H 203 29.75 -79.00 13.25
C GLU H 203 29.36 -79.01 11.78
N ILE H 204 29.13 -77.82 11.22
CA ILE H 204 28.79 -77.73 9.81
C ILE H 204 30.07 -78.05 9.05
N LEU H 205 29.95 -78.35 7.77
CA LEU H 205 31.13 -78.67 6.97
C LEU H 205 32.00 -79.71 7.69
N PRO H 206 31.37 -80.80 8.16
CA PRO H 206 32.05 -81.87 8.88
C PRO H 206 33.39 -82.32 8.31
N GLN H 207 33.51 -82.34 6.99
CA GLN H 207 34.75 -82.76 6.35
C GLN H 207 35.83 -81.67 6.28
N GLY H 208 35.50 -80.47 6.72
CA GLY H 208 36.47 -79.39 6.70
C GLY H 208 36.99 -79.05 8.08
N ASP H 209 37.93 -78.11 8.18
CA ASP H 209 38.48 -77.69 9.47
C ASP H 209 37.40 -77.13 10.40
N PRO H 210 37.20 -77.77 11.58
CA PRO H 210 36.21 -77.36 12.57
C PRO H 210 36.30 -75.92 13.03
N GLU H 211 37.51 -75.42 13.20
CA GLU H 211 37.68 -74.06 13.68
C GLU H 211 37.17 -72.98 12.71
N THR H 212 37.55 -73.04 11.44
CA THR H 212 37.07 -72.05 10.49
C THR H 212 35.59 -72.30 10.19
N ALA H 213 35.18 -73.56 10.21
CA ALA H 213 33.79 -73.90 9.96
C ALA H 213 32.92 -73.28 11.05
N ALA H 214 33.44 -73.28 12.28
CA ALA H 214 32.75 -72.72 13.44
C ALA H 214 32.54 -71.22 13.24
N LEU H 215 33.59 -70.53 12.80
CA LEU H 215 33.47 -69.08 12.56
C LEU H 215 32.42 -68.79 11.49
N LEU H 216 32.29 -69.65 10.49
CA LEU H 216 31.29 -69.42 9.45
C LEU H 216 29.90 -69.56 10.07
N ARG H 217 29.71 -70.59 10.87
CA ARG H 217 28.42 -70.80 11.53
C ARG H 217 28.03 -69.58 12.39
N ARG H 218 28.98 -69.05 13.13
CA ARG H 218 28.71 -67.89 13.98
C ARG H 218 28.33 -66.65 13.16
N ALA H 219 28.98 -66.46 12.02
CA ALA H 219 28.67 -65.32 11.16
C ALA H 219 27.26 -65.52 10.64
N LEU H 220 26.91 -66.77 10.33
CA LEU H 220 25.55 -67.06 9.85
C LEU H 220 24.54 -66.85 10.96
N GLU H 221 24.89 -67.24 12.18
CA GLU H 221 23.98 -67.05 13.31
C GLU H 221 23.80 -65.57 13.60
N LYS H 222 24.83 -64.78 13.33
CA LYS H 222 24.75 -63.33 13.52
C LYS H 222 23.67 -62.71 12.64
N GLU H 223 23.49 -63.26 11.44
CA GLU H 223 22.50 -62.74 10.50
C GLU H 223 21.08 -63.25 10.79
N GLY H 224 20.93 -64.01 11.87
CA GLY H 224 19.63 -64.52 12.23
C GLY H 224 19.35 -65.95 11.77
N ILE H 225 20.33 -66.63 11.22
CA ILE H 225 20.09 -68.00 10.80
C ILE H 225 20.36 -68.92 11.98
N ARG H 226 19.31 -69.62 12.41
CA ARG H 226 19.43 -70.53 13.52
C ARG H 226 20.02 -71.83 13.00
N VAL H 227 21.23 -72.15 13.45
CA VAL H 227 21.92 -73.36 13.04
C VAL H 227 21.95 -74.38 14.18
N ARG H 228 21.34 -75.54 13.94
CA ARG H 228 21.28 -76.60 14.94
C ARG H 228 22.20 -77.75 14.59
N THR H 229 23.32 -77.87 15.30
CA THR H 229 24.24 -78.97 15.05
C THR H 229 23.86 -80.16 15.94
N LYS H 230 24.41 -81.33 15.63
CA LYS H 230 24.13 -82.54 16.38
C LYS H 230 22.63 -82.83 16.45
N THR H 231 21.91 -82.36 15.44
CA THR H 231 20.46 -82.56 15.41
C THR H 231 20.04 -83.19 14.08
N LYS H 232 19.00 -84.02 14.12
CA LYS H 232 18.53 -84.65 12.91
C LYS H 232 17.02 -84.47 12.75
N ALA H 233 16.58 -84.31 11.51
CA ALA H 233 15.16 -84.14 11.23
C ALA H 233 14.59 -85.54 11.07
N VAL H 234 13.55 -85.85 11.82
CA VAL H 234 12.95 -87.18 11.78
C VAL H 234 11.80 -87.26 10.79
N GLY H 235 10.87 -86.33 10.89
CA GLY H 235 9.73 -86.31 10.00
C GLY H 235 8.92 -85.06 10.21
N TYR H 236 7.73 -84.99 9.61
CA TYR H 236 6.90 -83.81 9.77
C TYR H 236 5.44 -84.07 9.47
N GLU H 237 4.59 -83.15 9.89
CA GLU H 237 3.17 -83.23 9.65
C GLU H 237 2.68 -81.86 9.25
N LYS H 238 1.97 -81.81 8.14
CA LYS H 238 1.43 -80.56 7.62
C LYS H 238 0.17 -80.19 8.40
N LYS H 239 0.19 -79.02 9.03
CA LYS H 239 -0.92 -78.54 9.81
C LYS H 239 -1.39 -77.18 9.36
N LYS H 240 -2.46 -76.69 9.98
CA LYS H 240 -3.06 -75.41 9.64
C LYS H 240 -2.12 -74.20 9.78
N ASP H 241 -1.12 -74.31 10.64
CA ASP H 241 -0.21 -73.19 10.84
C ASP H 241 1.17 -73.44 10.24
N GLY H 242 1.29 -74.53 9.48
CA GLY H 242 2.56 -74.85 8.85
C GLY H 242 3.02 -76.27 9.05
N LEU H 243 4.24 -76.54 8.60
CA LEU H 243 4.85 -77.86 8.71
C LEU H 243 5.47 -78.00 10.09
N HIS H 244 5.04 -79.01 10.83
CA HIS H 244 5.57 -79.29 12.16
C HIS H 244 6.63 -80.35 12.00
N VAL H 245 7.88 -79.92 12.01
CA VAL H 245 9.01 -80.82 11.85
C VAL H 245 9.54 -81.35 13.17
N ARG H 246 9.73 -82.67 13.24
CA ARG H 246 10.23 -83.30 14.44
C ARG H 246 11.74 -83.42 14.39
N LEU H 247 12.40 -82.85 15.39
CA LEU H 247 13.85 -82.91 15.47
C LEU H 247 14.21 -83.80 16.64
N GLU H 248 15.45 -84.27 16.67
CA GLU H 248 15.94 -85.12 17.74
C GLU H 248 17.46 -85.04 17.75
N PRO H 249 18.07 -85.18 18.94
CA PRO H 249 19.54 -85.13 18.97
C PRO H 249 20.03 -86.21 18.01
N ALA H 250 21.19 -86.02 17.41
CA ALA H 250 21.71 -87.00 16.46
C ALA H 250 21.53 -88.43 16.94
N GLU H 251 21.99 -88.70 18.17
CA GLU H 251 21.89 -90.04 18.74
C GLU H 251 20.44 -90.44 18.95
N GLY H 252 19.64 -89.50 19.46
CA GLY H 252 18.24 -89.77 19.70
C GLY H 252 17.83 -89.22 21.06
N GLY H 253 16.57 -89.39 21.41
CA GLY H 253 16.09 -88.90 22.68
C GLY H 253 14.90 -87.98 22.52
N GLU H 254 14.62 -87.21 23.55
CA GLU H 254 13.51 -86.27 23.56
C GLU H 254 13.51 -85.44 22.27
N GLY H 255 12.42 -85.54 21.52
CA GLY H 255 12.31 -84.80 20.27
C GLY H 255 11.55 -83.51 20.42
N GLU H 256 12.10 -82.43 19.85
CA GLU H 256 11.46 -81.13 19.89
C GLU H 256 10.78 -80.89 18.55
N GLU H 257 10.06 -79.79 18.44
CA GLU H 257 9.34 -79.48 17.21
C GLU H 257 9.62 -78.07 16.73
N VAL H 258 9.71 -77.92 15.41
CA VAL H 258 9.94 -76.61 14.80
C VAL H 258 8.91 -76.47 13.68
N VAL H 259 8.32 -75.30 13.57
CA VAL H 259 7.28 -75.06 12.56
C VAL H 259 7.74 -74.11 11.45
N VAL H 260 7.66 -74.58 10.21
CA VAL H 260 8.05 -73.78 9.06
C VAL H 260 7.03 -73.92 7.94
N ASP H 261 7.20 -73.12 6.89
CA ASP H 261 6.29 -73.16 5.76
C ASP H 261 6.84 -74.05 4.65
N LYS H 262 8.15 -74.22 4.64
CA LYS H 262 8.78 -75.01 3.60
C LYS H 262 10.08 -75.64 4.09
N VAL H 263 10.39 -76.81 3.55
CA VAL H 263 11.60 -77.54 3.90
C VAL H 263 12.49 -77.75 2.68
N LEU H 264 13.79 -77.50 2.86
CA LEU H 264 14.76 -77.70 1.78
C LEU H 264 15.70 -78.82 2.23
N VAL H 265 15.70 -79.92 1.48
CA VAL H 265 16.57 -81.04 1.80
C VAL H 265 17.88 -80.99 1.00
N ALA H 266 19.00 -80.87 1.70
CA ALA H 266 20.32 -80.82 1.08
C ALA H 266 21.30 -81.70 1.85
N VAL H 267 20.97 -82.99 1.93
CA VAL H 267 21.81 -83.95 2.66
C VAL H 267 22.82 -84.68 1.80
N GLY H 268 22.88 -84.36 0.51
CA GLY H 268 23.84 -85.02 -0.36
C GLY H 268 23.32 -85.30 -1.76
N ARG H 269 24.02 -86.17 -2.48
CA ARG H 269 23.64 -86.51 -3.84
C ARG H 269 23.62 -88.01 -4.08
N LYS H 270 22.91 -88.41 -5.13
CA LYS H 270 22.82 -89.81 -5.52
C LYS H 270 23.33 -89.86 -6.97
N PRO H 271 24.29 -90.75 -7.26
CA PRO H 271 24.82 -90.86 -8.63
C PRO H 271 23.79 -91.37 -9.62
N ARG H 272 23.79 -90.79 -10.82
CA ARG H 272 22.84 -91.19 -11.88
C ARG H 272 23.41 -92.35 -12.68
N THR H 273 23.48 -93.52 -12.04
CA THR H 273 24.04 -94.70 -12.66
C THR H 273 23.05 -95.87 -12.82
N GLU H 274 21.77 -95.59 -12.65
CA GLU H 274 20.74 -96.64 -12.77
C GLU H 274 20.06 -96.57 -14.13
N GLY H 275 19.62 -97.72 -14.61
CA GLY H 275 18.96 -97.79 -15.91
C GLY H 275 19.92 -97.41 -17.02
N LEU H 276 21.22 -97.53 -16.72
CA LEU H 276 22.26 -97.18 -17.68
C LEU H 276 22.83 -98.44 -18.32
N GLY H 277 22.47 -99.59 -17.76
CA GLY H 277 22.95 -100.86 -18.28
C GLY H 277 24.37 -101.18 -17.88
N LEU H 278 24.80 -100.65 -16.73
CA LEU H 278 26.16 -100.87 -16.25
C LEU H 278 26.40 -102.33 -15.89
N GLU H 279 25.42 -102.95 -15.24
CA GLU H 279 25.55 -104.34 -14.84
C GLU H 279 25.78 -105.26 -16.03
N LYS H 280 24.86 -105.25 -16.98
CA LYS H 280 24.98 -106.08 -18.16
C LYS H 280 26.26 -105.78 -18.94
N ALA H 281 26.76 -104.55 -18.81
CA ALA H 281 27.98 -104.15 -19.50
C ALA H 281 29.20 -104.56 -18.69
N GLY H 282 28.99 -104.97 -17.45
CA GLY H 282 30.10 -105.39 -16.61
C GLY H 282 30.79 -104.27 -15.84
N VAL H 283 30.19 -103.08 -15.85
CA VAL H 283 30.76 -101.93 -15.15
C VAL H 283 30.38 -102.03 -13.67
N LYS H 284 31.38 -102.14 -12.80
CA LYS H 284 31.10 -102.26 -11.37
C LYS H 284 30.82 -100.96 -10.65
N VAL H 285 29.82 -101.02 -9.78
CA VAL H 285 29.39 -99.88 -8.98
C VAL H 285 29.45 -100.29 -7.51
N ASP H 286 29.47 -99.31 -6.60
CA ASP H 286 29.51 -99.63 -5.17
C ASP H 286 28.12 -99.53 -4.54
N GLU H 287 28.09 -99.67 -3.22
CA GLU H 287 26.85 -99.64 -2.44
C GLU H 287 26.00 -98.39 -2.64
N ARG H 288 26.66 -97.26 -2.86
CA ARG H 288 25.98 -95.98 -3.04
C ARG H 288 25.59 -95.74 -4.50
N GLY H 289 26.14 -96.54 -5.41
CA GLY H 289 25.83 -96.37 -6.81
C GLY H 289 26.93 -95.68 -7.62
N PHE H 290 28.06 -95.40 -7.00
CA PHE H 290 29.17 -94.74 -7.68
C PHE H 290 30.00 -95.73 -8.49
N ILE H 291 30.34 -95.35 -9.72
CA ILE H 291 31.14 -96.22 -10.59
C ILE H 291 32.57 -96.32 -10.10
N ARG H 292 33.00 -97.53 -9.75
CA ARG H 292 34.33 -97.77 -9.25
C ARG H 292 35.41 -97.51 -10.31
N VAL H 293 36.36 -96.65 -9.97
CA VAL H 293 37.45 -96.31 -10.89
C VAL H 293 38.79 -96.24 -10.15
N ASN H 294 39.88 -96.23 -10.91
CA ASN H 294 41.19 -96.12 -10.33
C ASN H 294 41.68 -94.70 -10.60
N ALA H 295 42.91 -94.39 -10.22
CA ALA H 295 43.46 -93.04 -10.41
C ALA H 295 43.45 -92.59 -11.87
N ARG H 296 43.41 -93.55 -12.78
CA ARG H 296 43.38 -93.26 -14.22
C ARG H 296 41.94 -93.09 -14.70
N MET H 297 40.99 -93.14 -13.76
CA MET H 297 39.55 -93.01 -14.06
C MET H 297 38.97 -94.21 -14.82
N GLU H 298 39.75 -95.28 -14.91
CA GLU H 298 39.32 -96.49 -15.61
C GLU H 298 38.33 -97.30 -14.78
N THR H 299 37.31 -97.84 -15.44
CA THR H 299 36.32 -98.67 -14.75
C THR H 299 36.80 -100.12 -14.79
N SER H 300 35.97 -101.04 -14.29
CA SER H 300 36.31 -102.45 -14.28
C SER H 300 36.31 -103.01 -15.71
N VAL H 301 35.93 -102.19 -16.68
CA VAL H 301 35.90 -102.64 -18.07
C VAL H 301 36.92 -101.86 -18.88
N PRO H 302 37.86 -102.57 -19.53
CA PRO H 302 38.89 -101.94 -20.34
C PRO H 302 38.29 -101.00 -21.38
N GLY H 303 38.80 -99.79 -21.46
CA GLY H 303 38.27 -98.84 -22.42
C GLY H 303 37.11 -98.02 -21.91
N VAL H 304 36.56 -98.40 -20.75
CA VAL H 304 35.44 -97.65 -20.19
C VAL H 304 35.90 -96.85 -18.98
N TYR H 305 35.67 -95.53 -19.03
CA TYR H 305 36.06 -94.63 -17.96
C TYR H 305 34.85 -93.98 -17.30
N ALA H 306 35.04 -93.52 -16.07
CA ALA H 306 33.98 -92.85 -15.31
C ALA H 306 34.59 -91.63 -14.64
N ILE H 307 33.87 -90.51 -14.67
CA ILE H 307 34.36 -89.25 -14.09
C ILE H 307 33.28 -88.47 -13.34
N GLY H 308 33.71 -87.48 -12.55
CA GLY H 308 32.79 -86.64 -11.82
C GLY H 308 31.89 -87.25 -10.76
N ASP H 309 30.72 -86.64 -10.56
CA ASP H 309 29.75 -87.09 -9.56
C ASP H 309 29.34 -88.55 -9.67
N ALA H 310 29.29 -89.07 -10.89
CA ALA H 310 28.89 -90.46 -11.08
C ALA H 310 29.98 -91.44 -10.66
N ALA H 311 31.22 -90.94 -10.61
CA ALA H 311 32.35 -91.78 -10.27
C ALA H 311 32.67 -91.88 -8.78
N ARG H 312 32.87 -90.74 -8.13
CA ARG H 312 33.22 -90.73 -6.71
C ARG H 312 33.26 -89.33 -6.12
N PRO H 313 33.09 -89.22 -4.79
CA PRO H 313 33.13 -87.92 -4.11
C PRO H 313 34.59 -87.50 -4.00
N PRO H 314 34.86 -86.23 -3.67
CA PRO H 314 33.88 -85.17 -3.40
C PRO H 314 33.12 -84.79 -4.68
N LEU H 315 31.86 -84.42 -4.55
CA LEU H 315 31.05 -84.06 -5.70
C LEU H 315 31.26 -82.59 -6.04
N LEU H 316 32.42 -82.27 -6.62
CA LEU H 316 32.76 -80.91 -6.98
C LEU H 316 32.98 -80.72 -8.48
N ALA H 317 32.71 -79.51 -8.96
CA ALA H 317 32.86 -79.22 -10.37
C ALA H 317 34.29 -79.26 -10.88
N HIS H 318 35.19 -78.54 -10.20
CA HIS H 318 36.58 -78.51 -10.65
C HIS H 318 37.19 -79.91 -10.68
N LYS H 319 36.80 -80.74 -9.72
CA LYS H 319 37.28 -82.11 -9.68
C LYS H 319 36.75 -82.87 -10.90
N ALA H 320 35.47 -82.68 -11.23
CA ALA H 320 34.88 -83.35 -12.38
C ALA H 320 35.62 -82.93 -13.66
N MET H 321 35.95 -81.64 -13.74
CA MET H 321 36.66 -81.10 -14.90
C MET H 321 38.03 -81.73 -15.09
N ARG H 322 38.81 -81.79 -14.02
CA ARG H 322 40.14 -82.39 -14.12
C ARG H 322 40.05 -83.86 -14.50
N GLU H 323 39.11 -84.58 -13.89
CA GLU H 323 38.95 -85.99 -14.17
C GLU H 323 38.59 -86.20 -15.65
N GLY H 324 37.84 -85.26 -16.22
CA GLY H 324 37.48 -85.36 -17.63
C GLY H 324 38.75 -85.28 -18.46
N LEU H 325 39.64 -84.36 -18.10
CA LEU H 325 40.90 -84.21 -18.82
C LEU H 325 41.74 -85.48 -18.71
N ILE H 326 41.78 -86.05 -17.51
CA ILE H 326 42.54 -87.28 -17.29
C ILE H 326 42.00 -88.43 -18.17
N ALA H 327 40.69 -88.66 -18.15
CA ALA H 327 40.08 -89.72 -18.92
C ALA H 327 40.27 -89.53 -20.44
N ALA H 328 40.15 -88.29 -20.90
CA ALA H 328 40.33 -88.00 -22.31
C ALA H 328 41.77 -88.31 -22.73
N GLU H 329 42.73 -87.88 -21.91
CA GLU H 329 44.12 -88.13 -22.21
C GLU H 329 44.44 -89.61 -22.26
N ASN H 330 43.84 -90.40 -21.36
CA ASN H 330 44.09 -91.84 -21.37
C ASN H 330 43.43 -92.53 -22.54
N ALA H 331 42.32 -91.97 -23.02
CA ALA H 331 41.61 -92.53 -24.16
C ALA H 331 42.44 -92.20 -25.40
N ALA H 332 43.13 -91.06 -25.36
CA ALA H 332 43.97 -90.65 -26.48
C ALA H 332 45.33 -91.34 -26.43
N GLY H 333 45.48 -92.30 -25.53
CA GLY H 333 46.73 -93.04 -25.46
C GLY H 333 47.78 -92.56 -24.47
N LYS H 334 47.55 -91.42 -23.83
CA LYS H 334 48.51 -90.89 -22.86
C LYS H 334 48.51 -91.69 -21.57
N ASP H 335 49.25 -91.20 -20.58
CA ASP H 335 49.31 -91.87 -19.29
C ASP H 335 49.13 -90.85 -18.16
N SER H 336 47.89 -90.44 -17.97
CA SER H 336 47.57 -89.46 -16.94
C SER H 336 46.89 -90.15 -15.75
N ALA H 337 47.03 -89.53 -14.58
CA ALA H 337 46.43 -90.07 -13.37
C ALA H 337 46.01 -88.93 -12.45
N PHE H 338 44.90 -89.10 -11.76
CA PHE H 338 44.43 -88.07 -10.86
C PHE H 338 45.14 -88.16 -9.53
N ASP H 339 46.06 -87.22 -9.30
CA ASP H 339 46.81 -87.20 -8.05
C ASP H 339 47.00 -85.74 -7.67
N TYR H 340 45.88 -85.05 -7.47
CA TYR H 340 45.90 -83.63 -7.15
C TYR H 340 45.20 -83.24 -5.87
N GLN H 341 45.62 -82.08 -5.33
CA GLN H 341 45.03 -81.52 -4.13
C GLN H 341 43.71 -80.90 -4.60
N VAL H 342 42.60 -81.30 -4.01
CA VAL H 342 41.32 -80.73 -4.42
C VAL H 342 40.74 -79.76 -3.39
N PRO H 343 40.72 -78.46 -3.71
CA PRO H 343 40.16 -77.50 -2.76
C PRO H 343 38.62 -77.57 -2.71
N SER H 344 38.02 -76.97 -1.68
CA SER H 344 36.57 -76.94 -1.56
C SER H 344 36.19 -75.54 -1.07
N VAL H 345 35.14 -74.98 -1.66
CA VAL H 345 34.71 -73.63 -1.32
C VAL H 345 33.22 -73.54 -1.05
N VAL H 346 32.87 -72.68 -0.10
CA VAL H 346 31.47 -72.42 0.24
C VAL H 346 31.31 -70.94 -0.07
N TYR H 347 30.36 -70.60 -0.93
CA TYR H 347 30.22 -69.21 -1.35
C TYR H 347 29.31 -68.29 -0.55
N THR H 348 29.14 -68.62 0.72
CA THR H 348 28.38 -67.78 1.61
C THR H 348 29.24 -66.54 1.85
N SER H 349 28.70 -65.59 2.60
CA SER H 349 29.44 -64.38 3.00
C SER H 349 29.36 -64.35 4.53
N PRO H 350 30.51 -64.53 5.20
CA PRO H 350 31.83 -64.75 4.60
C PRO H 350 31.96 -66.10 3.89
N GLU H 351 32.97 -66.20 3.03
CA GLU H 351 33.23 -67.43 2.30
C GLU H 351 34.09 -68.36 3.13
N TRP H 352 34.04 -69.65 2.82
CA TRP H 352 34.85 -70.63 3.49
C TRP H 352 35.58 -71.40 2.41
N ALA H 353 36.85 -71.71 2.64
CA ALA H 353 37.62 -72.47 1.67
C ALA H 353 38.67 -73.30 2.38
N GLY H 354 38.99 -74.45 1.80
CA GLY H 354 40.01 -75.31 2.39
C GLY H 354 40.64 -76.22 1.36
N VAL H 355 41.89 -76.58 1.62
CA VAL H 355 42.61 -77.49 0.76
C VAL H 355 43.70 -78.16 1.61
N GLY H 356 43.95 -79.43 1.33
CA GLY H 356 44.97 -80.16 2.08
C GLY H 356 44.41 -80.86 3.30
N LEU H 357 45.29 -81.15 4.26
CA LEU H 357 44.90 -81.85 5.48
C LEU H 357 44.47 -80.97 6.63
N THR H 358 43.37 -81.36 7.28
CA THR H 358 42.88 -80.66 8.47
C THR H 358 43.88 -81.02 9.58
N GLU H 359 43.74 -80.41 10.74
CA GLU H 359 44.63 -80.69 11.88
C GLU H 359 44.53 -82.16 12.28
N GLU H 360 43.31 -82.67 12.43
CA GLU H 360 43.12 -84.05 12.83
C GLU H 360 43.69 -85.05 11.82
N GLU H 361 43.51 -84.77 10.54
CA GLU H 361 44.02 -85.68 9.52
C GLU H 361 45.53 -85.69 9.51
N ALA H 362 46.15 -84.51 9.63
CA ALA H 362 47.61 -84.44 9.63
C ALA H 362 48.20 -85.18 10.84
N LYS H 363 47.63 -84.98 12.03
CA LYS H 363 48.13 -85.67 13.23
C LYS H 363 47.97 -87.18 13.06
N ARG H 364 46.81 -87.61 12.58
CA ARG H 364 46.57 -89.04 12.38
C ARG H 364 47.58 -89.67 11.41
N ALA H 365 48.14 -88.87 10.51
CA ALA H 365 49.13 -89.36 9.55
C ALA H 365 50.53 -89.36 10.14
N GLY H 366 50.65 -88.94 11.39
CA GLY H 366 51.95 -88.94 12.03
C GLY H 366 52.79 -87.68 11.91
N TYR H 367 52.23 -86.59 11.41
CA TYR H 367 53.02 -85.36 11.32
C TYR H 367 53.04 -84.66 12.69
N LYS H 368 54.14 -83.94 12.95
CA LYS H 368 54.26 -83.18 14.19
C LYS H 368 53.58 -81.86 13.81
N VAL H 369 52.28 -81.80 14.02
CA VAL H 369 51.47 -80.65 13.64
C VAL H 369 51.60 -79.35 14.44
N LYS H 370 51.64 -78.26 13.69
CA LYS H 370 51.74 -76.93 14.21
C LYS H 370 50.85 -76.07 13.32
N VAL H 371 50.16 -75.11 13.91
CA VAL H 371 49.27 -74.26 13.13
C VAL H 371 49.61 -72.77 13.25
N GLY H 372 49.31 -72.03 12.17
CA GLY H 372 49.54 -70.60 12.15
C GLY H 372 48.17 -69.97 11.92
N LYS H 373 47.87 -68.88 12.61
CA LYS H 373 46.58 -68.25 12.46
C LYS H 373 46.66 -66.74 12.33
N PHE H 374 45.86 -66.19 11.43
CA PHE H 374 45.82 -64.75 11.27
C PHE H 374 44.36 -64.35 11.18
N PRO H 375 43.92 -63.48 12.11
CA PRO H 375 42.53 -63.01 12.14
C PRO H 375 42.37 -61.85 11.18
N LEU H 376 41.24 -61.77 10.48
CA LEU H 376 41.00 -60.69 9.54
C LEU H 376 40.78 -59.36 10.24
N ALA H 377 40.47 -59.40 11.53
CA ALA H 377 40.29 -58.16 12.29
C ALA H 377 41.61 -57.38 12.28
N ALA H 378 42.71 -58.05 11.94
CA ALA H 378 44.01 -57.37 11.91
C ALA H 378 44.47 -57.05 10.47
N SER H 379 43.58 -57.24 9.51
CA SER H 379 43.88 -57.00 8.10
C SER H 379 43.48 -55.59 7.64
N GLY H 380 44.46 -54.80 7.23
CA GLY H 380 44.18 -53.46 6.77
C GLY H 380 43.21 -53.47 5.60
N ARG H 381 43.40 -54.40 4.65
CA ARG H 381 42.53 -54.49 3.49
C ARG H 381 41.12 -54.83 3.92
N ALA H 382 41.00 -55.78 4.83
CA ALA H 382 39.70 -56.18 5.32
C ALA H 382 38.94 -54.95 5.83
N LEU H 383 39.65 -54.09 6.56
CA LEU H 383 39.02 -52.90 7.10
C LEU H 383 38.63 -51.88 6.03
N THR H 384 39.40 -51.80 4.94
CA THR H 384 39.05 -50.84 3.89
C THR H 384 37.84 -51.33 3.12
N LEU H 385 37.45 -52.57 3.40
CA LEU H 385 36.29 -53.18 2.76
C LEU H 385 35.06 -53.13 3.63
N GLY H 386 35.11 -52.32 4.70
CA GLY H 386 33.97 -52.16 5.58
C GLY H 386 33.82 -53.03 6.81
N GLY H 387 34.81 -53.88 7.10
CA GLY H 387 34.69 -54.74 8.26
C GLY H 387 35.55 -55.98 8.11
N ALA H 388 36.25 -56.34 9.17
CA ALA H 388 37.16 -57.48 9.12
C ALA H 388 36.88 -58.64 10.08
N GLU H 389 36.15 -59.64 9.59
CA GLU H 389 35.84 -60.82 10.39
C GLU H 389 36.18 -62.08 9.60
N GLY H 390 36.86 -63.00 10.25
CA GLY H 390 37.25 -64.24 9.60
C GLY H 390 38.71 -64.53 9.92
N MET H 391 39.30 -65.49 9.23
CA MET H 391 40.70 -65.81 9.48
C MET H 391 41.28 -66.82 8.50
N VAL H 392 42.60 -66.89 8.50
CA VAL H 392 43.33 -67.83 7.68
C VAL H 392 44.07 -68.74 8.64
N LYS H 393 43.96 -70.05 8.42
CA LYS H 393 44.67 -71.00 9.28
C LYS H 393 45.55 -71.88 8.40
N VAL H 394 46.84 -71.94 8.71
CA VAL H 394 47.72 -72.81 7.96
C VAL H 394 48.11 -73.99 8.85
N VAL H 395 48.20 -75.17 8.25
CA VAL H 395 48.55 -76.39 8.98
C VAL H 395 49.86 -76.93 8.39
N GLY H 396 50.87 -77.10 9.25
CA GLY H 396 52.15 -77.61 8.80
C GLY H 396 52.85 -78.59 9.74
N ASP H 397 53.95 -79.15 9.24
CA ASP H 397 54.80 -80.11 9.94
C ASP H 397 55.90 -79.26 10.59
N GLU H 398 55.91 -79.19 11.92
CA GLU H 398 56.91 -78.36 12.59
C GLU H 398 58.34 -78.87 12.41
N GLU H 399 58.48 -80.15 12.05
CA GLU H 399 59.80 -80.74 11.84
C GLU H 399 60.41 -80.43 10.48
N THR H 400 59.63 -80.61 9.42
CA THR H 400 60.11 -80.38 8.06
C THR H 400 59.73 -79.00 7.53
N ASP H 401 58.78 -78.34 8.20
CA ASP H 401 58.31 -77.02 7.82
C ASP H 401 57.39 -77.10 6.60
N LEU H 402 57.04 -78.31 6.21
CA LEU H 402 56.17 -78.54 5.05
C LEU H 402 54.71 -78.15 5.31
N LEU H 403 54.12 -77.43 4.36
CA LEU H 403 52.73 -77.01 4.46
C LEU H 403 51.88 -78.25 4.20
N LEU H 404 50.82 -78.42 4.97
CA LEU H 404 49.96 -79.59 4.80
C LEU H 404 48.52 -79.22 4.53
N GLY H 405 48.10 -78.05 4.97
CA GLY H 405 46.72 -77.65 4.77
C GLY H 405 46.50 -76.17 5.04
N VAL H 406 45.45 -75.62 4.44
CA VAL H 406 45.11 -74.22 4.60
C VAL H 406 43.60 -74.11 4.61
N PHE H 407 43.08 -73.28 5.52
CA PHE H 407 41.65 -73.12 5.65
C PHE H 407 41.39 -71.64 5.85
N ILE H 408 40.35 -71.15 5.18
CA ILE H 408 40.04 -69.74 5.22
C ILE H 408 38.56 -69.44 5.35
N VAL H 409 38.26 -68.46 6.18
CA VAL H 409 36.89 -68.00 6.34
C VAL H 409 37.05 -66.49 6.29
N GLY H 410 36.33 -65.88 5.37
CA GLY H 410 36.39 -64.44 5.17
C GLY H 410 36.05 -64.11 3.74
N PRO H 411 36.08 -62.82 3.35
CA PRO H 411 35.76 -62.45 1.97
C PRO H 411 36.79 -62.95 0.97
N GLN H 412 36.32 -63.40 -0.19
CA GLN H 412 37.21 -63.89 -1.25
C GLN H 412 37.99 -65.14 -0.86
N ALA H 413 37.53 -65.87 0.16
CA ALA H 413 38.24 -67.06 0.59
C ALA H 413 38.44 -68.00 -0.59
N GLY H 414 37.42 -68.10 -1.43
CA GLY H 414 37.49 -68.97 -2.60
C GLY H 414 38.59 -68.66 -3.59
N GLU H 415 38.91 -67.38 -3.74
CA GLU H 415 39.96 -66.95 -4.67
C GLU H 415 41.35 -67.16 -4.06
N LEU H 416 41.47 -66.92 -2.77
CA LEU H 416 42.74 -67.05 -2.07
C LEU H 416 43.20 -68.50 -1.92
N ILE H 417 42.25 -69.43 -1.88
CA ILE H 417 42.58 -70.83 -1.70
C ILE H 417 43.40 -71.43 -2.86
N ALA H 418 43.31 -70.81 -4.04
CA ALA H 418 44.06 -71.32 -5.19
C ALA H 418 45.56 -71.18 -4.91
N GLU H 419 45.95 -70.10 -4.25
CA GLU H 419 47.36 -69.89 -3.90
C GLU H 419 47.82 -71.06 -3.00
N ALA H 420 46.96 -71.44 -2.07
CA ALA H 420 47.27 -72.55 -1.16
C ALA H 420 47.39 -73.85 -1.95
N ALA H 421 46.50 -74.04 -2.91
CA ALA H 421 46.54 -75.25 -3.72
C ALA H 421 47.86 -75.34 -4.46
N LEU H 422 48.30 -74.23 -5.06
CA LEU H 422 49.56 -74.22 -5.78
C LEU H 422 50.74 -74.52 -4.86
N ALA H 423 50.72 -73.89 -3.68
CA ALA H 423 51.78 -74.10 -2.72
C ALA H 423 51.90 -75.59 -2.41
N LEU H 424 50.76 -76.26 -2.19
CA LEU H 424 50.80 -77.69 -1.89
C LEU H 424 51.31 -78.51 -3.07
N GLU H 425 50.88 -78.16 -4.28
CA GLU H 425 51.33 -78.91 -5.46
C GLU H 425 52.84 -78.72 -5.65
N MET H 426 53.35 -77.53 -5.32
CA MET H 426 54.78 -77.25 -5.47
C MET H 426 55.61 -77.77 -4.27
N GLY H 427 54.93 -78.31 -3.25
CA GLY H 427 55.65 -78.82 -2.09
C GLY H 427 56.26 -77.68 -1.29
N ALA H 428 55.47 -76.62 -1.12
CA ALA H 428 55.92 -75.44 -0.39
C ALA H 428 56.06 -75.66 1.11
N THR H 429 56.99 -74.93 1.71
CA THR H 429 57.20 -75.00 3.16
C THR H 429 56.52 -73.75 3.70
N LEU H 430 56.25 -73.72 5.00
CA LEU H 430 55.63 -72.54 5.59
C LEU H 430 56.54 -71.34 5.31
N THR H 431 57.85 -71.56 5.30
CA THR H 431 58.79 -70.48 5.04
C THR H 431 58.58 -69.93 3.63
N ASP H 432 58.42 -70.82 2.66
CA ASP H 432 58.20 -70.42 1.27
C ASP H 432 56.99 -69.50 1.16
N LEU H 433 55.91 -69.87 1.84
CA LEU H 433 54.70 -69.07 1.82
C LEU H 433 54.97 -67.71 2.47
N ALA H 434 55.56 -67.72 3.65
CA ALA H 434 55.84 -66.47 4.36
C ALA H 434 56.81 -65.55 3.61
N LEU H 435 57.71 -66.11 2.80
CA LEU H 435 58.70 -65.30 2.09
C LEU H 435 58.25 -64.77 0.72
N THR H 436 57.05 -65.14 0.30
CA THR H 436 56.54 -64.64 -0.98
C THR H 436 56.05 -63.24 -0.68
N VAL H 437 56.47 -62.26 -1.47
CA VAL H 437 56.04 -60.89 -1.21
C VAL H 437 54.61 -60.68 -1.74
N HIS H 438 53.64 -60.78 -0.84
CA HIS H 438 52.26 -60.58 -1.23
C HIS H 438 52.01 -59.07 -1.32
N PRO H 439 51.14 -58.65 -2.24
CA PRO H 439 50.90 -57.22 -2.35
C PRO H 439 50.14 -56.67 -1.15
N HIS H 440 50.44 -55.42 -0.82
CA HIS H 440 49.80 -54.74 0.30
C HIS H 440 49.13 -53.46 -0.21
N PRO H 441 47.86 -53.24 0.15
CA PRO H 441 47.07 -54.12 1.01
C PRO H 441 46.14 -55.08 0.25
N THR H 442 46.19 -56.36 0.60
CA THR H 442 45.32 -57.36 -0.01
C THR H 442 44.93 -58.39 1.03
N LEU H 443 43.79 -59.04 0.81
CA LEU H 443 43.33 -60.06 1.72
C LEU H 443 44.31 -61.23 1.68
N SER H 444 44.98 -61.41 0.54
CA SER H 444 45.91 -62.52 0.38
C SER H 444 47.07 -62.48 1.36
N GLU H 445 47.36 -61.28 1.86
CA GLU H 445 48.45 -61.10 2.83
C GLU H 445 48.16 -61.91 4.08
N SER H 446 46.89 -62.21 4.31
CA SER H 446 46.53 -62.99 5.49
C SER H 446 47.16 -64.37 5.40
N LEU H 447 47.36 -64.86 4.18
CA LEU H 447 47.97 -66.17 4.00
C LEU H 447 49.45 -66.09 4.38
N MET H 448 50.11 -65.07 3.85
CA MET H 448 51.53 -64.86 4.13
C MET H 448 51.76 -64.69 5.64
N GLU H 449 50.97 -63.84 6.28
CA GLU H 449 51.15 -63.60 7.71
C GLU H 449 50.77 -64.78 8.59
N ALA H 450 49.86 -65.62 8.11
CA ALA H 450 49.49 -66.81 8.89
C ALA H 450 50.74 -67.70 8.92
N ALA H 451 51.46 -67.70 7.80
CA ALA H 451 52.68 -68.48 7.66
C ALA H 451 53.75 -67.96 8.63
N GLU H 452 53.83 -66.65 8.77
CA GLU H 452 54.79 -66.04 9.69
C GLU H 452 54.36 -66.34 11.14
N ALA H 453 53.05 -66.34 11.39
CA ALA H 453 52.55 -66.62 12.73
C ALA H 453 52.88 -68.06 13.10
N PHE H 454 52.97 -68.93 12.08
CA PHE H 454 53.31 -70.32 12.29
C PHE H 454 54.72 -70.35 12.89
N HIS H 455 55.55 -69.41 12.46
CA HIS H 455 56.92 -69.29 12.96
C HIS H 455 56.98 -68.28 14.11
N LYS H 456 55.81 -67.91 14.62
CA LYS H 456 55.73 -66.96 15.73
C LYS H 456 56.38 -65.62 15.42
N GLN H 457 56.34 -65.19 14.15
CA GLN H 457 56.93 -63.90 13.82
C GLN H 457 56.07 -63.00 12.96
N ALA H 458 54.75 -63.13 13.09
CA ALA H 458 53.82 -62.28 12.34
C ALA H 458 54.05 -60.87 12.85
N ILE H 459 53.85 -59.89 11.99
CA ILE H 459 54.08 -58.50 12.38
C ILE H 459 52.83 -57.77 12.83
N HIS H 460 51.74 -57.95 12.11
CA HIS H 460 50.50 -57.26 12.43
C HIS H 460 49.70 -57.78 13.62
N ILE H 461 50.19 -58.83 14.26
CA ILE H 461 49.53 -59.34 15.46
C ILE H 461 50.62 -59.69 16.47
N LEU H 462 50.25 -59.76 17.75
CA LEU H 462 51.21 -60.14 18.77
C LEU H 462 51.30 -61.66 18.69
N ASN H 463 52.49 -62.19 18.94
CA ASN H 463 52.70 -63.63 18.88
C ASN H 463 52.65 -64.32 20.24
N MET I 1 69.73 -71.71 -12.08
CA MET I 1 69.34 -72.25 -10.74
C MET I 1 68.00 -71.70 -10.26
N LEU I 2 67.14 -72.59 -9.78
CA LEU I 2 65.85 -72.20 -9.24
C LEU I 2 65.66 -72.84 -7.87
N ALA I 3 65.87 -72.04 -6.84
CA ALA I 3 65.74 -72.51 -5.46
C ALA I 3 64.56 -71.84 -4.78
N VAL I 4 63.80 -72.64 -4.03
CA VAL I 4 62.65 -72.12 -3.32
C VAL I 4 63.13 -71.16 -2.23
N PRO I 5 62.33 -70.14 -1.90
CA PRO I 5 62.69 -69.16 -0.86
C PRO I 5 63.29 -69.80 0.40
N ALA I 6 62.67 -70.89 0.86
CA ALA I 6 63.14 -71.59 2.05
C ALA I 6 64.57 -72.08 1.89
N ALA I 7 64.88 -72.62 0.71
CA ALA I 7 66.23 -73.14 0.44
C ALA I 7 67.24 -71.99 0.37
N ARG I 8 66.81 -70.88 -0.23
CA ARG I 8 67.67 -69.71 -0.36
C ARG I 8 67.96 -69.12 1.01
N LYS I 9 66.91 -68.99 1.82
CA LYS I 9 67.01 -68.45 3.17
C LYS I 9 67.83 -69.36 4.09
N LEU I 10 67.66 -70.67 3.95
CA LEU I 10 68.39 -71.64 4.76
C LEU I 10 69.87 -71.71 4.37
N ALA I 11 70.15 -71.47 3.09
CA ALA I 11 71.52 -71.50 2.59
C ALA I 11 72.32 -70.33 3.16
N ARG I 12 71.84 -69.11 2.96
CA ARG I 12 72.54 -67.92 3.47
C ARG I 12 72.87 -68.08 4.94
N GLU I 13 71.91 -68.59 5.72
CA GLU I 13 72.12 -68.77 7.15
C GLU I 13 73.20 -69.82 7.42
N LEU I 14 73.33 -70.79 6.52
CA LEU I 14 74.35 -71.83 6.67
C LEU I 14 75.65 -71.39 5.98
N GLY I 15 75.61 -70.22 5.35
CA GLY I 15 76.77 -69.70 4.65
C GLY I 15 77.05 -70.48 3.37
N ILE I 16 76.10 -71.31 2.98
CA ILE I 16 76.21 -72.13 1.79
C ILE I 16 75.80 -71.37 0.53
N PRO I 17 76.61 -71.45 -0.55
CA PRO I 17 76.27 -70.76 -1.79
C PRO I 17 75.17 -71.54 -2.53
N ILE I 18 73.98 -70.96 -2.58
CA ILE I 18 72.83 -71.61 -3.20
C ILE I 18 73.05 -72.16 -4.61
N GLU I 19 73.60 -71.35 -5.50
CA GLU I 19 73.85 -71.80 -6.87
C GLU I 19 74.83 -72.97 -6.93
N GLU I 20 75.41 -73.31 -5.78
CA GLU I 20 76.37 -74.39 -5.71
C GLU I 20 75.74 -75.64 -5.07
N VAL I 21 74.45 -75.57 -4.81
CA VAL I 21 73.73 -76.69 -4.20
C VAL I 21 72.99 -77.48 -5.28
N PRO I 22 73.22 -78.80 -5.33
CA PRO I 22 72.57 -79.65 -6.33
C PRO I 22 71.07 -79.77 -6.09
N GLY I 23 70.28 -79.23 -7.01
CA GLY I 23 68.83 -79.29 -6.88
C GLY I 23 68.34 -80.73 -6.95
N SER I 24 67.04 -80.93 -6.75
CA SER I 24 66.46 -82.25 -6.79
C SER I 24 65.32 -82.36 -7.81
N GLY I 25 64.74 -81.21 -8.15
CA GLY I 25 63.65 -81.20 -9.12
C GLY I 25 63.99 -81.95 -10.41
N PRO I 26 62.98 -82.23 -11.26
CA PRO I 26 63.19 -82.94 -12.53
C PRO I 26 64.42 -82.44 -13.28
N LEU I 27 64.89 -81.25 -12.92
CA LEU I 27 66.08 -80.68 -13.54
C LEU I 27 66.71 -79.58 -12.68
N GLY I 28 66.92 -79.87 -11.40
CA GLY I 28 67.58 -78.91 -10.53
C GLY I 28 66.84 -77.95 -9.62
N ARG I 29 65.74 -78.36 -9.00
CA ARG I 29 65.05 -77.45 -8.09
C ARG I 29 65.63 -77.66 -6.70
N VAL I 30 66.28 -76.62 -6.18
CA VAL I 30 66.89 -76.69 -4.87
C VAL I 30 65.84 -76.58 -3.76
N ARG I 31 65.85 -77.57 -2.86
CA ARG I 31 64.93 -77.61 -1.72
C ARG I 31 65.75 -77.48 -0.42
N VAL I 32 65.05 -77.30 0.69
CA VAL I 32 65.72 -77.18 1.98
C VAL I 32 66.53 -78.46 2.27
N GLU I 33 65.95 -79.60 1.91
CA GLU I 33 66.63 -80.87 2.12
C GLU I 33 67.94 -80.89 1.32
N ASP I 34 67.89 -80.31 0.12
CA ASP I 34 69.06 -80.26 -0.75
C ASP I 34 70.17 -79.39 -0.17
N VAL I 35 69.79 -78.30 0.48
CA VAL I 35 70.77 -77.40 1.08
C VAL I 35 71.34 -78.06 2.33
N ARG I 36 70.52 -78.82 3.03
CA ARG I 36 70.95 -79.52 4.23
C ARG I 36 71.81 -80.74 3.89
N ALA I 37 71.63 -81.24 2.67
CA ALA I 37 72.38 -82.40 2.20
C ALA I 37 73.77 -81.95 1.72
N TYR I 38 73.80 -80.78 1.09
CA TYR I 38 75.03 -80.21 0.59
C TYR I 38 75.91 -79.79 1.77
N ALA I 39 75.25 -79.40 2.86
CA ALA I 39 75.94 -78.97 4.07
C ALA I 39 76.68 -80.10 4.77
N GLU I 40 76.09 -81.29 4.75
CA GLU I 40 76.69 -82.46 5.39
C GLU I 40 77.44 -83.33 4.38
N MET J 4 -63.95 -38.47 20.09
CA MET J 4 -63.40 -38.02 18.78
C MET J 4 -62.85 -36.61 18.89
N LYS J 5 -61.52 -36.50 18.99
CA LYS J 5 -60.84 -35.22 19.11
C LYS J 5 -61.25 -34.22 18.04
N THR J 6 -61.52 -32.99 18.47
CA THR J 6 -61.93 -31.92 17.56
C THR J 6 -61.11 -30.65 17.79
N TYR J 7 -60.76 -29.98 16.70
CA TYR J 7 -59.97 -28.75 16.76
C TYR J 7 -60.70 -27.62 16.03
N ASP J 8 -60.11 -26.42 16.10
CA ASP J 8 -60.68 -25.25 15.42
C ASP J 8 -60.39 -25.36 13.93
N LEU J 9 -59.16 -25.79 13.62
CA LEU J 9 -58.72 -25.94 12.24
C LEU J 9 -57.76 -27.11 12.04
N ILE J 10 -57.91 -27.79 10.91
CA ILE J 10 -57.03 -28.90 10.57
C ILE J 10 -56.44 -28.64 9.19
N VAL J 11 -55.12 -28.61 9.12
CA VAL J 11 -54.42 -28.36 7.87
C VAL J 11 -53.77 -29.65 7.34
N ILE J 12 -54.09 -30.01 6.10
CA ILE J 12 -53.51 -31.20 5.50
C ILE J 12 -52.31 -30.80 4.65
N GLY J 13 -51.12 -31.02 5.20
CA GLY J 13 -49.89 -30.68 4.50
C GLY J 13 -49.08 -29.68 5.31
N THR J 14 -47.78 -29.91 5.45
CA THR J 14 -46.94 -29.01 6.21
C THR J 14 -45.81 -28.36 5.42
N GLY J 15 -46.06 -28.09 4.15
CA GLY J 15 -45.06 -27.44 3.33
C GLY J 15 -45.20 -25.93 3.57
N PRO J 16 -44.56 -25.09 2.73
CA PRO J 16 -44.64 -23.63 2.92
C PRO J 16 -46.08 -23.18 3.18
N GLY J 17 -46.98 -23.51 2.26
CA GLY J 17 -48.37 -23.13 2.39
C GLY J 17 -49.02 -23.66 3.65
N GLY J 18 -48.97 -24.99 3.82
CA GLY J 18 -49.57 -25.63 4.97
C GLY J 18 -49.11 -25.15 6.34
N TYR J 19 -47.80 -25.05 6.57
CA TYR J 19 -47.33 -24.63 7.87
C TYR J 19 -47.40 -23.14 8.15
N HIS J 20 -47.70 -22.36 7.11
CA HIS J 20 -47.85 -20.93 7.29
C HIS J 20 -49.32 -20.75 7.70
N ALA J 21 -50.19 -21.54 7.07
CA ALA J 21 -51.62 -21.50 7.36
C ALA J 21 -51.89 -21.98 8.77
N ALA J 22 -51.18 -23.03 9.19
CA ALA J 22 -51.35 -23.59 10.53
C ALA J 22 -50.79 -22.68 11.63
N ILE J 23 -49.70 -21.98 11.36
CA ILE J 23 -49.09 -21.12 12.37
C ILE J 23 -49.78 -19.76 12.56
N ARG J 24 -50.28 -19.17 11.48
CA ARG J 24 -50.97 -17.89 11.59
C ARG J 24 -52.33 -18.17 12.21
N ALA J 25 -52.97 -19.25 11.76
CA ALA J 25 -54.28 -19.63 12.29
C ALA J 25 -54.17 -19.82 13.80
N ALA J 26 -52.99 -20.23 14.26
CA ALA J 26 -52.75 -20.45 15.67
C ALA J 26 -52.49 -19.13 16.39
N GLN J 27 -51.74 -18.24 15.75
CA GLN J 27 -51.43 -16.93 16.34
C GLN J 27 -52.72 -16.17 16.57
N LEU J 28 -53.74 -16.51 15.79
CA LEU J 28 -55.05 -15.86 15.91
C LEU J 28 -55.92 -16.62 16.91
N GLY J 29 -55.27 -17.27 17.86
CA GLY J 29 -55.99 -18.01 18.90
C GLY J 29 -56.79 -19.24 18.55
N LEU J 30 -56.58 -19.82 17.37
CA LEU J 30 -57.33 -21.02 17.01
C LEU J 30 -56.64 -22.30 17.49
N LYS J 31 -57.35 -23.41 17.38
CA LYS J 31 -56.84 -24.72 17.77
C LYS J 31 -56.60 -25.44 16.47
N VAL J 32 -55.34 -25.75 16.16
CA VAL J 32 -55.03 -26.39 14.90
C VAL J 32 -54.37 -27.76 14.95
N LEU J 33 -54.66 -28.56 13.92
CA LEU J 33 -54.10 -29.89 13.77
C LEU J 33 -53.43 -29.96 12.40
N ALA J 34 -52.13 -30.24 12.41
CA ALA J 34 -51.36 -30.33 11.18
C ALA J 34 -51.08 -31.80 10.83
N VAL J 35 -51.54 -32.22 9.65
CA VAL J 35 -51.33 -33.60 9.20
C VAL J 35 -50.32 -33.72 8.06
N GLU J 36 -49.22 -34.44 8.32
CA GLU J 36 -48.15 -34.64 7.34
C GLU J 36 -47.90 -36.13 7.02
N ALA J 37 -48.01 -36.50 5.75
CA ALA J 37 -47.80 -37.90 5.36
C ALA J 37 -46.36 -38.19 4.94
N GLY J 38 -45.51 -37.17 4.98
CA GLY J 38 -44.11 -37.34 4.61
C GLY J 38 -43.22 -36.58 5.58
N GLU J 39 -42.28 -35.81 5.05
CA GLU J 39 -41.37 -35.03 5.89
C GLU J 39 -41.99 -33.67 6.20
N VAL J 40 -41.68 -33.13 7.37
CA VAL J 40 -42.18 -31.83 7.77
C VAL J 40 -41.42 -30.79 6.96
N GLY J 41 -42.14 -29.85 6.35
CA GLY J 41 -41.49 -28.82 5.56
C GLY J 41 -41.90 -28.89 4.10
N GLY J 42 -42.41 -30.04 3.69
CA GLY J 42 -42.85 -30.21 2.31
C GLY J 42 -41.70 -30.29 1.31
N VAL J 43 -42.06 -30.11 0.04
CA VAL J 43 -41.10 -30.16 -1.04
C VAL J 43 -40.00 -29.10 -0.89
N CYS J 44 -40.40 -27.84 -0.92
CA CYS J 44 -39.46 -26.72 -0.82
C CYS J 44 -38.28 -26.98 0.08
N LEU J 45 -38.57 -27.29 1.34
CA LEU J 45 -37.54 -27.55 2.32
C LEU J 45 -36.83 -28.91 2.16
N ASN J 46 -37.55 -29.92 1.70
CA ASN J 46 -36.96 -31.25 1.57
C ASN J 46 -36.35 -31.65 0.23
N VAL J 47 -37.07 -31.43 -0.86
CA VAL J 47 -36.55 -31.84 -2.15
C VAL J 47 -36.70 -30.77 -3.23
N GLY J 48 -36.90 -29.53 -2.80
CA GLY J 48 -37.08 -28.46 -3.76
C GLY J 48 -36.13 -27.30 -3.56
N CYS J 49 -36.72 -26.15 -3.25
CA CYS J 49 -36.01 -24.90 -3.01
C CYS J 49 -34.65 -25.01 -2.32
N ILE J 50 -34.70 -25.43 -1.06
CA ILE J 50 -33.50 -25.53 -0.22
C ILE J 50 -32.38 -26.41 -0.72
N PRO J 51 -32.63 -27.72 -0.89
CA PRO J 51 -31.53 -28.55 -1.38
C PRO J 51 -30.98 -28.05 -2.71
N THR J 52 -31.86 -27.61 -3.60
CA THR J 52 -31.39 -27.11 -4.89
C THR J 52 -30.52 -25.87 -4.74
N LYS J 53 -30.96 -24.90 -3.92
CA LYS J 53 -30.20 -23.69 -3.73
C LYS J 53 -28.84 -23.98 -3.11
N ALA J 54 -28.79 -24.99 -2.23
CA ALA J 54 -27.54 -25.37 -1.58
C ALA J 54 -26.56 -25.88 -2.63
N LEU J 55 -27.02 -26.75 -3.53
CA LEU J 55 -26.17 -27.29 -4.58
C LEU J 55 -25.67 -26.19 -5.50
N LEU J 56 -26.57 -25.27 -5.87
CA LEU J 56 -26.19 -24.16 -6.74
C LEU J 56 -25.09 -23.32 -6.08
N HIS J 57 -25.20 -23.08 -4.78
CA HIS J 57 -24.18 -22.30 -4.08
C HIS J 57 -22.82 -22.98 -4.16
N ALA J 58 -22.80 -24.28 -3.91
CA ALA J 58 -21.54 -25.02 -3.99
C ALA J 58 -21.00 -24.93 -5.42
N ALA J 59 -21.86 -25.18 -6.39
CA ALA J 59 -21.45 -25.12 -7.79
C ALA J 59 -20.92 -23.75 -8.16
N GLU J 60 -21.59 -22.69 -7.69
CA GLU J 60 -21.18 -21.32 -8.00
C GLU J 60 -19.82 -21.03 -7.38
N THR J 61 -19.62 -21.50 -6.15
CA THR J 61 -18.37 -21.29 -5.45
C THR J 61 -17.22 -21.95 -6.22
N LEU J 62 -17.45 -23.15 -6.72
CA LEU J 62 -16.44 -23.86 -7.49
C LEU J 62 -16.15 -23.14 -8.82
N HIS J 63 -17.22 -22.89 -9.58
CA HIS J 63 -17.12 -22.23 -10.87
C HIS J 63 -16.40 -20.88 -10.88
N HIS J 64 -16.73 -20.04 -9.90
CA HIS J 64 -16.14 -18.71 -9.82
C HIS J 64 -14.61 -18.73 -9.74
N LEU J 65 -14.06 -19.84 -9.25
CA LEU J 65 -12.61 -19.94 -9.12
C LEU J 65 -11.93 -19.78 -10.47
N LYS J 66 -12.63 -20.17 -11.54
CA LYS J 66 -12.08 -20.06 -12.90
C LYS J 66 -11.81 -18.57 -13.15
N VAL J 67 -12.81 -17.76 -12.87
CA VAL J 67 -12.69 -16.31 -13.04
C VAL J 67 -11.71 -15.70 -12.04
N ALA J 68 -11.69 -16.23 -10.82
CA ALA J 68 -10.81 -15.73 -9.77
C ALA J 68 -9.34 -15.74 -10.19
N GLU J 69 -8.97 -16.68 -11.06
CA GLU J 69 -7.59 -16.75 -11.54
C GLU J 69 -7.19 -15.40 -12.12
N GLY J 70 -8.19 -14.69 -12.66
CA GLY J 70 -7.97 -13.38 -13.24
C GLY J 70 -7.41 -12.37 -12.24
N PHE J 71 -7.73 -12.55 -10.96
CA PHE J 71 -7.20 -11.64 -9.96
C PHE J 71 -6.23 -12.31 -8.99
N GLY J 72 -5.43 -13.22 -9.55
CA GLY J 72 -4.41 -13.90 -8.77
C GLY J 72 -4.73 -15.10 -7.91
N LEU J 73 -6.00 -15.49 -7.81
CA LEU J 73 -6.33 -16.63 -6.99
C LEU J 73 -6.11 -17.94 -7.72
N LYS J 74 -5.03 -18.63 -7.38
CA LYS J 74 -4.71 -19.90 -8.00
C LYS J 74 -5.10 -21.02 -7.04
N ALA J 75 -5.88 -21.97 -7.56
CA ALA J 75 -6.32 -23.10 -6.75
C ALA J 75 -6.56 -24.30 -7.66
N LYS J 76 -6.53 -25.49 -7.07
CA LYS J 76 -6.77 -26.73 -7.80
C LYS J 76 -7.91 -27.40 -7.05
N PRO J 77 -9.13 -26.87 -7.19
CA PRO J 77 -10.33 -27.39 -6.54
C PRO J 77 -10.70 -28.83 -6.83
N GLU J 78 -11.02 -29.54 -5.77
CA GLU J 78 -11.44 -30.94 -5.83
C GLU J 78 -12.73 -30.97 -5.02
N LEU J 79 -13.84 -31.28 -5.67
CA LEU J 79 -15.13 -31.32 -5.00
C LEU J 79 -15.59 -32.73 -4.65
N ASP J 80 -15.72 -33.00 -3.35
CA ASP J 80 -16.16 -34.31 -2.86
C ASP J 80 -17.69 -34.36 -2.87
N LEU J 81 -18.26 -35.10 -3.79
CA LEU J 81 -19.71 -35.20 -3.91
C LEU J 81 -20.42 -35.78 -2.69
N LYS J 82 -19.78 -36.74 -2.03
CA LYS J 82 -20.38 -37.36 -0.86
C LYS J 82 -20.50 -36.31 0.24
N LYS J 83 -19.44 -35.54 0.42
CA LYS J 83 -19.40 -34.48 1.42
C LYS J 83 -20.45 -33.39 1.13
N LEU J 84 -20.60 -33.03 -0.14
CA LEU J 84 -21.55 -32.02 -0.55
C LEU J 84 -22.97 -32.50 -0.23
N GLY J 85 -23.23 -33.76 -0.55
CA GLY J 85 -24.54 -34.33 -0.27
C GLY J 85 -24.80 -34.29 1.22
N GLY J 86 -23.76 -34.58 2.00
CA GLY J 86 -23.89 -34.55 3.45
C GLY J 86 -24.27 -33.17 3.95
N TRP J 87 -23.61 -32.15 3.41
CA TRP J 87 -23.91 -30.77 3.81
C TRP J 87 -25.34 -30.43 3.39
N ARG J 88 -25.72 -30.88 2.19
CA ARG J 88 -27.05 -30.63 1.69
C ARG J 88 -28.07 -31.18 2.68
N ASP J 89 -27.88 -32.42 3.10
CA ASP J 89 -28.80 -33.07 4.05
C ASP J 89 -28.84 -32.32 5.39
N GLN J 90 -27.71 -31.78 5.81
CA GLN J 90 -27.64 -31.05 7.07
C GLN J 90 -28.48 -29.78 7.02
N VAL J 91 -28.39 -29.05 5.91
CA VAL J 91 -29.16 -27.82 5.75
C VAL J 91 -30.63 -28.17 5.81
N VAL J 92 -31.02 -29.20 5.07
CA VAL J 92 -32.40 -29.65 5.05
C VAL J 92 -32.88 -30.05 6.45
N LYS J 93 -32.10 -30.88 7.13
CA LYS J 93 -32.48 -31.34 8.47
C LYS J 93 -32.67 -30.16 9.42
N LYS J 94 -31.71 -29.23 9.40
CA LYS J 94 -31.75 -28.05 10.25
C LYS J 94 -33.08 -27.31 10.06
N LEU J 95 -33.44 -27.05 8.80
CA LEU J 95 -34.66 -26.32 8.50
C LEU J 95 -35.97 -27.09 8.76
N THR J 96 -36.01 -28.37 8.41
CA THR J 96 -37.21 -29.16 8.63
C THR J 96 -37.49 -29.25 10.13
N GLY J 97 -36.43 -29.44 10.90
CA GLY J 97 -36.60 -29.51 12.34
C GLY J 97 -37.16 -28.17 12.78
N GLY J 98 -36.57 -27.10 12.25
CA GLY J 98 -37.01 -25.75 12.57
C GLY J 98 -38.51 -25.59 12.47
N VAL J 99 -39.11 -26.11 11.40
CA VAL J 99 -40.55 -26.02 11.22
C VAL J 99 -41.26 -26.84 12.29
N GLY J 100 -40.81 -28.08 12.48
CA GLY J 100 -41.42 -28.92 13.49
C GLY J 100 -41.55 -28.19 14.81
N THR J 101 -40.45 -27.60 15.24
CA THR J 101 -40.43 -26.84 16.48
C THR J 101 -41.43 -25.69 16.48
N LEU J 102 -41.31 -24.79 15.52
CA LEU J 102 -42.20 -23.65 15.42
C LEU J 102 -43.67 -24.09 15.48
N LEU J 103 -43.98 -25.23 14.87
CA LEU J 103 -45.35 -25.73 14.89
C LEU J 103 -45.76 -26.07 16.32
N LYS J 104 -44.77 -26.44 17.13
CA LYS J 104 -45.00 -26.80 18.52
C LYS J 104 -45.07 -25.56 19.40
N GLY J 105 -44.13 -24.64 19.23
CA GLY J 105 -44.12 -23.43 20.01
C GLY J 105 -45.38 -22.60 19.82
N ASN J 106 -46.13 -22.91 18.77
CA ASN J 106 -47.37 -22.20 18.47
C ASN J 106 -48.59 -23.04 18.86
N GLY J 107 -48.35 -24.10 19.63
CA GLY J 107 -49.44 -24.95 20.07
C GLY J 107 -50.17 -25.71 18.98
N VAL J 108 -49.50 -25.96 17.87
CA VAL J 108 -50.13 -26.72 16.79
C VAL J 108 -49.79 -28.18 17.01
N GLU J 109 -50.80 -29.05 16.89
CA GLU J 109 -50.54 -30.47 17.11
C GLU J 109 -50.28 -31.14 15.76
N LEU J 110 -49.15 -31.82 15.66
CA LEU J 110 -48.76 -32.51 14.43
C LEU J 110 -49.16 -33.98 14.42
N LEU J 111 -49.91 -34.37 13.40
CA LEU J 111 -50.36 -35.74 13.25
C LEU J 111 -49.70 -36.38 12.03
N ARG J 112 -48.73 -37.26 12.27
CA ARG J 112 -48.03 -37.93 11.17
C ARG J 112 -48.91 -39.01 10.56
N GLY J 113 -49.38 -38.77 9.34
CA GLY J 113 -50.23 -39.75 8.67
C GLY J 113 -50.77 -39.24 7.34
N PHE J 114 -51.44 -40.11 6.60
CA PHE J 114 -52.01 -39.74 5.32
C PHE J 114 -53.47 -39.34 5.49
N ALA J 115 -53.70 -38.09 5.86
CA ALA J 115 -55.06 -37.58 6.06
C ALA J 115 -55.92 -37.75 4.82
N ARG J 116 -57.13 -38.26 5.01
CA ARG J 116 -58.07 -38.49 3.92
C ARG J 116 -59.29 -37.61 4.17
N LEU J 117 -60.06 -37.33 3.12
CA LEU J 117 -61.23 -36.46 3.26
C LEU J 117 -62.57 -37.19 3.41
N VAL J 118 -63.13 -37.10 4.61
CA VAL J 118 -64.42 -37.72 4.91
C VAL J 118 -65.49 -36.62 5.04
N GLY J 119 -65.66 -36.13 6.26
CA GLY J 119 -66.63 -35.07 6.51
C GLY J 119 -66.04 -33.71 6.22
N PRO J 120 -66.83 -32.77 5.66
CA PRO J 120 -66.36 -31.42 5.34
C PRO J 120 -65.62 -30.75 6.49
N LYS J 121 -65.75 -31.32 7.69
CA LYS J 121 -65.08 -30.77 8.86
C LYS J 121 -64.45 -31.91 9.67
N GLU J 122 -64.37 -33.07 9.05
CA GLU J 122 -63.79 -34.26 9.68
C GLU J 122 -62.86 -34.97 8.69
N VAL J 123 -61.67 -35.31 9.16
CA VAL J 123 -60.69 -35.98 8.31
C VAL J 123 -60.27 -37.34 8.87
N GLU J 124 -60.07 -38.30 7.95
CA GLU J 124 -59.68 -39.65 8.33
C GLU J 124 -58.20 -39.89 8.09
N VAL J 125 -57.44 -40.01 9.18
CA VAL J 125 -56.02 -40.28 9.10
C VAL J 125 -55.76 -41.70 9.58
N GLY J 126 -55.99 -42.68 8.70
CA GLY J 126 -55.78 -44.06 9.05
C GLY J 126 -56.48 -44.47 10.33
N GLY J 127 -57.81 -44.54 10.30
CA GLY J 127 -58.56 -44.93 11.48
C GLY J 127 -59.10 -43.74 12.27
N GLU J 128 -58.31 -43.23 13.20
CA GLU J 128 -58.72 -42.11 14.03
C GLU J 128 -59.33 -40.95 13.23
N ARG J 129 -60.61 -40.66 13.48
CA ARG J 129 -61.30 -39.57 12.80
C ARG J 129 -61.02 -38.26 13.51
N TYR J 130 -60.85 -37.19 12.73
CA TYR J 130 -60.58 -35.88 13.31
C TYR J 130 -61.54 -34.81 12.76
N GLY J 131 -61.95 -33.88 13.61
CA GLY J 131 -62.86 -32.84 13.19
C GLY J 131 -62.48 -31.43 13.62
N ALA J 132 -62.87 -30.44 12.82
CA ALA J 132 -62.56 -29.05 13.13
C ALA J 132 -63.47 -28.06 12.40
N LYS J 133 -63.52 -26.83 12.91
CA LYS J 133 -64.33 -25.77 12.32
C LYS J 133 -64.07 -25.61 10.83
N SER J 134 -62.80 -25.49 10.45
CA SER J 134 -62.43 -25.33 9.05
C SER J 134 -61.29 -26.25 8.64
N LEU J 135 -61.17 -26.49 7.35
CA LEU J 135 -60.12 -27.34 6.81
C LEU J 135 -59.37 -26.65 5.69
N ILE J 136 -58.04 -26.72 5.74
CA ILE J 136 -57.19 -26.11 4.72
C ILE J 136 -56.42 -27.18 3.96
N LEU J 137 -56.71 -27.32 2.67
CA LEU J 137 -56.03 -28.29 1.82
C LEU J 137 -54.74 -27.70 1.25
N ALA J 138 -53.60 -28.24 1.68
CA ALA J 138 -52.29 -27.78 1.22
C ALA J 138 -51.45 -29.02 0.88
N THR J 139 -51.93 -29.82 -0.07
CA THR J 139 -51.23 -31.05 -0.44
C THR J 139 -50.12 -30.92 -1.47
N GLY J 140 -49.78 -29.68 -1.84
CA GLY J 140 -48.71 -29.44 -2.79
C GLY J 140 -48.79 -30.13 -4.14
N SER J 141 -47.61 -30.43 -4.69
CA SER J 141 -47.55 -31.08 -6.00
C SER J 141 -46.48 -32.16 -6.05
N GLU J 142 -46.33 -32.75 -7.23
CA GLU J 142 -45.32 -33.78 -7.47
C GLU J 142 -44.90 -33.68 -8.95
N PRO J 143 -43.78 -34.32 -9.32
CA PRO J 143 -43.26 -34.32 -10.70
C PRO J 143 -44.21 -34.83 -11.78
N LEU J 144 -44.35 -34.06 -12.85
CA LEU J 144 -45.22 -34.46 -13.95
C LEU J 144 -44.47 -35.55 -14.73
N GLU J 145 -45.18 -36.63 -15.05
CA GLU J 145 -44.57 -37.72 -15.78
C GLU J 145 -44.59 -37.40 -17.27
N LEU J 146 -43.61 -37.93 -18.01
CA LEU J 146 -43.54 -37.65 -19.43
C LEU J 146 -43.69 -38.90 -20.28
N LYS J 147 -44.70 -38.91 -21.14
CA LYS J 147 -44.96 -40.03 -22.04
C LYS J 147 -43.68 -40.37 -22.79
N GLY J 148 -43.32 -41.64 -22.78
CA GLY J 148 -42.11 -42.07 -23.47
C GLY J 148 -40.89 -42.11 -22.58
N PHE J 149 -40.96 -41.43 -21.45
CA PHE J 149 -39.84 -41.39 -20.50
C PHE J 149 -40.29 -41.71 -19.09
N PRO J 150 -40.75 -42.96 -18.86
CA PRO J 150 -41.18 -43.31 -17.50
C PRO J 150 -39.99 -43.26 -16.54
N PHE J 151 -40.23 -42.75 -15.34
CA PHE J 151 -39.17 -42.64 -14.34
C PHE J 151 -38.58 -43.99 -13.99
N GLY J 152 -37.26 -44.04 -13.91
CA GLY J 152 -36.58 -45.28 -13.59
C GLY J 152 -35.12 -45.05 -13.26
N GLU J 153 -34.32 -46.10 -13.34
CA GLU J 153 -32.90 -45.99 -13.03
C GLU J 153 -32.17 -44.98 -13.91
N ASP J 154 -32.61 -44.85 -15.16
CA ASP J 154 -31.95 -43.92 -16.07
C ASP J 154 -32.74 -42.65 -16.33
N VAL J 155 -33.97 -42.58 -15.84
CA VAL J 155 -34.79 -41.39 -16.03
C VAL J 155 -35.19 -40.80 -14.67
N TRP J 156 -34.54 -39.70 -14.29
CA TRP J 156 -34.76 -39.04 -13.01
C TRP J 156 -35.79 -37.91 -12.95
N ASP J 157 -36.28 -37.67 -11.73
CA ASP J 157 -37.17 -36.55 -11.47
C ASP J 157 -36.25 -35.64 -10.63
N SER J 158 -36.66 -34.41 -10.35
CA SER J 158 -35.82 -33.50 -9.58
C SER J 158 -35.31 -34.07 -8.26
N THR J 159 -36.11 -34.88 -7.59
CA THR J 159 -35.71 -35.45 -6.31
C THR J 159 -34.48 -36.33 -6.47
N ARG J 160 -34.51 -37.22 -7.46
CA ARG J 160 -33.36 -38.09 -7.70
C ARG J 160 -32.14 -37.27 -8.13
N ALA J 161 -32.35 -36.28 -9.00
CA ALA J 161 -31.23 -35.45 -9.48
C ALA J 161 -30.49 -34.70 -8.37
N LEU J 162 -31.16 -34.49 -7.24
CA LEU J 162 -30.54 -33.80 -6.11
C LEU J 162 -29.39 -34.57 -5.48
N LYS J 163 -29.47 -35.89 -5.53
CA LYS J 163 -28.47 -36.75 -4.93
C LYS J 163 -27.22 -36.93 -5.80
N VAL J 164 -26.47 -35.85 -5.97
CA VAL J 164 -25.27 -35.87 -6.79
C VAL J 164 -24.25 -36.89 -6.29
N GLU J 165 -24.29 -37.19 -4.99
CA GLU J 165 -23.36 -38.15 -4.39
C GLU J 165 -23.55 -39.57 -4.90
N GLU J 166 -24.63 -39.81 -5.65
CA GLU J 166 -24.91 -41.14 -6.17
C GLU J 166 -24.32 -41.39 -7.55
N GLY J 167 -23.34 -40.57 -7.93
CA GLY J 167 -22.70 -40.74 -9.23
C GLY J 167 -23.10 -39.72 -10.27
N LEU J 168 -22.12 -38.97 -10.76
CA LEU J 168 -22.40 -37.99 -11.79
C LEU J 168 -22.34 -38.66 -13.16
N PRO J 169 -23.35 -38.43 -14.01
CA PRO J 169 -23.33 -39.03 -15.34
C PRO J 169 -22.40 -38.18 -16.19
N LYS J 170 -21.71 -38.81 -17.15
CA LYS J 170 -20.83 -38.05 -18.02
C LYS J 170 -21.66 -37.14 -18.94
N ARG J 171 -22.85 -37.61 -19.30
CA ARG J 171 -23.74 -36.89 -20.21
C ARG J 171 -25.18 -36.91 -19.68
N LEU J 172 -25.78 -35.73 -19.58
CA LEU J 172 -27.13 -35.58 -19.07
C LEU J 172 -28.06 -34.84 -20.04
N LEU J 173 -29.27 -35.34 -20.22
CA LEU J 173 -30.27 -34.67 -21.05
C LEU J 173 -31.33 -34.15 -20.08
N VAL J 174 -31.65 -32.87 -20.17
CA VAL J 174 -32.65 -32.27 -19.31
C VAL J 174 -33.84 -31.88 -20.17
N ILE J 175 -35.01 -32.43 -19.86
CA ILE J 175 -36.21 -32.13 -20.60
C ILE J 175 -37.01 -31.12 -19.80
N GLY J 176 -37.08 -29.88 -20.29
CA GLY J 176 -37.81 -28.84 -19.60
C GLY J 176 -36.96 -27.60 -19.37
N GLY J 177 -37.45 -26.46 -19.85
CA GLY J 177 -36.74 -25.21 -19.71
C GLY J 177 -37.30 -24.28 -18.65
N GLY J 178 -37.86 -24.85 -17.58
CA GLY J 178 -38.37 -24.03 -16.50
C GLY J 178 -37.30 -23.86 -15.44
N ALA J 179 -37.62 -23.23 -14.32
CA ALA J 179 -36.66 -23.02 -13.24
C ALA J 179 -35.96 -24.29 -12.78
N VAL J 180 -36.73 -25.36 -12.67
CA VAL J 180 -36.17 -26.62 -12.20
C VAL J 180 -35.12 -27.19 -13.12
N GLY J 181 -35.49 -27.36 -14.39
CA GLY J 181 -34.52 -27.89 -15.33
C GLY J 181 -33.28 -27.01 -15.52
N LEU J 182 -33.45 -25.69 -15.54
CA LEU J 182 -32.32 -24.78 -15.75
C LEU J 182 -31.32 -24.87 -14.60
N GLU J 183 -31.83 -24.83 -13.38
CA GLU J 183 -30.98 -24.92 -12.19
C GLU J 183 -30.25 -26.25 -12.05
N LEU J 184 -30.97 -27.36 -12.21
CA LEU J 184 -30.32 -28.66 -12.08
C LEU J 184 -29.38 -28.91 -13.25
N GLY J 185 -29.71 -28.37 -14.42
CA GLY J 185 -28.85 -28.54 -15.57
C GLY J 185 -27.52 -27.83 -15.31
N GLN J 186 -27.57 -26.62 -14.76
CA GLN J 186 -26.34 -25.88 -14.50
C GLN J 186 -25.53 -26.52 -13.38
N VAL J 187 -26.18 -27.03 -12.35
CA VAL J 187 -25.44 -27.69 -11.27
C VAL J 187 -24.64 -28.85 -11.87
N TYR J 188 -25.31 -29.71 -12.63
CA TYR J 188 -24.62 -30.84 -13.25
C TYR J 188 -23.52 -30.42 -14.20
N ARG J 189 -23.74 -29.36 -14.97
CA ARG J 189 -22.69 -28.89 -15.87
C ARG J 189 -21.47 -28.45 -15.06
N ARG J 190 -21.70 -27.68 -13.99
CA ARG J 190 -20.62 -27.18 -13.17
C ARG J 190 -19.91 -28.30 -12.39
N LEU J 191 -20.59 -29.44 -12.27
CA LEU J 191 -19.99 -30.57 -11.57
C LEU J 191 -19.20 -31.46 -12.55
N GLY J 192 -19.23 -31.14 -13.84
CA GLY J 192 -18.47 -31.91 -14.81
C GLY J 192 -19.19 -32.63 -15.95
N ALA J 193 -20.52 -32.72 -15.88
CA ALA J 193 -21.26 -33.42 -16.94
C ALA J 193 -21.51 -32.58 -18.17
N GLU J 194 -21.64 -33.24 -19.33
CA GLU J 194 -21.99 -32.53 -20.55
C GLU J 194 -23.51 -32.43 -20.37
N VAL J 195 -24.09 -31.28 -20.65
CA VAL J 195 -25.52 -31.13 -20.47
C VAL J 195 -26.22 -30.54 -21.70
N THR J 196 -27.32 -31.18 -22.07
CA THR J 196 -28.15 -30.73 -23.18
C THR J 196 -29.54 -30.56 -22.58
N LEU J 197 -30.12 -29.38 -22.76
CA LEU J 197 -31.44 -29.12 -22.22
C LEU J 197 -32.40 -28.78 -23.35
N ILE J 198 -33.55 -29.45 -23.37
CA ILE J 198 -34.53 -29.18 -24.42
C ILE J 198 -35.79 -28.52 -23.86
N GLU J 199 -36.30 -27.56 -24.62
CA GLU J 199 -37.50 -26.83 -24.25
C GLU J 199 -38.44 -26.81 -25.44
N TYR J 200 -39.68 -27.22 -25.19
CA TYR J 200 -40.71 -27.29 -26.21
C TYR J 200 -41.04 -25.91 -26.80
N MET J 201 -41.24 -24.92 -25.92
CA MET J 201 -41.58 -23.57 -26.37
C MET J 201 -40.41 -22.88 -27.07
N PRO J 202 -40.69 -21.76 -27.77
CA PRO J 202 -39.69 -20.98 -28.51
C PRO J 202 -38.50 -20.48 -27.68
N GLU J 203 -38.73 -20.24 -26.40
CA GLU J 203 -37.67 -19.73 -25.52
C GLU J 203 -37.80 -20.37 -24.14
N ILE J 204 -36.72 -20.35 -23.37
CA ILE J 204 -36.77 -20.92 -22.02
C ILE J 204 -37.60 -19.94 -21.18
N LEU J 205 -38.08 -20.40 -20.03
CA LEU J 205 -38.89 -19.54 -19.16
C LEU J 205 -40.00 -18.88 -19.99
N PRO J 206 -40.81 -19.70 -20.68
CA PRO J 206 -41.92 -19.28 -21.53
C PRO J 206 -42.89 -18.24 -20.97
N GLN J 207 -43.03 -18.17 -19.65
CA GLN J 207 -43.94 -17.19 -19.05
C GLN J 207 -43.26 -15.88 -18.69
N GLY J 208 -41.94 -15.81 -18.91
CA GLY J 208 -41.23 -14.59 -18.58
C GLY J 208 -40.77 -13.77 -19.78
N ASP J 209 -40.36 -12.54 -19.50
CA ASP J 209 -39.86 -11.64 -20.52
C ASP J 209 -38.84 -12.40 -21.39
N PRO J 210 -39.12 -12.54 -22.69
CA PRO J 210 -38.19 -13.25 -23.57
C PRO J 210 -36.83 -12.60 -23.75
N GLU J 211 -36.77 -11.28 -23.61
CA GLU J 211 -35.50 -10.60 -23.78
C GLU J 211 -34.48 -11.01 -22.71
N THR J 212 -34.85 -10.91 -21.43
CA THR J 212 -33.92 -11.30 -20.36
C THR J 212 -33.76 -12.82 -20.34
N ALA J 213 -34.80 -13.54 -20.76
CA ALA J 213 -34.74 -15.00 -20.80
C ALA J 213 -33.76 -15.48 -21.86
N ALA J 214 -33.66 -14.73 -22.96
CA ALA J 214 -32.73 -15.07 -24.03
C ALA J 214 -31.31 -14.85 -23.52
N LEU J 215 -31.12 -13.80 -22.73
CA LEU J 215 -29.80 -13.51 -22.18
C LEU J 215 -29.37 -14.60 -21.22
N LEU J 216 -30.31 -15.15 -20.44
CA LEU J 216 -29.95 -16.22 -19.52
C LEU J 216 -29.50 -17.43 -20.33
N ARG J 217 -30.26 -17.77 -21.37
CA ARG J 217 -29.90 -18.91 -22.22
C ARG J 217 -28.49 -18.79 -22.80
N ARG J 218 -28.15 -17.62 -23.33
CA ARG J 218 -26.83 -17.41 -23.91
C ARG J 218 -25.72 -17.55 -22.88
N ALA J 219 -25.95 -17.04 -21.67
CA ALA J 219 -24.95 -17.16 -20.63
C ALA J 219 -24.73 -18.65 -20.35
N LEU J 220 -25.83 -19.39 -20.32
CA LEU J 220 -25.77 -20.83 -20.06
C LEU J 220 -25.05 -21.58 -21.19
N GLU J 221 -25.28 -21.15 -22.43
CA GLU J 221 -24.63 -21.80 -23.55
C GLU J 221 -23.14 -21.48 -23.55
N LYS J 222 -22.79 -20.33 -22.99
CA LYS J 222 -21.40 -19.95 -22.93
C LYS J 222 -20.65 -20.90 -21.99
N GLU J 223 -21.37 -21.57 -21.09
CA GLU J 223 -20.73 -22.51 -20.18
C GLU J 223 -20.71 -23.92 -20.77
N GLY J 224 -21.12 -24.03 -22.03
CA GLY J 224 -21.11 -25.32 -22.67
C GLY J 224 -22.42 -26.09 -22.53
N ILE J 225 -23.43 -25.48 -21.94
CA ILE J 225 -24.72 -26.14 -21.79
C ILE J 225 -25.48 -25.95 -23.10
N ARG J 226 -25.71 -27.03 -23.83
CA ARG J 226 -26.43 -26.96 -25.10
C ARG J 226 -27.93 -26.83 -24.86
N VAL J 227 -28.48 -25.66 -25.17
CA VAL J 227 -29.92 -25.42 -24.97
C VAL J 227 -30.66 -25.44 -26.29
N ARG J 228 -31.54 -26.43 -26.46
CA ARG J 228 -32.33 -26.60 -27.69
C ARG J 228 -33.79 -26.19 -27.50
N THR J 229 -34.20 -25.07 -28.07
CA THR J 229 -35.59 -24.64 -27.95
C THR J 229 -36.38 -25.22 -29.12
N LYS J 230 -37.71 -25.02 -29.11
CA LYS J 230 -38.57 -25.53 -30.17
C LYS J 230 -38.30 -27.01 -30.42
N THR J 231 -37.97 -27.73 -29.34
CA THR J 231 -37.63 -29.15 -29.45
C THR J 231 -38.35 -29.99 -28.41
N LYS J 232 -38.62 -31.24 -28.75
CA LYS J 232 -39.27 -32.14 -27.82
C LYS J 232 -38.58 -33.48 -27.89
N ALA J 233 -38.59 -34.22 -26.79
CA ALA J 233 -38.00 -35.54 -26.73
C ALA J 233 -39.16 -36.49 -26.95
N VAL J 234 -39.03 -37.37 -27.93
CA VAL J 234 -40.09 -38.31 -28.28
C VAL J 234 -39.98 -39.63 -27.51
N GLY J 235 -38.79 -40.20 -27.48
CA GLY J 235 -38.58 -41.45 -26.78
C GLY J 235 -37.13 -41.82 -26.79
N TYR J 236 -36.81 -43.02 -26.30
CA TYR J 236 -35.43 -43.49 -26.26
C TYR J 236 -35.37 -44.99 -26.13
N GLU J 237 -34.16 -45.52 -26.22
CA GLU J 237 -33.91 -46.94 -26.05
C GLU J 237 -32.53 -47.04 -25.44
N LYS J 238 -32.41 -47.87 -24.40
CA LYS J 238 -31.15 -48.07 -23.73
C LYS J 238 -30.30 -49.07 -24.49
N LYS J 239 -29.06 -48.69 -24.79
CA LYS J 239 -28.16 -49.57 -25.50
C LYS J 239 -26.88 -49.64 -24.68
N LYS J 240 -25.93 -50.46 -25.10
CA LYS J 240 -24.69 -50.62 -24.34
C LYS J 240 -23.88 -49.35 -24.11
N ASP J 241 -24.00 -48.35 -24.98
CA ASP J 241 -23.23 -47.13 -24.81
C ASP J 241 -24.01 -45.99 -24.19
N GLY J 242 -25.29 -46.22 -23.88
CA GLY J 242 -26.08 -45.18 -23.27
C GLY J 242 -27.50 -45.12 -23.78
N LEU J 243 -28.19 -44.04 -23.44
CA LEU J 243 -29.57 -43.84 -23.84
C LEU J 243 -29.66 -43.06 -25.16
N HIS J 244 -30.16 -43.72 -26.21
CA HIS J 244 -30.32 -43.09 -27.52
C HIS J 244 -31.68 -42.44 -27.52
N VAL J 245 -31.68 -41.12 -27.40
CA VAL J 245 -32.90 -40.33 -27.36
C VAL J 245 -33.29 -39.70 -28.69
N ARG J 246 -34.56 -39.84 -29.05
CA ARG J 246 -35.06 -39.25 -30.29
C ARG J 246 -35.70 -37.90 -29.99
N LEU J 247 -35.15 -36.86 -30.60
CA LEU J 247 -35.67 -35.51 -30.43
C LEU J 247 -36.29 -35.13 -31.76
N GLU J 248 -37.20 -34.16 -31.73
CA GLU J 248 -37.87 -33.68 -32.94
C GLU J 248 -38.28 -32.25 -32.73
N PRO J 249 -38.58 -31.54 -33.83
CA PRO J 249 -39.00 -30.14 -33.71
C PRO J 249 -40.28 -30.19 -32.86
N ALA J 250 -40.47 -29.19 -32.00
CA ALA J 250 -41.64 -29.16 -31.14
C ALA J 250 -42.91 -29.45 -31.92
N GLU J 251 -43.01 -28.90 -33.13
CA GLU J 251 -44.21 -29.10 -33.94
C GLU J 251 -44.14 -30.39 -34.73
N GLY J 252 -43.15 -31.23 -34.45
CA GLY J 252 -43.04 -32.48 -35.17
C GLY J 252 -42.14 -32.31 -36.39
N GLY J 253 -41.45 -33.37 -36.77
CA GLY J 253 -40.57 -33.30 -37.91
C GLY J 253 -39.49 -34.35 -37.92
N GLU J 254 -38.42 -34.06 -38.63
CA GLU J 254 -37.30 -34.99 -38.76
C GLU J 254 -36.63 -35.37 -37.45
N GLY J 255 -36.40 -36.66 -37.28
CA GLY J 255 -35.77 -37.16 -36.08
C GLY J 255 -34.34 -36.65 -35.87
N GLU J 256 -33.97 -36.56 -34.59
CA GLU J 256 -32.65 -36.10 -34.19
C GLU J 256 -32.26 -37.04 -33.05
N GLU J 257 -31.20 -37.79 -33.23
CA GLU J 257 -30.77 -38.73 -32.19
C GLU J 257 -29.55 -38.28 -31.43
N VAL J 258 -29.66 -38.28 -30.10
CA VAL J 258 -28.54 -37.91 -29.23
C VAL J 258 -28.33 -39.04 -28.23
N VAL J 259 -27.12 -39.16 -27.71
CA VAL J 259 -26.85 -40.22 -26.74
C VAL J 259 -26.40 -39.66 -25.39
N VAL J 260 -27.13 -39.98 -24.33
CA VAL J 260 -26.78 -39.53 -22.98
C VAL J 260 -26.77 -40.70 -22.00
N ASP J 261 -26.23 -40.47 -20.80
CA ASP J 261 -26.17 -41.51 -19.80
C ASP J 261 -27.41 -41.49 -18.91
N LYS J 262 -27.96 -40.30 -18.68
CA LYS J 262 -29.16 -40.14 -17.85
C LYS J 262 -30.05 -39.04 -18.39
N VAL J 263 -31.34 -39.14 -18.10
CA VAL J 263 -32.30 -38.14 -18.52
C VAL J 263 -32.98 -37.56 -17.28
N LEU J 264 -33.15 -36.25 -17.26
CA LEU J 264 -33.83 -35.60 -16.13
C LEU J 264 -35.08 -34.98 -16.71
N VAL J 265 -36.24 -35.49 -16.30
CA VAL J 265 -37.52 -34.95 -16.76
C VAL J 265 -38.03 -33.89 -15.80
N ALA J 266 -38.08 -32.66 -16.29
CA ALA J 266 -38.53 -31.52 -15.49
C ALA J 266 -39.47 -30.69 -16.36
N VAL J 267 -40.53 -31.33 -16.85
CA VAL J 267 -41.48 -30.64 -17.72
C VAL J 267 -42.65 -30.02 -16.97
N GLY J 268 -42.70 -30.19 -15.66
CA GLY J 268 -43.80 -29.60 -14.94
C GLY J 268 -44.15 -30.31 -13.65
N ARG J 269 -45.30 -29.96 -13.09
CA ARG J 269 -45.76 -30.53 -11.84
C ARG J 269 -47.25 -30.81 -11.89
N LYS J 270 -47.66 -31.90 -11.24
CA LYS J 270 -49.07 -32.29 -11.20
C LYS J 270 -49.57 -32.11 -9.77
N PRO J 271 -50.65 -31.33 -9.58
CA PRO J 271 -51.13 -31.15 -8.21
C PRO J 271 -51.54 -32.49 -7.62
N ARG J 272 -51.30 -32.67 -6.32
CA ARG J 272 -51.62 -33.90 -5.62
C ARG J 272 -53.00 -33.86 -4.99
N THR J 273 -54.03 -33.93 -5.83
CA THR J 273 -55.40 -33.87 -5.37
C THR J 273 -56.18 -35.13 -5.77
N GLU J 274 -55.47 -36.19 -6.15
CA GLU J 274 -56.11 -37.44 -6.53
C GLU J 274 -56.33 -38.34 -5.34
N GLY J 275 -57.41 -39.14 -5.41
CA GLY J 275 -57.74 -40.06 -4.33
C GLY J 275 -57.64 -39.49 -2.93
N LEU J 276 -57.93 -38.20 -2.78
CA LEU J 276 -57.87 -37.56 -1.47
C LEU J 276 -59.25 -37.52 -0.82
N GLY J 277 -60.28 -37.79 -1.61
CA GLY J 277 -61.63 -37.78 -1.09
C GLY J 277 -62.30 -36.43 -1.28
N LEU J 278 -61.85 -35.70 -2.29
CA LEU J 278 -62.40 -34.39 -2.61
C LEU J 278 -63.63 -34.59 -3.48
N GLU J 279 -63.52 -35.57 -4.37
CA GLU J 279 -64.59 -35.93 -5.28
C GLU J 279 -65.83 -36.27 -4.44
N LYS J 280 -65.61 -36.50 -3.15
CA LYS J 280 -66.67 -36.85 -2.22
C LYS J 280 -67.30 -35.66 -1.51
N ALA J 281 -66.51 -34.95 -0.71
CA ALA J 281 -67.01 -33.79 0.04
C ALA J 281 -67.52 -32.66 -0.84
N GLY J 282 -67.41 -32.83 -2.15
CA GLY J 282 -67.88 -31.80 -3.07
C GLY J 282 -66.81 -30.86 -3.62
N VAL J 283 -65.68 -30.76 -2.94
CA VAL J 283 -64.59 -29.90 -3.38
C VAL J 283 -64.24 -30.17 -4.85
N LYS J 284 -64.47 -29.18 -5.71
CA LYS J 284 -64.19 -29.35 -7.14
C LYS J 284 -62.78 -28.98 -7.58
N VAL J 285 -62.38 -29.52 -8.72
CA VAL J 285 -61.06 -29.29 -9.30
C VAL J 285 -61.17 -29.19 -10.82
N ASP J 286 -60.21 -28.51 -11.45
CA ASP J 286 -60.23 -28.35 -12.90
C ASP J 286 -59.68 -29.55 -13.66
N GLU J 287 -59.60 -29.43 -14.99
CA GLU J 287 -59.11 -30.49 -15.84
C GLU J 287 -57.63 -30.84 -15.64
N ARG J 288 -56.97 -30.08 -14.77
CA ARG J 288 -55.55 -30.32 -14.50
C ARG J 288 -55.38 -30.92 -13.12
N GLY J 289 -56.40 -30.77 -12.28
CA GLY J 289 -56.33 -31.31 -10.93
C GLY J 289 -56.26 -30.26 -9.85
N PHE J 290 -56.11 -28.99 -10.24
CA PHE J 290 -56.03 -27.93 -9.26
C PHE J 290 -57.37 -27.67 -8.60
N ILE J 291 -57.36 -27.51 -7.29
CA ILE J 291 -58.56 -27.24 -6.53
C ILE J 291 -59.05 -25.82 -6.83
N ARG J 292 -60.31 -25.70 -7.24
CA ARG J 292 -60.90 -24.40 -7.55
C ARG J 292 -61.05 -23.58 -6.29
N VAL J 293 -60.53 -22.34 -6.31
CA VAL J 293 -60.62 -21.46 -5.15
C VAL J 293 -60.82 -20.02 -5.58
N ASN J 294 -60.98 -19.13 -4.60
CA ASN J 294 -61.13 -17.70 -4.88
C ASN J 294 -60.10 -16.91 -4.10
N ALA J 295 -60.12 -15.59 -4.27
CA ALA J 295 -59.16 -14.71 -3.61
C ALA J 295 -59.06 -14.91 -2.10
N ARG J 296 -60.11 -15.49 -1.52
CA ARG J 296 -60.12 -15.74 -0.08
C ARG J 296 -59.52 -17.13 0.17
N MET J 297 -59.19 -17.80 -0.92
CA MET J 297 -58.61 -19.14 -0.87
C MET J 297 -59.66 -20.16 -0.38
N GLU J 298 -60.91 -19.91 -0.74
CA GLU J 298 -62.01 -20.80 -0.35
C GLU J 298 -62.40 -21.74 -1.48
N THR J 299 -62.57 -23.01 -1.14
CA THR J 299 -62.97 -24.03 -2.11
C THR J 299 -64.49 -23.95 -2.21
N SER J 300 -65.06 -24.70 -3.13
CA SER J 300 -66.52 -24.70 -3.31
C SER J 300 -67.22 -25.06 -1.99
N VAL J 301 -66.55 -25.85 -1.16
CA VAL J 301 -67.11 -26.26 0.12
C VAL J 301 -66.73 -25.28 1.23
N PRO J 302 -67.71 -24.52 1.75
CA PRO J 302 -67.49 -23.54 2.81
C PRO J 302 -66.74 -24.09 4.01
N GLY J 303 -65.77 -23.34 4.50
CA GLY J 303 -64.98 -23.76 5.65
C GLY J 303 -63.77 -24.56 5.23
N VAL J 304 -63.69 -24.85 3.93
CA VAL J 304 -62.57 -25.61 3.38
C VAL J 304 -61.75 -24.76 2.41
N TYR J 305 -60.52 -24.45 2.79
CA TYR J 305 -59.63 -23.64 1.96
C TYR J 305 -58.52 -24.44 1.30
N ALA J 306 -58.20 -24.09 0.05
CA ALA J 306 -57.13 -24.74 -0.69
C ALA J 306 -56.04 -23.71 -0.99
N ILE J 307 -54.78 -24.12 -0.87
CA ILE J 307 -53.65 -23.22 -1.10
C ILE J 307 -52.47 -23.88 -1.81
N GLY J 308 -51.36 -23.14 -1.89
CA GLY J 308 -50.14 -23.63 -2.51
C GLY J 308 -50.25 -24.21 -3.90
N ASP J 309 -49.39 -25.18 -4.20
CA ASP J 309 -49.38 -25.82 -5.51
C ASP J 309 -50.67 -26.61 -5.82
N ALA J 310 -51.33 -27.10 -4.77
CA ALA J 310 -52.56 -27.88 -4.94
C ALA J 310 -53.73 -27.00 -5.30
N ALA J 311 -53.63 -25.71 -5.00
CA ALA J 311 -54.69 -24.76 -5.31
C ALA J 311 -54.58 -24.18 -6.71
N ARG J 312 -53.38 -23.77 -7.10
CA ARG J 312 -53.20 -23.15 -8.42
C ARG J 312 -51.77 -22.66 -8.64
N PRO J 313 -51.38 -22.51 -9.91
CA PRO J 313 -50.03 -22.04 -10.28
C PRO J 313 -50.09 -20.51 -10.18
N PRO J 314 -48.92 -19.83 -10.21
CA PRO J 314 -47.58 -20.42 -10.32
C PRO J 314 -47.24 -21.24 -9.09
N LEU J 315 -46.52 -22.34 -9.31
CA LEU J 315 -46.13 -23.23 -8.22
C LEU J 315 -44.88 -22.70 -7.53
N LEU J 316 -45.06 -21.71 -6.67
CA LEU J 316 -43.96 -21.06 -5.95
C LEU J 316 -44.20 -21.06 -4.45
N ALA J 317 -43.11 -21.12 -3.68
CA ALA J 317 -43.18 -21.17 -2.23
C ALA J 317 -43.70 -19.89 -1.57
N HIS J 318 -43.11 -18.75 -1.91
CA HIS J 318 -43.56 -17.49 -1.32
C HIS J 318 -45.05 -17.28 -1.57
N LYS J 319 -45.52 -17.73 -2.72
CA LYS J 319 -46.95 -17.60 -3.01
C LYS J 319 -47.74 -18.49 -2.05
N ALA J 320 -47.29 -19.74 -1.89
CA ALA J 320 -47.98 -20.69 -1.02
C ALA J 320 -48.02 -20.16 0.40
N MET J 321 -46.91 -19.54 0.82
CA MET J 321 -46.82 -18.99 2.16
C MET J 321 -47.87 -17.91 2.38
N ARG J 322 -48.07 -17.05 1.40
CA ARG J 322 -49.05 -15.99 1.54
C ARG J 322 -50.47 -16.54 1.47
N GLU J 323 -50.70 -17.49 0.58
CA GLU J 323 -52.03 -18.08 0.45
C GLU J 323 -52.40 -18.79 1.75
N GLY J 324 -51.38 -19.31 2.43
CA GLY J 324 -51.61 -19.99 3.68
C GLY J 324 -52.12 -18.99 4.72
N LEU J 325 -51.38 -17.88 4.86
CA LEU J 325 -51.76 -16.84 5.82
C LEU J 325 -53.17 -16.34 5.55
N ILE J 326 -53.54 -16.24 4.28
CA ILE J 326 -54.85 -15.78 3.90
C ILE J 326 -55.94 -16.76 4.32
N ALA J 327 -55.85 -17.99 3.82
CA ALA J 327 -56.82 -19.03 4.14
C ALA J 327 -57.02 -19.15 5.64
N ALA J 328 -55.93 -18.98 6.40
CA ALA J 328 -56.00 -19.06 7.84
C ALA J 328 -56.86 -17.93 8.38
N GLU J 329 -56.45 -16.70 8.09
CA GLU J 329 -57.17 -15.53 8.56
C GLU J 329 -58.65 -15.60 8.20
N ASN J 330 -58.97 -16.20 7.05
CA ASN J 330 -60.35 -16.33 6.66
C ASN J 330 -61.04 -17.43 7.46
N ALA J 331 -60.23 -18.19 8.20
CA ALA J 331 -60.75 -19.26 9.03
C ALA J 331 -60.91 -18.69 10.43
N ALA J 332 -60.00 -17.80 10.81
CA ALA J 332 -60.06 -17.17 12.12
C ALA J 332 -61.14 -16.08 12.13
N GLY J 333 -61.94 -16.04 11.07
CA GLY J 333 -63.01 -15.05 10.98
C GLY J 333 -62.76 -13.80 10.16
N LYS J 334 -61.50 -13.39 10.03
CA LYS J 334 -61.17 -12.20 9.27
C LYS J 334 -61.62 -12.29 7.81
N ASP J 335 -61.37 -11.22 7.05
CA ASP J 335 -61.75 -11.18 5.64
C ASP J 335 -60.55 -10.72 4.81
N SER J 336 -59.61 -11.62 4.59
CA SER J 336 -58.40 -11.33 3.82
C SER J 336 -58.49 -11.95 2.43
N ALA J 337 -57.80 -11.34 1.48
CA ALA J 337 -57.81 -11.85 0.11
C ALA J 337 -56.45 -11.69 -0.54
N PHE J 338 -56.20 -12.52 -1.55
CA PHE J 338 -54.96 -12.47 -2.27
C PHE J 338 -55.10 -11.54 -3.47
N ASP J 339 -54.40 -10.42 -3.42
CA ASP J 339 -54.41 -9.43 -4.49
C ASP J 339 -53.00 -8.90 -4.66
N TYR J 340 -52.02 -9.76 -4.48
CA TYR J 340 -50.62 -9.35 -4.56
C TYR J 340 -49.85 -9.68 -5.82
N GLN J 341 -48.72 -8.99 -5.98
CA GLN J 341 -47.81 -9.19 -7.10
C GLN J 341 -46.93 -10.36 -6.67
N VAL J 342 -46.70 -11.29 -7.58
CA VAL J 342 -45.91 -12.47 -7.26
C VAL J 342 -44.71 -12.59 -8.17
N PRO J 343 -43.51 -12.37 -7.61
CA PRO J 343 -42.28 -12.46 -8.39
C PRO J 343 -41.87 -13.91 -8.53
N SER J 344 -41.03 -14.19 -9.52
CA SER J 344 -40.52 -15.54 -9.73
C SER J 344 -39.02 -15.39 -9.99
N VAL J 345 -38.24 -16.33 -9.49
CA VAL J 345 -36.79 -16.29 -9.62
C VAL J 345 -36.22 -17.62 -10.06
N VAL J 346 -35.14 -17.57 -10.83
CA VAL J 346 -34.42 -18.77 -11.28
C VAL J 346 -33.05 -18.52 -10.66
N TYR J 347 -32.57 -19.46 -9.84
CA TYR J 347 -31.31 -19.29 -9.13
C TYR J 347 -30.02 -19.72 -9.82
N THR J 348 -30.03 -19.67 -11.14
CA THR J 348 -28.86 -20.01 -11.92
C THR J 348 -27.91 -18.82 -11.79
N SER J 349 -26.74 -18.94 -12.42
CA SER J 349 -25.77 -17.86 -12.43
C SER J 349 -25.52 -17.62 -13.91
N PRO J 350 -25.92 -16.45 -14.43
CA PRO J 350 -26.60 -15.35 -13.73
C PRO J 350 -28.01 -15.74 -13.33
N GLU J 351 -28.58 -15.06 -12.34
CA GLU J 351 -29.93 -15.35 -11.91
C GLU J 351 -30.91 -14.61 -12.79
N TRP J 352 -32.16 -15.06 -12.79
CA TRP J 352 -33.21 -14.42 -13.55
C TRP J 352 -34.35 -14.12 -12.59
N ALA J 353 -35.02 -12.99 -12.76
CA ALA J 353 -36.14 -12.65 -11.91
C ALA J 353 -37.10 -11.72 -12.64
N GLY J 354 -38.36 -11.82 -12.28
CA GLY J 354 -39.36 -10.96 -12.90
C GLY J 354 -40.60 -10.81 -12.04
N VAL J 355 -41.32 -9.73 -12.25
CA VAL J 355 -42.56 -9.49 -11.54
C VAL J 355 -43.32 -8.49 -12.37
N GLY J 356 -44.65 -8.58 -12.33
CA GLY J 356 -45.47 -7.65 -13.09
C GLY J 356 -45.66 -8.11 -14.52
N LEU J 357 -46.03 -7.17 -15.40
CA LEU J 357 -46.32 -7.46 -16.80
C LEU J 357 -45.13 -7.43 -17.75
N THR J 358 -45.13 -8.37 -18.70
CA THR J 358 -44.07 -8.40 -19.70
C THR J 358 -44.50 -7.29 -20.68
N GLU J 359 -43.61 -6.93 -21.61
CA GLU J 359 -43.95 -5.92 -22.60
C GLU J 359 -45.21 -6.34 -23.35
N GLU J 360 -45.26 -7.62 -23.72
CA GLU J 360 -46.41 -8.16 -24.45
C GLU J 360 -47.73 -8.01 -23.70
N GLU J 361 -47.77 -8.49 -22.46
CA GLU J 361 -48.99 -8.40 -21.65
C GLU J 361 -49.40 -6.96 -21.45
N ALA J 362 -48.41 -6.07 -21.31
CA ALA J 362 -48.68 -4.67 -21.11
C ALA J 362 -49.33 -4.03 -22.34
N LYS J 363 -48.84 -4.41 -23.52
CA LYS J 363 -49.36 -3.88 -24.77
C LYS J 363 -50.80 -4.37 -24.99
N ARG J 364 -51.01 -5.66 -24.75
CA ARG J 364 -52.32 -6.27 -24.89
C ARG J 364 -53.34 -5.61 -23.97
N ALA J 365 -52.93 -5.36 -22.72
CA ALA J 365 -53.81 -4.75 -21.74
C ALA J 365 -54.15 -3.33 -22.13
N GLY J 366 -53.51 -2.85 -23.21
CA GLY J 366 -53.77 -1.50 -23.69
C GLY J 366 -52.98 -0.35 -23.11
N TYR J 367 -51.88 -0.62 -22.43
CA TYR J 367 -51.08 0.47 -21.88
C TYR J 367 -50.20 1.08 -22.95
N LYS J 368 -49.78 2.32 -22.72
CA LYS J 368 -48.90 3.01 -23.65
C LYS J 368 -47.50 2.58 -23.18
N VAL J 369 -47.14 1.36 -23.55
CA VAL J 369 -45.87 0.74 -23.18
C VAL J 369 -44.59 1.44 -23.59
N LYS J 370 -43.69 1.56 -22.61
CA LYS J 370 -42.38 2.18 -22.81
C LYS J 370 -41.44 1.36 -21.93
N VAL J 371 -40.21 1.15 -22.39
CA VAL J 371 -39.26 0.37 -21.61
C VAL J 371 -37.95 1.10 -21.38
N GLY J 372 -37.30 0.74 -20.28
CA GLY J 372 -36.00 1.31 -19.94
C GLY J 372 -35.10 0.11 -19.71
N LYS J 373 -33.90 0.13 -20.26
CA LYS J 373 -32.99 -0.99 -20.08
C LYS J 373 -31.65 -0.50 -19.62
N PHE J 374 -31.00 -1.28 -18.76
CA PHE J 374 -29.66 -0.93 -18.28
C PHE J 374 -28.82 -2.20 -18.25
N PRO J 375 -27.75 -2.23 -19.07
CA PRO J 375 -26.86 -3.39 -19.15
C PRO J 375 -25.83 -3.38 -18.01
N LEU J 376 -25.61 -4.53 -17.38
CA LEU J 376 -24.67 -4.63 -16.28
C LEU J 376 -23.22 -4.38 -16.72
N ALA J 377 -22.99 -4.45 -18.03
CA ALA J 377 -21.66 -4.20 -18.57
C ALA J 377 -21.28 -2.76 -18.23
N ALA J 378 -22.29 -1.93 -17.98
CA ALA J 378 -22.09 -0.55 -17.62
C ALA J 378 -22.26 -0.34 -16.11
N SER J 379 -22.11 -1.41 -15.35
CA SER J 379 -22.27 -1.35 -13.89
C SER J 379 -20.96 -1.46 -13.12
N GLY J 380 -20.63 -0.43 -12.36
CA GLY J 380 -19.40 -0.44 -11.58
C GLY J 380 -19.28 -1.66 -10.66
N ARG J 381 -20.34 -1.90 -9.89
CA ARG J 381 -20.37 -3.02 -8.96
C ARG J 381 -20.17 -4.35 -9.67
N ALA J 382 -20.83 -4.52 -10.81
CA ALA J 382 -20.71 -5.76 -11.56
C ALA J 382 -19.24 -6.03 -11.95
N LEU J 383 -18.51 -4.98 -12.29
CA LEU J 383 -17.11 -5.14 -12.67
C LEU J 383 -16.26 -5.55 -11.45
N THR J 384 -16.53 -4.97 -10.29
CA THR J 384 -15.77 -5.31 -9.10
C THR J 384 -16.00 -6.75 -8.65
N LEU J 385 -17.12 -7.35 -9.08
CA LEU J 385 -17.43 -8.72 -8.71
C LEU J 385 -16.94 -9.65 -9.81
N GLY J 386 -16.20 -9.09 -10.75
CA GLY J 386 -15.69 -9.88 -11.85
C GLY J 386 -16.59 -9.72 -13.06
N GLY J 387 -17.04 -10.84 -13.62
CA GLY J 387 -17.91 -10.79 -14.78
C GLY J 387 -19.17 -9.96 -14.58
N ALA J 388 -19.37 -9.01 -15.47
CA ALA J 388 -20.54 -8.13 -15.42
C ALA J 388 -21.46 -8.42 -16.59
N GLU J 389 -22.28 -9.45 -16.48
CA GLU J 389 -23.18 -9.80 -17.57
C GLU J 389 -24.64 -9.79 -17.17
N GLY J 390 -25.50 -9.24 -18.03
CA GLY J 390 -26.92 -9.21 -17.74
C GLY J 390 -27.55 -7.85 -18.00
N MET J 391 -28.77 -7.65 -17.50
CA MET J 391 -29.46 -6.39 -17.68
C MET J 391 -30.72 -6.29 -16.85
N VAL J 392 -31.20 -5.06 -16.68
CA VAL J 392 -32.42 -4.78 -15.95
C VAL J 392 -33.35 -4.09 -16.93
N LYS J 393 -34.57 -4.58 -17.03
CA LYS J 393 -35.54 -3.96 -17.92
C LYS J 393 -36.80 -3.59 -17.15
N VAL J 394 -37.21 -2.32 -17.27
CA VAL J 394 -38.41 -1.88 -16.61
C VAL J 394 -39.47 -1.61 -17.70
N VAL J 395 -40.70 -2.00 -17.40
CA VAL J 395 -41.81 -1.83 -18.32
C VAL J 395 -42.79 -0.91 -17.61
N GLY J 396 -43.20 0.16 -18.28
CA GLY J 396 -44.13 1.07 -17.67
C GLY J 396 -45.09 1.71 -18.66
N ASP J 397 -46.01 2.52 -18.14
CA ASP J 397 -46.97 3.19 -19.00
C ASP J 397 -46.52 4.63 -19.17
N GLU J 398 -46.24 4.98 -20.43
CA GLU J 398 -45.78 6.32 -20.79
C GLU J 398 -46.72 7.42 -20.33
N GLU J 399 -48.03 7.16 -20.37
CA GLU J 399 -49.01 8.15 -20.00
C GLU J 399 -49.03 8.50 -18.51
N THR J 400 -49.18 7.48 -17.67
CA THR J 400 -49.23 7.67 -16.23
C THR J 400 -47.85 7.62 -15.59
N ASP J 401 -46.90 7.04 -16.30
CA ASP J 401 -45.53 6.89 -15.82
C ASP J 401 -45.48 5.78 -14.78
N LEU J 402 -46.58 5.04 -14.68
CA LEU J 402 -46.72 3.96 -13.71
C LEU J 402 -45.90 2.73 -14.11
N LEU J 403 -45.21 2.15 -13.12
CA LEU J 403 -44.40 0.95 -13.32
C LEU J 403 -45.36 -0.22 -13.52
N LEU J 404 -45.05 -1.09 -14.48
CA LEU J 404 -45.92 -2.23 -14.77
C LEU J 404 -45.20 -3.55 -14.65
N GLY J 405 -43.90 -3.57 -14.90
CA GLY J 405 -43.15 -4.81 -14.80
C GLY J 405 -41.66 -4.58 -14.71
N VAL J 406 -40.93 -5.56 -14.20
CA VAL J 406 -39.48 -5.45 -14.07
C VAL J 406 -38.92 -6.84 -14.26
N PHE J 407 -37.84 -6.94 -15.03
CA PHE J 407 -37.21 -8.21 -15.30
C PHE J 407 -35.70 -8.03 -15.23
N ILE J 408 -35.04 -8.97 -14.56
CA ILE J 408 -33.61 -8.89 -14.34
C ILE J 408 -32.85 -10.18 -14.57
N VAL J 409 -31.71 -10.07 -15.22
CA VAL J 409 -30.85 -11.22 -15.41
C VAL J 409 -29.48 -10.71 -14.99
N GLY J 410 -28.86 -11.39 -14.04
CA GLY J 410 -27.55 -10.98 -13.55
C GLY J 410 -27.37 -11.49 -12.13
N PRO J 411 -26.24 -11.18 -11.49
CA PRO J 411 -26.07 -11.66 -10.11
C PRO J 411 -27.06 -11.01 -9.15
N GLN J 412 -27.52 -11.76 -8.15
CA GLN J 412 -28.46 -11.23 -7.17
C GLN J 412 -29.79 -10.75 -7.77
N ALA J 413 -30.15 -11.20 -8.96
CA ALA J 413 -31.41 -10.75 -9.55
C ALA J 413 -32.56 -11.01 -8.58
N GLY J 414 -32.53 -12.16 -7.92
CA GLY J 414 -33.57 -12.55 -7.00
C GLY J 414 -33.73 -11.64 -5.80
N GLU J 415 -32.63 -11.05 -5.34
CA GLU J 415 -32.68 -10.15 -4.19
C GLU J 415 -33.20 -8.78 -4.60
N LEU J 416 -32.91 -8.39 -5.85
CA LEU J 416 -33.32 -7.10 -6.36
C LEU J 416 -34.77 -7.01 -6.81
N ILE J 417 -35.36 -8.15 -7.18
CA ILE J 417 -36.74 -8.14 -7.65
C ILE J 417 -37.71 -7.84 -6.51
N ALA J 418 -37.24 -7.94 -5.27
CA ALA J 418 -38.08 -7.64 -4.12
C ALA J 418 -38.40 -6.16 -4.14
N GLU J 419 -37.42 -5.34 -4.53
CA GLU J 419 -37.62 -3.90 -4.59
C GLU J 419 -38.68 -3.58 -5.66
N ALA J 420 -38.60 -4.29 -6.77
CA ALA J 420 -39.55 -4.12 -7.88
C ALA J 420 -40.95 -4.50 -7.42
N ALA J 421 -41.06 -5.58 -6.66
CA ALA J 421 -42.35 -6.05 -6.15
C ALA J 421 -42.97 -4.99 -5.23
N LEU J 422 -42.15 -4.46 -4.32
CA LEU J 422 -42.63 -3.42 -3.41
C LEU J 422 -43.07 -2.20 -4.22
N ALA J 423 -42.30 -1.87 -5.26
CA ALA J 423 -42.65 -0.71 -6.08
C ALA J 423 -44.04 -0.92 -6.69
N LEU J 424 -44.29 -2.12 -7.22
CA LEU J 424 -45.60 -2.40 -7.80
C LEU J 424 -46.69 -2.27 -6.73
N GLU J 425 -46.47 -2.88 -5.56
CA GLU J 425 -47.46 -2.83 -4.51
C GLU J 425 -47.75 -1.40 -4.04
N MET J 426 -46.76 -0.53 -4.10
CA MET J 426 -46.96 0.84 -3.68
C MET J 426 -47.49 1.71 -4.82
N GLY J 427 -47.68 1.10 -5.98
CA GLY J 427 -48.17 1.84 -7.13
C GLY J 427 -47.17 2.92 -7.53
N ALA J 428 -45.90 2.57 -7.56
CA ALA J 428 -44.85 3.52 -7.92
C ALA J 428 -44.74 3.84 -9.39
N THR J 429 -44.22 5.03 -9.68
CA THR J 429 -44.00 5.46 -11.06
C THR J 429 -42.52 5.23 -11.33
N LEU J 430 -42.14 5.25 -12.61
CA LEU J 430 -40.73 5.08 -12.97
C LEU J 430 -39.97 6.20 -12.28
N THR J 431 -40.57 7.38 -12.26
CA THR J 431 -39.96 8.54 -11.63
C THR J 431 -39.67 8.29 -10.15
N ASP J 432 -40.57 7.59 -9.45
CA ASP J 432 -40.34 7.28 -8.03
C ASP J 432 -39.13 6.38 -7.93
N LEU J 433 -39.05 5.43 -8.86
CA LEU J 433 -37.95 4.49 -8.86
C LEU J 433 -36.61 5.21 -9.03
N ALA J 434 -36.58 6.14 -9.98
CA ALA J 434 -35.39 6.93 -10.29
C ALA J 434 -35.01 7.93 -9.22
N LEU J 435 -36.00 8.49 -8.53
CA LEU J 435 -35.72 9.46 -7.50
C LEU J 435 -35.20 8.80 -6.22
N THR J 436 -35.38 7.49 -6.11
CA THR J 436 -34.88 6.80 -4.93
C THR J 436 -33.36 6.74 -5.06
N VAL J 437 -32.67 7.16 -4.02
CA VAL J 437 -31.21 7.17 -4.03
C VAL J 437 -30.66 5.80 -3.66
N HIS J 438 -30.28 5.03 -4.66
CA HIS J 438 -29.72 3.70 -4.44
C HIS J 438 -28.26 3.89 -4.06
N PRO J 439 -27.71 3.01 -3.21
CA PRO J 439 -26.31 3.12 -2.81
C PRO J 439 -25.38 2.83 -3.97
N HIS J 440 -24.17 3.40 -3.92
CA HIS J 440 -23.17 3.17 -4.95
C HIS J 440 -21.91 2.67 -4.27
N PRO J 441 -21.30 1.60 -4.79
CA PRO J 441 -21.76 0.86 -5.97
C PRO J 441 -22.52 -0.42 -5.58
N THR J 442 -23.68 -0.63 -6.20
CA THR J 442 -24.48 -1.82 -5.97
C THR J 442 -25.19 -2.25 -7.25
N LEU J 443 -25.63 -3.50 -7.27
CA LEU J 443 -26.34 -4.04 -8.41
C LEU J 443 -27.71 -3.39 -8.45
N SER J 444 -28.24 -3.06 -7.28
CA SER J 444 -29.55 -2.42 -7.19
C SER J 444 -29.61 -1.12 -7.99
N GLU J 445 -28.48 -0.45 -8.16
CA GLU J 445 -28.44 0.80 -8.93
C GLU J 445 -28.94 0.59 -10.34
N SER J 446 -28.82 -0.63 -10.85
CA SER J 446 -29.26 -0.91 -12.21
C SER J 446 -30.77 -0.70 -12.34
N LEU J 447 -31.50 -0.87 -11.24
CA LEU J 447 -32.94 -0.65 -11.28
C LEU J 447 -33.20 0.85 -11.41
N MET J 448 -32.45 1.63 -10.63
CA MET J 448 -32.58 3.08 -10.65
C MET J 448 -32.22 3.64 -12.01
N GLU J 449 -31.11 3.17 -12.57
CA GLU J 449 -30.67 3.63 -13.88
C GLU J 449 -31.58 3.16 -15.00
N ALA J 450 -32.17 1.98 -14.86
CA ALA J 450 -33.09 1.50 -15.89
C ALA J 450 -34.27 2.47 -15.93
N ALA J 451 -34.67 2.96 -14.76
CA ALA J 451 -35.78 3.90 -14.63
C ALA J 451 -35.42 5.24 -15.27
N GLU J 452 -34.16 5.64 -15.13
CA GLU J 452 -33.72 6.90 -15.71
C GLU J 452 -33.69 6.72 -17.23
N ALA J 453 -33.25 5.54 -17.67
CA ALA J 453 -33.17 5.20 -19.08
C ALA J 453 -34.55 5.24 -19.74
N PHE J 454 -35.56 4.87 -18.96
CA PHE J 454 -36.94 4.87 -19.45
C PHE J 454 -37.30 6.30 -19.84
N HIS J 455 -36.83 7.27 -19.05
CA HIS J 455 -37.08 8.68 -19.32
C HIS J 455 -35.96 9.25 -20.20
N LYS J 456 -35.18 8.37 -20.80
CA LYS J 456 -34.09 8.75 -21.67
C LYS J 456 -33.07 9.68 -21.03
N GLN J 457 -32.74 9.45 -19.76
CA GLN J 457 -31.76 10.29 -19.10
C GLN J 457 -30.81 9.56 -18.15
N ALA J 458 -30.46 8.34 -18.51
CA ALA J 458 -29.53 7.56 -17.72
C ALA J 458 -28.19 8.29 -17.83
N ILE J 459 -27.33 8.13 -16.83
CA ILE J 459 -26.04 8.79 -16.82
C ILE J 459 -24.90 7.90 -17.32
N HIS J 460 -24.90 6.64 -16.90
CA HIS J 460 -23.82 5.71 -17.27
C HIS J 460 -23.93 5.01 -18.62
N ILE J 461 -24.90 5.42 -19.42
CA ILE J 461 -25.06 4.86 -20.75
C ILE J 461 -25.60 5.96 -21.65
N LEU J 462 -25.29 5.88 -22.94
CA LEU J 462 -25.77 6.88 -23.88
C LEU J 462 -27.21 6.50 -24.23
N ASN J 463 -28.09 7.50 -24.20
CA ASN J 463 -29.50 7.30 -24.48
C ASN J 463 -29.87 7.41 -25.96
N MET K 4 -11.65 35.00 -24.11
CA MET K 4 -12.12 34.13 -23.00
C MET K 4 -13.33 33.29 -23.43
N LYS K 5 -13.17 31.96 -23.42
CA LYS K 5 -14.25 31.06 -23.79
C LYS K 5 -15.26 30.95 -22.65
N THR K 6 -16.52 31.27 -22.95
CA THR K 6 -17.58 31.20 -21.95
C THR K 6 -18.52 30.06 -22.30
N TYR K 7 -19.03 29.39 -21.28
CA TYR K 7 -19.96 28.27 -21.49
C TYR K 7 -21.23 28.49 -20.68
N ASP K 8 -22.25 27.69 -20.99
CA ASP K 8 -23.51 27.77 -20.27
C ASP K 8 -23.23 27.36 -18.84
N LEU K 9 -22.38 26.35 -18.68
CA LEU K 9 -22.01 25.85 -17.36
C LEU K 9 -20.58 25.34 -17.28
N ILE K 10 -19.98 25.50 -16.10
CA ILE K 10 -18.63 25.03 -15.85
C ILE K 10 -18.64 24.27 -14.53
N VAL K 11 -18.12 23.04 -14.55
CA VAL K 11 -18.08 22.22 -13.35
C VAL K 11 -16.62 21.91 -12.98
N ILE K 12 -16.32 22.03 -11.71
CA ILE K 12 -14.97 21.77 -11.22
C ILE K 12 -14.92 20.42 -10.50
N GLY K 13 -14.47 19.40 -11.23
CA GLY K 13 -14.37 18.05 -10.67
C GLY K 13 -15.14 17.05 -11.49
N THR K 14 -14.49 15.97 -11.89
CA THR K 14 -15.15 14.94 -12.68
C THR K 14 -15.39 13.65 -11.88
N GLY K 15 -15.54 13.81 -10.57
CA GLY K 15 -15.82 12.65 -9.73
C GLY K 15 -17.28 12.27 -9.90
N PRO K 16 -17.85 11.41 -9.03
CA PRO K 16 -19.25 11.03 -9.16
C PRO K 16 -20.18 12.23 -9.36
N GLY K 17 -20.16 13.13 -8.39
CA GLY K 17 -21.00 14.31 -8.45
C GLY K 17 -20.69 15.21 -9.64
N GLY K 18 -19.41 15.30 -9.98
CA GLY K 18 -19.00 16.13 -11.09
C GLY K 18 -19.46 15.70 -12.47
N TYR K 19 -19.24 14.45 -12.84
CA TYR K 19 -19.63 14.02 -14.16
C TYR K 19 -21.14 13.82 -14.29
N HIS K 20 -21.83 13.72 -13.14
CA HIS K 20 -23.27 13.59 -13.15
C HIS K 20 -23.86 14.98 -13.40
N ALA K 21 -23.35 15.95 -12.66
CA ALA K 21 -23.82 17.33 -12.80
C ALA K 21 -23.60 17.77 -14.24
N ALA K 22 -22.46 17.38 -14.80
CA ALA K 22 -22.12 17.76 -16.16
C ALA K 22 -22.92 17.04 -17.24
N ILE K 23 -23.12 15.73 -17.07
CA ILE K 23 -23.87 14.95 -18.05
C ILE K 23 -25.35 15.32 -18.09
N ARG K 24 -25.99 15.46 -16.92
CA ARG K 24 -27.39 15.81 -16.86
C ARG K 24 -27.55 17.20 -17.47
N ALA K 25 -26.69 18.13 -17.04
CA ALA K 25 -26.71 19.49 -17.56
C ALA K 25 -26.66 19.42 -19.09
N ALA K 26 -25.86 18.49 -19.60
CA ALA K 26 -25.72 18.30 -21.03
C ALA K 26 -27.00 17.75 -21.67
N GLN K 27 -27.61 16.78 -21.02
CA GLN K 27 -28.83 16.16 -21.53
C GLN K 27 -29.91 17.22 -21.73
N LEU K 28 -29.92 18.21 -20.85
CA LEU K 28 -30.91 19.29 -20.90
C LEU K 28 -30.60 20.36 -21.96
N GLY K 29 -29.51 20.19 -22.67
CA GLY K 29 -29.15 21.14 -23.71
C GLY K 29 -28.07 22.16 -23.40
N LEU K 30 -27.62 22.25 -22.15
CA LEU K 30 -26.60 23.22 -21.78
C LEU K 30 -25.20 22.93 -22.34
N LYS K 31 -24.36 23.96 -22.34
CA LYS K 31 -22.98 23.87 -22.82
C LYS K 31 -22.10 23.85 -21.58
N VAL K 32 -21.49 22.71 -21.30
CA VAL K 32 -20.66 22.60 -20.09
C VAL K 32 -19.18 22.33 -20.34
N LEU K 33 -18.39 22.76 -19.36
CA LEU K 33 -16.95 22.56 -19.40
C LEU K 33 -16.59 21.77 -18.15
N ALA K 34 -16.01 20.59 -18.36
CA ALA K 34 -15.61 19.73 -17.26
C ALA K 34 -14.14 19.97 -16.95
N VAL K 35 -13.83 20.22 -15.69
CA VAL K 35 -12.46 20.48 -15.26
C VAL K 35 -11.96 19.41 -14.31
N GLU K 36 -10.83 18.80 -14.63
CA GLU K 36 -10.24 17.76 -13.79
C GLU K 36 -8.73 17.97 -13.54
N ALA K 37 -8.37 18.11 -12.27
CA ALA K 37 -6.97 18.33 -11.90
C ALA K 37 -6.21 17.03 -11.63
N GLY K 38 -6.81 15.91 -11.99
CA GLY K 38 -6.17 14.62 -11.77
C GLY K 38 -6.74 13.56 -12.67
N GLU K 39 -7.29 12.51 -12.06
CA GLU K 39 -7.89 11.43 -12.83
C GLU K 39 -9.39 11.61 -13.01
N VAL K 40 -9.89 11.26 -14.19
CA VAL K 40 -11.31 11.34 -14.47
C VAL K 40 -12.00 10.27 -13.65
N GLY K 41 -13.11 10.64 -13.01
CA GLY K 41 -13.83 9.67 -12.20
C GLY K 41 -13.69 9.98 -10.72
N GLY K 42 -12.72 10.82 -10.41
CA GLY K 42 -12.49 11.20 -9.03
C GLY K 42 -12.02 10.11 -8.09
N VAL K 43 -12.32 10.31 -6.81
CA VAL K 43 -11.93 9.39 -5.75
C VAL K 43 -12.60 8.03 -5.79
N CYS K 44 -13.91 8.01 -6.01
CA CYS K 44 -14.70 6.78 -6.05
C CYS K 44 -14.21 5.77 -7.08
N LEU K 45 -13.99 6.22 -8.32
CA LEU K 45 -13.54 5.32 -9.37
C LEU K 45 -12.05 5.01 -9.31
N ASN K 46 -11.25 5.99 -8.90
CA ASN K 46 -9.80 5.82 -8.86
C ASN K 46 -9.17 5.28 -7.57
N VAL K 47 -9.50 5.87 -6.43
CA VAL K 47 -8.91 5.40 -5.19
C VAL K 47 -9.87 5.17 -4.04
N GLY K 48 -11.16 5.08 -4.34
CA GLY K 48 -12.14 4.87 -3.30
C GLY K 48 -13.01 3.65 -3.51
N CYS K 49 -14.30 3.91 -3.72
CA CYS K 49 -15.30 2.86 -3.94
C CYS K 49 -14.83 1.64 -4.70
N ILE K 50 -14.58 1.85 -5.99
CA ILE K 50 -14.19 0.79 -6.90
C ILE K 50 -13.02 -0.08 -6.51
N PRO K 51 -11.80 0.50 -6.38
CA PRO K 51 -10.68 -0.38 -6.01
C PRO K 51 -10.88 -1.12 -4.70
N THR K 52 -11.51 -0.46 -3.73
CA THR K 52 -11.76 -1.09 -2.44
C THR K 52 -12.74 -2.25 -2.58
N LYS K 53 -13.82 -2.02 -3.31
CA LYS K 53 -14.81 -3.09 -3.53
C LYS K 53 -14.16 -4.27 -4.26
N ALA K 54 -13.25 -3.97 -5.17
CA ALA K 54 -12.56 -5.02 -5.93
C ALA K 54 -11.70 -5.89 -5.01
N LEU K 55 -11.00 -5.26 -4.06
CA LEU K 55 -10.17 -6.00 -3.12
C LEU K 55 -11.07 -6.80 -2.21
N LEU K 56 -12.17 -6.18 -1.79
CA LEU K 56 -13.11 -6.86 -0.90
C LEU K 56 -13.64 -8.13 -1.54
N HIS K 57 -13.92 -8.07 -2.84
CA HIS K 57 -14.41 -9.24 -3.55
C HIS K 57 -13.38 -10.37 -3.59
N ALA K 58 -12.13 -10.02 -3.85
CA ALA K 58 -11.08 -11.02 -3.90
C ALA K 58 -10.90 -11.69 -2.52
N ALA K 59 -10.94 -10.89 -1.47
CA ALA K 59 -10.79 -11.38 -0.09
C ALA K 59 -11.94 -12.30 0.31
N GLU K 60 -13.17 -11.94 -0.07
CA GLU K 60 -14.33 -12.75 0.25
C GLU K 60 -14.22 -14.09 -0.46
N THR K 61 -13.83 -14.06 -1.74
CA THR K 61 -13.69 -15.27 -2.53
C THR K 61 -12.69 -16.20 -1.86
N LEU K 62 -11.53 -15.66 -1.50
CA LEU K 62 -10.50 -16.45 -0.84
C LEU K 62 -11.01 -16.98 0.51
N HIS K 63 -11.52 -16.06 1.34
CA HIS K 63 -12.02 -16.42 2.66
C HIS K 63 -13.10 -17.49 2.68
N HIS K 64 -14.11 -17.34 1.81
CA HIS K 64 -15.21 -18.27 1.76
C HIS K 64 -14.78 -19.72 1.51
N LEU K 65 -13.58 -19.89 0.96
CA LEU K 65 -13.08 -21.24 0.70
C LEU K 65 -12.97 -22.06 1.99
N LYS K 66 -12.74 -21.39 3.11
CA LYS K 66 -12.63 -22.09 4.39
C LYS K 66 -13.97 -22.75 4.72
N VAL K 67 -15.05 -22.00 4.53
CA VAL K 67 -16.38 -22.54 4.81
C VAL K 67 -16.72 -23.58 3.74
N ALA K 68 -16.25 -23.36 2.52
CA ALA K 68 -16.52 -24.27 1.41
C ALA K 68 -16.05 -25.70 1.70
N GLU K 69 -15.02 -25.86 2.53
CA GLU K 69 -14.53 -27.19 2.86
C GLU K 69 -15.70 -27.96 3.45
N GLY K 70 -16.52 -27.23 4.19
CA GLY K 70 -17.69 -27.80 4.83
C GLY K 70 -18.57 -28.58 3.85
N PHE K 71 -18.65 -28.15 2.60
CA PHE K 71 -19.44 -28.90 1.65
C PHE K 71 -18.67 -29.66 0.57
N GLY K 72 -17.49 -30.16 0.95
CA GLY K 72 -16.68 -30.95 0.04
C GLY K 72 -15.67 -30.24 -0.85
N LEU K 73 -15.65 -28.93 -0.82
CA LEU K 73 -14.71 -28.20 -1.66
C LEU K 73 -13.34 -28.09 -1.01
N LYS K 74 -12.40 -28.88 -1.53
CA LYS K 74 -11.03 -28.86 -1.02
C LYS K 74 -10.18 -28.15 -2.06
N ALA K 75 -9.37 -27.21 -1.59
CA ALA K 75 -8.49 -26.46 -2.47
C ALA K 75 -7.33 -25.89 -1.66
N LYS K 76 -6.19 -25.69 -2.31
CA LYS K 76 -5.02 -25.12 -1.67
C LYS K 76 -4.89 -23.72 -2.26
N PRO K 77 -5.53 -22.73 -1.62
CA PRO K 77 -5.51 -21.34 -2.06
C PRO K 77 -4.17 -20.61 -1.99
N GLU K 78 -3.85 -19.96 -3.11
CA GLU K 78 -2.63 -19.18 -3.23
C GLU K 78 -3.06 -17.93 -3.98
N LEU K 79 -2.83 -16.76 -3.37
CA LEU K 79 -3.23 -15.50 -4.01
C LEU K 79 -2.05 -14.61 -4.38
N ASP K 80 -1.86 -14.42 -5.67
CA ASP K 80 -0.78 -13.57 -6.17
C ASP K 80 -1.25 -12.13 -6.02
N LEU K 81 -0.68 -11.41 -5.05
CA LEU K 81 -1.05 -10.03 -4.80
C LEU K 81 -0.70 -9.10 -5.96
N LYS K 82 0.31 -9.49 -6.74
CA LYS K 82 0.71 -8.69 -7.89
C LYS K 82 -0.40 -8.76 -8.94
N LYS K 83 -0.92 -9.96 -9.14
CA LYS K 83 -1.99 -10.21 -10.10
C LYS K 83 -3.24 -9.47 -9.62
N LEU K 84 -3.49 -9.56 -8.32
CA LEU K 84 -4.64 -8.91 -7.70
C LEU K 84 -4.60 -7.40 -7.96
N GLY K 85 -3.41 -6.82 -7.80
CA GLY K 85 -3.25 -5.41 -8.02
C GLY K 85 -3.50 -5.02 -9.46
N GLY K 86 -2.99 -5.84 -10.39
CA GLY K 86 -3.18 -5.58 -11.80
C GLY K 86 -4.64 -5.65 -12.18
N TRP K 87 -5.38 -6.57 -11.57
CA TRP K 87 -6.81 -6.69 -11.85
C TRP K 87 -7.51 -5.44 -11.35
N ARG K 88 -7.20 -5.04 -10.13
CA ARG K 88 -7.81 -3.86 -9.54
C ARG K 88 -7.62 -2.67 -10.49
N ASP K 89 -6.38 -2.47 -10.94
CA ASP K 89 -6.07 -1.38 -11.86
C ASP K 89 -6.86 -1.55 -13.15
N GLN K 90 -7.07 -2.79 -13.57
CA GLN K 90 -7.82 -3.06 -14.80
C GLN K 90 -9.26 -2.57 -14.65
N VAL K 91 -9.86 -2.87 -13.50
CA VAL K 91 -11.24 -2.45 -13.24
C VAL K 91 -11.35 -0.92 -13.18
N VAL K 92 -10.35 -0.27 -12.59
CA VAL K 92 -10.35 1.20 -12.51
C VAL K 92 -10.23 1.81 -13.91
N LYS K 93 -9.32 1.28 -14.71
CA LYS K 93 -9.09 1.75 -16.06
C LYS K 93 -10.36 1.67 -16.91
N LYS K 94 -11.02 0.51 -16.89
CA LYS K 94 -12.25 0.34 -17.66
C LYS K 94 -13.29 1.41 -17.30
N LEU K 95 -13.56 1.57 -16.01
CA LEU K 95 -14.56 2.52 -15.55
C LEU K 95 -14.20 3.99 -15.77
N THR K 96 -12.95 4.35 -15.51
CA THR K 96 -12.50 5.73 -15.69
C THR K 96 -12.58 6.09 -17.16
N GLY K 97 -12.12 5.17 -18.01
CA GLY K 97 -12.18 5.43 -19.44
C GLY K 97 -13.63 5.58 -19.85
N GLY K 98 -14.49 4.76 -19.24
CA GLY K 98 -15.90 4.81 -19.55
C GLY K 98 -16.46 6.21 -19.34
N VAL K 99 -16.15 6.81 -18.20
CA VAL K 99 -16.61 8.16 -17.90
C VAL K 99 -16.16 9.11 -19.01
N GLY K 100 -15.00 8.82 -19.58
CA GLY K 100 -14.48 9.65 -20.64
C GLY K 100 -15.35 9.53 -21.88
N THR K 101 -15.73 8.30 -22.21
CA THR K 101 -16.58 8.02 -23.36
C THR K 101 -17.96 8.66 -23.21
N LEU K 102 -18.44 8.72 -21.97
CA LEU K 102 -19.74 9.30 -21.66
C LEU K 102 -19.72 10.82 -21.76
N LEU K 103 -18.73 11.44 -21.13
CA LEU K 103 -18.58 12.88 -21.16
C LEU K 103 -18.47 13.39 -22.59
N LYS K 104 -17.81 12.61 -23.44
CA LYS K 104 -17.62 12.97 -24.84
C LYS K 104 -18.84 12.64 -25.68
N GLY K 105 -19.51 11.55 -25.34
CA GLY K 105 -20.70 11.16 -26.09
C GLY K 105 -21.85 12.11 -25.80
N ASN K 106 -21.70 12.89 -24.74
CA ASN K 106 -22.72 13.86 -24.34
C ASN K 106 -22.28 15.27 -24.68
N GLY K 107 -21.49 15.40 -25.74
CA GLY K 107 -21.01 16.70 -26.14
C GLY K 107 -20.40 17.54 -25.03
N VAL K 108 -19.78 16.89 -24.05
CA VAL K 108 -19.17 17.62 -22.97
C VAL K 108 -17.69 17.83 -23.30
N GLU K 109 -17.15 18.97 -22.88
CA GLU K 109 -15.75 19.27 -23.15
C GLU K 109 -14.93 19.11 -21.89
N LEU K 110 -13.96 18.21 -21.92
CA LEU K 110 -13.10 17.95 -20.78
C LEU K 110 -11.80 18.74 -20.91
N LEU K 111 -11.40 19.37 -19.82
CA LEU K 111 -10.18 20.16 -19.79
C LEU K 111 -9.32 19.75 -18.61
N ARG K 112 -8.18 19.13 -18.91
CA ARG K 112 -7.26 18.69 -17.87
C ARG K 112 -6.50 19.87 -17.31
N GLY K 113 -6.50 20.02 -15.99
CA GLY K 113 -5.81 21.12 -15.36
C GLY K 113 -6.48 21.54 -14.07
N PHE K 114 -5.80 22.36 -13.30
CA PHE K 114 -6.37 22.83 -12.03
C PHE K 114 -7.39 23.92 -12.34
N ALA K 115 -8.12 24.35 -11.32
CA ALA K 115 -9.13 25.39 -11.49
C ALA K 115 -9.13 26.34 -10.31
N ARG K 116 -8.91 27.62 -10.59
CA ARG K 116 -8.91 28.65 -9.55
C ARG K 116 -10.10 29.57 -9.76
N LEU K 117 -10.86 29.80 -8.69
CA LEU K 117 -12.03 30.65 -8.77
C LEU K 117 -11.66 32.13 -8.77
N VAL K 118 -11.55 32.70 -9.97
CA VAL K 118 -11.21 34.11 -10.14
C VAL K 118 -12.39 34.97 -9.68
N GLY K 119 -13.45 34.98 -10.49
CA GLY K 119 -14.64 35.75 -10.15
C GLY K 119 -15.84 34.84 -10.06
N PRO K 120 -16.94 35.29 -9.45
CA PRO K 120 -18.17 34.49 -9.30
C PRO K 120 -18.63 33.80 -10.59
N LYS K 121 -18.36 34.41 -11.74
CA LYS K 121 -18.76 33.85 -13.02
C LYS K 121 -17.57 33.46 -13.88
N GLU K 122 -16.37 33.39 -13.29
CA GLU K 122 -15.18 33.06 -14.06
C GLU K 122 -14.11 32.28 -13.29
N VAL K 123 -13.36 31.45 -14.02
CA VAL K 123 -12.30 30.63 -13.44
C VAL K 123 -11.11 30.55 -14.41
N GLU K 124 -9.91 30.38 -13.86
CA GLU K 124 -8.69 30.28 -14.68
C GLU K 124 -8.07 28.89 -14.63
N VAL K 125 -7.82 28.31 -15.80
CA VAL K 125 -7.22 26.98 -15.90
C VAL K 125 -5.93 27.02 -16.72
N GLY K 126 -4.80 26.91 -16.03
CA GLY K 126 -3.52 26.92 -16.71
C GLY K 126 -3.29 28.18 -17.53
N GLY K 127 -3.70 29.32 -16.98
CA GLY K 127 -3.54 30.58 -17.67
C GLY K 127 -4.84 31.09 -18.26
N GLU K 128 -5.33 30.43 -19.29
CA GLU K 128 -6.56 30.81 -19.96
C GLU K 128 -7.69 31.08 -18.97
N ARG K 129 -8.63 31.92 -19.38
CA ARG K 129 -9.78 32.27 -18.55
C ARG K 129 -11.05 31.65 -19.10
N TYR K 130 -11.97 31.30 -18.21
CA TYR K 130 -13.24 30.70 -18.61
C TYR K 130 -14.39 31.22 -17.75
N GLY K 131 -15.50 31.54 -18.41
CA GLY K 131 -16.66 32.05 -17.69
C GLY K 131 -17.97 31.36 -18.07
N ALA K 132 -18.90 31.33 -17.13
CA ALA K 132 -20.20 30.70 -17.34
C ALA K 132 -21.27 31.31 -16.44
N LYS K 133 -22.53 31.10 -16.80
CA LYS K 133 -23.65 31.64 -16.03
C LYS K 133 -23.70 30.97 -14.66
N SER K 134 -23.35 29.68 -14.62
CA SER K 134 -23.36 28.93 -13.36
C SER K 134 -22.09 28.15 -13.11
N LEU K 135 -21.73 28.03 -11.83
CA LEU K 135 -20.53 27.32 -11.42
C LEU K 135 -20.85 26.27 -10.36
N ILE K 136 -20.47 25.03 -10.64
CA ILE K 136 -20.70 23.91 -9.72
C ILE K 136 -19.35 23.45 -9.18
N LEU K 137 -19.20 23.51 -7.86
CA LEU K 137 -17.96 23.10 -7.21
C LEU K 137 -18.02 21.68 -6.66
N ALA K 138 -17.38 20.76 -7.37
CA ALA K 138 -17.33 19.35 -6.97
C ALA K 138 -15.86 18.93 -6.87
N THR K 139 -15.22 19.35 -5.79
CA THR K 139 -13.80 19.04 -5.58
C THR K 139 -13.58 17.94 -4.54
N GLY K 140 -14.62 17.15 -4.31
CA GLY K 140 -14.53 16.05 -3.35
C GLY K 140 -13.78 16.40 -2.08
N SER K 141 -13.19 15.39 -1.45
CA SER K 141 -12.43 15.58 -0.23
C SER K 141 -11.12 14.81 -0.31
N GLU K 142 -10.45 14.65 0.82
CA GLU K 142 -9.18 13.94 0.89
C GLU K 142 -8.93 13.40 2.30
N PRO K 143 -8.01 12.43 2.45
CA PRO K 143 -7.72 11.84 3.77
C PRO K 143 -7.44 12.87 4.86
N LEU K 144 -7.89 12.55 6.08
CA LEU K 144 -7.71 13.42 7.23
C LEU K 144 -6.52 12.94 8.06
N GLU K 145 -5.54 13.82 8.26
CA GLU K 145 -4.35 13.47 9.03
C GLU K 145 -4.62 13.50 10.52
N LEU K 146 -4.01 12.57 11.25
CA LEU K 146 -4.17 12.48 12.70
C LEU K 146 -2.91 12.94 13.43
N LYS K 147 -3.09 13.82 14.41
CA LYS K 147 -1.98 14.33 15.18
C LYS K 147 -1.29 13.16 15.90
N GLY K 148 0.03 13.10 15.80
CA GLY K 148 0.76 12.02 16.43
C GLY K 148 0.97 10.84 15.50
N PHE K 149 0.31 10.90 14.34
CA PHE K 149 0.41 9.84 13.34
C PHE K 149 0.44 10.42 11.95
N PRO K 150 1.51 11.17 11.62
CA PRO K 150 1.63 11.78 10.30
C PRO K 150 1.85 10.69 9.25
N PHE K 151 1.37 10.93 8.04
CA PHE K 151 1.51 9.97 6.97
C PHE K 151 2.96 9.80 6.55
N GLY K 152 3.41 8.55 6.53
CA GLY K 152 4.77 8.23 6.15
C GLY K 152 4.86 6.79 5.72
N GLU K 153 6.07 6.34 5.42
CA GLU K 153 6.31 4.97 4.97
C GLU K 153 5.67 3.91 5.85
N ASP K 154 5.41 4.24 7.11
CA ASP K 154 4.82 3.28 8.03
C ASP K 154 3.40 3.68 8.44
N VAL K 155 2.98 4.88 8.06
CA VAL K 155 1.66 5.38 8.38
C VAL K 155 0.92 5.72 7.09
N TRP K 156 0.06 4.82 6.65
CA TRP K 156 -0.68 5.00 5.40
C TRP K 156 -2.09 5.55 5.57
N ASP K 157 -2.60 6.12 4.48
CA ASP K 157 -3.97 6.61 4.42
C ASP K 157 -4.66 5.50 3.61
N SER K 158 -5.89 5.73 3.17
CA SER K 158 -6.63 4.72 2.42
C SER K 158 -6.03 4.42 1.04
N THR K 159 -5.57 5.45 0.35
CA THR K 159 -5.01 5.27 -0.98
C THR K 159 -3.79 4.34 -1.02
N ARG K 160 -2.91 4.47 -0.03
CA ARG K 160 -1.72 3.62 0.01
C ARG K 160 -2.10 2.21 0.42
N ALA K 161 -3.05 2.09 1.33
CA ALA K 161 -3.52 0.79 1.80
C ALA K 161 -4.09 -0.06 0.67
N LEU K 162 -4.49 0.58 -0.43
CA LEU K 162 -5.05 -0.14 -1.57
C LEU K 162 -4.01 -0.98 -2.31
N LYS K 163 -2.76 -0.50 -2.36
CA LYS K 163 -1.70 -1.20 -3.06
C LYS K 163 -1.17 -2.40 -2.29
N VAL K 164 -1.97 -3.46 -2.23
CA VAL K 164 -1.59 -4.68 -1.51
C VAL K 164 -0.37 -5.39 -2.13
N GLU K 165 -0.08 -5.09 -3.39
CA GLU K 165 1.04 -5.70 -4.08
C GLU K 165 2.39 -5.09 -3.68
N GLU K 166 2.37 -4.05 -2.84
CA GLU K 166 3.59 -3.40 -2.40
C GLU K 166 4.03 -3.88 -1.02
N GLY K 167 3.71 -5.13 -0.70
CA GLY K 167 4.10 -5.67 0.59
C GLY K 167 2.99 -5.68 1.62
N LEU K 168 2.67 -6.88 2.08
CA LEU K 168 1.63 -7.10 3.07
C LEU K 168 2.31 -7.17 4.45
N PRO K 169 1.93 -6.28 5.38
CA PRO K 169 2.53 -6.29 6.72
C PRO K 169 2.00 -7.44 7.57
N LYS K 170 2.85 -8.02 8.42
CA LYS K 170 2.41 -9.12 9.26
C LYS K 170 1.42 -8.64 10.32
N ARG K 171 1.55 -7.38 10.72
CA ARG K 171 0.66 -6.81 11.72
C ARG K 171 0.24 -5.39 11.33
N LEU K 172 -1.07 -5.15 11.34
CA LEU K 172 -1.60 -3.84 10.98
C LEU K 172 -2.42 -3.22 12.10
N LEU K 173 -2.41 -1.89 12.16
CA LEU K 173 -3.20 -1.17 13.17
C LEU K 173 -4.10 -0.21 12.40
N VAL K 174 -5.40 -0.28 12.66
CA VAL K 174 -6.35 0.60 11.99
C VAL K 174 -7.01 1.54 13.00
N ILE K 175 -6.87 2.85 12.75
CA ILE K 175 -7.46 3.85 13.62
C ILE K 175 -8.62 4.47 12.86
N GLY K 176 -9.83 4.19 13.33
CA GLY K 176 -11.02 4.71 12.65
C GLY K 176 -12.01 3.59 12.47
N GLY K 177 -13.22 3.78 12.98
CA GLY K 177 -14.24 2.76 12.89
C GLY K 177 -15.30 3.05 11.84
N GLY K 178 -14.95 3.83 10.83
CA GLY K 178 -15.90 4.14 9.78
C GLY K 178 -15.88 3.04 8.73
N ALA K 179 -16.51 3.30 7.59
CA ALA K 179 -16.56 2.31 6.51
C ALA K 179 -15.18 2.05 5.91
N VAL K 180 -14.35 3.08 5.83
CA VAL K 180 -13.01 2.94 5.25
C VAL K 180 -12.08 2.02 6.03
N GLY K 181 -12.05 2.18 7.36
CA GLY K 181 -11.19 1.37 8.19
C GLY K 181 -11.67 -0.05 8.38
N LEU K 182 -12.98 -0.24 8.48
CA LEU K 182 -13.54 -1.57 8.67
C LEU K 182 -13.29 -2.42 7.43
N GLU K 183 -13.54 -1.82 6.27
CA GLU K 183 -13.36 -2.50 4.99
C GLU K 183 -11.89 -2.85 4.75
N LEU K 184 -11.03 -1.83 4.68
CA LEU K 184 -9.61 -2.08 4.47
C LEU K 184 -9.06 -3.01 5.55
N GLY K 185 -9.54 -2.83 6.77
CA GLY K 185 -9.09 -3.69 7.85
C GLY K 185 -9.40 -5.17 7.61
N GLN K 186 -10.61 -5.45 7.12
CA GLN K 186 -10.99 -6.83 6.87
C GLN K 186 -10.27 -7.42 5.67
N VAL K 187 -9.92 -6.56 4.71
CA VAL K 187 -9.20 -7.05 3.54
C VAL K 187 -7.84 -7.60 3.97
N TYR K 188 -7.10 -6.78 4.71
CA TYR K 188 -5.77 -7.20 5.19
C TYR K 188 -5.83 -8.43 6.08
N ARG K 189 -6.86 -8.52 6.92
CA ARG K 189 -6.99 -9.68 7.79
C ARG K 189 -7.21 -10.95 6.97
N ARG K 190 -8.04 -10.84 5.93
CA ARG K 190 -8.34 -11.98 5.09
C ARG K 190 -7.17 -12.34 4.19
N LEU K 191 -6.28 -11.38 3.96
CA LEU K 191 -5.09 -11.65 3.15
C LEU K 191 -3.98 -12.25 4.01
N GLY K 192 -4.18 -12.29 5.33
CA GLY K 192 -3.18 -12.87 6.19
C GLY K 192 -2.64 -12.01 7.30
N ALA K 193 -2.78 -10.69 7.17
CA ALA K 193 -2.28 -9.78 8.18
C ALA K 193 -3.05 -9.91 9.50
N GLU K 194 -2.36 -9.66 10.60
CA GLU K 194 -2.97 -9.70 11.92
C GLU K 194 -3.50 -8.27 12.02
N VAL K 195 -4.72 -8.11 12.50
CA VAL K 195 -5.32 -6.77 12.54
C VAL K 195 -5.97 -6.33 13.85
N THR K 196 -5.76 -5.06 14.17
CA THR K 196 -6.31 -4.45 15.37
C THR K 196 -6.84 -3.08 14.95
N LEU K 197 -8.09 -2.81 15.30
CA LEU K 197 -8.71 -1.55 14.95
C LEU K 197 -9.22 -0.88 16.19
N ILE K 198 -9.00 0.42 16.29
CA ILE K 198 -9.44 1.17 17.46
C ILE K 198 -10.37 2.32 17.08
N GLU K 199 -11.46 2.43 17.83
CA GLU K 199 -12.45 3.48 17.63
C GLU K 199 -12.54 4.34 18.88
N TYR K 200 -12.47 5.66 18.69
CA TYR K 200 -12.55 6.58 19.81
C TYR K 200 -13.93 6.53 20.45
N MET K 201 -14.97 6.44 19.62
CA MET K 201 -16.34 6.40 20.10
C MET K 201 -16.72 5.09 20.79
N PRO K 202 -17.86 5.07 21.49
CA PRO K 202 -18.35 3.89 22.22
C PRO K 202 -18.55 2.65 21.35
N GLU K 203 -18.87 2.86 20.08
CA GLU K 203 -19.12 1.76 19.17
C GLU K 203 -18.65 2.14 17.77
N ILE K 204 -18.48 1.15 16.90
CA ILE K 204 -18.05 1.41 15.53
C ILE K 204 -19.22 2.05 14.79
N LEU K 205 -18.94 2.71 13.67
CA LEU K 205 -20.02 3.35 12.90
C LEU K 205 -20.90 4.14 13.87
N PRO K 206 -20.33 5.16 14.51
CA PRO K 206 -21.02 6.02 15.49
C PRO K 206 -22.33 6.64 15.03
N GLN K 207 -22.47 6.88 13.72
CA GLN K 207 -23.69 7.49 13.20
C GLN K 207 -24.77 6.49 12.82
N GLY K 208 -24.48 5.21 12.98
CA GLY K 208 -25.46 4.21 12.63
C GLY K 208 -26.05 3.46 13.80
N ASP K 209 -27.10 2.70 13.54
CA ASP K 209 -27.77 1.92 14.57
C ASP K 209 -26.76 1.10 15.36
N PRO K 210 -26.66 1.38 16.67
CA PRO K 210 -25.73 0.69 17.57
C PRO K 210 -25.92 -0.82 17.63
N GLU K 211 -27.18 -1.27 17.64
CA GLU K 211 -27.47 -2.70 17.72
C GLU K 211 -26.88 -3.51 16.57
N THR K 212 -27.16 -3.10 15.33
CA THR K 212 -26.62 -3.82 14.19
C THR K 212 -25.12 -3.56 14.06
N ALA K 213 -24.69 -2.35 14.39
CA ALA K 213 -23.25 -2.02 14.30
C ALA K 213 -22.47 -2.96 15.22
N ALA K 214 -23.10 -3.34 16.33
CA ALA K 214 -22.47 -4.22 17.31
C ALA K 214 -22.34 -5.64 16.76
N LEU K 215 -23.34 -6.09 16.02
CA LEU K 215 -23.28 -7.43 15.44
C LEU K 215 -22.16 -7.48 14.43
N LEU K 216 -21.94 -6.38 13.72
CA LEU K 216 -20.87 -6.33 12.74
C LEU K 216 -19.54 -6.51 13.46
N ARG K 217 -19.37 -5.74 14.53
CA ARG K 217 -18.15 -5.77 15.33
C ARG K 217 -17.82 -7.18 15.80
N ARG K 218 -18.83 -7.88 16.34
CA ARG K 218 -18.61 -9.23 16.83
C ARG K 218 -18.26 -10.18 15.68
N ALA K 219 -18.88 -9.99 14.51
CA ALA K 219 -18.56 -10.83 13.37
C ALA K 219 -17.10 -10.61 13.00
N LEU K 220 -16.67 -9.34 12.97
CA LEU K 220 -15.29 -9.03 12.63
C LEU K 220 -14.32 -9.70 13.61
N GLU K 221 -14.59 -9.57 14.90
CA GLU K 221 -13.73 -10.17 15.92
C GLU K 221 -13.61 -11.67 15.69
N LYS K 222 -14.72 -12.30 15.32
CA LYS K 222 -14.73 -13.73 15.06
C LYS K 222 -13.69 -14.09 14.00
N GLU K 223 -13.51 -13.21 13.02
CA GLU K 223 -12.52 -13.45 11.97
C GLU K 223 -11.12 -13.13 12.48
N GLY K 224 -11.02 -12.71 13.72
CA GLY K 224 -9.72 -12.41 14.29
C GLY K 224 -9.29 -10.97 14.26
N ILE K 225 -10.21 -10.04 14.02
CA ILE K 225 -9.86 -8.63 14.01
C ILE K 225 -10.18 -8.06 15.37
N ARG K 226 -9.17 -7.52 16.05
CA ARG K 226 -9.35 -6.96 17.38
C ARG K 226 -9.94 -5.56 17.32
N VAL K 227 -11.18 -5.44 17.80
CA VAL K 227 -11.88 -4.17 17.81
C VAL K 227 -11.87 -3.54 19.21
N ARG K 228 -11.17 -2.42 19.34
CA ARG K 228 -11.05 -1.71 20.60
C ARG K 228 -11.87 -0.41 20.59
N THR K 229 -13.09 -0.49 21.11
CA THR K 229 -13.96 0.68 21.16
C THR K 229 -13.59 1.55 22.36
N LYS K 230 -14.00 2.82 22.33
CA LYS K 230 -13.70 3.74 23.42
C LYS K 230 -12.18 3.85 23.62
N THR K 231 -11.44 3.76 22.53
CA THR K 231 -9.98 3.84 22.60
C THR K 231 -9.42 4.82 21.59
N LYS K 232 -8.31 5.46 21.95
CA LYS K 232 -7.66 6.41 21.06
C LYS K 232 -6.19 6.02 20.94
N ALA K 233 -5.55 6.55 19.89
CA ALA K 233 -4.15 6.28 19.64
C ALA K 233 -3.38 7.59 19.80
N VAL K 234 -2.64 7.71 20.90
CA VAL K 234 -1.87 8.92 21.17
C VAL K 234 -0.67 9.04 20.24
N GLY K 235 0.22 8.06 20.29
CA GLY K 235 1.40 8.08 19.45
C GLY K 235 2.10 6.74 19.38
N TYR K 236 3.26 6.73 18.73
CA TYR K 236 4.03 5.50 18.58
C TYR K 236 5.52 5.83 18.42
N GLU K 237 6.35 4.81 18.55
CA GLU K 237 7.80 4.95 18.38
C GLU K 237 8.31 3.79 17.51
N LYS K 238 9.05 4.11 16.46
CA LYS K 238 9.58 3.09 15.57
C LYS K 238 10.84 2.42 16.10
N LYS K 239 10.72 1.12 16.42
CA LYS K 239 11.83 0.33 16.93
C LYS K 239 12.18 -0.80 15.97
N LYS K 240 13.20 -1.57 16.35
CA LYS K 240 13.68 -2.70 15.57
C LYS K 240 12.58 -3.72 15.28
N ASP K 241 11.76 -4.01 16.29
CA ASP K 241 10.68 -4.99 16.16
C ASP K 241 9.39 -4.46 15.54
N GLY K 242 9.41 -3.20 15.11
CA GLY K 242 8.24 -2.62 14.51
C GLY K 242 7.80 -1.33 15.18
N LEU K 243 6.52 -1.00 15.07
CA LEU K 243 5.98 0.21 15.65
C LEU K 243 5.27 -0.02 16.98
N HIS K 244 5.73 0.67 18.02
CA HIS K 244 5.14 0.56 19.35
C HIS K 244 4.17 1.71 19.53
N VAL K 245 2.89 1.42 19.38
CA VAL K 245 1.84 2.42 19.50
C VAL K 245 1.25 2.46 20.89
N ARG K 246 1.06 3.66 21.43
CA ARG K 246 0.50 3.83 22.76
C ARG K 246 -0.99 4.11 22.63
N LEU K 247 -1.79 3.33 23.36
CA LEU K 247 -3.23 3.47 23.34
C LEU K 247 -3.72 3.89 24.73
N GLU K 248 -4.80 4.65 24.75
CA GLU K 248 -5.39 5.12 26.00
C GLU K 248 -6.90 5.15 25.86
N PRO K 249 -7.62 5.00 26.98
CA PRO K 249 -9.08 5.04 26.87
C PRO K 249 -9.42 6.39 26.23
N ALA K 250 -10.53 6.44 25.50
CA ALA K 250 -10.94 7.67 24.83
C ALA K 250 -10.68 8.93 25.67
N GLU K 251 -11.18 8.94 26.90
CA GLU K 251 -11.01 10.09 27.78
C GLU K 251 -9.58 10.27 28.28
N GLY K 252 -8.97 9.19 28.75
CA GLY K 252 -7.61 9.25 29.25
C GLY K 252 -7.36 8.18 30.30
N GLY K 253 -6.09 7.87 30.56
CA GLY K 253 -5.78 6.87 31.56
C GLY K 253 -4.51 6.09 31.28
N GLU K 254 -4.31 4.99 31.99
CA GLU K 254 -3.12 4.16 31.81
C GLU K 254 -2.90 3.78 30.36
N GLY K 255 -1.83 4.28 29.78
CA GLY K 255 -1.50 3.96 28.41
C GLY K 255 -1.05 2.52 28.21
N GLU K 256 -1.71 1.83 27.29
CA GLU K 256 -1.38 0.44 26.97
C GLU K 256 -0.60 0.45 25.67
N GLU K 257 0.18 -0.60 25.44
CA GLU K 257 0.96 -0.68 24.22
C GLU K 257 0.59 -1.82 23.28
N VAL K 258 0.67 -1.52 21.99
CA VAL K 258 0.39 -2.50 20.95
C VAL K 258 1.47 -2.35 19.89
N VAL K 259 1.99 -3.47 19.42
CA VAL K 259 3.05 -3.46 18.42
C VAL K 259 2.58 -4.03 17.08
N VAL K 260 2.68 -3.20 16.04
CA VAL K 260 2.30 -3.60 14.69
C VAL K 260 3.40 -3.18 13.71
N ASP K 261 3.28 -3.61 12.46
CA ASP K 261 4.27 -3.26 11.45
C ASP K 261 3.88 -2.01 10.69
N LYS K 262 2.58 -1.84 10.51
CA LYS K 262 2.08 -0.69 9.77
C LYS K 262 0.79 -0.16 10.38
N VAL K 263 0.54 1.13 10.17
CA VAL K 263 -0.66 1.78 10.68
C VAL K 263 -1.44 2.50 9.58
N LEU K 264 -2.75 2.28 9.55
CA LEU K 264 -3.61 2.92 8.57
C LEU K 264 -4.48 3.93 9.32
N VAL K 265 -4.47 5.16 8.84
CA VAL K 265 -5.25 6.22 9.44
C VAL K 265 -6.49 6.53 8.60
N ALA K 266 -7.65 6.13 9.11
CA ALA K 266 -8.91 6.38 8.42
C ALA K 266 -9.90 6.93 9.43
N VAL K 267 -9.56 8.08 10.00
CA VAL K 267 -10.40 8.73 11.01
C VAL K 267 -11.38 9.71 10.38
N GLY K 268 -11.19 10.03 9.11
CA GLY K 268 -12.10 10.96 8.46
C GLY K 268 -11.62 11.51 7.14
N ARG K 269 -12.35 12.49 6.62
CA ARG K 269 -12.02 13.13 5.36
C ARG K 269 -12.08 14.64 5.58
N LYS K 270 -11.51 15.39 4.64
CA LYS K 270 -11.47 16.83 4.72
C LYS K 270 -11.77 17.39 3.33
N PRO K 271 -12.77 18.28 3.23
CA PRO K 271 -13.16 18.89 1.95
C PRO K 271 -12.06 19.70 1.29
N ARG K 272 -11.84 19.46 0.00
CA ARG K 272 -10.81 20.17 -0.76
C ARG K 272 -11.30 21.52 -1.26
N THR K 273 -11.50 22.45 -0.33
CA THR K 273 -11.98 23.79 -0.68
C THR K 273 -10.87 24.85 -0.77
N GLU K 274 -9.98 24.85 0.21
CA GLU K 274 -8.87 25.80 0.30
C GLU K 274 -8.13 26.11 -1.00
N GLY K 275 -7.48 27.26 -1.02
CA GLY K 275 -6.71 27.70 -2.18
C GLY K 275 -7.43 27.74 -3.50
N LEU K 276 -8.76 27.70 -3.47
CA LEU K 276 -9.53 27.72 -4.70
C LEU K 276 -9.91 29.14 -5.10
N GLY K 277 -9.94 30.04 -4.13
CA GLY K 277 -10.28 31.43 -4.40
C GLY K 277 -11.68 31.73 -3.89
N LEU K 278 -12.31 30.73 -3.29
CA LEU K 278 -13.66 30.87 -2.76
C LEU K 278 -13.75 32.12 -1.89
N GLU K 279 -12.76 32.30 -1.03
CA GLU K 279 -12.70 33.45 -0.13
C GLU K 279 -12.91 34.78 -0.87
N LYS K 280 -12.46 34.83 -2.12
CA LYS K 280 -12.59 36.04 -2.93
C LYS K 280 -13.95 36.16 -3.62
N ALA K 281 -14.37 35.10 -4.30
CA ALA K 281 -15.63 35.10 -5.03
C ALA K 281 -16.87 35.23 -4.14
N GLY K 282 -16.68 35.13 -2.83
CA GLY K 282 -17.80 35.26 -1.91
C GLY K 282 -18.36 33.97 -1.34
N VAL K 283 -18.01 32.83 -1.93
CA VAL K 283 -18.50 31.53 -1.48
C VAL K 283 -18.08 31.25 -0.03
N LYS K 284 -19.05 31.27 0.88
CA LYS K 284 -18.78 31.05 2.29
C LYS K 284 -18.56 29.58 2.66
N VAL K 285 -17.89 29.36 3.78
CA VAL K 285 -17.58 28.01 4.25
C VAL K 285 -17.74 27.89 5.77
N ASP K 286 -17.88 26.66 6.27
CA ASP K 286 -18.04 26.43 7.69
C ASP K 286 -16.73 26.09 8.40
N GLU K 287 -16.84 25.74 9.69
CA GLU K 287 -15.69 25.41 10.53
C GLU K 287 -14.85 24.22 10.04
N ARG K 288 -15.48 23.27 9.36
CA ARG K 288 -14.78 22.10 8.85
C ARG K 288 -14.24 22.28 7.44
N GLY K 289 -14.76 23.28 6.73
CA GLY K 289 -14.30 23.53 5.37
C GLY K 289 -15.31 23.23 4.29
N PHE K 290 -16.48 22.72 4.65
CA PHE K 290 -17.50 22.39 3.66
C PHE K 290 -18.20 23.65 3.15
N ILE K 291 -18.36 23.72 1.83
CA ILE K 291 -19.00 24.87 1.20
C ILE K 291 -20.50 24.95 1.55
N ARG K 292 -20.86 25.91 2.38
CA ARG K 292 -22.24 26.11 2.80
C ARG K 292 -23.23 26.15 1.64
N VAL K 293 -24.32 25.39 1.77
CA VAL K 293 -25.34 25.33 0.74
C VAL K 293 -26.70 24.96 1.33
N ASN K 294 -27.76 25.17 0.56
CA ASN K 294 -29.11 24.82 0.98
C ASN K 294 -29.49 23.55 0.22
N ALA K 295 -30.77 23.21 0.21
CA ALA K 295 -31.24 22.01 -0.46
C ALA K 295 -31.16 22.09 -1.99
N ARG K 296 -31.06 23.31 -2.52
CA ARG K 296 -30.97 23.50 -3.97
C ARG K 296 -29.51 23.43 -4.43
N MET K 297 -28.64 23.05 -3.50
CA MET K 297 -27.20 22.94 -3.78
C MET K 297 -26.64 24.30 -4.21
N GLU K 298 -27.14 25.36 -3.58
CA GLU K 298 -26.68 26.71 -3.90
C GLU K 298 -25.99 27.30 -2.67
N THR K 299 -24.83 27.91 -2.90
CA THR K 299 -24.04 28.50 -1.82
C THR K 299 -24.49 29.92 -1.48
N SER K 300 -23.55 30.73 -1.01
CA SER K 300 -23.81 32.12 -0.65
C SER K 300 -23.60 33.06 -1.84
N VAL K 301 -23.21 32.50 -2.98
CA VAL K 301 -23.00 33.31 -4.17
C VAL K 301 -23.89 32.85 -5.31
N PRO K 302 -24.64 33.79 -5.92
CA PRO K 302 -25.54 33.48 -7.03
C PRO K 302 -24.81 32.79 -8.18
N GLY K 303 -25.42 31.74 -8.71
CA GLY K 303 -24.82 31.02 -9.82
C GLY K 303 -23.73 30.07 -9.35
N VAL K 304 -23.58 29.95 -8.03
CA VAL K 304 -22.56 29.07 -7.46
C VAL K 304 -23.14 27.92 -6.63
N TYR K 305 -23.00 26.70 -7.17
CA TYR K 305 -23.48 25.49 -6.51
C TYR K 305 -22.31 24.66 -5.97
N ALA K 306 -22.56 23.92 -4.88
CA ALA K 306 -21.55 23.08 -4.27
C ALA K 306 -22.15 21.70 -3.97
N ILE K 307 -21.62 20.67 -4.64
CA ILE K 307 -22.10 19.30 -4.48
C ILE K 307 -21.03 18.34 -3.98
N GLY K 308 -21.43 17.10 -3.73
CA GLY K 308 -20.50 16.07 -3.29
C GLY K 308 -19.83 16.24 -1.93
N ASP K 309 -18.61 15.69 -1.83
CA ASP K 309 -17.84 15.75 -0.59
C ASP K 309 -17.47 17.18 -0.20
N ALA K 310 -17.18 18.01 -1.20
CA ALA K 310 -16.81 19.39 -0.95
C ALA K 310 -17.95 20.14 -0.26
N ALA K 311 -19.18 19.76 -0.59
CA ALA K 311 -20.37 20.40 -0.03
C ALA K 311 -20.69 20.09 1.43
N ARG K 312 -20.96 18.82 1.74
CA ARG K 312 -21.33 18.44 3.10
C ARG K 312 -21.37 16.93 3.33
N PRO K 313 -21.39 16.52 4.61
CA PRO K 313 -21.43 15.10 4.97
C PRO K 313 -22.90 14.67 4.88
N PRO K 314 -23.18 13.36 4.76
CA PRO K 314 -22.23 12.25 4.72
C PRO K 314 -21.44 12.21 3.41
N LEU K 315 -20.17 11.87 3.49
CA LEU K 315 -19.31 11.82 2.31
C LEU K 315 -19.52 10.51 1.55
N LEU K 316 -20.68 10.40 0.91
CA LEU K 316 -21.03 9.20 0.15
C LEU K 316 -21.15 9.55 -1.33
N ALA K 317 -20.88 8.57 -2.19
CA ALA K 317 -20.92 8.76 -3.63
C ALA K 317 -22.30 8.92 -4.28
N HIS K 318 -23.25 8.06 -3.93
CA HIS K 318 -24.58 8.16 -4.51
C HIS K 318 -25.20 9.50 -4.13
N LYS K 319 -24.84 9.99 -2.95
CA LYS K 319 -25.34 11.28 -2.49
C LYS K 319 -24.79 12.38 -3.39
N ALA K 320 -23.50 12.30 -3.71
CA ALA K 320 -22.85 13.28 -4.57
C ALA K 320 -23.40 13.23 -5.99
N MET K 321 -23.71 12.03 -6.45
CA MET K 321 -24.27 11.84 -7.79
C MET K 321 -25.60 12.57 -7.88
N ARG K 322 -26.47 12.36 -6.89
CA ARG K 322 -27.78 13.00 -6.89
C ARG K 322 -27.65 14.52 -6.75
N GLU K 323 -26.75 14.96 -5.87
CA GLU K 323 -26.55 16.39 -5.64
C GLU K 323 -26.09 17.08 -6.92
N GLY K 324 -25.43 16.32 -7.78
CA GLY K 324 -24.96 16.85 -9.05
C GLY K 324 -26.16 17.09 -9.94
N LEU K 325 -27.03 16.09 -10.06
CA LEU K 325 -28.22 16.21 -10.89
C LEU K 325 -29.05 17.42 -10.44
N ILE K 326 -29.19 17.59 -9.14
CA ILE K 326 -29.93 18.71 -8.58
C ILE K 326 -29.27 20.01 -9.01
N ALA K 327 -27.99 20.15 -8.69
CA ALA K 327 -27.23 21.34 -9.05
C ALA K 327 -27.32 21.64 -10.55
N ALA K 328 -27.19 20.59 -11.37
CA ALA K 328 -27.25 20.76 -12.81
C ALA K 328 -28.61 21.28 -13.24
N GLU K 329 -29.66 20.63 -12.76
CA GLU K 329 -31.03 21.02 -13.08
C GLU K 329 -31.34 22.44 -12.61
N ASN K 330 -30.90 22.78 -11.40
CA ASN K 330 -31.13 24.12 -10.87
C ASN K 330 -30.35 25.19 -11.63
N ALA K 331 -29.33 24.75 -12.37
CA ALA K 331 -28.52 25.68 -13.16
C ALA K 331 -29.12 25.74 -14.56
N ALA K 332 -29.83 24.69 -14.93
CA ALA K 332 -30.44 24.61 -16.24
C ALA K 332 -31.80 25.31 -16.24
N GLY K 333 -32.15 25.92 -15.10
CA GLY K 333 -33.41 26.63 -15.01
C GLY K 333 -34.58 25.92 -14.35
N LYS K 334 -34.43 24.64 -14.03
CA LYS K 334 -35.52 23.91 -13.39
C LYS K 334 -35.58 24.23 -11.90
N ASP K 335 -36.42 23.49 -11.18
CA ASP K 335 -36.56 23.70 -9.75
C ASP K 335 -36.46 22.34 -9.05
N SER K 336 -35.25 22.01 -8.60
CA SER K 336 -35.01 20.76 -7.91
C SER K 336 -34.45 21.03 -6.54
N ALA K 337 -34.60 20.06 -5.64
CA ALA K 337 -34.10 20.20 -4.28
C ALA K 337 -33.79 18.83 -3.70
N PHE K 338 -32.70 18.74 -2.94
CA PHE K 338 -32.32 17.47 -2.36
C PHE K 338 -33.13 17.22 -1.09
N ASP K 339 -34.12 16.35 -1.24
CA ASP K 339 -35.00 15.99 -0.13
C ASP K 339 -35.18 14.50 -0.26
N TYR K 340 -34.08 13.77 -0.14
CA TYR K 340 -34.11 12.31 -0.26
C TYR K 340 -33.47 11.55 0.87
N GLN K 341 -33.92 10.31 1.04
CA GLN K 341 -33.38 9.43 2.07
C GLN K 341 -32.05 8.96 1.51
N VAL K 342 -30.99 9.09 2.29
CA VAL K 342 -29.67 8.65 1.83
C VAL K 342 -29.18 7.48 2.64
N PRO K 343 -29.02 6.30 2.01
CA PRO K 343 -28.55 5.12 2.73
C PRO K 343 -27.03 5.08 2.75
N SER K 344 -26.47 4.27 3.65
CA SER K 344 -25.03 4.11 3.75
C SER K 344 -24.72 2.61 3.92
N VAL K 345 -23.66 2.15 3.26
CA VAL K 345 -23.30 0.74 3.30
C VAL K 345 -21.83 0.51 3.59
N VAL K 346 -21.53 -0.57 4.31
CA VAL K 346 -20.15 -0.96 4.63
C VAL K 346 -20.01 -2.31 3.93
N TYR K 347 -19.14 -2.37 2.94
CA TYR K 347 -18.96 -3.58 2.14
C TYR K 347 -18.17 -4.74 2.70
N THR K 348 -18.16 -4.86 4.03
CA THR K 348 -17.47 -5.94 4.71
C THR K 348 -18.36 -7.17 4.63
N SER K 349 -17.87 -8.29 5.17
CA SER K 349 -18.62 -9.53 5.20
C SER K 349 -18.67 -9.96 6.66
N PRO K 350 -19.86 -9.88 7.28
CA PRO K 350 -21.13 -9.42 6.72
C PRO K 350 -21.14 -7.93 6.39
N GLU K 351 -22.06 -7.52 5.52
CA GLU K 351 -22.16 -6.11 5.14
C GLU K 351 -23.07 -5.45 6.18
N TRP K 352 -23.07 -4.13 6.21
CA TRP K 352 -23.91 -3.36 7.12
C TRP K 352 -24.54 -2.30 6.26
N ALA K 353 -25.81 -2.01 6.51
CA ALA K 353 -26.50 -0.99 5.73
C ALA K 353 -27.61 -0.36 6.58
N GLY K 354 -27.82 0.94 6.38
CA GLY K 354 -28.84 1.62 7.12
C GLY K 354 -29.43 2.77 6.33
N VAL K 355 -30.70 3.05 6.56
CA VAL K 355 -31.36 4.16 5.88
C VAL K 355 -32.48 4.63 6.78
N GLY K 356 -32.68 5.94 6.84
CA GLY K 356 -33.74 6.48 7.66
C GLY K 356 -33.26 6.80 9.06
N LEU K 357 -34.18 6.78 10.01
CA LEU K 357 -33.88 7.13 11.40
C LEU K 357 -33.52 5.96 12.31
N THR K 358 -32.52 6.17 13.14
CA THR K 358 -32.12 5.17 14.12
C THR K 358 -33.18 5.28 15.20
N GLU K 359 -33.26 4.31 16.10
CA GLU K 359 -34.26 4.38 17.16
C GLU K 359 -34.13 5.69 17.94
N GLU K 360 -32.90 6.10 18.24
CA GLU K 360 -32.68 7.33 18.97
C GLU K 360 -33.20 8.56 18.24
N GLU K 361 -32.81 8.73 16.98
CA GLU K 361 -33.27 9.89 16.21
C GLU K 361 -34.79 9.92 16.18
N ALA K 362 -35.41 8.76 15.96
CA ALA K 362 -36.87 8.65 15.91
C ALA K 362 -37.52 9.15 17.20
N LYS K 363 -37.01 8.65 18.33
CA LYS K 363 -37.53 9.06 19.63
C LYS K 363 -37.39 10.57 19.80
N ARG K 364 -36.18 11.07 19.59
CA ARG K 364 -35.89 12.50 19.72
C ARG K 364 -36.86 13.35 18.90
N ALA K 365 -37.22 12.87 17.71
CA ALA K 365 -38.14 13.60 16.83
C ALA K 365 -39.59 13.54 17.31
N GLY K 366 -39.85 12.78 18.38
CA GLY K 366 -41.19 12.69 18.91
C GLY K 366 -42.01 11.48 18.53
N TYR K 367 -41.39 10.51 17.85
CA TYR K 367 -42.12 9.31 17.45
C TYR K 367 -42.25 8.30 18.59
N LYS K 368 -43.37 7.60 18.64
CA LYS K 368 -43.58 6.55 19.63
C LYS K 368 -42.95 5.34 18.95
N VAL K 369 -41.64 5.21 19.12
CA VAL K 369 -40.86 4.14 18.50
C VAL K 369 -41.20 2.72 18.87
N LYS K 370 -41.10 1.85 17.88
CA LYS K 370 -41.36 0.42 18.03
C LYS K 370 -40.49 -0.23 16.97
N VAL K 371 -39.88 -1.37 17.28
CA VAL K 371 -39.03 -2.03 16.30
C VAL K 371 -39.38 -3.49 16.05
N GLY K 372 -38.85 -4.00 14.95
CA GLY K 372 -39.07 -5.39 14.56
C GLY K 372 -37.72 -5.96 14.25
N LYS K 373 -37.47 -7.19 14.68
CA LYS K 373 -36.18 -7.82 14.43
C LYS K 373 -36.32 -9.22 13.86
N PHE K 374 -35.49 -9.53 12.88
CA PHE K 374 -35.49 -10.85 12.29
C PHE K 374 -34.04 -11.30 12.18
N PRO K 375 -33.71 -12.43 12.83
CA PRO K 375 -32.36 -12.99 12.83
C PRO K 375 -32.10 -13.84 11.59
N LEU K 376 -30.94 -13.64 10.96
CA LEU K 376 -30.59 -14.42 9.78
C LEU K 376 -30.45 -15.89 10.14
N ALA K 377 -30.23 -16.15 11.42
CA ALA K 377 -30.09 -17.52 11.90
C ALA K 377 -31.33 -18.27 11.47
N ALA K 378 -32.45 -17.57 11.40
CA ALA K 378 -33.72 -18.19 10.99
C ALA K 378 -33.99 -18.07 9.49
N SER K 379 -33.00 -17.65 8.71
CA SER K 379 -33.19 -17.51 7.26
C SER K 379 -32.78 -18.72 6.44
N GLY K 380 -33.75 -19.29 5.74
CA GLY K 380 -33.47 -20.45 4.90
C GLY K 380 -32.39 -20.16 3.87
N ARG K 381 -32.44 -18.97 3.27
CA ARG K 381 -31.46 -18.60 2.25
C ARG K 381 -30.05 -18.50 2.80
N ALA K 382 -29.92 -17.81 3.92
CA ALA K 382 -28.62 -17.64 4.55
C ALA K 382 -27.96 -19.00 4.79
N LEU K 383 -28.75 -19.98 5.21
CA LEU K 383 -28.22 -21.32 5.47
C LEU K 383 -27.73 -22.00 4.20
N THR K 384 -28.47 -21.85 3.10
CA THR K 384 -28.05 -22.46 1.85
C THR K 384 -26.79 -21.78 1.35
N LEU K 385 -26.52 -20.58 1.86
CA LEU K 385 -25.33 -19.84 1.48
C LEU K 385 -24.17 -20.21 2.40
N GLY K 386 -24.39 -21.21 3.24
CA GLY K 386 -23.35 -21.68 4.14
C GLY K 386 -23.17 -20.96 5.46
N GLY K 387 -24.23 -20.37 6.00
CA GLY K 387 -24.10 -19.65 7.26
C GLY K 387 -24.97 -18.42 7.32
N ALA K 388 -25.51 -18.11 8.50
CA ALA K 388 -26.40 -16.96 8.64
C ALA K 388 -26.08 -16.05 9.83
N GLU K 389 -25.07 -15.20 9.67
CA GLU K 389 -24.69 -14.27 10.73
C GLU K 389 -25.24 -12.87 10.46
N GLY K 390 -26.20 -12.42 11.26
CA GLY K 390 -26.75 -11.09 11.09
C GLY K 390 -28.21 -10.92 11.46
N MET K 391 -28.78 -9.78 11.08
CA MET K 391 -30.18 -9.52 11.39
C MET K 391 -30.69 -8.29 10.66
N VAL K 392 -32.01 -8.19 10.59
CA VAL K 392 -32.65 -7.03 10.01
C VAL K 392 -33.52 -6.38 11.08
N LYS K 393 -33.38 -5.07 11.22
CA LYS K 393 -34.16 -4.32 12.20
C LYS K 393 -34.91 -3.18 11.54
N VAL K 394 -36.23 -3.16 11.72
CA VAL K 394 -37.06 -2.09 11.18
C VAL K 394 -37.50 -1.19 12.33
N VAL K 395 -37.46 0.12 12.08
CA VAL K 395 -37.85 1.12 13.08
C VAL K 395 -39.10 1.83 12.61
N GLY K 396 -40.19 1.70 13.37
CA GLY K 396 -41.42 2.34 12.98
C GLY K 396 -42.15 3.08 14.10
N ASP K 397 -43.22 3.77 13.70
CA ASP K 397 -44.07 4.54 14.61
C ASP K 397 -45.23 3.59 14.93
N GLU K 398 -45.35 3.17 16.18
CA GLU K 398 -46.43 2.23 16.53
C GLU K 398 -47.83 2.81 16.45
N GLU K 399 -47.94 4.13 16.37
CA GLU K 399 -49.25 4.77 16.29
C GLU K 399 -49.73 4.91 14.84
N THR K 400 -48.83 5.25 13.94
CA THR K 400 -49.20 5.44 12.54
C THR K 400 -48.84 4.25 11.65
N ASP K 401 -48.00 3.36 12.18
CA ASP K 401 -47.52 2.18 11.46
C ASP K 401 -46.51 2.55 10.37
N LEU K 402 -46.12 3.82 10.35
CA LEU K 402 -45.18 4.32 9.35
C LEU K 402 -43.75 3.82 9.54
N LEU K 403 -43.09 3.44 8.45
CA LEU K 403 -41.71 2.98 8.48
C LEU K 403 -40.85 4.22 8.71
N LEU K 404 -39.85 4.12 9.57
CA LEU K 404 -39.00 5.27 9.85
C LEU K 404 -37.55 4.99 9.54
N GLY K 405 -37.14 3.75 9.73
CA GLY K 405 -35.77 3.37 9.47
C GLY K 405 -35.59 1.88 9.36
N VAL K 406 -34.50 1.49 8.72
CA VAL K 406 -34.17 0.08 8.53
C VAL K 406 -32.67 -0.07 8.60
N PHE K 407 -32.21 -1.09 9.33
CA PHE K 407 -30.79 -1.33 9.48
C PHE K 407 -30.53 -2.82 9.28
N ILE K 408 -29.49 -3.14 8.54
CA ILE K 408 -29.20 -4.53 8.25
C ILE K 408 -27.73 -4.90 8.39
N VAL K 409 -27.49 -6.12 8.85
CA VAL K 409 -26.15 -6.64 8.97
C VAL K 409 -26.28 -8.06 8.44
N GLY K 410 -25.49 -8.39 7.42
CA GLY K 410 -25.55 -9.72 6.84
C GLY K 410 -25.16 -9.65 5.39
N PRO K 411 -25.04 -10.79 4.69
CA PRO K 411 -24.67 -10.75 3.28
C PRO K 411 -25.64 -9.97 2.40
N GLN K 412 -25.11 -9.27 1.42
CA GLN K 412 -25.92 -8.48 0.48
C GLN K 412 -26.73 -7.37 1.15
N ALA K 413 -26.32 -6.94 2.33
CA ALA K 413 -27.05 -5.89 3.03
C ALA K 413 -27.20 -4.66 2.15
N GLY K 414 -26.14 -4.32 1.44
CA GLY K 414 -26.16 -3.16 0.57
C GLY K 414 -27.22 -3.21 -0.53
N GLU K 415 -27.54 -4.42 -1.01
CA GLU K 415 -28.53 -4.57 -2.07
C GLU K 415 -29.93 -4.51 -1.49
N LEU K 416 -30.09 -5.04 -0.29
CA LEU K 416 -31.38 -5.06 0.37
C LEU K 416 -31.80 -3.71 0.90
N ILE K 417 -30.85 -2.81 1.15
CA ILE K 417 -31.20 -1.51 1.71
C ILE K 417 -31.89 -0.62 0.68
N ALA K 418 -31.72 -0.91 -0.60
CA ALA K 418 -32.36 -0.12 -1.63
C ALA K 418 -33.87 -0.29 -1.52
N GLU K 419 -34.31 -1.50 -1.19
CA GLU K 419 -35.75 -1.75 -1.03
C GLU K 419 -36.26 -0.84 0.09
N ALA K 420 -35.52 -0.79 1.19
CA ALA K 420 -35.90 0.04 2.34
C ALA K 420 -35.99 1.52 1.96
N ALA K 421 -34.97 2.03 1.24
CA ALA K 421 -34.99 3.43 0.84
C ALA K 421 -36.24 3.73 0.01
N LEU K 422 -36.54 2.85 -0.94
CA LEU K 422 -37.74 3.03 -1.76
C LEU K 422 -38.98 3.04 -0.86
N ALA K 423 -38.98 2.15 0.13
CA ALA K 423 -40.12 2.09 1.05
C ALA K 423 -40.30 3.44 1.75
N LEU K 424 -39.20 4.03 2.17
CA LEU K 424 -39.26 5.33 2.84
C LEU K 424 -39.71 6.43 1.88
N GLU K 425 -39.20 6.39 0.65
CA GLU K 425 -39.58 7.42 -0.31
C GLU K 425 -41.07 7.32 -0.64
N MET K 426 -41.60 6.11 -0.63
CA MET K 426 -43.01 5.88 -0.93
C MET K 426 -43.91 6.03 0.30
N GLY K 427 -43.33 6.38 1.45
CA GLY K 427 -44.15 6.53 2.64
C GLY K 427 -44.82 5.22 3.06
N ALA K 428 -44.09 4.12 2.96
CA ALA K 428 -44.61 2.81 3.32
C ALA K 428 -44.82 2.65 4.83
N THR K 429 -45.76 1.79 5.18
CA THR K 429 -46.03 1.48 6.58
C THR K 429 -45.42 0.09 6.77
N LEU K 430 -45.29 -0.34 8.02
CA LEU K 430 -44.74 -1.66 8.31
C LEU K 430 -45.64 -2.71 7.65
N THR K 431 -46.93 -2.45 7.62
CA THR K 431 -47.88 -3.39 7.02
C THR K 431 -47.61 -3.54 5.52
N ASP K 432 -47.28 -2.44 4.85
CA ASP K 432 -47.00 -2.46 3.41
C ASP K 432 -45.81 -3.35 3.10
N LEU K 433 -44.77 -3.20 3.90
CA LEU K 433 -43.54 -3.97 3.72
C LEU K 433 -43.78 -5.46 4.00
N ALA K 434 -44.57 -5.72 5.03
CA ALA K 434 -44.88 -7.08 5.41
C ALA K 434 -45.82 -7.75 4.41
N LEU K 435 -46.67 -6.95 3.78
CA LEU K 435 -47.62 -7.49 2.82
C LEU K 435 -47.06 -7.69 1.42
N THR K 436 -45.84 -7.22 1.18
CA THR K 436 -45.22 -7.41 -0.12
C THR K 436 -44.69 -8.84 -0.17
N VAL K 437 -45.06 -9.58 -1.21
CA VAL K 437 -44.61 -10.96 -1.30
C VAL K 437 -43.18 -11.00 -1.81
N HIS K 438 -42.25 -11.23 -0.89
CA HIS K 438 -40.84 -11.30 -1.26
C HIS K 438 -40.57 -12.73 -1.72
N PRO K 439 -39.71 -12.89 -2.75
CA PRO K 439 -39.43 -14.25 -3.23
C PRO K 439 -38.76 -15.10 -2.17
N HIS K 440 -39.07 -16.40 -2.21
CA HIS K 440 -38.50 -17.35 -1.27
C HIS K 440 -37.77 -18.44 -2.06
N PRO K 441 -36.55 -18.81 -1.65
CA PRO K 441 -35.82 -18.24 -0.51
C PRO K 441 -34.83 -17.14 -0.89
N THR K 442 -34.90 -15.98 -0.21
CA THR K 442 -33.97 -14.88 -0.47
C THR K 442 -33.66 -14.15 0.84
N LEU K 443 -32.54 -13.44 0.85
CA LEU K 443 -32.12 -12.68 2.01
C LEU K 443 -33.10 -11.52 2.21
N SER K 444 -33.71 -11.07 1.11
CA SER K 444 -34.64 -9.96 1.18
C SER K 444 -35.86 -10.27 2.05
N GLU K 445 -36.19 -11.55 2.18
CA GLU K 445 -37.33 -11.97 3.00
C GLU K 445 -37.20 -11.51 4.45
N SER K 446 -35.95 -11.29 4.87
CA SER K 446 -35.69 -10.85 6.23
C SER K 446 -36.32 -9.49 6.48
N LEU K 447 -36.48 -8.70 5.42
CA LEU K 447 -37.10 -7.39 5.56
C LEU K 447 -38.60 -7.58 5.78
N MET K 448 -39.20 -8.45 4.97
CA MET K 448 -40.62 -8.74 5.10
C MET K 448 -40.93 -9.31 6.49
N GLU K 449 -40.14 -10.29 6.92
CA GLU K 449 -40.37 -10.91 8.22
C GLU K 449 -40.06 -10.00 9.40
N ALA K 450 -39.09 -9.09 9.26
CA ALA K 450 -38.78 -8.16 10.34
C ALA K 450 -39.98 -7.25 10.55
N ALA K 451 -40.68 -6.94 9.46
CA ALA K 451 -41.86 -6.08 9.52
C ALA K 451 -42.97 -6.89 10.17
N GLU K 452 -43.02 -8.18 9.87
CA GLU K 452 -44.03 -9.05 10.46
C GLU K 452 -43.76 -9.16 11.96
N ALA K 453 -42.48 -9.16 12.32
CA ALA K 453 -42.10 -9.25 13.72
C ALA K 453 -42.47 -7.97 14.45
N PHE K 454 -42.53 -6.88 13.70
CA PHE K 454 -42.90 -5.59 14.25
C PHE K 454 -44.31 -5.69 14.80
N HIS K 455 -45.16 -6.44 14.10
CA HIS K 455 -46.54 -6.65 14.51
C HIS K 455 -46.68 -7.95 15.30
N LYS K 456 -45.56 -8.46 15.78
CA LYS K 456 -45.53 -9.69 16.56
C LYS K 456 -46.20 -10.89 15.88
N GLN K 457 -45.99 -11.05 14.58
CA GLN K 457 -46.58 -12.19 13.89
C GLN K 457 -45.69 -12.80 12.82
N ALA K 458 -44.39 -12.81 13.08
CA ALA K 458 -43.43 -13.40 12.17
C ALA K 458 -43.66 -14.92 12.25
N ILE K 459 -43.68 -15.58 11.09
CA ILE K 459 -43.92 -17.02 11.04
C ILE K 459 -42.71 -17.89 11.37
N HIS K 460 -41.55 -17.55 10.77
CA HIS K 460 -40.33 -18.33 10.95
C HIS K 460 -39.60 -18.16 12.27
N ILE K 461 -40.21 -17.45 13.21
CA ILE K 461 -39.61 -17.29 14.53
C ILE K 461 -40.74 -17.17 15.53
N LEU K 462 -40.40 -17.20 16.82
CA LEU K 462 -41.40 -17.07 17.87
C LEU K 462 -41.53 -15.60 18.21
N ASN K 463 -42.77 -15.13 18.34
CA ASN K 463 -43.02 -13.72 18.64
C ASN K 463 -43.08 -13.45 20.14
N MET L 1 -57.33 2.66 -9.99
CA MET L 1 -57.06 2.82 -8.53
C MET L 1 -55.77 2.11 -8.10
N LEU L 2 -54.95 2.81 -7.33
CA LEU L 2 -53.71 2.26 -6.83
C LEU L 2 -53.64 2.50 -5.33
N ALA L 3 -53.87 1.44 -4.55
CA ALA L 3 -53.84 1.55 -3.09
C ALA L 3 -52.69 0.74 -2.50
N VAL L 4 -52.03 1.30 -1.49
CA VAL L 4 -50.93 0.61 -0.83
C VAL L 4 -51.51 -0.61 -0.09
N PRO L 5 -50.71 -1.68 0.07
CA PRO L 5 -51.16 -2.89 0.76
C PRO L 5 -51.87 -2.63 2.09
N ALA L 6 -51.25 -1.82 2.95
CA ALA L 6 -51.82 -1.50 4.26
C ALA L 6 -53.24 -0.90 4.15
N ALA L 7 -53.52 -0.21 3.06
CA ALA L 7 -54.83 0.40 2.85
C ALA L 7 -55.86 -0.61 2.34
N ARG L 8 -55.43 -1.44 1.38
CA ARG L 8 -56.32 -2.46 0.81
C ARG L 8 -56.69 -3.45 1.91
N LYS L 9 -55.84 -3.55 2.92
CA LYS L 9 -56.07 -4.46 4.04
C LYS L 9 -57.06 -3.85 5.04
N LEU L 10 -56.72 -2.67 5.55
CA LEU L 10 -57.55 -1.97 6.51
C LEU L 10 -58.95 -1.75 5.94
N ALA L 11 -59.04 -1.70 4.62
CA ALA L 11 -60.33 -1.52 3.97
C ALA L 11 -61.18 -2.76 4.19
N ARG L 12 -60.70 -3.90 3.70
CA ARG L 12 -61.41 -5.16 3.83
C ARG L 12 -61.86 -5.45 5.26
N GLU L 13 -60.96 -5.23 6.22
CA GLU L 13 -61.25 -5.48 7.62
C GLU L 13 -62.29 -4.52 8.19
N LEU L 14 -62.57 -3.44 7.46
CA LEU L 14 -63.58 -2.46 7.89
C LEU L 14 -64.86 -2.67 7.10
N GLY L 15 -64.74 -3.42 6.00
CA GLY L 15 -65.89 -3.69 5.15
C GLY L 15 -66.03 -2.64 4.07
N ILE L 16 -65.11 -1.68 4.08
CA ILE L 16 -65.10 -0.58 3.12
C ILE L 16 -64.55 -0.99 1.75
N PRO L 17 -65.21 -0.56 0.67
CA PRO L 17 -64.81 -0.86 -0.72
C PRO L 17 -63.65 0.04 -1.14
N ILE L 18 -62.42 -0.49 -1.03
CA ILE L 18 -61.22 0.26 -1.38
C ILE L 18 -61.35 1.07 -2.67
N GLU L 19 -61.88 0.46 -3.72
CA GLU L 19 -62.03 1.14 -5.00
C GLU L 19 -62.89 2.40 -4.90
N GLU L 20 -63.63 2.53 -3.81
CA GLU L 20 -64.49 3.70 -3.60
C GLU L 20 -63.80 4.78 -2.79
N VAL L 21 -62.86 4.38 -1.94
CA VAL L 21 -62.12 5.31 -1.09
C VAL L 21 -61.28 6.29 -1.90
N PRO L 22 -61.55 7.60 -1.73
CA PRO L 22 -60.82 8.65 -2.45
C PRO L 22 -59.37 8.74 -1.98
N GLY L 23 -58.43 8.48 -2.90
CA GLY L 23 -57.03 8.54 -2.56
C GLY L 23 -56.57 9.91 -2.12
N SER L 24 -55.26 10.08 -1.97
CA SER L 24 -54.68 11.37 -1.57
C SER L 24 -53.47 11.72 -2.41
N GLY L 25 -52.79 10.70 -2.93
CA GLY L 25 -51.61 10.93 -3.75
C GLY L 25 -51.84 11.94 -4.86
N PRO L 26 -50.76 12.43 -5.50
CA PRO L 26 -50.88 13.40 -6.59
C PRO L 26 -52.01 13.08 -7.55
N LEU L 27 -52.36 11.79 -7.66
CA LEU L 27 -53.44 11.38 -8.54
C LEU L 27 -54.06 10.02 -8.16
N GLY L 28 -54.71 9.98 -7.00
CA GLY L 28 -55.40 8.77 -6.58
C GLY L 28 -54.80 7.76 -5.62
N ARG L 29 -53.53 7.90 -5.23
CA ARG L 29 -52.95 6.91 -4.32
C ARG L 29 -53.65 6.86 -2.97
N VAL L 30 -54.27 5.72 -2.67
CA VAL L 30 -54.98 5.54 -1.42
C VAL L 30 -54.04 5.10 -0.30
N ARG L 31 -54.12 5.81 0.83
CA ARG L 31 -53.32 5.51 2.00
C ARG L 31 -54.24 4.99 3.10
N VAL L 32 -53.66 4.45 4.17
CA VAL L 32 -54.45 3.94 5.27
C VAL L 32 -55.26 5.06 5.92
N GLU L 33 -54.70 6.27 5.93
CA GLU L 33 -55.37 7.42 6.52
C GLU L 33 -56.63 7.76 5.73
N ASP L 34 -56.57 7.60 4.41
CA ASP L 34 -57.69 7.89 3.54
C ASP L 34 -58.83 6.91 3.79
N VAL L 35 -58.49 5.66 4.10
CA VAL L 35 -59.50 4.64 4.37
C VAL L 35 -60.14 4.90 5.72
N ARG L 36 -59.38 5.49 6.63
CA ARG L 36 -59.89 5.81 7.96
C ARG L 36 -60.66 7.12 7.91
N ALA L 37 -60.34 7.93 6.89
CA ALA L 37 -61.01 9.21 6.70
C ALA L 37 -62.34 8.97 5.99
N TYR L 38 -62.37 7.92 5.17
CA TYR L 38 -63.57 7.55 4.42
C TYR L 38 -64.54 6.83 5.36
N ALA L 39 -63.97 6.11 6.33
CA ALA L 39 -64.77 5.36 7.30
C ALA L 39 -65.44 6.30 8.29
N GLU L 40 -64.75 7.39 8.62
CA GLU L 40 -65.27 8.36 9.58
C GLU L 40 -66.53 9.04 9.06
PA FAD M . -71.55 76.32 12.60
O1A FAD M . -70.88 75.00 12.71
O2A FAD M . -72.64 76.48 11.82
O5B FAD M . -72.02 76.47 14.05
C5B FAD M . -72.88 77.59 14.49
C4B FAD M . -73.54 77.10 15.81
O4B FAD M . -74.21 78.26 16.40
C3B FAD M . -74.61 76.01 15.69
O3B FAD M . -74.43 74.91 16.50
C2B FAD M . -75.91 76.77 15.87
O2B FAD M . -76.95 75.96 16.36
C1B FAD M . -75.54 77.80 16.89
N9A FAD M . -76.28 79.06 16.92
C8A FAD M . -76.66 79.83 15.85
N7A FAD M . -77.31 80.94 16.21
C5A FAD M . -77.35 80.90 17.58
C6A FAD M . -77.92 81.83 18.57
N6A FAD M . -78.53 82.95 18.28
N1A FAD M . -77.76 81.43 19.89
C2A FAD M . -77.13 80.27 20.25
N3A FAD M . -76.57 79.37 19.40
C4A FAD M . -76.72 79.72 18.07
N1 FAD M . -66.03 72.13 6.02
C2 FAD M . -64.81 71.59 5.99
O2 FAD M . -63.85 72.21 6.28
N3 FAD M . -64.60 70.23 5.59
C4 FAD M . -65.66 69.41 5.24
O4 FAD M . -65.42 68.27 4.91
C4X FAD M . -67.00 69.99 5.25
N5 FAD M . -68.07 69.24 4.91
C5X FAD M . -69.31 69.83 4.95
C6 FAD M . -70.43 69.03 4.58
C7 FAD M . -71.72 69.54 4.61
C7M FAD M . -72.90 68.67 4.21
C8 FAD M . -71.95 70.95 5.03
C8M FAD M . -73.33 71.57 5.09
C9 FAD M . -70.84 71.73 5.40
C9A FAD M . -69.54 71.20 5.37
N10 FAD M . -68.36 71.95 5.72
C10 FAD M . -67.12 71.40 5.67
C1' FAD M . -68.54 73.38 6.17
C2' FAD M . -68.34 73.43 7.73
O2' FAD M . -69.31 72.56 8.31
C3' FAD M . -68.54 74.86 8.23
O3' FAD M . -67.55 75.70 7.61
C4' FAD M . -68.36 74.94 9.75
O4' FAD M . -69.35 74.10 10.43
C5' FAD M . -68.52 76.39 10.18
O5' FAD M . -68.35 76.52 11.76
P FAD M . -69.03 77.67 12.46
O1P FAD M . -68.50 77.54 13.93
O2P FAD M . -68.80 78.90 11.86
O3P FAD M . -70.49 77.48 12.36
PA FAD N . -30.94 47.40 -4.29
O1A FAD N . -32.31 47.82 -4.65
O2A FAD N . -30.73 46.27 -3.58
O5B FAD N . -30.45 47.12 -5.73
C5B FAD N . -29.06 46.77 -6.08
C4B FAD N . -29.14 46.12 -7.51
O4B FAD N . -27.76 45.81 -7.92
C3B FAD N . -29.92 44.81 -7.64
O3B FAD N . -30.91 44.80 -8.61
C2B FAD N . -28.82 43.76 -7.78
O2B FAD N . -29.23 42.61 -8.44
C1B FAD N . -27.78 44.49 -8.58
N9A FAD N . -26.40 44.07 -8.44
C8A FAD N . -25.75 43.74 -7.26
N7A FAD N . -24.48 43.41 -7.45
C5A FAD N . -24.27 43.53 -8.79
C6A FAD N . -23.07 43.32 -9.62
N6A FAD N . -21.91 42.95 -9.14
N1A FAD N . -23.24 43.54 -10.98
C2A FAD N . -24.44 43.93 -11.52
N3A FAD N . -25.59 44.15 -10.83
C4A FAD N . -25.46 43.94 -9.46
N1 FAD N . -37.19 50.61 2.09
C2 FAD N . -38.01 51.65 2.20
O2 FAD N . -37.61 52.78 2.12
N3 FAD N . -39.42 51.48 2.42
C4 FAD N . -39.98 50.21 2.52
O4 FAD N . -41.18 50.13 2.70
C4X FAD N . -39.08 49.07 2.40
N5 FAD N . -39.57 47.80 2.50
C5X FAD N . -38.69 46.75 2.38
C6 FAD N . -39.21 45.43 2.47
C7 FAD N . -38.40 44.31 2.36
C7M FAD N . -39.00 42.93 2.46
C8 FAD N . -36.95 44.48 2.12
C8M FAD N . -36.01 43.32 1.98
C9 FAD N . -36.42 45.79 2.03
C9A FAD N . -37.27 46.91 2.16
N10 FAD N . -36.81 48.28 2.07
C10 FAD N . -37.66 49.33 2.19
C1' FAD N . -35.36 48.53 1.83
C2' FAD N . -35.17 48.95 0.33
O2' FAD N . -35.63 47.86 -0.47
C3' FAD N . -33.68 49.22 0.10
O3' FAD N . -33.29 50.30 0.93
C4' FAD N . -33.43 49.62 -1.35
O4' FAD N . -33.84 48.55 -2.27
C5' FAD N . -31.94 49.90 -1.51
O5' FAD N . -31.66 50.35 -3.02
P FAD N . -30.31 50.10 -3.65
O1P FAD N . -30.49 50.74 -5.06
O2P FAD N . -29.24 50.59 -2.90
O3P FAD N . -30.10 48.64 -3.75
PA FAD O . 20.24 25.54 -2.16
O1A FAD O . 21.63 25.22 -2.56
O2A FAD O . 19.99 26.51 -1.23
O5B FAD O . 19.78 26.12 -3.50
C5B FAD O . 18.40 26.54 -3.77
C4B FAD O . 18.50 27.50 -4.98
O4B FAD O . 17.12 27.92 -5.29
C3B FAD O . 19.28 28.81 -4.79
O3B FAD O . 20.32 29.01 -5.69
C2B FAD O . 18.21 29.88 -4.74
O2B FAD O . 18.67 31.13 -5.17
C1B FAD O . 17.20 29.32 -5.71
N9A FAD O . 15.80 29.72 -5.57
C8A FAD O . 15.09 29.81 -4.40
N7A FAD O . 13.83 30.20 -4.59
C5A FAD O . 13.71 30.39 -5.94
C6A FAD O . 12.57 30.83 -6.77
N6A FAD O . 11.40 31.12 -6.29
N1A FAD O . 12.83 30.91 -8.12
C2A FAD O . 14.05 30.61 -8.67
N3A FAD O . 15.15 30.21 -7.98
C4A FAD O . 14.93 30.11 -6.61
N1 FAD O . 26.21 20.79 3.52
C2 FAD O . 27.02 19.75 3.39
O2 FAD O . 26.63 18.70 3.00
N3 FAD O . 28.42 19.84 3.70
C4 FAD O . 28.98 21.02 4.18
O4 FAD O . 30.16 21.06 4.43
C4X FAD O . 28.09 22.17 4.34
N5 FAD O . 28.55 23.36 4.81
C5X FAD O . 27.66 24.40 4.93
C6 FAD O . 28.16 25.66 5.42
C7 FAD O . 27.32 26.75 5.57
C7M FAD O . 27.87 28.06 6.09
C8 FAD O . 25.89 26.63 5.22
C8M FAD O . 24.92 27.79 5.36
C9 FAD O . 25.39 25.41 4.74
C9A FAD O . 26.25 24.30 4.60
N10 FAD O . 25.82 23.02 4.10
C10 FAD O . 26.67 21.98 3.98
C1' FAD O . 24.40 22.84 3.72
C2' FAD O . 24.29 22.85 2.14
O2' FAD O . 24.74 24.12 1.70
C3' FAD O . 22.84 22.61 1.77
O3' FAD O . 22.46 21.34 2.27
C4' FAD O . 22.64 22.63 0.24
O4' FAD O . 23.04 23.90 -0.36
C5' FAD O . 21.18 22.36 -0.04
O5' FAD O . 20.95 22.37 -1.61
P FAD O . 19.62 22.76 -2.17
O1P FAD O . 19.79 22.41 -3.68
O2P FAD O . 18.57 22.11 -1.53
O3P FAD O . 19.40 24.21 -1.93
PA FAD P . 60.05 -6.98 8.91
O1A FAD P . 59.36 -5.76 9.37
O2A FAD P . 61.19 -6.89 8.19
O5B FAD P . 60.44 -7.55 10.28
C5B FAD P . 61.19 -8.79 10.44
C4B FAD P . 61.88 -8.69 11.82
O4B FAD P . 62.55 -9.98 12.05
C3B FAD P . 62.98 -7.62 11.99
O3B FAD P . 62.80 -6.73 13.05
C2B FAD P . 64.25 -8.44 12.00
O2B FAD P . 65.30 -7.82 12.69
C1B FAD P . 63.83 -9.68 12.71
N9A FAD P . 64.57 -10.91 12.48
C8A FAD P . 64.90 -11.46 11.25
N7A FAD P . 65.58 -12.60 11.37
C5A FAD P . 65.69 -12.81 12.72
C6A FAD P . 66.31 -13.90 13.50
N6A FAD P . 66.92 -14.92 12.95
N1A FAD P . 66.22 -13.76 14.87
C2A FAD P . 65.60 -12.71 15.48
N3A FAD P . 65.00 -11.68 14.85
C4A FAD P . 65.07 -11.77 13.46
N1 FAD P . 54.88 -1.27 3.29
C2 FAD P . 53.65 -0.74 3.32
O2 FAD P . 52.69 -1.44 3.41
N3 FAD P . 53.43 0.66 3.23
C4 FAD P . 54.48 1.55 3.12
O4 FAD P . 54.24 2.75 3.06
C4X FAD P . 55.84 1.00 3.09
N5 FAD P . 56.91 1.82 2.97
C5X FAD P . 58.18 1.24 2.96
C6 FAD P . 59.30 2.10 2.85
C7 FAD P . 60.59 1.61 2.83
C7M FAD P . 61.77 2.55 2.72
C8 FAD P . 60.82 0.16 2.93
C8M FAD P . 62.22 -0.47 2.93
C9 FAD P . 59.72 -0.71 3.04
C9A FAD P . 58.41 -0.19 3.06
N10 FAD P . 57.23 -1.01 3.17
C10 FAD P . 55.97 -0.46 3.18
C1' FAD P . 57.38 -2.50 3.28
C2' FAD P . 57.12 -2.92 4.78
O2' FAD P . 58.11 -2.27 5.58
C3' FAD P . 57.25 -4.44 4.90
O3' FAD P . 56.26 -5.04 4.09
C4' FAD P . 57.01 -4.89 6.35
O4' FAD P . 58.00 -4.29 7.25
C5' FAD P . 57.11 -6.40 6.38
O5' FAD P . 56.87 -6.94 7.86
P FAD P . 57.54 -8.24 8.27
O1P FAD P . 56.98 -8.44 9.71
O2P FAD P . 57.32 -9.30 7.40
O3P FAD P . 59.02 -8.02 8.26
PA FAD Q . 56.64 -44.05 4.43
O1A FAD Q . 55.38 -44.81 4.67
O2A FAD Q . 56.64 -42.88 3.74
O5B FAD Q . 56.94 -43.70 5.90
C5B FAD Q . 58.17 -43.00 6.29
C4B FAD Q . 57.87 -42.38 7.68
O4B FAD Q . 59.09 -41.67 8.09
C3B FAD Q . 56.74 -41.32 7.74
O3B FAD Q . 55.74 -41.58 8.67
C2B FAD Q . 57.49 -40.01 7.88
O2B FAD Q . 56.75 -39.01 8.53
C1B FAD Q . 58.65 -40.42 8.73
N9A FAD Q . 59.88 -39.62 8.65
C8A FAD Q . 60.43 -39.04 7.53
N7A FAD Q . 61.55 -38.38 7.79
C5A FAD Q . 61.74 -38.51 9.15
C6A FAD Q . 62.79 -38.01 10.05
N6A FAD Q . 63.81 -37.29 9.66
N1A FAD Q . 62.63 -38.37 11.37
C2A FAD Q . 61.58 -39.12 11.83
N3A FAD Q . 60.57 -39.62 11.07
C4A FAD Q . 60.70 -39.29 9.73
N1 FAD Q . 51.78 -48.70 -2.22
C2 FAD Q . 51.28 -49.92 -2.34
O2 FAD Q . 51.96 -50.89 -2.20
N3 FAD Q . 49.89 -50.14 -2.62
C4 FAD Q . 49.01 -49.08 -2.79
O4 FAD Q . 47.85 -49.32 -3.02
C4X FAD Q . 49.55 -47.72 -2.67
N5 FAD Q . 48.75 -46.65 -2.83
C5X FAD Q . 49.30 -45.40 -2.69
C6 FAD Q . 48.44 -44.28 -2.86
C7 FAD Q . 48.91 -42.98 -2.74
C7M FAD Q . 47.96 -41.82 -2.92
C8 FAD Q . 50.33 -42.74 -2.43
C8M FAD Q . 50.91 -41.36 -2.28
C9 FAD Q . 51.19 -43.85 -2.27
C9A FAD Q . 50.69 -45.16 -2.40
N10 FAD Q . 51.51 -46.35 -2.25
C10 FAD Q . 50.99 -47.59 -2.37
C1' FAD Q . 52.97 -46.19 -1.92
C2' FAD Q . 53.21 -46.59 -0.42
O2' FAD Q . 52.43 -45.71 0.39
C3' FAD Q . 54.70 -46.44 -0.10
O3' FAD Q . 55.44 -47.34 -0.94
C4' FAD Q . 54.98 -46.82 1.37
O4' FAD Q . 54.23 -45.94 2.28
C5' FAD Q . 56.48 -46.70 1.60
O5' FAD Q . 56.79 -47.08 3.11
P FAD Q . 58.03 -46.48 3.78
O1P FAD Q . 58.08 -47.27 5.13
O2P FAD Q . 59.17 -46.57 2.99
O3P FAD Q . 57.82 -45.03 3.97
PA FAD R . 26.63 -83.21 -14.12
O1A FAD R . 26.89 -81.75 -14.23
O2A FAD R . 25.58 -83.64 -13.39
O5B FAD R . 26.31 -83.50 -15.61
C5B FAD R . 25.97 -84.86 -16.09
C4B FAD R . 25.15 -84.67 -17.39
O4B FAD R . 24.85 -86.02 -17.90
C3B FAD R . 23.79 -83.96 -17.28
O3B FAD R . 23.68 -82.79 -18.02
C2B FAD R . 22.76 -85.06 -17.54
O2B FAD R . 21.60 -84.59 -18.17
C1B FAD R . 23.49 -85.98 -18.46
N9A FAD R . 23.17 -87.41 -18.44
C8A FAD R . 23.04 -88.21 -17.33
N7A FAD R . 22.75 -89.47 -17.64
C5A FAD R . 22.69 -89.50 -19.01
C6A FAD R . 22.41 -90.60 -19.97
N6A FAD R . 22.17 -91.83 -19.62
N1A FAD R . 22.43 -90.22 -21.30
C2A FAD R . 22.68 -88.94 -21.71
N3A FAD R . 22.95 -87.88 -20.90
C4A FAD R . 22.93 -88.21 -19.56
N1 FAD R . 30.47 -77.72 -7.24
C2 FAD R . 31.51 -76.87 -7.15
O2 FAD R . 32.61 -77.21 -7.40
N3 FAD R . 31.33 -75.52 -6.74
C4 FAD R . 30.09 -75.01 -6.43
O4 FAD R . 30.00 -73.85 -6.09
C4X FAD R . 28.95 -75.92 -6.50
N5 FAD R . 27.70 -75.48 -6.20
C5X FAD R . 26.65 -76.39 -6.30
C6 FAD R . 25.34 -75.94 -5.97
C7 FAD R . 24.24 -76.80 -6.05
C7M FAD R . 22.86 -76.30 -5.68
C8 FAD R . 24.43 -78.18 -6.49
C8M FAD R . 23.29 -79.16 -6.61
C9 FAD R . 25.72 -78.63 -6.82
C9A FAD R . 26.82 -77.76 -6.74
N10 FAD R . 28.17 -78.17 -7.05
C10 FAD R . 29.21 -77.30 -6.94
C1' FAD R . 28.42 -79.57 -7.51
C2' FAD R . 28.69 -79.58 -9.07
O2' FAD R . 27.54 -79.04 -9.71
C3' FAD R . 28.94 -81.02 -9.50
O3' FAD R . 30.11 -81.48 -8.82
C4' FAD R . 29.21 -81.10 -11.00
O4' FAD R . 28.03 -80.64 -11.73
C5' FAD R . 29.49 -82.55 -11.40
O5' FAD R . 29.75 -82.56 -12.96
P FAD R . 29.43 -83.80 -13.77
O1P FAD R . 29.96 -83.40 -15.19
O2P FAD R . 29.97 -84.97 -13.26
O3P FAD R . 27.96 -84.02 -13.78
PA FAD S . -45.67 -28.77 -0.62
O1A FAD S . -44.49 -28.15 0.03
O2A FAD S . -45.52 -29.73 -1.59
O5B FAD S . -46.23 -29.46 0.63
C5B FAD S . -47.37 -30.37 0.63
C4B FAD S . -47.18 -31.24 1.90
O4B FAD S . -48.42 -31.99 2.09
C3B FAD S . -46.04 -32.27 1.86
O3B FAD S . -45.17 -32.26 2.93
C2B FAD S . -46.78 -33.58 1.60
O2B FAD S . -46.08 -34.71 2.08
C1B FAD S . -48.05 -33.39 2.37
N9A FAD S . -49.25 -34.11 1.90
C8A FAD S . -49.70 -34.23 0.59
N7A FAD S . -50.82 -34.94 0.48
C5A FAD S . -51.12 -35.31 1.78
C6A FAD S . -52.23 -36.09 2.33
N6A FAD S . -53.20 -36.61 1.61
N1A FAD S . -52.20 -36.25 3.71
C2A FAD S . -51.21 -35.73 4.50
N3A FAD S . -50.15 -34.99 4.07
C4A FAD S . -50.15 -34.81 2.70
N1 FAD S . -40.34 -22.51 -5.34
C2 FAD S . -39.86 -21.30 -5.11
O2 FAD S . -40.57 -20.41 -4.79
N3 FAD S . -38.46 -21.01 -5.22
C4 FAD S . -37.55 -21.99 -5.59
O4 FAD S . -36.37 -21.69 -5.67
C4X FAD S . -38.07 -23.33 -5.85
N5 FAD S . -37.23 -24.34 -6.22
C5X FAD S . -37.77 -25.59 -6.46
C6 FAD S . -36.89 -26.62 -6.86
C7 FAD S . -37.37 -27.91 -7.12
C7M FAD S . -36.40 -28.99 -7.54
C8 FAD S . -38.80 -28.21 -6.97
C8M FAD S . -39.37 -29.58 -7.24
C9 FAD S . -39.69 -27.18 -6.58
C9A FAD S . -39.19 -25.88 -6.33
N10 FAD S . -40.04 -24.77 -5.93
C10 FAD S . -39.51 -23.54 -5.70
C1' FAD S . -41.50 -25.00 -5.78
C2' FAD S . -41.86 -25.01 -4.24
O2' FAD S . -41.14 -26.08 -3.63
C3' FAD S . -43.36 -25.21 -4.11
O3' FAD S . -44.03 -24.12 -4.74
C4' FAD S . -43.79 -25.24 -2.63
O4' FAD S . -43.15 -26.33 -1.90
C5' FAD S . -45.28 -25.41 -2.61
O5' FAD S . -45.75 -25.45 -1.10
P FAD S . -46.99 -26.23 -0.77
O1P FAD S . -47.17 -25.93 0.76
O2P FAD S . -48.06 -25.91 -1.57
O3P FAD S . -46.74 -27.66 -1.04
PA FAD T . -14.51 13.32 -5.74
O1A FAD T . -14.80 12.00 -6.34
O2A FAD T . -13.53 13.45 -4.81
O5B FAD T . -14.03 14.02 -7.03
C5B FAD T . -13.60 15.42 -7.10
C4B FAD T . -12.73 15.51 -8.40
O4B FAD T . -12.35 16.94 -8.56
C3B FAD T . -11.40 14.73 -8.39
O3B FAD T . -11.15 13.98 -9.53
C2B FAD T . -10.37 15.81 -8.03
O2B FAD T . -9.07 15.49 -8.43
C1B FAD T . -10.87 17.00 -8.79
N9A FAD T . -10.53 18.33 -8.25
C8A FAD T . -10.44 18.69 -6.92
N7A FAD T . -10.12 19.97 -6.75
C5A FAD T . -10.00 20.47 -8.02
C6A FAD T . -9.68 21.83 -8.50
N6A FAD T . -9.44 22.85 -7.73
N1A FAD T . -9.66 21.96 -9.88
C2A FAD T . -9.92 20.93 -10.73
N3A FAD T . -10.23 19.66 -10.37
C4A FAD T . -10.26 19.47 -9.00
N1 FAD T . -18.65 6.15 -1.01
C2 FAD T . -19.69 5.36 -1.20
O2 FAD T . -20.77 5.80 -1.43
N3 FAD T . -19.58 3.92 -1.14
C4 FAD T . -18.37 3.30 -0.88
O4 FAD T . -18.32 2.08 -0.85
C4X FAD T . -17.19 4.16 -0.67
N5 FAD T . -15.96 3.63 -0.42
C5X FAD T . -14.90 4.51 -0.23
C6 FAD T . -13.61 3.95 0.04
C7 FAD T . -12.50 4.77 0.22
C7M FAD T . -11.15 4.14 0.51
C8 FAD T . -12.64 6.24 0.15
C8M FAD T . -11.47 7.17 0.36
C9 FAD T . -13.90 6.79 -0.11
C9A FAD T . -15.03 5.96 -0.30
N10 FAD T . -16.35 6.46 -0.58
C10 FAD T . -17.40 5.63 -0.75
C1' FAD T . -16.55 7.94 -0.66
C2' FAD T . -16.75 8.37 -2.14
O2' FAD T . -15.59 7.96 -2.87
C3' FAD T . -16.96 9.87 -2.19
O3' FAD T . -18.12 10.19 -1.44
C4' FAD T . -17.17 10.34 -3.63
O4' FAD T . -16.00 10.04 -4.46
C5' FAD T . -17.40 11.85 -3.59
O5' FAD T . -17.60 12.35 -5.09
P FAD T . -17.33 13.81 -5.42
O1P FAD T . -17.82 13.91 -6.89
O2P FAD T . -17.92 14.69 -4.54
O3P FAD T . -15.87 14.06 -5.31
#